data_2N48
#
_entry.id   2N48
#
_entity_poly.entity_id   1
_entity_poly.type   'polypeptide(L)'
_entity_poly.pdbx_seq_one_letter_code
;YYMDVQEAKLRDKMRGTGVSVTRSGDNIILNMPNNVTFDSSSATLKPAGANTLTGVAMVLKEYPKTAVNVIGYTDSTGGH
DLNMRLSQQRADSVASALITQGVDASRIRTQGLGPANPIASNSTAEGKAQNRRVEITLSPLLEHHHHHH
;
_entity_poly.pdbx_strand_id   A
#
# COMPACT_ATOMS: atom_id res chain seq x y z
N TYR A 1 -37.42 2.37 7.25
CA TYR A 1 -36.35 2.00 6.33
C TYR A 1 -35.06 2.74 6.66
N TYR A 2 -35.17 3.75 7.51
CA TYR A 2 -34.02 4.58 7.87
C TYR A 2 -32.97 3.76 8.61
N MET A 3 -33.43 2.75 9.36
CA MET A 3 -32.53 1.86 10.07
C MET A 3 -31.79 0.94 9.11
N ASP A 4 -32.44 0.58 8.01
CA ASP A 4 -31.81 -0.21 6.97
C ASP A 4 -30.76 0.60 6.21
N VAL A 5 -31.00 1.90 6.10
CA VAL A 5 -30.08 2.79 5.41
C VAL A 5 -28.80 3.00 6.22
N GLN A 6 -28.97 3.29 7.51
CA GLN A 6 -27.84 3.42 8.42
C GLN A 6 -27.12 2.10 8.60
N GLU A 7 -27.88 1.02 8.70
CA GLU A 7 -27.32 -0.31 8.89
C GLU A 7 -26.44 -0.70 7.71
N ALA A 8 -26.90 -0.41 6.51
CA ALA A 8 -26.14 -0.71 5.30
C ALA A 8 -24.79 0.00 5.31
N LYS A 9 -24.79 1.27 5.71
CA LYS A 9 -23.56 2.03 5.85
C LYS A 9 -22.67 1.41 6.92
N LEU A 10 -23.27 1.00 8.04
CA LEU A 10 -22.52 0.40 9.13
C LEU A 10 -21.90 -0.93 8.71
N ARG A 11 -22.61 -1.66 7.86
CA ARG A 11 -22.11 -2.93 7.33
C ARG A 11 -20.81 -2.71 6.55
N ASP A 12 -20.80 -1.67 5.72
CA ASP A 12 -19.61 -1.31 4.96
C ASP A 12 -18.48 -0.86 5.90
N LYS A 13 -18.85 -0.07 6.90
CA LYS A 13 -17.87 0.46 7.84
C LYS A 13 -17.22 -0.65 8.66
N MET A 14 -17.97 -1.74 8.86
CA MET A 14 -17.49 -2.85 9.66
C MET A 14 -17.03 -4.00 8.77
N ARG A 15 -17.13 -3.81 7.47
CA ARG A 15 -16.64 -4.80 6.50
C ARG A 15 -15.15 -4.63 6.25
N GLY A 16 -14.33 -5.29 7.07
CA GLY A 16 -12.89 -5.22 6.89
C GLY A 16 -12.31 -3.89 7.32
N THR A 17 -11.00 -3.73 7.16
CA THR A 17 -10.35 -2.45 7.44
C THR A 17 -10.34 -1.56 6.20
N GLY A 18 -10.60 -2.16 5.04
CA GLY A 18 -10.42 -1.46 3.79
C GLY A 18 -9.19 -1.93 3.03
N VAL A 19 -8.34 -2.69 3.70
CA VAL A 19 -7.19 -3.31 3.06
C VAL A 19 -7.47 -4.77 2.71
N SER A 20 -7.13 -5.14 1.48
CA SER A 20 -7.39 -6.50 1.00
C SER A 20 -6.13 -7.37 1.13
N VAL A 21 -6.24 -8.46 1.89
CA VAL A 21 -5.15 -9.40 2.02
C VAL A 21 -5.43 -10.68 1.25
N THR A 22 -4.61 -10.96 0.24
CA THR A 22 -4.85 -12.08 -0.66
C THR A 22 -3.64 -12.99 -0.73
N ARG A 23 -3.88 -14.26 -1.04
CA ARG A 23 -2.80 -15.23 -1.22
C ARG A 23 -2.77 -15.75 -2.65
N SER A 24 -1.56 -15.83 -3.22
CA SER A 24 -1.39 -16.38 -4.56
C SER A 24 -0.21 -17.34 -4.60
N GLY A 25 -0.51 -18.63 -4.67
CA GLY A 25 0.51 -19.65 -4.50
C GLY A 25 1.05 -19.71 -3.09
N ASP A 26 2.35 -19.53 -2.94
CA ASP A 26 2.98 -19.56 -1.63
C ASP A 26 3.35 -18.14 -1.17
N ASN A 27 2.93 -17.15 -1.95
CA ASN A 27 3.24 -15.76 -1.64
C ASN A 27 1.99 -15.01 -1.23
N ILE A 28 2.17 -13.83 -0.66
CA ILE A 28 1.05 -13.04 -0.15
C ILE A 28 1.03 -11.64 -0.77
N ILE A 29 -0.14 -11.23 -1.23
CA ILE A 29 -0.29 -9.92 -1.86
C ILE A 29 -1.28 -9.05 -1.09
N LEU A 30 -0.83 -7.87 -0.68
CA LEU A 30 -1.69 -6.92 0.00
C LEU A 30 -2.06 -5.77 -0.94
N ASN A 31 -3.36 -5.50 -1.05
CA ASN A 31 -3.83 -4.35 -1.81
C ASN A 31 -4.45 -3.30 -0.89
N MET A 32 -3.80 -2.15 -0.79
CA MET A 32 -4.24 -1.09 0.12
C MET A 32 -4.30 0.26 -0.59
N PRO A 33 -5.34 1.04 -0.30
CA PRO A 33 -5.58 2.32 -0.98
C PRO A 33 -4.70 3.43 -0.43
N ASN A 34 -4.19 4.28 -1.32
CA ASN A 34 -3.44 5.46 -0.93
C ASN A 34 -4.37 6.54 -0.38
N ASN A 35 -5.53 6.68 -1.01
CA ASN A 35 -6.42 7.81 -0.72
C ASN A 35 -6.92 7.75 0.72
N VAL A 36 -7.00 6.54 1.26
CA VAL A 36 -7.50 6.34 2.61
C VAL A 36 -6.37 6.41 3.63
N THR A 37 -5.15 6.14 3.17
CA THR A 37 -4.03 5.89 4.07
C THR A 37 -3.02 7.03 4.01
N PHE A 38 -3.07 7.80 2.93
CA PHE A 38 -2.26 9.00 2.82
C PHE A 38 -3.13 10.26 2.69
N ASP A 39 -2.55 11.41 3.01
CA ASP A 39 -3.27 12.67 2.90
C ASP A 39 -3.67 12.94 1.45
N SER A 40 -4.75 13.69 1.27
CA SER A 40 -5.28 13.96 -0.06
C SER A 40 -4.43 15.00 -0.78
N SER A 41 -3.72 15.82 0.00
CA SER A 41 -2.99 16.94 -0.56
C SER A 41 -1.53 16.55 -0.85
N SER A 42 -1.04 15.55 -0.12
CA SER A 42 0.34 15.12 -0.25
C SER A 42 0.49 13.66 0.17
N ALA A 43 1.55 13.02 -0.32
CA ALA A 43 1.92 11.69 0.16
C ALA A 43 2.46 11.74 1.59
N THR A 44 1.59 12.13 2.53
CA THR A 44 1.92 12.03 3.95
C THR A 44 1.08 10.96 4.62
N LEU A 45 1.76 10.01 5.29
CA LEU A 45 1.09 8.83 5.83
C LEU A 45 0.14 9.23 6.96
N LYS A 46 -1.07 8.66 6.93
CA LYS A 46 -2.00 8.79 8.05
C LYS A 46 -1.83 7.63 9.03
N PRO A 47 -2.31 7.84 10.27
CA PRO A 47 -2.23 6.83 11.32
C PRO A 47 -2.79 5.47 10.87
N ALA A 48 -3.90 5.52 10.14
CA ALA A 48 -4.54 4.30 9.64
C ALA A 48 -3.60 3.55 8.70
N GLY A 49 -2.83 4.30 7.90
CA GLY A 49 -1.86 3.69 7.04
C GLY A 49 -0.68 3.11 7.80
N ALA A 50 -0.29 3.79 8.87
CA ALA A 50 0.81 3.32 9.72
C ALA A 50 0.43 2.00 10.40
N ASN A 51 -0.84 1.87 10.78
CA ASN A 51 -1.33 0.67 11.44
C ASN A 51 -1.24 -0.54 10.51
N THR A 52 -1.64 -0.35 9.25
CA THR A 52 -1.53 -1.39 8.25
C THR A 52 -0.08 -1.76 7.99
N LEU A 53 0.77 -0.74 7.85
CA LEU A 53 2.19 -0.97 7.61
C LEU A 53 2.85 -1.66 8.80
N THR A 54 2.33 -1.38 10.00
CA THR A 54 2.76 -2.10 11.20
C THR A 54 2.36 -3.57 11.13
N GLY A 55 1.16 -3.82 10.62
CA GLY A 55 0.74 -5.20 10.39
C GLY A 55 1.66 -5.94 9.46
N VAL A 56 2.10 -5.28 8.39
CA VAL A 56 3.10 -5.84 7.49
C VAL A 56 4.42 -6.09 8.22
N ALA A 57 4.80 -5.15 9.07
CA ALA A 57 6.02 -5.28 9.86
C ALA A 57 5.96 -6.51 10.76
N MET A 58 4.78 -6.77 11.32
CA MET A 58 4.58 -7.93 12.19
C MET A 58 4.84 -9.23 11.45
N VAL A 59 4.69 -9.19 10.13
CA VAL A 59 4.78 -10.40 9.31
C VAL A 59 6.19 -10.61 8.79
N LEU A 60 6.78 -9.56 8.24
CA LEU A 60 8.14 -9.63 7.72
C LEU A 60 9.15 -9.84 8.84
N LYS A 61 8.87 -9.24 10.00
CA LYS A 61 9.75 -9.35 11.15
C LYS A 61 9.81 -10.78 11.65
N GLU A 62 8.67 -11.46 11.61
CA GLU A 62 8.61 -12.85 12.06
C GLU A 62 9.10 -13.81 10.99
N TYR A 63 9.10 -13.34 9.74
CA TYR A 63 9.55 -14.15 8.62
C TYR A 63 10.82 -13.58 8.01
N PRO A 64 11.97 -13.91 8.63
CA PRO A 64 13.28 -13.44 8.16
C PRO A 64 13.69 -14.09 6.84
N LYS A 65 13.02 -15.18 6.49
CA LYS A 65 13.32 -15.91 5.27
C LYS A 65 12.53 -15.36 4.09
N THR A 66 11.80 -14.27 4.33
CA THR A 66 10.95 -13.67 3.30
C THR A 66 11.33 -12.22 3.08
N ALA A 67 11.03 -11.71 1.88
CA ALA A 67 11.25 -10.31 1.56
C ALA A 67 9.97 -9.64 1.08
N VAL A 68 9.84 -8.34 1.37
CA VAL A 68 8.68 -7.58 0.94
C VAL A 68 9.04 -6.60 -0.17
N ASN A 69 8.30 -6.67 -1.27
CA ASN A 69 8.48 -5.72 -2.37
C ASN A 69 7.23 -4.88 -2.58
N VAL A 70 7.37 -3.57 -2.42
CA VAL A 70 6.23 -2.66 -2.45
C VAL A 70 6.26 -1.78 -3.70
N ILE A 71 5.18 -1.84 -4.48
CA ILE A 71 5.06 -0.98 -5.65
C ILE A 71 3.74 -0.23 -5.63
N GLY A 72 3.82 1.10 -5.75
CA GLY A 72 2.62 1.92 -5.77
C GLY A 72 2.54 2.80 -7.00
N TYR A 73 1.34 3.22 -7.34
CA TYR A 73 1.14 4.12 -8.47
C TYR A 73 -0.08 5.02 -8.25
N THR A 74 0.00 6.25 -8.76
CA THR A 74 -1.17 7.13 -8.80
C THR A 74 -1.17 7.96 -10.08
N ASP A 75 -2.35 8.27 -10.58
CA ASP A 75 -2.49 9.02 -11.82
C ASP A 75 -3.13 10.38 -11.56
N SER A 76 -4.24 10.38 -10.84
CA SER A 76 -5.01 11.61 -10.60
C SER A 76 -4.42 12.38 -9.43
N THR A 77 -3.15 12.15 -9.14
CA THR A 77 -2.41 12.98 -8.20
C THR A 77 -1.69 14.11 -8.91
N GLY A 78 -0.89 13.76 -9.91
CA GLY A 78 -0.31 14.76 -10.79
C GLY A 78 0.32 14.15 -12.03
N GLY A 79 1.24 14.88 -12.64
CA GLY A 79 1.95 14.36 -13.80
C GLY A 79 2.86 13.20 -13.46
N HIS A 80 3.25 12.43 -14.48
CA HIS A 80 3.94 11.17 -14.26
C HIS A 80 5.18 11.37 -13.41
N ASP A 81 6.02 12.31 -13.81
CA ASP A 81 7.30 12.54 -13.15
C ASP A 81 7.09 12.90 -11.68
N LEU A 82 6.12 13.77 -11.41
CA LEU A 82 5.75 14.13 -10.06
C LEU A 82 5.20 12.91 -9.30
N ASN A 83 4.43 12.09 -10.00
CA ASN A 83 3.78 10.94 -9.38
C ASN A 83 4.81 9.92 -8.91
N MET A 84 5.86 9.74 -9.70
CA MET A 84 6.99 8.91 -9.30
C MET A 84 7.62 9.44 -8.01
N ARG A 85 7.73 10.76 -7.91
CA ARG A 85 8.34 11.39 -6.75
C ARG A 85 7.49 11.18 -5.51
N LEU A 86 6.18 11.37 -5.65
CA LEU A 86 5.24 11.09 -4.58
C LEU A 86 5.24 9.62 -4.20
N SER A 87 5.27 8.76 -5.22
CA SER A 87 5.28 7.32 -5.00
C SER A 87 6.55 6.88 -4.28
N GLN A 88 7.68 7.47 -4.67
CA GLN A 88 8.95 7.17 -4.04
C GLN A 88 8.98 7.66 -2.59
N GLN A 89 8.34 8.79 -2.34
CA GLN A 89 8.17 9.30 -0.99
C GLN A 89 7.29 8.35 -0.17
N ARG A 90 6.25 7.82 -0.80
CA ARG A 90 5.43 6.80 -0.18
C ARG A 90 6.25 5.55 0.13
N ALA A 91 7.13 5.19 -0.80
CA ALA A 91 8.00 4.03 -0.62
C ALA A 91 8.92 4.21 0.59
N ASP A 92 9.49 5.40 0.73
CA ASP A 92 10.35 5.71 1.85
C ASP A 92 9.59 5.66 3.16
N SER A 93 8.33 6.13 3.13
CA SER A 93 7.48 6.11 4.31
C SER A 93 7.19 4.68 4.75
N VAL A 94 6.97 3.80 3.78
CA VAL A 94 6.75 2.39 4.06
C VAL A 94 7.98 1.77 4.69
N ALA A 95 9.14 2.02 4.11
CA ALA A 95 10.39 1.48 4.61
C ALA A 95 10.70 2.01 6.02
N SER A 96 10.45 3.31 6.21
CA SER A 96 10.69 3.94 7.51
C SER A 96 9.83 3.29 8.59
N ALA A 97 8.56 3.08 8.27
CA ALA A 97 7.62 2.49 9.22
C ALA A 97 8.06 1.08 9.61
N LEU A 98 8.41 0.28 8.61
CA LEU A 98 8.86 -1.09 8.85
C LEU A 98 10.13 -1.11 9.71
N ILE A 99 11.07 -0.25 9.36
CA ILE A 99 12.33 -0.16 10.10
C ILE A 99 12.09 0.28 11.54
N THR A 100 11.17 1.22 11.72
CA THR A 100 10.82 1.70 13.05
C THR A 100 10.25 0.58 13.91
N GLN A 101 9.55 -0.35 13.27
CA GLN A 101 8.93 -1.47 13.98
C GLN A 101 9.91 -2.62 14.17
N GLY A 102 11.17 -2.38 13.82
CA GLY A 102 12.23 -3.31 14.17
C GLY A 102 12.55 -4.26 13.03
N VAL A 103 12.00 -3.99 11.86
CA VAL A 103 12.24 -4.82 10.69
C VAL A 103 13.57 -4.48 10.03
N ASP A 104 14.39 -5.50 9.79
CA ASP A 104 15.67 -5.32 9.11
C ASP A 104 15.47 -4.70 7.73
N ALA A 105 16.16 -3.59 7.48
CA ALA A 105 16.04 -2.88 6.21
C ALA A 105 16.45 -3.77 5.04
N SER A 106 17.29 -4.76 5.31
CA SER A 106 17.87 -5.59 4.27
C SER A 106 16.78 -6.37 3.54
N ARG A 107 15.66 -6.59 4.21
CA ARG A 107 14.60 -7.44 3.68
C ARG A 107 13.47 -6.60 3.08
N ILE A 108 13.63 -5.28 3.14
CA ILE A 108 12.61 -4.36 2.65
C ILE A 108 12.99 -3.80 1.28
N ARG A 109 12.10 -3.97 0.31
CA ARG A 109 12.29 -3.40 -1.02
C ARG A 109 11.09 -2.56 -1.43
N THR A 110 11.34 -1.28 -1.73
CA THR A 110 10.28 -0.38 -2.14
C THR A 110 10.67 0.39 -3.39
N GLN A 111 9.69 0.69 -4.23
CA GLN A 111 9.91 1.54 -5.40
C GLN A 111 8.72 2.46 -5.64
N GLY A 112 9.01 3.72 -5.93
CA GLY A 112 7.96 4.66 -6.29
C GLY A 112 7.78 4.78 -7.78
N LEU A 113 6.62 4.37 -8.28
CA LEU A 113 6.34 4.37 -9.71
C LEU A 113 5.10 5.20 -10.02
N GLY A 114 5.12 5.88 -11.16
CA GLY A 114 3.93 6.56 -11.64
C GLY A 114 2.94 5.61 -12.29
N PRO A 115 1.96 6.17 -13.01
CA PRO A 115 0.96 5.38 -13.73
C PRO A 115 1.56 4.55 -14.85
N ALA A 116 1.15 3.28 -14.94
CA ALA A 116 1.69 2.37 -15.93
C ALA A 116 0.62 1.40 -16.44
N ASN A 117 -0.15 0.85 -15.51
CA ASN A 117 -1.28 0.01 -15.87
C ASN A 117 -2.44 0.20 -14.88
N PRO A 118 -3.11 1.36 -14.98
CA PRO A 118 -4.22 1.70 -14.09
C PRO A 118 -5.29 0.62 -14.04
N ILE A 119 -5.67 0.22 -12.84
CA ILE A 119 -6.70 -0.80 -12.66
C ILE A 119 -7.99 -0.40 -13.36
N ALA A 120 -8.36 0.87 -13.22
CA ALA A 120 -9.61 1.38 -13.78
C ALA A 120 -9.41 2.73 -14.45
N SER A 121 -10.42 3.20 -15.16
CA SER A 121 -10.37 4.50 -15.81
C SER A 121 -10.49 5.63 -14.79
N ASN A 122 -9.67 6.65 -14.95
CA ASN A 122 -9.71 7.82 -14.07
C ASN A 122 -10.92 8.69 -14.40
N SER A 123 -11.68 8.29 -15.41
CA SER A 123 -12.82 9.07 -15.87
C SER A 123 -14.01 8.90 -14.92
N THR A 124 -13.89 7.96 -14.00
CA THR A 124 -14.93 7.75 -12.99
C THR A 124 -14.36 7.93 -11.58
N ALA A 125 -15.21 8.32 -10.65
CA ALA A 125 -14.81 8.50 -9.26
C ALA A 125 -14.38 7.16 -8.65
N GLU A 126 -15.09 6.09 -9.00
CA GLU A 126 -14.75 4.76 -8.51
C GLU A 126 -13.41 4.29 -9.07
N GLY A 127 -13.19 4.59 -10.36
CA GLY A 127 -11.93 4.24 -10.99
C GLY A 127 -10.75 4.94 -10.33
N LYS A 128 -10.94 6.20 -9.95
CA LYS A 128 -9.92 6.94 -9.24
C LYS A 128 -9.55 6.26 -7.92
N ALA A 129 -10.56 5.78 -7.21
CA ALA A 129 -10.35 5.08 -5.95
C ALA A 129 -9.58 3.79 -6.17
N GLN A 130 -9.88 3.10 -7.27
CA GLN A 130 -9.17 1.88 -7.61
C GLN A 130 -7.74 2.18 -8.05
N ASN A 131 -7.55 3.34 -8.69
CA ASN A 131 -6.26 3.69 -9.24
C ASN A 131 -5.32 4.19 -8.16
N ARG A 132 -5.88 4.79 -7.11
CA ARG A 132 -5.09 5.30 -6.00
C ARG A 132 -4.81 4.19 -4.99
N ARG A 133 -4.08 3.18 -5.42
CA ARG A 133 -3.80 2.02 -4.58
C ARG A 133 -2.38 1.52 -4.78
N VAL A 134 -1.86 0.78 -3.80
CA VAL A 134 -0.54 0.19 -3.90
C VAL A 134 -0.58 -1.31 -3.66
N GLU A 135 0.41 -2.02 -4.19
CA GLU A 135 0.48 -3.48 -4.03
C GLU A 135 1.71 -3.88 -3.24
N ILE A 136 1.51 -4.71 -2.22
CA ILE A 136 2.62 -5.21 -1.42
C ILE A 136 2.80 -6.71 -1.62
N THR A 137 3.99 -7.10 -2.07
CA THR A 137 4.27 -8.50 -2.38
C THR A 137 5.21 -9.11 -1.35
N LEU A 138 4.74 -10.19 -0.71
CA LEU A 138 5.56 -10.90 0.26
C LEU A 138 5.86 -12.32 -0.22
N SER A 139 7.14 -12.63 -0.37
CA SER A 139 7.56 -13.94 -0.87
C SER A 139 8.92 -14.33 -0.28
N PRO A 140 9.12 -15.65 -0.12
CA PRO A 140 10.38 -16.20 0.38
C PRO A 140 11.58 -15.75 -0.45
N LEU A 141 12.59 -15.20 0.22
CA LEU A 141 13.75 -14.64 -0.47
C LEU A 141 14.85 -14.28 0.53
N LEU A 142 16.06 -14.75 0.25
CA LEU A 142 17.20 -14.45 1.11
C LEU A 142 18.09 -13.39 0.50
N GLU A 143 17.77 -12.99 -0.73
CA GLU A 143 18.54 -11.97 -1.43
C GLU A 143 18.33 -10.60 -0.80
N HIS A 144 19.43 -9.89 -0.58
CA HIS A 144 19.36 -8.51 -0.11
C HIS A 144 18.61 -7.63 -1.10
N HIS A 145 17.79 -6.73 -0.57
CA HIS A 145 16.97 -5.86 -1.41
C HIS A 145 17.84 -5.00 -2.31
N HIS A 146 17.21 -4.34 -3.29
CA HIS A 146 17.92 -3.43 -4.17
C HIS A 146 17.41 -2.00 -4.01
N HIS A 147 18.15 -1.05 -4.58
CA HIS A 147 17.87 0.37 -4.34
C HIS A 147 17.10 0.97 -5.52
N HIS A 148 16.13 1.82 -5.21
CA HIS A 148 15.34 2.48 -6.24
C HIS A 148 15.15 3.96 -5.91
N HIS A 149 15.13 4.80 -6.94
CA HIS A 149 15.02 6.23 -6.76
C HIS A 149 14.07 6.85 -7.79
N TYR A 1 -37.45 2.48 6.98
CA TYR A 1 -36.37 2.14 6.06
C TYR A 1 -35.09 2.88 6.46
N TYR A 2 -35.22 3.86 7.34
CA TYR A 2 -34.08 4.66 7.78
C TYR A 2 -33.08 3.79 8.54
N MET A 3 -33.58 2.77 9.21
CA MET A 3 -32.72 1.83 9.93
C MET A 3 -31.93 0.96 8.96
N ASP A 4 -32.54 0.65 7.83
CA ASP A 4 -31.86 -0.10 6.77
C ASP A 4 -30.79 0.77 6.10
N VAL A 5 -31.04 2.07 6.03
CA VAL A 5 -30.09 3.00 5.43
C VAL A 5 -28.84 3.14 6.30
N GLN A 6 -29.04 3.33 7.59
CA GLN A 6 -27.94 3.38 8.55
C GLN A 6 -27.25 2.02 8.64
N GLU A 7 -28.04 0.95 8.62
CA GLU A 7 -27.51 -0.40 8.74
C GLU A 7 -26.55 -0.70 7.59
N ALA A 8 -26.94 -0.34 6.38
CA ALA A 8 -26.12 -0.59 5.19
C ALA A 8 -24.77 0.13 5.30
N LYS A 9 -24.81 1.38 5.73
CA LYS A 9 -23.59 2.17 5.90
C LYS A 9 -22.71 1.57 7.00
N LEU A 10 -23.34 1.18 8.10
CA LEU A 10 -22.62 0.62 9.24
C LEU A 10 -21.96 -0.71 8.86
N ARG A 11 -22.66 -1.49 8.04
CA ARG A 11 -22.13 -2.77 7.58
C ARG A 11 -20.89 -2.58 6.73
N ASP A 12 -20.92 -1.56 5.87
CA ASP A 12 -19.75 -1.20 5.07
C ASP A 12 -18.60 -0.73 5.96
N LYS A 13 -18.94 0.04 6.99
CA LYS A 13 -17.94 0.54 7.94
C LYS A 13 -17.35 -0.60 8.75
N MET A 14 -18.12 -1.66 8.93
CA MET A 14 -17.67 -2.81 9.73
C MET A 14 -17.22 -3.95 8.83
N ARG A 15 -17.30 -3.74 7.52
CA ARG A 15 -16.78 -4.71 6.56
C ARG A 15 -15.28 -4.54 6.34
N GLY A 16 -14.49 -5.22 7.17
CA GLY A 16 -13.05 -5.16 7.02
C GLY A 16 -12.47 -3.83 7.49
N THR A 17 -11.16 -3.67 7.32
CA THR A 17 -10.51 -2.41 7.64
C THR A 17 -10.36 -1.54 6.39
N GLY A 18 -10.60 -2.13 5.22
CA GLY A 18 -10.42 -1.43 3.97
C GLY A 18 -9.22 -1.94 3.19
N VAL A 19 -8.39 -2.73 3.85
CA VAL A 19 -7.25 -3.36 3.19
C VAL A 19 -7.57 -4.78 2.74
N SER A 20 -7.26 -5.10 1.49
CA SER A 20 -7.51 -6.42 0.94
C SER A 20 -6.29 -7.31 1.08
N VAL A 21 -6.46 -8.45 1.74
CA VAL A 21 -5.38 -9.41 1.91
C VAL A 21 -5.60 -10.64 1.03
N THR A 22 -4.67 -10.85 0.10
CA THR A 22 -4.82 -11.93 -0.88
C THR A 22 -3.61 -12.87 -0.84
N ARG A 23 -3.84 -14.13 -1.18
CA ARG A 23 -2.77 -15.12 -1.20
C ARG A 23 -2.53 -15.62 -2.63
N SER A 24 -1.25 -15.76 -2.99
CA SER A 24 -0.89 -16.24 -4.31
C SER A 24 0.34 -17.15 -4.24
N GLY A 25 0.13 -18.44 -4.48
CA GLY A 25 1.20 -19.41 -4.32
C GLY A 25 1.68 -19.50 -2.89
N ASP A 26 2.98 -19.31 -2.69
CA ASP A 26 3.55 -19.34 -1.35
C ASP A 26 3.88 -17.94 -0.84
N ASN A 27 3.26 -16.95 -1.47
CA ASN A 27 3.47 -15.56 -1.09
C ASN A 27 2.15 -14.86 -0.78
N ILE A 28 2.23 -13.70 -0.14
CA ILE A 28 1.04 -12.97 0.26
C ILE A 28 1.08 -11.53 -0.26
N ILE A 29 -0.01 -11.08 -0.84
CA ILE A 29 -0.09 -9.73 -1.40
C ILE A 29 -1.18 -8.91 -0.72
N LEU A 30 -0.80 -7.75 -0.20
CA LEU A 30 -1.76 -6.84 0.40
C LEU A 30 -2.06 -5.66 -0.53
N ASN A 31 -3.33 -5.44 -0.80
CA ASN A 31 -3.76 -4.30 -1.61
C ASN A 31 -4.49 -3.27 -0.76
N MET A 32 -3.87 -2.11 -0.61
CA MET A 32 -4.40 -1.08 0.29
C MET A 32 -4.43 0.28 -0.40
N PRO A 33 -5.51 1.04 -0.17
CA PRO A 33 -5.74 2.32 -0.85
C PRO A 33 -4.81 3.41 -0.35
N ASN A 34 -4.22 4.16 -1.28
CA ASN A 34 -3.37 5.30 -0.93
C ASN A 34 -4.20 6.47 -0.41
N ASN A 35 -5.34 6.69 -1.04
CA ASN A 35 -6.17 7.85 -0.74
C ASN A 35 -6.69 7.80 0.69
N VAL A 36 -6.93 6.59 1.18
CA VAL A 36 -7.49 6.40 2.51
C VAL A 36 -6.42 6.48 3.58
N THR A 37 -5.19 6.12 3.21
CA THR A 37 -4.15 5.87 4.19
C THR A 37 -3.09 6.96 4.16
N PHE A 38 -3.09 7.75 3.08
CA PHE A 38 -2.24 8.94 3.01
C PHE A 38 -3.08 10.20 2.96
N ASP A 39 -2.47 11.33 3.31
CA ASP A 39 -3.16 12.61 3.30
C ASP A 39 -3.55 13.03 1.88
N SER A 40 -4.69 13.68 1.76
CA SER A 40 -5.20 14.07 0.45
C SER A 40 -4.37 15.20 -0.16
N SER A 41 -3.73 15.97 0.70
CA SER A 41 -3.04 17.18 0.28
C SER A 41 -1.58 16.87 -0.07
N SER A 42 -1.06 15.79 0.51
CA SER A 42 0.32 15.40 0.30
C SER A 42 0.53 13.92 0.57
N ALA A 43 1.57 13.35 -0.03
CA ALA A 43 1.98 11.99 0.29
C ALA A 43 2.57 11.91 1.69
N THR A 44 1.73 12.16 2.69
CA THR A 44 2.09 11.90 4.07
C THR A 44 1.24 10.79 4.68
N LEU A 45 1.91 9.80 5.27
CA LEU A 45 1.21 8.63 5.81
C LEU A 45 0.34 9.02 7.00
N LYS A 46 -0.89 8.51 7.02
CA LYS A 46 -1.76 8.65 8.18
C LYS A 46 -1.52 7.52 9.17
N PRO A 47 -1.89 7.75 10.45
CA PRO A 47 -1.74 6.75 11.51
C PRO A 47 -2.37 5.42 11.16
N ALA A 48 -3.55 5.47 10.53
CA ALA A 48 -4.25 4.27 10.13
C ALA A 48 -3.44 3.45 9.13
N GLY A 49 -2.73 4.15 8.25
CA GLY A 49 -1.84 3.47 7.33
C GLY A 49 -0.62 2.87 8.02
N ALA A 50 -0.11 3.58 9.02
CA ALA A 50 1.02 3.09 9.81
C ALA A 50 0.64 1.81 10.55
N ASN A 51 -0.60 1.74 11.00
CA ASN A 51 -1.08 0.59 11.76
C ASN A 51 -1.07 -0.67 10.88
N THR A 52 -1.54 -0.52 9.64
CA THR A 52 -1.51 -1.62 8.68
C THR A 52 -0.07 -2.02 8.34
N LEU A 53 0.78 -1.02 8.14
CA LEU A 53 2.18 -1.27 7.83
C LEU A 53 2.89 -1.94 9.01
N THR A 54 2.46 -1.61 10.22
CA THR A 54 2.93 -2.29 11.42
C THR A 54 2.50 -3.75 11.42
N GLY A 55 1.28 -4.01 10.96
CA GLY A 55 0.82 -5.37 10.76
C GLY A 55 1.70 -6.14 9.79
N VAL A 56 2.09 -5.48 8.70
CA VAL A 56 3.03 -6.06 7.75
C VAL A 56 4.37 -6.36 8.43
N ALA A 57 4.81 -5.44 9.29
CA ALA A 57 6.04 -5.64 10.05
C ALA A 57 5.92 -6.87 10.96
N MET A 58 4.75 -7.05 11.54
CA MET A 58 4.51 -8.19 12.43
C MET A 58 4.60 -9.51 11.65
N VAL A 59 4.33 -9.44 10.35
CA VAL A 59 4.29 -10.63 9.51
C VAL A 59 5.67 -10.94 8.93
N LEU A 60 6.32 -9.92 8.41
CA LEU A 60 7.66 -10.07 7.84
C LEU A 60 8.67 -10.46 8.91
N LYS A 61 8.48 -9.92 10.11
CA LYS A 61 9.34 -10.24 11.25
C LYS A 61 9.19 -11.71 11.64
N GLU A 62 7.98 -12.22 11.54
CA GLU A 62 7.71 -13.62 11.89
C GLU A 62 8.37 -14.56 10.90
N TYR A 63 8.48 -14.13 9.65
CA TYR A 63 9.07 -14.95 8.60
C TYR A 63 10.32 -14.27 8.03
N PRO A 64 11.46 -14.45 8.73
CA PRO A 64 12.73 -13.84 8.32
C PRO A 64 13.29 -14.46 7.05
N LYS A 65 12.66 -15.55 6.59
CA LYS A 65 13.05 -16.19 5.35
C LYS A 65 12.31 -15.60 4.16
N THR A 66 11.62 -14.48 4.40
CA THR A 66 10.86 -13.81 3.35
C THR A 66 11.28 -12.35 3.22
N ALA A 67 11.07 -11.78 2.04
CA ALA A 67 11.33 -10.37 1.81
C ALA A 67 10.08 -9.66 1.31
N VAL A 68 10.02 -8.34 1.52
CA VAL A 68 8.86 -7.55 1.13
C VAL A 68 9.19 -6.64 -0.05
N ASN A 69 8.37 -6.67 -1.09
CA ASN A 69 8.49 -5.74 -2.19
C ASN A 69 7.23 -4.89 -2.33
N VAL A 70 7.40 -3.57 -2.30
CA VAL A 70 6.26 -2.65 -2.30
C VAL A 70 6.22 -1.84 -3.59
N ILE A 71 5.09 -1.89 -4.28
CA ILE A 71 4.92 -1.12 -5.51
C ILE A 71 3.70 -0.19 -5.41
N GLY A 72 3.94 1.10 -5.54
CA GLY A 72 2.85 2.06 -5.58
C GLY A 72 2.81 2.86 -6.85
N TYR A 73 1.62 3.28 -7.26
CA TYR A 73 1.46 4.09 -8.46
C TYR A 73 0.24 5.00 -8.35
N THR A 74 0.24 6.10 -9.10
CA THR A 74 -0.92 6.97 -9.19
C THR A 74 -0.88 7.79 -10.47
N ASP A 75 -2.07 8.15 -10.96
CA ASP A 75 -2.17 8.97 -12.16
C ASP A 75 -2.83 10.31 -11.85
N SER A 76 -4.01 10.26 -11.22
CA SER A 76 -4.79 11.46 -10.96
C SER A 76 -4.32 12.14 -9.68
N THR A 77 -3.03 12.46 -9.62
CA THR A 77 -2.48 13.26 -8.53
C THR A 77 -1.76 14.49 -9.06
N GLY A 78 -0.87 14.28 -10.02
CA GLY A 78 -0.30 15.40 -10.75
C GLY A 78 0.37 14.97 -12.04
N GLY A 79 1.35 15.75 -12.47
CA GLY A 79 2.13 15.38 -13.65
C GLY A 79 2.89 14.08 -13.45
N HIS A 80 3.35 13.50 -14.56
CA HIS A 80 3.96 12.18 -14.51
C HIS A 80 5.12 12.14 -13.53
N ASP A 81 6.03 13.11 -13.65
CA ASP A 81 7.20 13.18 -12.79
C ASP A 81 6.79 13.33 -11.33
N LEU A 82 5.77 14.16 -11.10
CA LEU A 82 5.25 14.35 -9.75
C LEU A 82 4.61 13.07 -9.22
N ASN A 83 3.92 12.35 -10.09
CA ASN A 83 3.25 11.10 -9.71
C ASN A 83 4.27 10.06 -9.27
N MET A 84 5.34 9.92 -10.05
CA MET A 84 6.39 8.97 -9.74
C MET A 84 7.10 9.33 -8.44
N ARG A 85 7.38 10.62 -8.27
CA ARG A 85 8.14 11.09 -7.11
C ARG A 85 7.32 10.94 -5.83
N LEU A 86 6.04 11.28 -5.92
CA LEU A 86 5.13 11.11 -4.79
C LEU A 86 4.95 9.64 -4.45
N SER A 87 4.84 8.81 -5.49
CA SER A 87 4.72 7.37 -5.31
C SER A 87 5.98 6.80 -4.67
N GLN A 88 7.14 7.32 -5.08
CA GLN A 88 8.41 6.92 -4.49
C GLN A 88 8.51 7.40 -3.04
N GLN A 89 7.95 8.59 -2.78
CA GLN A 89 7.92 9.13 -1.43
C GLN A 89 7.05 8.27 -0.52
N ARG A 90 5.91 7.83 -1.05
CA ARG A 90 5.02 6.94 -0.31
C ARG A 90 5.69 5.59 -0.07
N ALA A 91 6.44 5.12 -1.06
CA ALA A 91 7.23 3.91 -0.91
C ALA A 91 8.28 4.07 0.19
N ASP A 92 8.95 5.21 0.19
CA ASP A 92 9.96 5.50 1.20
C ASP A 92 9.33 5.57 2.59
N SER A 93 8.11 6.11 2.65
CA SER A 93 7.37 6.19 3.91
C SER A 93 7.04 4.79 4.44
N VAL A 94 6.69 3.90 3.53
CA VAL A 94 6.44 2.51 3.88
C VAL A 94 7.70 1.84 4.43
N ALA A 95 8.82 2.06 3.74
CA ALA A 95 10.10 1.51 4.17
C ALA A 95 10.50 2.06 5.54
N SER A 96 10.32 3.36 5.72
CA SER A 96 10.65 4.00 6.99
C SER A 96 9.84 3.40 8.13
N ALA A 97 8.56 3.20 7.89
CA ALA A 97 7.67 2.63 8.90
C ALA A 97 8.11 1.23 9.29
N LEU A 98 8.42 0.41 8.29
CA LEU A 98 8.86 -0.96 8.53
C LEU A 98 10.16 -0.99 9.33
N ILE A 99 11.08 -0.11 8.96
CA ILE A 99 12.36 -0.01 9.66
C ILE A 99 12.15 0.43 11.11
N THR A 100 11.24 1.38 11.32
CA THR A 100 10.90 1.83 12.65
C THR A 100 10.31 0.70 13.49
N GLN A 101 9.58 -0.19 12.84
CA GLN A 101 8.93 -1.30 13.53
C GLN A 101 9.87 -2.50 13.63
N GLY A 102 11.14 -2.28 13.31
CA GLY A 102 12.18 -3.23 13.68
C GLY A 102 12.53 -4.17 12.56
N VAL A 103 12.01 -3.88 11.36
CA VAL A 103 12.28 -4.71 10.19
C VAL A 103 13.62 -4.34 9.55
N ASP A 104 14.44 -5.35 9.31
CA ASP A 104 15.73 -5.15 8.66
C ASP A 104 15.54 -4.53 7.27
N ALA A 105 16.27 -3.45 7.02
CA ALA A 105 16.17 -2.76 5.74
C ALA A 105 16.60 -3.66 4.58
N SER A 106 17.41 -4.66 4.89
CA SER A 106 17.90 -5.59 3.88
C SER A 106 16.75 -6.42 3.31
N ARG A 107 15.67 -6.52 4.08
CA ARG A 107 14.51 -7.31 3.67
C ARG A 107 13.47 -6.44 2.97
N ILE A 108 13.67 -5.13 3.03
CA ILE A 108 12.68 -4.19 2.51
C ILE A 108 13.10 -3.66 1.14
N ARG A 109 12.21 -3.79 0.17
CA ARG A 109 12.36 -3.10 -1.11
C ARG A 109 11.08 -2.36 -1.48
N THR A 110 11.21 -1.07 -1.77
CA THR A 110 10.05 -0.23 -2.08
C THR A 110 10.25 0.51 -3.39
N GLN A 111 9.17 0.65 -4.16
CA GLN A 111 9.25 1.27 -5.47
C GLN A 111 8.07 2.21 -5.71
N GLY A 112 8.36 3.40 -6.23
CA GLY A 112 7.29 4.29 -6.67
C GLY A 112 7.36 4.57 -8.16
N LEU A 113 6.22 4.45 -8.83
CA LEU A 113 6.16 4.65 -10.27
C LEU A 113 4.90 5.42 -10.66
N GLY A 114 5.04 6.32 -11.64
CA GLY A 114 3.89 7.04 -12.15
C GLY A 114 2.96 6.15 -12.95
N PRO A 115 2.08 6.78 -13.74
CA PRO A 115 1.11 6.05 -14.58
C PRO A 115 1.81 5.09 -15.54
N ALA A 116 1.50 3.80 -15.40
CA ALA A 116 2.13 2.77 -16.23
C ALA A 116 1.10 1.76 -16.71
N ASN A 117 0.52 1.01 -15.77
CA ASN A 117 -0.52 0.05 -16.09
C ASN A 117 -1.61 0.05 -15.01
N PRO A 118 -2.52 1.04 -15.09
CA PRO A 118 -3.55 1.24 -14.06
C PRO A 118 -4.56 0.10 -14.02
N ILE A 119 -4.95 -0.29 -12.81
CA ILE A 119 -5.90 -1.38 -12.64
C ILE A 119 -7.25 -1.05 -13.25
N ALA A 120 -7.70 0.18 -13.04
CA ALA A 120 -9.04 0.60 -13.47
C ALA A 120 -8.98 1.84 -14.34
N SER A 121 -10.10 2.17 -14.97
CA SER A 121 -10.16 3.31 -15.88
C SER A 121 -10.13 4.62 -15.09
N ASN A 122 -9.35 5.57 -15.58
CA ASN A 122 -9.29 6.90 -14.98
C ASN A 122 -10.55 7.71 -15.32
N SER A 123 -11.35 7.18 -16.23
CA SER A 123 -12.49 7.92 -16.77
C SER A 123 -13.63 7.97 -15.77
N THR A 124 -13.51 7.19 -14.70
CA THR A 124 -14.48 7.21 -13.61
C THR A 124 -13.81 7.59 -12.30
N ALA A 125 -14.59 8.19 -11.40
CA ALA A 125 -14.09 8.54 -10.07
C ALA A 125 -13.75 7.29 -9.26
N GLU A 126 -14.56 6.25 -9.43
CA GLU A 126 -14.29 4.97 -8.77
C GLU A 126 -13.01 4.34 -9.30
N GLY A 127 -12.80 4.46 -10.61
CA GLY A 127 -11.57 3.96 -11.21
C GLY A 127 -10.34 4.70 -10.71
N LYS A 128 -10.47 6.01 -10.55
CA LYS A 128 -9.39 6.82 -10.00
C LYS A 128 -9.02 6.35 -8.60
N ALA A 129 -10.03 6.09 -7.77
CA ALA A 129 -9.80 5.62 -6.42
C ALA A 129 -9.08 4.27 -6.42
N GLN A 130 -9.50 3.38 -7.31
CA GLN A 130 -8.89 2.07 -7.42
C GLN A 130 -7.47 2.17 -7.98
N ASN A 131 -7.22 3.22 -8.75
CA ASN A 131 -5.89 3.48 -9.27
C ASN A 131 -5.00 4.13 -8.21
N ARG A 132 -5.63 4.73 -7.20
CA ARG A 132 -4.91 5.28 -6.07
C ARG A 132 -4.68 4.22 -5.00
N ARG A 133 -3.93 3.18 -5.36
CA ARG A 133 -3.72 2.05 -4.45
C ARG A 133 -2.26 1.61 -4.48
N VAL A 134 -1.83 0.95 -3.41
CA VAL A 134 -0.47 0.42 -3.34
C VAL A 134 -0.47 -1.06 -2.98
N GLU A 135 0.45 -1.81 -3.56
CA GLU A 135 0.49 -3.26 -3.37
C GLU A 135 1.76 -3.66 -2.60
N ILE A 136 1.57 -4.46 -1.56
CA ILE A 136 2.70 -4.94 -0.76
C ILE A 136 2.81 -6.46 -0.84
N THR A 137 3.92 -6.94 -1.38
CA THR A 137 4.09 -8.37 -1.63
C THR A 137 5.17 -8.96 -0.74
N LEU A 138 4.80 -9.96 0.04
CA LEU A 138 5.77 -10.71 0.84
C LEU A 138 5.97 -12.12 0.29
N SER A 139 7.22 -12.44 -0.02
CA SER A 139 7.54 -13.72 -0.66
C SER A 139 8.87 -14.25 -0.17
N PRO A 140 9.00 -15.58 -0.13
CA PRO A 140 10.23 -16.25 0.31
C PRO A 140 11.46 -15.78 -0.46
N LEU A 141 12.49 -15.38 0.27
CA LEU A 141 13.70 -14.85 -0.34
C LEU A 141 14.82 -14.71 0.69
N LEU A 142 15.99 -15.23 0.36
CA LEU A 142 17.16 -15.09 1.23
C LEU A 142 18.16 -14.10 0.64
N GLU A 143 17.93 -13.70 -0.60
CA GLU A 143 18.82 -12.78 -1.29
C GLU A 143 18.56 -11.34 -0.84
N HIS A 144 19.63 -10.60 -0.61
CA HIS A 144 19.53 -9.17 -0.30
C HIS A 144 18.83 -8.42 -1.43
N HIS A 145 17.92 -7.51 -1.07
CA HIS A 145 17.13 -6.78 -2.05
C HIS A 145 18.04 -5.94 -2.96
N HIS A 146 17.46 -5.40 -4.02
CA HIS A 146 18.22 -4.59 -4.96
C HIS A 146 17.64 -3.18 -5.04
N HIS A 147 18.33 -2.29 -5.76
CA HIS A 147 17.90 -0.90 -5.87
C HIS A 147 17.42 -0.60 -7.29
N HIS A 148 16.46 0.32 -7.40
CA HIS A 148 15.91 0.69 -8.70
C HIS A 148 15.94 2.21 -8.87
N HIS A 149 16.18 2.65 -10.11
CA HIS A 149 16.32 4.07 -10.39
C HIS A 149 15.58 4.44 -11.68
N TYR A 1 -35.32 3.53 11.62
CA TYR A 1 -34.64 3.09 10.41
C TYR A 1 -33.25 3.69 10.31
N TYR A 2 -33.08 4.89 10.86
CA TYR A 2 -31.81 5.60 10.78
C TYR A 2 -30.72 4.85 11.53
N MET A 3 -31.12 4.05 12.51
CA MET A 3 -30.19 3.23 13.26
C MET A 3 -29.62 2.11 12.39
N ASP A 4 -30.45 1.58 11.50
CA ASP A 4 -30.01 0.55 10.57
C ASP A 4 -29.05 1.11 9.53
N VAL A 5 -29.23 2.39 9.21
CA VAL A 5 -28.39 3.04 8.20
C VAL A 5 -27.00 3.34 8.74
N GLN A 6 -26.94 3.90 9.94
CA GLN A 6 -25.68 4.14 10.63
C GLN A 6 -25.00 2.81 10.97
N GLU A 7 -25.80 1.83 11.39
CA GLU A 7 -25.27 0.53 11.77
C GLU A 7 -24.55 -0.14 10.61
N ALA A 8 -25.15 -0.03 9.42
CA ALA A 8 -24.55 -0.60 8.22
C ALA A 8 -23.18 0.00 7.94
N LYS A 9 -23.08 1.31 8.08
CA LYS A 9 -21.81 2.00 7.94
C LYS A 9 -20.81 1.56 9.01
N LEU A 10 -21.31 1.39 10.23
CA LEU A 10 -20.48 0.95 11.34
C LEU A 10 -19.94 -0.46 11.11
N ARG A 11 -20.76 -1.30 10.51
CA ARG A 11 -20.35 -2.65 10.17
C ARG A 11 -19.16 -2.66 9.22
N ASP A 12 -19.20 -1.76 8.25
CA ASP A 12 -18.08 -1.57 7.33
C ASP A 12 -16.85 -1.04 8.07
N LYS A 13 -17.08 -0.12 9.00
CA LYS A 13 -16.01 0.46 9.79
C LYS A 13 -15.39 -0.58 10.71
N MET A 14 -16.18 -1.58 11.08
CA MET A 14 -15.74 -2.59 12.03
C MET A 14 -15.32 -3.87 11.31
N ARG A 15 -15.39 -3.85 9.98
CA ARG A 15 -14.90 -4.95 9.17
C ARG A 15 -13.89 -4.47 8.14
N GLY A 16 -12.60 -4.60 8.48
CA GLY A 16 -11.55 -4.26 7.54
C GLY A 16 -11.04 -2.84 7.72
N THR A 17 -9.76 -2.63 7.41
CA THR A 17 -9.17 -1.31 7.49
C THR A 17 -9.30 -0.57 6.15
N GLY A 18 -9.86 -1.25 5.16
CA GLY A 18 -9.93 -0.69 3.82
C GLY A 18 -8.91 -1.30 2.89
N VAL A 19 -7.99 -2.10 3.44
CA VAL A 19 -6.96 -2.73 2.65
C VAL A 19 -7.41 -4.09 2.13
N SER A 20 -7.14 -4.35 0.86
CA SER A 20 -7.50 -5.63 0.25
C SER A 20 -6.32 -6.60 0.29
N VAL A 21 -6.58 -7.79 0.84
CA VAL A 21 -5.52 -8.79 1.00
C VAL A 21 -5.71 -9.94 0.01
N THR A 22 -4.71 -10.15 -0.85
CA THR A 22 -4.78 -11.20 -1.85
C THR A 22 -3.60 -12.17 -1.72
N ARG A 23 -3.90 -13.46 -1.81
CA ARG A 23 -2.86 -14.48 -1.76
C ARG A 23 -2.67 -15.14 -3.11
N SER A 24 -1.41 -15.33 -3.50
CA SER A 24 -1.09 -15.95 -4.79
C SER A 24 0.12 -16.86 -4.66
N GLY A 25 -0.11 -18.16 -4.74
CA GLY A 25 0.97 -19.13 -4.55
C GLY A 25 1.55 -19.09 -3.16
N ASP A 26 2.87 -18.94 -3.07
CA ASP A 26 3.55 -18.91 -1.78
C ASP A 26 3.81 -17.48 -1.34
N ASN A 27 3.30 -16.52 -2.11
CA ASN A 27 3.48 -15.10 -1.79
C ASN A 27 2.14 -14.43 -1.49
N ILE A 28 2.20 -13.21 -0.99
CA ILE A 28 0.99 -12.48 -0.63
C ILE A 28 1.11 -11.01 -1.00
N ILE A 29 0.05 -10.46 -1.60
CA ILE A 29 0.05 -9.07 -2.04
C ILE A 29 -1.08 -8.28 -1.37
N LEU A 30 -0.73 -7.16 -0.78
CA LEU A 30 -1.72 -6.29 -0.15
C LEU A 30 -1.93 -5.02 -0.96
N ASN A 31 -3.19 -4.73 -1.27
CA ASN A 31 -3.54 -3.50 -1.99
C ASN A 31 -4.08 -2.45 -1.04
N MET A 32 -3.30 -1.39 -0.83
CA MET A 32 -3.65 -0.37 0.15
C MET A 32 -4.03 0.93 -0.55
N PRO A 33 -5.28 1.38 -0.33
CA PRO A 33 -5.73 2.71 -0.77
C PRO A 33 -5.14 3.83 0.08
N ASN A 34 -4.55 4.82 -0.60
CA ASN A 34 -3.86 5.90 0.08
C ASN A 34 -4.78 6.65 1.02
N ASN A 35 -6.08 6.63 0.70
CA ASN A 35 -7.04 7.52 1.35
C ASN A 35 -7.12 7.23 2.85
N VAL A 36 -6.81 6.00 3.23
CA VAL A 36 -6.92 5.58 4.61
C VAL A 36 -5.55 5.24 5.20
N THR A 37 -4.56 5.08 4.32
CA THR A 37 -3.22 4.71 4.75
C THR A 37 -2.34 5.95 4.90
N PHE A 38 -2.28 6.77 3.85
CA PHE A 38 -1.50 8.00 3.88
C PHE A 38 -2.41 9.23 3.78
N ASP A 39 -1.82 10.40 3.94
CA ASP A 39 -2.51 11.65 3.64
C ASP A 39 -2.88 11.72 2.17
N SER A 40 -4.03 12.34 1.88
CA SER A 40 -4.55 12.39 0.51
C SER A 40 -3.62 13.18 -0.39
N SER A 41 -2.83 14.07 0.20
CA SER A 41 -1.98 14.98 -0.57
C SER A 41 -0.51 14.59 -0.44
N SER A 42 -0.16 14.04 0.72
CA SER A 42 1.24 13.82 1.06
C SER A 42 1.48 12.37 1.50
N ALA A 43 2.70 11.89 1.30
CA ALA A 43 3.11 10.61 1.83
C ALA A 43 3.37 10.69 3.34
N THR A 44 2.36 11.10 4.09
CA THR A 44 2.42 11.05 5.54
C THR A 44 1.44 10.02 6.09
N LEU A 45 1.95 9.11 6.93
CA LEU A 45 1.19 7.95 7.36
C LEU A 45 0.05 8.36 8.29
N LYS A 46 -1.14 7.84 8.03
CA LYS A 46 -2.25 7.97 8.96
C LYS A 46 -2.22 6.85 10.00
N PRO A 47 -2.87 7.09 11.14
CA PRO A 47 -2.97 6.10 12.21
C PRO A 47 -3.50 4.76 11.72
N ALA A 48 -4.54 4.80 10.90
CA ALA A 48 -5.13 3.59 10.34
C ALA A 48 -4.12 2.86 9.44
N GLY A 49 -3.32 3.63 8.73
CA GLY A 49 -2.25 3.04 7.92
C GLY A 49 -1.16 2.44 8.77
N ALA A 50 -0.87 3.07 9.91
CA ALA A 50 0.11 2.54 10.85
C ALA A 50 -0.34 1.19 11.42
N ASN A 51 -1.64 1.08 11.69
CA ASN A 51 -2.19 -0.14 12.27
C ASN A 51 -1.98 -1.33 11.34
N THR A 52 -2.32 -1.15 10.07
CA THR A 52 -2.17 -2.21 9.08
C THR A 52 -0.70 -2.54 8.84
N LEU A 53 0.10 -1.50 8.67
CA LEU A 53 1.53 -1.68 8.41
C LEU A 53 2.22 -2.32 9.61
N THR A 54 1.72 -2.02 10.81
CA THR A 54 2.20 -2.66 12.02
C THR A 54 1.88 -4.15 12.02
N GLY A 55 0.67 -4.49 11.56
CA GLY A 55 0.30 -5.89 11.42
C GLY A 55 1.17 -6.61 10.41
N VAL A 56 1.51 -5.94 9.32
CA VAL A 56 2.43 -6.48 8.33
C VAL A 56 3.84 -6.63 8.92
N ALA A 57 4.26 -5.60 9.65
CA ALA A 57 5.58 -5.63 10.30
C ALA A 57 5.65 -6.74 11.35
N MET A 58 4.52 -7.00 12.01
CA MET A 58 4.44 -8.10 12.97
C MET A 58 4.70 -9.43 12.29
N VAL A 59 4.57 -9.46 10.96
CA VAL A 59 4.78 -10.69 10.20
C VAL A 59 6.17 -10.72 9.58
N LEU A 60 6.60 -9.58 9.04
CA LEU A 60 7.90 -9.49 8.38
C LEU A 60 9.03 -9.67 9.38
N LYS A 61 8.84 -9.13 10.59
CA LYS A 61 9.82 -9.28 11.65
C LYS A 61 10.02 -10.75 12.02
N GLU A 62 8.92 -11.47 12.15
CA GLU A 62 8.96 -12.84 12.64
C GLU A 62 9.30 -13.81 11.49
N TYR A 63 9.05 -13.38 10.27
CA TYR A 63 9.35 -14.18 9.10
C TYR A 63 10.57 -13.63 8.35
N PRO A 64 11.74 -14.20 8.66
CA PRO A 64 13.01 -13.76 8.06
C PRO A 64 13.17 -14.27 6.63
N LYS A 65 14.29 -13.92 6.01
CA LYS A 65 14.59 -14.38 4.66
C LYS A 65 13.46 -14.02 3.69
N THR A 66 12.83 -12.87 3.93
CA THR A 66 11.66 -12.47 3.16
C THR A 66 11.85 -11.07 2.57
N ALA A 67 11.50 -10.91 1.30
CA ALA A 67 11.71 -9.66 0.60
C ALA A 67 10.41 -8.87 0.46
N VAL A 68 10.49 -7.57 0.66
CA VAL A 68 9.33 -6.70 0.48
C VAL A 68 9.50 -5.81 -0.75
N ASN A 69 8.52 -5.86 -1.64
CA ASN A 69 8.50 -4.98 -2.81
C ASN A 69 7.29 -4.07 -2.80
N VAL A 70 7.52 -2.77 -2.68
CA VAL A 70 6.45 -1.79 -2.60
C VAL A 70 6.35 -0.97 -3.88
N ILE A 71 5.20 -1.07 -4.55
CA ILE A 71 4.97 -0.33 -5.78
C ILE A 71 3.63 0.41 -5.73
N GLY A 72 3.68 1.72 -5.96
CA GLY A 72 2.47 2.50 -6.10
C GLY A 72 2.25 3.01 -7.50
N TYR A 73 1.00 3.18 -7.90
CA TYR A 73 0.67 3.65 -9.23
C TYR A 73 -0.49 4.65 -9.18
N THR A 74 -0.39 5.69 -10.02
CA THR A 74 -1.45 6.69 -10.12
C THR A 74 -1.20 7.63 -11.29
N ASP A 75 -2.28 8.06 -11.93
CA ASP A 75 -2.19 8.75 -13.22
C ASP A 75 -2.46 10.24 -13.06
N SER A 76 -3.60 10.57 -12.46
CA SER A 76 -4.11 11.94 -12.48
C SER A 76 -3.33 12.82 -11.51
N THR A 77 -2.47 12.19 -10.71
CA THR A 77 -1.68 12.92 -9.73
C THR A 77 -0.37 13.43 -10.32
N GLY A 78 -0.45 13.97 -11.53
CA GLY A 78 0.70 14.60 -12.14
C GLY A 78 1.23 13.81 -13.34
N GLY A 79 2.23 14.36 -14.01
CA GLY A 79 2.86 13.65 -15.11
C GLY A 79 3.67 12.45 -14.63
N HIS A 80 4.19 11.69 -15.58
CA HIS A 80 4.87 10.42 -15.26
C HIS A 80 5.97 10.64 -14.23
N ASP A 81 6.78 11.67 -14.45
CA ASP A 81 7.92 11.95 -13.57
C ASP A 81 7.44 12.24 -12.15
N LEU A 82 6.41 13.08 -12.03
CA LEU A 82 5.85 13.43 -10.73
C LEU A 82 5.19 12.22 -10.08
N ASN A 83 4.53 11.39 -10.88
CA ASN A 83 3.87 10.20 -10.39
C ASN A 83 4.88 9.22 -9.80
N MET A 84 6.02 9.07 -10.47
CA MET A 84 7.13 8.27 -9.94
C MET A 84 7.61 8.84 -8.61
N ARG A 85 7.65 10.17 -8.51
CA ARG A 85 8.15 10.83 -7.31
C ARG A 85 7.21 10.60 -6.13
N LEU A 86 5.92 10.76 -6.38
CA LEU A 86 4.91 10.47 -5.36
C LEU A 86 4.93 8.99 -4.97
N SER A 87 5.07 8.13 -5.97
CA SER A 87 5.19 6.70 -5.74
C SER A 87 6.43 6.38 -4.91
N GLN A 88 7.52 7.06 -5.21
CA GLN A 88 8.77 6.88 -4.47
C GLN A 88 8.59 7.26 -3.01
N GLN A 89 7.92 8.39 -2.77
CA GLN A 89 7.76 8.90 -1.41
C GLN A 89 6.86 7.99 -0.59
N ARG A 90 5.73 7.60 -1.18
CA ARG A 90 4.75 6.77 -0.47
C ARG A 90 5.30 5.38 -0.20
N ALA A 91 6.05 4.85 -1.17
CA ALA A 91 6.71 3.57 -1.01
C ALA A 91 7.74 3.61 0.11
N ASP A 92 8.52 4.69 0.16
CA ASP A 92 9.53 4.88 1.18
C ASP A 92 8.88 5.08 2.56
N SER A 93 7.70 5.70 2.56
CA SER A 93 6.96 5.90 3.79
C SER A 93 6.47 4.56 4.36
N VAL A 94 6.10 3.66 3.46
CA VAL A 94 5.77 2.28 3.84
C VAL A 94 6.98 1.59 4.49
N ALA A 95 8.13 1.72 3.85
CA ALA A 95 9.36 1.10 4.36
C ALA A 95 9.73 1.66 5.73
N SER A 96 9.64 2.98 5.87
CA SER A 96 9.99 3.65 7.11
C SER A 96 9.11 3.15 8.26
N ALA A 97 7.81 3.00 7.99
CA ALA A 97 6.87 2.53 8.99
C ALA A 97 7.18 1.10 9.41
N LEU A 98 7.41 0.24 8.42
CA LEU A 98 7.71 -1.16 8.68
C LEU A 98 9.00 -1.30 9.49
N ILE A 99 10.01 -0.51 9.13
CA ILE A 99 11.29 -0.54 9.82
C ILE A 99 11.15 -0.04 11.25
N THR A 100 10.36 1.02 11.43
CA THR A 100 10.05 1.55 12.75
C THR A 100 9.38 0.48 13.62
N GLN A 101 8.57 -0.36 12.99
CA GLN A 101 7.85 -1.40 13.70
C GLN A 101 8.67 -2.69 13.77
N GLY A 102 9.96 -2.58 13.46
CA GLY A 102 10.92 -3.58 13.88
C GLY A 102 11.35 -4.49 12.74
N VAL A 103 10.98 -4.12 11.51
CA VAL A 103 11.40 -4.85 10.34
C VAL A 103 12.78 -4.38 9.86
N ASP A 104 13.68 -5.33 9.65
CA ASP A 104 15.01 -5.02 9.15
C ASP A 104 14.94 -4.34 7.78
N ALA A 105 15.67 -3.23 7.63
CA ALA A 105 15.67 -2.49 6.38
C ALA A 105 16.15 -3.36 5.21
N SER A 106 16.99 -4.34 5.53
CA SER A 106 17.57 -5.19 4.50
C SER A 106 16.51 -6.10 3.89
N ARG A 107 15.36 -6.20 4.55
CA ARG A 107 14.29 -7.07 4.10
C ARG A 107 13.37 -6.35 3.13
N ILE A 108 13.50 -5.03 3.06
CA ILE A 108 12.59 -4.20 2.28
C ILE A 108 13.33 -3.52 1.12
N ARG A 109 12.72 -3.56 -0.06
CA ARG A 109 13.20 -2.78 -1.19
C ARG A 109 12.06 -2.06 -1.89
N THR A 110 12.23 -0.76 -2.09
CA THR A 110 11.15 0.07 -2.61
C THR A 110 11.58 0.79 -3.90
N GLN A 111 10.61 1.04 -4.78
CA GLN A 111 10.84 1.85 -5.96
C GLN A 111 9.66 2.77 -6.23
N GLY A 112 9.96 3.98 -6.69
CA GLY A 112 8.91 4.89 -7.12
C GLY A 112 8.62 4.78 -8.61
N LEU A 113 7.42 4.34 -8.94
CA LEU A 113 7.06 4.09 -10.34
C LEU A 113 5.75 4.78 -10.69
N GLY A 114 5.58 5.09 -11.98
CA GLY A 114 4.31 5.62 -12.45
C GLY A 114 3.26 4.54 -12.62
N PRO A 115 2.18 4.87 -13.33
CA PRO A 115 1.10 3.92 -13.63
C PRO A 115 1.64 2.62 -14.22
N ALA A 116 1.14 1.50 -13.70
CA ALA A 116 1.57 0.18 -14.16
C ALA A 116 0.37 -0.75 -14.37
N ASN A 117 -0.31 -1.07 -13.27
CA ASN A 117 -1.51 -1.89 -13.35
C ASN A 117 -2.66 -1.23 -12.58
N PRO A 118 -3.31 -0.23 -13.21
CA PRO A 118 -4.50 0.42 -12.66
C PRO A 118 -5.69 -0.53 -12.56
N ILE A 119 -6.61 -0.21 -11.68
CA ILE A 119 -7.75 -1.09 -11.41
C ILE A 119 -8.91 -0.80 -12.36
N ALA A 120 -9.24 0.48 -12.50
CA ALA A 120 -10.35 0.90 -13.34
C ALA A 120 -9.97 2.11 -14.19
N SER A 121 -10.76 2.37 -15.23
CA SER A 121 -10.45 3.43 -16.18
C SER A 121 -10.51 4.80 -15.50
N ASN A 122 -9.56 5.67 -15.86
CA ASN A 122 -9.50 7.00 -15.28
C ASN A 122 -10.58 7.91 -15.88
N SER A 123 -11.33 7.37 -16.83
CA SER A 123 -12.34 8.15 -17.53
C SER A 123 -13.60 8.30 -16.67
N THR A 124 -13.63 7.58 -15.55
CA THR A 124 -14.71 7.74 -14.58
C THR A 124 -14.17 8.20 -13.22
N ALA A 125 -15.04 8.83 -12.44
CA ALA A 125 -14.67 9.29 -11.11
C ALA A 125 -14.29 8.12 -10.20
N GLU A 126 -15.04 7.03 -10.32
CA GLU A 126 -14.73 5.81 -9.58
C GLU A 126 -13.41 5.21 -10.04
N GLY A 127 -13.15 5.27 -11.35
CA GLY A 127 -11.89 4.80 -11.87
C GLY A 127 -10.72 5.63 -11.40
N LYS A 128 -10.91 6.94 -11.33
CA LYS A 128 -9.88 7.84 -10.82
C LYS A 128 -9.54 7.52 -9.36
N ALA A 129 -10.57 7.23 -8.57
CA ALA A 129 -10.37 6.81 -7.19
C ALA A 129 -9.58 5.51 -7.11
N GLN A 130 -10.04 4.50 -7.86
CA GLN A 130 -9.40 3.20 -7.84
C GLN A 130 -8.04 3.24 -8.53
N ASN A 131 -7.85 4.25 -9.38
CA ASN A 131 -6.58 4.44 -10.06
C ASN A 131 -5.45 4.71 -9.07
N ARG A 132 -5.78 5.42 -8.00
CA ARG A 132 -4.78 5.84 -7.02
C ARG A 132 -4.62 4.79 -5.92
N ARG A 133 -3.71 3.85 -6.14
CA ARG A 133 -3.53 2.72 -5.22
C ARG A 133 -2.05 2.40 -5.04
N VAL A 134 -1.69 1.89 -3.87
CA VAL A 134 -0.34 1.40 -3.62
C VAL A 134 -0.37 -0.04 -3.14
N GLU A 135 0.44 -0.89 -3.76
CA GLU A 135 0.40 -2.32 -3.51
C GLU A 135 1.74 -2.82 -2.97
N ILE A 136 1.68 -3.62 -1.90
CA ILE A 136 2.88 -4.18 -1.30
C ILE A 136 2.94 -5.69 -1.50
N THR A 137 4.03 -6.16 -2.08
CA THR A 137 4.18 -7.57 -2.40
C THR A 137 5.21 -8.23 -1.49
N LEU A 138 4.79 -9.28 -0.79
CA LEU A 138 5.67 -9.98 0.15
C LEU A 138 6.07 -11.34 -0.39
N SER A 139 7.37 -11.52 -0.62
CA SER A 139 7.87 -12.74 -1.26
C SER A 139 9.37 -12.90 -1.01
N PRO A 140 9.77 -14.09 -0.52
CA PRO A 140 11.16 -14.39 -0.22
C PRO A 140 12.03 -14.48 -1.47
N LEU A 141 13.14 -13.76 -1.47
CA LEU A 141 14.06 -13.77 -2.61
C LEU A 141 15.44 -14.26 -2.19
N LEU A 142 15.66 -14.32 -0.87
CA LEU A 142 16.93 -14.79 -0.34
C LEU A 142 18.08 -13.96 -0.88
N GLU A 143 17.88 -12.65 -1.01
CA GLU A 143 18.90 -11.76 -1.53
C GLU A 143 18.55 -10.30 -1.22
N HIS A 144 19.54 -9.42 -1.36
CA HIS A 144 19.32 -7.99 -1.17
C HIS A 144 20.29 -7.19 -2.03
N HIS A 145 19.81 -6.04 -2.51
CA HIS A 145 20.57 -5.26 -3.48
C HIS A 145 20.90 -3.86 -2.93
N HIS A 146 19.88 -3.19 -2.39
CA HIS A 146 20.05 -1.84 -1.89
C HIS A 146 18.79 -1.37 -1.15
N HIS A 147 18.94 -0.34 -0.33
CA HIS A 147 17.82 0.22 0.40
C HIS A 147 18.00 1.72 0.63
N HIS A 148 16.92 2.47 0.48
CA HIS A 148 16.97 3.92 0.58
C HIS A 148 15.62 4.50 0.98
N HIS A 149 15.61 5.75 1.41
CA HIS A 149 14.37 6.45 1.73
C HIS A 149 14.32 7.81 1.03
N TYR A 1 -35.93 3.62 11.73
CA TYR A 1 -35.20 3.51 10.47
C TYR A 1 -33.82 4.15 10.57
N TYR A 2 -33.71 5.16 11.43
CA TYR A 2 -32.46 5.88 11.61
C TYR A 2 -31.35 4.95 12.09
N MET A 3 -31.69 4.09 13.05
CA MET A 3 -30.73 3.14 13.60
C MET A 3 -30.42 2.03 12.60
N ASP A 4 -31.41 1.70 11.78
CA ASP A 4 -31.23 0.68 10.75
C ASP A 4 -30.23 1.13 9.69
N VAL A 5 -30.22 2.43 9.41
CA VAL A 5 -29.30 3.00 8.44
C VAL A 5 -27.90 3.14 9.02
N GLN A 6 -27.82 3.66 10.24
CA GLN A 6 -26.55 3.83 10.92
C GLN A 6 -25.89 2.49 11.20
N GLU A 7 -26.70 1.52 11.63
CA GLU A 7 -26.20 0.20 11.98
C GLU A 7 -25.51 -0.46 10.79
N ALA A 8 -26.16 -0.39 9.62
CA ALA A 8 -25.64 -1.02 8.42
C ALA A 8 -24.26 -0.44 8.05
N LYS A 9 -24.16 0.88 8.11
CA LYS A 9 -22.90 1.56 7.82
C LYS A 9 -21.83 1.16 8.83
N LEU A 10 -22.22 1.10 10.10
CA LEU A 10 -21.28 0.76 11.17
C LEU A 10 -20.78 -0.68 11.01
N ARG A 11 -21.68 -1.58 10.65
CA ARG A 11 -21.33 -2.98 10.48
C ARG A 11 -20.32 -3.15 9.35
N ASP A 12 -20.49 -2.37 8.29
CA ASP A 12 -19.51 -2.34 7.21
C ASP A 12 -18.17 -1.79 7.70
N LYS A 13 -18.22 -0.76 8.52
CA LYS A 13 -17.02 -0.14 9.07
C LYS A 13 -16.31 -1.09 10.03
N MET A 14 -17.05 -2.07 10.55
CA MET A 14 -16.51 -3.00 11.54
C MET A 14 -15.99 -4.26 10.87
N ARG A 15 -15.96 -4.25 9.54
CA ARG A 15 -15.28 -5.31 8.79
C ARG A 15 -14.28 -4.73 7.81
N GLY A 16 -13.01 -4.75 8.20
CA GLY A 16 -11.95 -4.32 7.30
C GLY A 16 -11.54 -2.88 7.53
N THR A 17 -10.27 -2.57 7.26
CA THR A 17 -9.78 -1.20 7.36
C THR A 17 -9.77 -0.51 6.01
N GLY A 18 -10.22 -1.23 4.99
CA GLY A 18 -10.20 -0.68 3.64
C GLY A 18 -9.15 -1.33 2.76
N VAL A 19 -8.34 -2.19 3.37
CA VAL A 19 -7.27 -2.87 2.64
C VAL A 19 -7.72 -4.23 2.12
N SER A 20 -7.41 -4.51 0.86
CA SER A 20 -7.75 -5.80 0.26
C SER A 20 -6.55 -6.75 0.31
N VAL A 21 -6.77 -7.93 0.88
CA VAL A 21 -5.71 -8.91 1.03
C VAL A 21 -5.86 -10.06 0.03
N THR A 22 -4.86 -10.25 -0.81
CA THR A 22 -4.89 -11.28 -1.83
C THR A 22 -3.69 -12.21 -1.72
N ARG A 23 -3.94 -13.51 -1.88
CA ARG A 23 -2.87 -14.51 -1.88
C ARG A 23 -2.63 -15.04 -3.29
N SER A 24 -1.36 -15.09 -3.69
CA SER A 24 -0.99 -15.58 -5.02
C SER A 24 0.26 -16.43 -4.96
N GLY A 25 0.10 -17.73 -5.14
CA GLY A 25 1.22 -18.65 -5.02
C GLY A 25 1.77 -18.70 -3.61
N ASP A 26 3.07 -18.45 -3.47
CA ASP A 26 3.72 -18.47 -2.16
C ASP A 26 3.77 -17.07 -1.57
N ASN A 27 3.48 -16.07 -2.41
CA ASN A 27 3.58 -14.67 -1.98
C ASN A 27 2.21 -14.11 -1.60
N ILE A 28 2.21 -12.98 -0.91
CA ILE A 28 0.97 -12.33 -0.52
C ILE A 28 0.97 -10.86 -0.92
N ILE A 29 -0.11 -10.43 -1.55
CA ILE A 29 -0.22 -9.06 -2.04
C ILE A 29 -1.34 -8.30 -1.33
N LEU A 30 -0.98 -7.18 -0.72
CA LEU A 30 -1.97 -6.33 -0.07
C LEU A 30 -2.19 -5.04 -0.88
N ASN A 31 -3.45 -4.76 -1.19
CA ASN A 31 -3.80 -3.53 -1.90
C ASN A 31 -4.35 -2.48 -0.94
N MET A 32 -3.58 -1.42 -0.72
CA MET A 32 -3.92 -0.41 0.27
C MET A 32 -4.29 0.91 -0.41
N PRO A 33 -5.49 1.42 -0.10
CA PRO A 33 -5.93 2.76 -0.51
C PRO A 33 -5.23 3.85 0.30
N ASN A 34 -4.74 4.87 -0.41
CA ASN A 34 -4.06 5.98 0.25
C ASN A 34 -4.96 6.63 1.29
N ASN A 35 -6.26 6.60 1.06
CA ASN A 35 -7.21 7.42 1.80
C ASN A 35 -7.11 7.13 3.29
N VAL A 36 -6.67 5.91 3.63
CA VAL A 36 -6.60 5.49 5.02
C VAL A 36 -5.15 5.31 5.47
N THR A 37 -4.24 5.28 4.51
CA THR A 37 -2.83 5.02 4.81
C THR A 37 -2.02 6.32 4.78
N PHE A 38 -2.12 7.05 3.67
CA PHE A 38 -1.39 8.29 3.52
C PHE A 38 -2.35 9.45 3.22
N ASP A 39 -1.80 10.65 3.05
CA ASP A 39 -2.60 11.82 2.75
C ASP A 39 -2.97 11.86 1.27
N SER A 40 -3.88 12.76 0.91
CA SER A 40 -4.34 12.87 -0.46
C SER A 40 -3.25 13.42 -1.37
N SER A 41 -2.35 14.21 -0.79
CA SER A 41 -1.32 14.89 -1.57
C SER A 41 0.07 14.57 -1.01
N SER A 42 0.11 13.96 0.17
CA SER A 42 1.35 13.78 0.90
C SER A 42 1.46 12.36 1.43
N ALA A 43 2.68 11.82 1.41
CA ALA A 43 2.97 10.54 2.04
C ALA A 43 3.14 10.71 3.55
N THR A 44 2.09 11.19 4.21
CA THR A 44 2.09 11.28 5.66
C THR A 44 1.20 10.19 6.28
N LEU A 45 1.81 9.33 7.08
CA LEU A 45 1.14 8.12 7.55
C LEU A 45 -0.05 8.46 8.44
N LYS A 46 -1.19 7.82 8.16
CA LYS A 46 -2.35 7.92 9.04
C LYS A 46 -2.39 6.75 10.01
N PRO A 47 -3.13 6.92 11.12
CA PRO A 47 -3.27 5.88 12.15
C PRO A 47 -3.70 4.55 11.57
N ALA A 48 -4.75 4.57 10.74
CA ALA A 48 -5.29 3.35 10.16
C ALA A 48 -4.28 2.68 9.24
N GLY A 49 -3.53 3.50 8.49
CA GLY A 49 -2.47 2.97 7.65
C GLY A 49 -1.31 2.43 8.45
N ALA A 50 -1.03 3.05 9.59
CA ALA A 50 0.02 2.58 10.48
C ALA A 50 -0.28 1.19 11.02
N ASN A 51 -1.55 0.93 11.29
CA ASN A 51 -1.98 -0.36 11.82
C ASN A 51 -1.73 -1.48 10.82
N THR A 52 -2.07 -1.23 9.56
CA THR A 52 -1.89 -2.22 8.51
C THR A 52 -0.42 -2.40 8.16
N LEU A 53 0.32 -1.30 8.18
CA LEU A 53 1.77 -1.35 7.98
C LEU A 53 2.44 -2.10 9.13
N THR A 54 1.89 -1.98 10.33
CA THR A 54 2.32 -2.78 11.47
C THR A 54 2.03 -4.26 11.24
N GLY A 55 0.88 -4.55 10.66
CA GLY A 55 0.54 -5.92 10.31
C GLY A 55 1.53 -6.53 9.34
N VAL A 56 1.95 -5.76 8.35
CA VAL A 56 3.01 -6.17 7.44
C VAL A 56 4.32 -6.36 8.18
N ALA A 57 4.62 -5.44 9.09
CA ALA A 57 5.83 -5.53 9.91
C ALA A 57 5.81 -6.79 10.77
N MET A 58 4.62 -7.17 11.23
CA MET A 58 4.46 -8.38 12.03
C MET A 58 4.84 -9.62 11.23
N VAL A 59 4.81 -9.49 9.90
CA VAL A 59 5.09 -10.62 9.02
C VAL A 59 6.56 -10.65 8.61
N LEU A 60 7.08 -9.49 8.21
CA LEU A 60 8.47 -9.39 7.80
C LEU A 60 9.41 -9.60 8.98
N LYS A 61 9.04 -9.06 10.13
CA LYS A 61 9.91 -9.08 11.30
C LYS A 61 10.10 -10.50 11.82
N GLU A 62 8.99 -11.22 11.96
CA GLU A 62 9.01 -12.54 12.58
C GLU A 62 9.50 -13.60 11.60
N TYR A 63 9.32 -13.34 10.31
CA TYR A 63 9.72 -14.28 9.27
C TYR A 63 10.78 -13.67 8.37
N PRO A 64 12.05 -13.81 8.77
CA PRO A 64 13.20 -13.34 7.98
C PRO A 64 13.40 -14.16 6.72
N LYS A 65 14.38 -13.75 5.91
CA LYS A 65 14.65 -14.42 4.64
C LYS A 65 13.55 -14.14 3.63
N THR A 66 12.77 -13.10 3.89
CA THR A 66 11.70 -12.69 2.97
C THR A 66 11.87 -11.24 2.54
N ALA A 67 11.45 -10.95 1.31
CA ALA A 67 11.55 -9.60 0.77
C ALA A 67 10.18 -9.01 0.51
N VAL A 68 10.02 -7.72 0.84
CA VAL A 68 8.79 -7.00 0.52
C VAL A 68 9.03 -5.97 -0.59
N ASN A 69 8.15 -5.98 -1.59
CA ASN A 69 8.21 -4.98 -2.65
C ASN A 69 7.00 -4.05 -2.60
N VAL A 70 7.26 -2.75 -2.49
CA VAL A 70 6.19 -1.76 -2.41
C VAL A 70 6.08 -0.98 -3.71
N ILE A 71 4.94 -1.11 -4.38
CA ILE A 71 4.69 -0.39 -5.62
C ILE A 71 3.33 0.29 -5.61
N GLY A 72 3.32 1.59 -5.91
CA GLY A 72 2.06 2.31 -6.02
C GLY A 72 2.06 3.27 -7.20
N TYR A 73 0.86 3.58 -7.68
CA TYR A 73 0.72 4.35 -8.91
C TYR A 73 -0.46 5.32 -8.82
N THR A 74 -0.43 6.36 -9.65
CA THR A 74 -1.51 7.35 -9.68
C THR A 74 -1.35 8.30 -10.86
N ASP A 75 -2.46 8.82 -11.35
CA ASP A 75 -2.48 9.55 -12.61
C ASP A 75 -2.60 11.05 -12.36
N SER A 76 -3.72 11.46 -11.77
CA SER A 76 -4.15 12.85 -11.80
C SER A 76 -3.40 13.67 -10.76
N THR A 77 -2.58 13.01 -9.96
CA THR A 77 -1.84 13.68 -8.90
C THR A 77 -0.48 14.17 -9.39
N GLY A 78 -0.47 14.71 -10.60
CA GLY A 78 0.75 15.30 -11.13
C GLY A 78 1.14 14.72 -12.47
N GLY A 79 2.40 14.89 -12.84
CA GLY A 79 2.88 14.39 -14.12
C GLY A 79 3.51 13.01 -14.00
N HIS A 80 4.10 12.54 -15.08
CA HIS A 80 4.74 11.23 -15.09
C HIS A 80 5.84 11.15 -14.03
N ASP A 81 6.78 12.10 -14.09
CA ASP A 81 7.91 12.11 -13.16
C ASP A 81 7.42 12.37 -11.73
N LEU A 82 6.51 13.31 -11.58
CA LEU A 82 6.05 13.73 -10.27
C LEU A 82 5.27 12.60 -9.58
N ASN A 83 4.46 11.89 -10.36
CA ASN A 83 3.70 10.77 -9.83
C ASN A 83 4.62 9.66 -9.33
N MET A 84 5.65 9.37 -10.10
CA MET A 84 6.66 8.38 -9.70
C MET A 84 7.41 8.86 -8.46
N ARG A 85 7.64 10.16 -8.38
CA ARG A 85 8.33 10.74 -7.23
C ARG A 85 7.47 10.65 -5.98
N LEU A 86 6.17 10.92 -6.13
CA LEU A 86 5.22 10.74 -5.04
C LEU A 86 5.10 9.27 -4.67
N SER A 87 5.10 8.41 -5.68
CA SER A 87 5.09 6.96 -5.45
C SER A 87 6.33 6.51 -4.71
N GLN A 88 7.47 7.12 -5.04
CA GLN A 88 8.73 6.81 -4.37
C GLN A 88 8.67 7.19 -2.89
N GLN A 89 8.09 8.37 -2.62
CA GLN A 89 7.99 8.86 -1.25
C GLN A 89 6.99 8.02 -0.45
N ARG A 90 5.85 7.72 -1.07
CA ARG A 90 4.82 6.92 -0.42
C ARG A 90 5.32 5.52 -0.12
N ALA A 91 6.06 4.93 -1.06
CA ALA A 91 6.68 3.64 -0.86
C ALA A 91 7.73 3.70 0.24
N ASP A 92 8.52 4.76 0.24
CA ASP A 92 9.57 4.94 1.24
C ASP A 92 8.98 5.21 2.61
N SER A 93 7.82 5.88 2.63
CA SER A 93 7.11 6.14 3.87
C SER A 93 6.63 4.84 4.50
N VAL A 94 6.23 3.89 3.66
CA VAL A 94 5.93 2.54 4.12
C VAL A 94 7.16 1.87 4.73
N ALA A 95 8.29 2.01 4.06
CA ALA A 95 9.54 1.42 4.54
C ALA A 95 9.94 2.02 5.89
N SER A 96 9.79 3.33 6.02
CA SER A 96 10.11 4.01 7.28
C SER A 96 9.28 3.45 8.43
N ALA A 97 8.01 3.21 8.17
CA ALA A 97 7.11 2.65 9.18
C ALA A 97 7.55 1.24 9.58
N LEU A 98 7.90 0.43 8.57
CA LEU A 98 8.34 -0.93 8.82
C LEU A 98 9.64 -0.94 9.63
N ILE A 99 10.55 -0.04 9.29
CA ILE A 99 11.81 0.09 10.02
C ILE A 99 11.56 0.51 11.46
N THR A 100 10.61 1.42 11.66
CA THR A 100 10.23 1.85 13.01
C THR A 100 9.67 0.68 13.81
N GLN A 101 9.00 -0.23 13.13
CA GLN A 101 8.37 -1.36 13.81
C GLN A 101 9.37 -2.49 14.03
N GLY A 102 10.60 -2.28 13.59
CA GLY A 102 11.68 -3.19 13.94
C GLY A 102 12.04 -4.12 12.79
N VAL A 103 11.51 -3.82 11.61
CA VAL A 103 11.85 -4.59 10.41
C VAL A 103 13.14 -4.08 9.79
N ASP A 104 14.08 -5.00 9.54
CA ASP A 104 15.36 -4.64 8.96
C ASP A 104 15.19 -4.09 7.55
N ALA A 105 15.87 -2.97 7.27
CA ALA A 105 15.77 -2.33 5.97
C ALA A 105 16.24 -3.27 4.85
N SER A 106 17.08 -4.23 5.21
CA SER A 106 17.62 -5.18 4.25
C SER A 106 16.53 -6.13 3.75
N ARG A 107 15.44 -6.21 4.50
CA ARG A 107 14.31 -7.06 4.14
C ARG A 107 13.29 -6.27 3.31
N ILE A 108 13.51 -4.97 3.19
CA ILE A 108 12.56 -4.09 2.52
C ILE A 108 13.13 -3.53 1.23
N ARG A 109 12.35 -3.57 0.17
CA ARG A 109 12.68 -2.86 -1.07
C ARG A 109 11.47 -2.09 -1.59
N THR A 110 11.69 -0.82 -1.93
CA THR A 110 10.62 0.03 -2.41
C THR A 110 10.98 0.70 -3.73
N GLN A 111 9.99 0.88 -4.59
CA GLN A 111 10.20 1.58 -5.86
C GLN A 111 9.02 2.50 -6.16
N GLY A 112 9.31 3.75 -6.52
CA GLY A 112 8.30 4.62 -7.05
C GLY A 112 8.10 4.46 -8.55
N LEU A 113 7.23 3.52 -8.93
CA LEU A 113 7.02 3.19 -10.33
C LEU A 113 5.65 3.67 -10.81
N GLY A 114 5.54 3.94 -12.10
CA GLY A 114 4.25 4.27 -12.68
C GLY A 114 3.31 3.07 -12.72
N PRO A 115 2.10 3.29 -13.27
CA PRO A 115 1.07 2.26 -13.34
C PRO A 115 1.57 0.99 -14.04
N ALA A 116 1.30 -0.16 -13.45
CA ALA A 116 1.68 -1.44 -14.03
C ALA A 116 0.45 -2.23 -14.49
N ASN A 117 -0.51 -2.38 -13.58
CA ASN A 117 -1.81 -2.93 -13.94
C ASN A 117 -2.94 -2.08 -13.36
N PRO A 118 -3.28 -0.99 -14.07
CA PRO A 118 -4.36 -0.08 -13.66
C PRO A 118 -5.66 -0.82 -13.37
N ILE A 119 -6.13 -0.72 -12.14
CA ILE A 119 -7.36 -1.39 -11.74
C ILE A 119 -8.53 -0.99 -12.64
N ALA A 120 -8.72 0.31 -12.79
CA ALA A 120 -9.85 0.82 -13.57
C ALA A 120 -9.45 2.05 -14.38
N SER A 121 -10.25 2.39 -15.38
CA SER A 121 -9.97 3.54 -16.22
C SER A 121 -10.13 4.84 -15.44
N ASN A 122 -9.20 5.77 -15.66
CA ASN A 122 -9.23 7.06 -14.99
C ASN A 122 -10.25 7.99 -15.64
N SER A 123 -10.94 7.48 -16.67
CA SER A 123 -11.95 8.26 -17.37
C SER A 123 -13.24 8.34 -16.56
N THR A 124 -13.28 7.60 -15.45
CA THR A 124 -14.39 7.69 -14.52
C THR A 124 -13.92 8.14 -13.14
N ALA A 125 -14.83 8.72 -12.37
CA ALA A 125 -14.51 9.18 -11.01
C ALA A 125 -14.09 8.01 -10.12
N GLU A 126 -14.78 6.88 -10.27
CA GLU A 126 -14.42 5.68 -9.53
C GLU A 126 -13.07 5.15 -9.99
N GLY A 127 -12.82 5.19 -11.29
CA GLY A 127 -11.56 4.74 -11.83
C GLY A 127 -10.38 5.57 -11.33
N LYS A 128 -10.59 6.88 -11.26
CA LYS A 128 -9.56 7.78 -10.75
C LYS A 128 -9.17 7.41 -9.32
N ALA A 129 -10.16 7.05 -8.50
CA ALA A 129 -9.91 6.57 -7.16
C ALA A 129 -9.15 5.24 -7.18
N GLN A 130 -9.62 4.32 -8.02
CA GLN A 130 -9.03 2.99 -8.08
C GLN A 130 -7.59 3.05 -8.58
N ASN A 131 -7.29 4.08 -9.37
CA ASN A 131 -5.95 4.27 -9.91
C ASN A 131 -5.00 4.83 -8.85
N ARG A 132 -5.58 5.44 -7.83
CA ARG A 132 -4.79 5.99 -6.73
C ARG A 132 -4.59 4.96 -5.62
N ARG A 133 -3.77 3.96 -5.90
CA ARG A 133 -3.63 2.82 -5.00
C ARG A 133 -2.18 2.40 -4.87
N VAL A 134 -1.82 1.85 -3.70
CA VAL A 134 -0.49 1.30 -3.50
C VAL A 134 -0.57 -0.15 -3.01
N GLU A 135 0.24 -1.01 -3.63
CA GLU A 135 0.19 -2.43 -3.32
C GLU A 135 1.51 -2.91 -2.72
N ILE A 136 1.42 -3.70 -1.66
CA ILE A 136 2.62 -4.22 -0.99
C ILE A 136 2.69 -5.73 -1.10
N THR A 137 3.79 -6.23 -1.67
CA THR A 137 3.91 -7.65 -1.96
C THR A 137 5.02 -8.29 -1.11
N LEU A 138 4.66 -9.32 -0.37
CA LEU A 138 5.64 -10.05 0.44
C LEU A 138 5.93 -11.42 -0.17
N SER A 139 7.22 -11.70 -0.36
CA SER A 139 7.64 -12.93 -1.02
C SER A 139 8.98 -13.42 -0.49
N PRO A 140 8.97 -14.64 0.07
CA PRO A 140 10.20 -15.32 0.48
C PRO A 140 11.18 -15.51 -0.68
N LEU A 141 12.44 -15.15 -0.45
CA LEU A 141 13.48 -15.34 -1.46
C LEU A 141 14.62 -16.18 -0.90
N LEU A 142 14.74 -16.21 0.43
CA LEU A 142 15.85 -16.89 1.08
C LEU A 142 17.19 -16.29 0.65
N GLU A 143 17.18 -15.00 0.32
CA GLU A 143 18.39 -14.32 -0.11
C GLU A 143 18.16 -12.81 -0.18
N HIS A 144 19.25 -12.05 -0.25
CA HIS A 144 19.17 -10.61 -0.37
C HIS A 144 19.80 -10.13 -1.67
N HIS A 145 19.38 -8.96 -2.14
CA HIS A 145 19.86 -8.42 -3.40
C HIS A 145 20.39 -6.99 -3.22
N HIS A 146 19.55 -6.12 -2.68
CA HIS A 146 19.90 -4.72 -2.49
C HIS A 146 18.80 -3.98 -1.75
N HIS A 147 19.18 -2.93 -1.02
CA HIS A 147 18.24 -2.12 -0.27
C HIS A 147 18.72 -0.68 -0.15
N HIS A 148 17.92 0.15 0.51
CA HIS A 148 18.28 1.54 0.74
C HIS A 148 17.63 2.07 2.01
N HIS A 149 18.12 3.21 2.49
CA HIS A 149 17.61 3.80 3.72
C HIS A 149 16.97 5.17 3.44
N TYR A 1 -37.71 2.00 10.21
CA TYR A 1 -36.92 1.94 8.99
C TYR A 1 -35.56 2.59 9.18
N TYR A 2 -35.50 3.55 10.09
CA TYR A 2 -34.25 4.28 10.36
C TYR A 2 -33.16 3.32 10.84
N MET A 3 -33.53 2.41 11.73
CA MET A 3 -32.59 1.44 12.28
C MET A 3 -32.24 0.39 11.23
N ASP A 4 -33.18 0.11 10.34
CA ASP A 4 -32.95 -0.84 9.26
C ASP A 4 -31.91 -0.33 8.28
N VAL A 5 -31.90 0.99 8.08
CA VAL A 5 -30.94 1.62 7.18
C VAL A 5 -29.57 1.73 7.83
N GLN A 6 -29.55 2.17 9.09
CA GLN A 6 -28.29 2.31 9.82
C GLN A 6 -27.64 0.95 10.04
N GLU A 7 -28.45 -0.05 10.37
CA GLU A 7 -27.95 -1.38 10.66
C GLU A 7 -27.25 -1.99 9.44
N ALA A 8 -27.85 -1.78 8.26
CA ALA A 8 -27.29 -2.30 7.02
C ALA A 8 -25.91 -1.73 6.77
N LYS A 9 -25.77 -0.42 6.95
CA LYS A 9 -24.49 0.24 6.82
C LYS A 9 -23.48 -0.29 7.84
N LEU A 10 -23.96 -0.52 9.06
CA LEU A 10 -23.11 -1.04 10.13
C LEU A 10 -22.63 -2.45 9.81
N ARG A 11 -23.51 -3.24 9.19
CA ARG A 11 -23.17 -4.61 8.80
C ARG A 11 -22.00 -4.62 7.83
N ASP A 12 -22.00 -3.69 6.89
CA ASP A 12 -20.89 -3.53 5.96
C ASP A 12 -19.63 -3.06 6.72
N LYS A 13 -19.82 -2.16 7.67
CA LYS A 13 -18.71 -1.62 8.44
C LYS A 13 -18.09 -2.69 9.34
N MET A 14 -18.87 -3.72 9.63
CA MET A 14 -18.44 -4.77 10.56
C MET A 14 -17.82 -5.94 9.79
N ARG A 15 -17.66 -5.77 8.49
CA ARG A 15 -16.88 -6.71 7.69
C ARG A 15 -15.80 -5.98 6.90
N GLY A 16 -14.57 -6.02 7.42
CA GLY A 16 -13.44 -5.47 6.69
C GLY A 16 -13.02 -4.12 7.23
N THR A 17 -11.71 -3.85 7.22
CA THR A 17 -11.19 -2.57 7.64
C THR A 17 -11.02 -1.62 6.46
N GLY A 18 -11.18 -2.15 5.25
CA GLY A 18 -10.94 -1.37 4.06
C GLY A 18 -9.71 -1.83 3.30
N VAL A 19 -8.93 -2.70 3.92
CA VAL A 19 -7.77 -3.29 3.25
C VAL A 19 -8.14 -4.57 2.53
N SER A 20 -7.71 -4.67 1.27
CA SER A 20 -7.95 -5.88 0.48
C SER A 20 -6.75 -6.81 0.54
N VAL A 21 -7.00 -8.05 0.92
CA VAL A 21 -5.93 -9.05 1.10
C VAL A 21 -6.04 -10.15 0.05
N THR A 22 -4.97 -10.31 -0.74
CA THR A 22 -4.94 -11.35 -1.76
C THR A 22 -3.74 -12.27 -1.56
N ARG A 23 -3.99 -13.57 -1.71
CA ARG A 23 -2.93 -14.56 -1.61
C ARG A 23 -2.61 -15.16 -2.98
N SER A 24 -1.32 -15.33 -3.25
CA SER A 24 -0.88 -15.89 -4.53
C SER A 24 0.38 -16.72 -4.37
N GLY A 25 0.29 -18.01 -4.65
CA GLY A 25 1.41 -18.90 -4.47
C GLY A 25 1.90 -18.93 -3.03
N ASP A 26 3.19 -18.70 -2.84
CA ASP A 26 3.77 -18.71 -1.51
C ASP A 26 3.94 -17.30 -0.96
N ASN A 27 3.31 -16.33 -1.65
CA ASN A 27 3.43 -14.93 -1.25
C ASN A 27 2.05 -14.34 -0.99
N ILE A 28 2.03 -13.11 -0.46
CA ILE A 28 0.77 -12.44 -0.15
C ILE A 28 0.86 -10.95 -0.48
N ILE A 29 -0.18 -10.43 -1.11
CA ILE A 29 -0.20 -9.03 -1.54
C ILE A 29 -1.36 -8.27 -0.89
N LEU A 30 -1.04 -7.16 -0.25
CA LEU A 30 -2.05 -6.32 0.38
C LEU A 30 -2.32 -5.07 -0.44
N ASN A 31 -3.58 -4.86 -0.81
CA ASN A 31 -3.97 -3.70 -1.60
C ASN A 31 -4.66 -2.66 -0.73
N MET A 32 -4.04 -1.49 -0.61
CA MET A 32 -4.60 -0.40 0.18
C MET A 32 -4.78 0.85 -0.66
N PRO A 33 -5.97 1.47 -0.57
CA PRO A 33 -6.25 2.75 -1.22
C PRO A 33 -5.45 3.90 -0.60
N ASN A 34 -5.03 4.84 -1.45
CA ASN A 34 -4.22 5.97 -1.00
C ASN A 34 -4.88 6.66 0.20
N ASN A 35 -6.21 6.71 0.18
CA ASN A 35 -6.95 7.59 1.08
C ASN A 35 -6.77 7.15 2.53
N VAL A 36 -6.48 5.87 2.73
CA VAL A 36 -6.49 5.28 4.06
C VAL A 36 -5.06 5.03 4.56
N THR A 37 -4.12 4.96 3.62
CA THR A 37 -2.73 4.68 3.97
C THR A 37 -1.88 5.95 3.94
N PHE A 38 -2.03 6.73 2.87
CA PHE A 38 -1.27 7.96 2.71
C PHE A 38 -2.19 9.17 2.73
N ASP A 39 -1.58 10.36 2.66
CA ASP A 39 -2.35 11.60 2.57
C ASP A 39 -2.86 11.82 1.15
N SER A 40 -3.86 12.68 1.02
CA SER A 40 -4.49 12.94 -0.27
C SER A 40 -3.53 13.64 -1.22
N SER A 41 -2.57 14.37 -0.65
CA SER A 41 -1.64 15.17 -1.43
C SER A 41 -0.20 14.87 -1.05
N SER A 42 -0.02 14.18 0.07
CA SER A 42 1.31 13.94 0.61
C SER A 42 1.53 12.45 0.88
N ALA A 43 2.75 11.99 0.63
CA ALA A 43 3.17 10.67 1.07
C ALA A 43 3.43 10.64 2.57
N THR A 44 2.40 10.96 3.35
CA THR A 44 2.47 10.83 4.80
C THR A 44 1.49 9.77 5.31
N LEU A 45 2.02 8.81 6.08
CA LEU A 45 1.24 7.66 6.50
C LEU A 45 0.12 8.09 7.48
N LYS A 46 -1.07 7.54 7.26
CA LYS A 46 -2.16 7.72 8.21
C LYS A 46 -2.15 6.62 9.27
N PRO A 47 -2.81 6.89 10.41
CA PRO A 47 -2.89 5.92 11.52
C PRO A 47 -3.34 4.54 11.05
N ALA A 48 -4.36 4.52 10.19
CA ALA A 48 -4.85 3.26 9.63
C ALA A 48 -3.77 2.57 8.80
N GLY A 49 -2.97 3.37 8.10
CA GLY A 49 -1.88 2.83 7.30
C GLY A 49 -0.75 2.28 8.16
N ALA A 50 -0.45 2.97 9.25
CA ALA A 50 0.58 2.51 10.18
C ALA A 50 0.19 1.20 10.85
N ASN A 51 -1.11 1.06 11.13
CA ASN A 51 -1.61 -0.14 11.80
C ASN A 51 -1.40 -1.38 10.92
N THR A 52 -1.71 -1.24 9.63
CA THR A 52 -1.48 -2.31 8.68
C THR A 52 0.01 -2.57 8.49
N LEU A 53 0.79 -1.50 8.45
CA LEU A 53 2.24 -1.62 8.32
C LEU A 53 2.85 -2.34 9.51
N THR A 54 2.24 -2.17 10.67
CA THR A 54 2.62 -2.92 11.85
C THR A 54 2.33 -4.41 11.67
N GLY A 55 1.20 -4.72 11.06
CA GLY A 55 0.90 -6.10 10.71
C GLY A 55 1.90 -6.68 9.73
N VAL A 56 2.33 -5.88 8.77
CA VAL A 56 3.39 -6.26 7.85
C VAL A 56 4.70 -6.48 8.59
N ALA A 57 5.00 -5.58 9.52
CA ALA A 57 6.20 -5.71 10.35
C ALA A 57 6.16 -6.99 11.18
N MET A 58 4.98 -7.37 11.62
CA MET A 58 4.80 -8.61 12.36
C MET A 58 5.16 -9.81 11.50
N VAL A 59 5.15 -9.62 10.18
CA VAL A 59 5.45 -10.70 9.25
C VAL A 59 6.93 -10.70 8.88
N LEU A 60 7.46 -9.54 8.53
CA LEU A 60 8.84 -9.43 8.08
C LEU A 60 9.81 -9.74 9.22
N LYS A 61 9.52 -9.20 10.40
CA LYS A 61 10.41 -9.34 11.54
C LYS A 61 10.50 -10.80 12.00
N GLU A 62 9.33 -11.44 12.12
CA GLU A 62 9.27 -12.76 12.71
C GLU A 62 9.65 -13.84 11.68
N TYR A 63 9.50 -13.50 10.41
CA TYR A 63 9.86 -14.42 9.34
C TYR A 63 10.93 -13.81 8.44
N PRO A 64 12.19 -13.90 8.88
CA PRO A 64 13.34 -13.37 8.13
C PRO A 64 13.60 -14.17 6.85
N LYS A 65 14.48 -13.66 6.01
CA LYS A 65 14.66 -14.18 4.66
C LYS A 65 13.43 -13.89 3.80
N THR A 66 12.66 -12.89 4.19
CA THR A 66 11.47 -12.50 3.45
C THR A 66 11.55 -11.05 2.98
N ALA A 67 11.20 -10.83 1.71
CA ALA A 67 11.34 -9.51 1.11
C ALA A 67 9.99 -8.82 0.97
N VAL A 68 9.96 -7.54 1.29
CA VAL A 68 8.78 -6.72 1.02
C VAL A 68 9.02 -5.74 -0.11
N ASN A 69 8.12 -5.74 -1.09
CA ASN A 69 8.17 -4.77 -2.18
C ASN A 69 6.92 -3.89 -2.19
N VAL A 70 7.13 -2.58 -2.17
CA VAL A 70 6.02 -1.64 -2.14
C VAL A 70 5.89 -0.90 -3.46
N ILE A 71 4.76 -1.10 -4.14
CA ILE A 71 4.54 -0.51 -5.45
C ILE A 71 3.19 0.19 -5.51
N GLY A 72 3.19 1.44 -5.95
CA GLY A 72 1.96 2.20 -6.10
C GLY A 72 1.97 3.10 -7.31
N TYR A 73 0.78 3.46 -7.79
CA TYR A 73 0.65 4.30 -8.97
C TYR A 73 -0.50 5.30 -8.81
N THR A 74 -0.32 6.48 -9.39
CA THR A 74 -1.40 7.46 -9.46
C THR A 74 -1.22 8.40 -10.65
N ASP A 75 -2.33 8.82 -11.23
CA ASP A 75 -2.29 9.60 -12.47
C ASP A 75 -2.66 11.06 -12.20
N SER A 76 -3.73 11.26 -11.45
CA SER A 76 -4.28 12.60 -11.25
C SER A 76 -3.33 13.46 -10.42
N THR A 77 -2.35 12.81 -9.79
CA THR A 77 -1.42 13.50 -8.91
C THR A 77 -0.18 13.96 -9.67
N GLY A 78 -0.38 14.47 -10.88
CA GLY A 78 0.71 15.06 -11.64
C GLY A 78 1.10 14.20 -12.83
N GLY A 79 2.24 14.51 -13.42
CA GLY A 79 2.70 13.78 -14.59
C GLY A 79 3.46 12.52 -14.22
N HIS A 80 3.87 11.75 -15.22
CA HIS A 80 4.48 10.46 -15.00
C HIS A 80 5.67 10.56 -14.06
N ASP A 81 6.57 11.51 -14.36
CA ASP A 81 7.79 11.66 -13.59
C ASP A 81 7.48 12.05 -12.15
N LEU A 82 6.60 13.03 -11.98
CA LEU A 82 6.20 13.47 -10.64
C LEU A 82 5.46 12.37 -9.89
N ASN A 83 4.65 11.61 -10.62
CA ASN A 83 3.89 10.52 -10.01
C ASN A 83 4.83 9.42 -9.51
N MET A 84 5.83 9.09 -10.31
CA MET A 84 6.88 8.17 -9.88
C MET A 84 7.57 8.67 -8.63
N ARG A 85 7.78 9.98 -8.56
CA ARG A 85 8.44 10.59 -7.41
C ARG A 85 7.58 10.47 -6.15
N LEU A 86 6.29 10.73 -6.31
CA LEU A 86 5.34 10.54 -5.21
C LEU A 86 5.32 9.09 -4.75
N SER A 87 5.27 8.17 -5.71
CA SER A 87 5.24 6.74 -5.41
C SER A 87 6.53 6.30 -4.72
N GLN A 88 7.65 6.91 -5.13
CA GLN A 88 8.92 6.67 -4.48
C GLN A 88 8.88 7.10 -3.01
N GLN A 89 8.25 8.25 -2.77
CA GLN A 89 8.11 8.76 -1.40
C GLN A 89 7.13 7.89 -0.60
N ARG A 90 6.05 7.49 -1.24
CA ARG A 90 5.05 6.65 -0.59
C ARG A 90 5.66 5.31 -0.18
N ALA A 91 6.42 4.70 -1.08
CA ALA A 91 7.07 3.43 -0.80
C ALA A 91 8.10 3.57 0.32
N ASP A 92 8.87 4.66 0.27
CA ASP A 92 9.92 4.89 1.26
C ASP A 92 9.32 5.22 2.63
N SER A 93 8.16 5.88 2.61
CA SER A 93 7.44 6.16 3.84
C SER A 93 7.02 4.86 4.54
N VAL A 94 6.58 3.89 3.75
CA VAL A 94 6.26 2.57 4.27
C VAL A 94 7.51 1.90 4.85
N ALA A 95 8.62 2.01 4.13
CA ALA A 95 9.88 1.43 4.57
C ALA A 95 10.31 2.00 5.91
N SER A 96 10.19 3.32 6.05
CA SER A 96 10.56 4.00 7.29
C SER A 96 9.74 3.46 8.47
N ALA A 97 8.45 3.27 8.24
CA ALA A 97 7.56 2.75 9.28
C ALA A 97 7.96 1.34 9.68
N LEU A 98 8.25 0.50 8.68
CA LEU A 98 8.64 -0.87 8.92
C LEU A 98 9.93 -0.93 9.75
N ILE A 99 10.87 -0.07 9.42
CA ILE A 99 12.12 0.03 10.17
C ILE A 99 11.86 0.45 11.61
N THR A 100 10.95 1.40 11.79
CA THR A 100 10.55 1.84 13.12
C THR A 100 9.89 0.70 13.90
N GLN A 101 9.18 -0.17 13.17
CA GLN A 101 8.44 -1.26 13.80
C GLN A 101 9.35 -2.46 14.02
N GLY A 102 10.63 -2.31 13.68
CA GLY A 102 11.63 -3.27 14.10
C GLY A 102 12.05 -4.20 12.97
N VAL A 103 11.62 -3.87 11.76
CA VAL A 103 12.03 -4.62 10.58
C VAL A 103 13.38 -4.15 10.05
N ASP A 104 14.28 -5.08 9.82
CA ASP A 104 15.59 -4.77 9.27
C ASP A 104 15.46 -4.21 7.86
N ALA A 105 16.16 -3.10 7.59
CA ALA A 105 16.08 -2.44 6.30
C ALA A 105 16.57 -3.37 5.19
N SER A 106 17.39 -4.34 5.56
CA SER A 106 17.93 -5.29 4.59
C SER A 106 16.86 -6.26 4.10
N ARG A 107 15.73 -6.28 4.81
CA ARG A 107 14.59 -7.12 4.42
C ARG A 107 13.60 -6.32 3.59
N ILE A 108 13.84 -5.02 3.46
CA ILE A 108 12.92 -4.14 2.75
C ILE A 108 13.52 -3.68 1.41
N ARG A 109 12.72 -3.73 0.36
CA ARG A 109 13.10 -3.15 -0.92
C ARG A 109 11.94 -2.36 -1.52
N THR A 110 12.18 -1.08 -1.79
CA THR A 110 11.14 -0.19 -2.29
C THR A 110 11.54 0.42 -3.62
N GLN A 111 10.56 0.68 -4.48
CA GLN A 111 10.78 1.45 -5.69
C GLN A 111 9.52 2.19 -6.12
N GLY A 112 9.67 3.47 -6.42
CA GLY A 112 8.54 4.26 -6.89
C GLY A 112 8.31 4.13 -8.38
N LEU A 113 7.06 3.94 -8.78
CA LEU A 113 6.71 3.89 -10.19
C LEU A 113 5.52 4.80 -10.49
N GLY A 114 5.50 5.38 -11.68
CA GLY A 114 4.34 6.14 -12.11
C GLY A 114 3.21 5.25 -12.59
N PRO A 115 2.22 5.86 -13.27
CA PRO A 115 1.09 5.12 -13.84
C PRO A 115 1.54 4.06 -14.85
N ALA A 116 0.95 2.87 -14.74
CA ALA A 116 1.36 1.74 -15.56
C ALA A 116 0.16 1.01 -16.14
N ASN A 117 -0.65 0.42 -15.28
CA ASN A 117 -1.86 -0.27 -15.70
C ASN A 117 -3.04 0.07 -14.80
N PRO A 118 -3.68 1.22 -15.07
CA PRO A 118 -4.81 1.71 -14.27
C PRO A 118 -5.92 0.67 -14.16
N ILE A 119 -6.34 0.38 -12.93
CA ILE A 119 -7.43 -0.54 -12.68
C ILE A 119 -8.69 -0.11 -13.43
N ALA A 120 -8.96 1.18 -13.44
CA ALA A 120 -10.14 1.72 -14.11
C ALA A 120 -9.81 3.01 -14.85
N SER A 121 -10.75 3.47 -15.68
CA SER A 121 -10.58 4.71 -16.41
C SER A 121 -10.65 5.91 -15.46
N ASN A 122 -9.73 6.86 -15.65
CA ASN A 122 -9.73 8.10 -14.87
C ASN A 122 -10.79 9.05 -15.39
N SER A 123 -11.53 8.63 -16.41
CA SER A 123 -12.60 9.44 -16.98
C SER A 123 -13.85 9.38 -16.12
N THR A 124 -13.83 8.51 -15.11
CA THR A 124 -14.90 8.46 -14.14
C THR A 124 -14.40 8.75 -12.73
N ALA A 125 -15.28 9.26 -11.87
CA ALA A 125 -14.93 9.57 -10.49
C ALA A 125 -14.56 8.30 -9.72
N GLU A 126 -15.32 7.23 -9.97
CA GLU A 126 -15.06 5.96 -9.30
C GLU A 126 -13.75 5.34 -9.78
N GLY A 127 -13.50 5.44 -11.08
CA GLY A 127 -12.25 4.93 -11.63
C GLY A 127 -11.04 5.66 -11.09
N LYS A 128 -11.16 6.98 -10.95
CA LYS A 128 -10.09 7.78 -10.37
C LYS A 128 -9.77 7.32 -8.94
N ALA A 129 -10.82 7.04 -8.17
CA ALA A 129 -10.64 6.56 -6.80
C ALA A 129 -9.93 5.21 -6.78
N GLN A 130 -10.34 4.31 -7.67
CA GLN A 130 -9.76 2.97 -7.73
C GLN A 130 -8.31 3.04 -8.22
N ASN A 131 -8.02 4.06 -9.03
CA ASN A 131 -6.68 4.23 -9.57
C ASN A 131 -5.72 4.76 -8.50
N ARG A 132 -6.28 5.33 -7.44
CA ARG A 132 -5.48 5.80 -6.32
C ARG A 132 -5.26 4.69 -5.30
N ARG A 133 -4.43 3.72 -5.66
CA ARG A 133 -4.20 2.55 -4.83
C ARG A 133 -2.72 2.19 -4.79
N VAL A 134 -2.27 1.68 -3.64
CA VAL A 134 -0.90 1.19 -3.50
C VAL A 134 -0.87 -0.21 -2.90
N GLU A 135 0.01 -1.05 -3.45
CA GLU A 135 0.04 -2.46 -3.06
C GLU A 135 1.37 -2.81 -2.41
N ILE A 136 1.31 -3.63 -1.35
CA ILE A 136 2.50 -4.14 -0.71
C ILE A 136 2.62 -5.65 -0.88
N THR A 137 3.76 -6.11 -1.39
CA THR A 137 3.95 -7.52 -1.69
C THR A 137 4.94 -8.16 -0.73
N LEU A 138 4.51 -9.23 -0.07
CA LEU A 138 5.37 -9.96 0.85
C LEU A 138 5.69 -11.36 0.31
N SER A 139 6.98 -11.61 0.08
CA SER A 139 7.41 -12.84 -0.58
C SER A 139 8.74 -13.33 0.00
N PRO A 140 8.76 -14.57 0.49
CA PRO A 140 10.00 -15.22 0.94
C PRO A 140 10.93 -15.58 -0.22
N LEU A 141 12.20 -15.26 -0.05
CA LEU A 141 13.18 -15.48 -1.10
C LEU A 141 14.29 -16.41 -0.64
N LEU A 142 14.63 -16.33 0.64
CA LEU A 142 15.77 -17.07 1.18
C LEU A 142 17.07 -16.60 0.54
N GLU A 143 17.08 -15.36 0.06
CA GLU A 143 18.26 -14.79 -0.57
C GLU A 143 18.09 -13.28 -0.78
N HIS A 144 19.22 -12.60 -0.96
CA HIS A 144 19.21 -11.16 -1.21
C HIS A 144 20.12 -10.81 -2.38
N HIS A 145 19.90 -9.62 -2.95
CA HIS A 145 20.69 -9.16 -4.10
C HIS A 145 21.14 -7.72 -3.90
N HIS A 146 20.21 -6.87 -3.48
CA HIS A 146 20.55 -5.50 -3.12
C HIS A 146 19.42 -4.85 -2.32
N HIS A 147 19.78 -4.01 -1.36
CA HIS A 147 18.79 -3.31 -0.54
C HIS A 147 19.28 -1.91 -0.20
N HIS A 148 18.43 -1.15 0.50
CA HIS A 148 18.73 0.23 0.83
C HIS A 148 17.97 0.67 2.07
N HIS A 149 18.32 1.84 2.59
CA HIS A 149 17.73 2.34 3.83
C HIS A 149 16.74 3.47 3.53
N TYR A 1 -39.57 0.97 7.41
CA TYR A 1 -38.90 0.78 6.12
C TYR A 1 -37.55 1.48 6.10
N TYR A 2 -37.46 2.59 6.81
CA TYR A 2 -36.23 3.38 6.83
C TYR A 2 -35.10 2.63 7.52
N MET A 3 -35.46 1.81 8.50
CA MET A 3 -34.48 1.00 9.22
C MET A 3 -33.94 -0.11 8.32
N ASP A 4 -34.80 -0.62 7.43
CA ASP A 4 -34.38 -1.63 6.47
C ASP A 4 -33.42 -1.04 5.43
N VAL A 5 -33.64 0.23 5.09
CA VAL A 5 -32.78 0.92 4.13
C VAL A 5 -31.40 1.16 4.72
N GLN A 6 -31.37 1.64 5.97
CA GLN A 6 -30.11 1.83 6.67
C GLN A 6 -29.43 0.50 6.95
N GLU A 7 -30.22 -0.51 7.28
CA GLU A 7 -29.69 -1.84 7.55
C GLU A 7 -28.98 -2.40 6.32
N ALA A 8 -29.58 -2.21 5.16
CA ALA A 8 -29.00 -2.67 3.90
C ALA A 8 -27.62 -2.05 3.68
N LYS A 9 -27.52 -0.75 3.94
CA LYS A 9 -26.24 -0.05 3.84
C LYS A 9 -25.24 -0.61 4.85
N LEU A 10 -25.72 -0.89 6.06
CA LEU A 10 -24.88 -1.44 7.11
C LEU A 10 -24.38 -2.83 6.74
N ARG A 11 -25.23 -3.60 6.07
CA ARG A 11 -24.88 -4.94 5.64
C ARG A 11 -23.69 -4.91 4.69
N ASP A 12 -23.69 -3.92 3.78
CA ASP A 12 -22.57 -3.70 2.89
C ASP A 12 -21.33 -3.26 3.67
N LYS A 13 -21.55 -2.39 4.65
CA LYS A 13 -20.46 -1.86 5.46
C LYS A 13 -19.83 -2.95 6.32
N MET A 14 -20.59 -4.00 6.58
CA MET A 14 -20.15 -5.07 7.46
C MET A 14 -19.50 -6.21 6.67
N ARG A 15 -19.31 -5.98 5.37
CA ARG A 15 -18.51 -6.87 4.55
C ARG A 15 -17.40 -6.09 3.83
N GLY A 16 -16.19 -6.15 4.37
CA GLY A 16 -15.06 -5.49 3.74
C GLY A 16 -14.76 -4.14 4.35
N THR A 17 -13.48 -3.79 4.41
CA THR A 17 -13.05 -2.49 4.92
C THR A 17 -12.60 -1.58 3.80
N GLY A 18 -12.43 -2.14 2.60
CA GLY A 18 -11.86 -1.39 1.50
C GLY A 18 -10.46 -1.85 1.15
N VAL A 19 -9.88 -2.69 2.00
CA VAL A 19 -8.57 -3.27 1.74
C VAL A 19 -8.70 -4.60 1.00
N SER A 20 -7.93 -4.77 -0.07
CA SER A 20 -7.95 -6.00 -0.84
C SER A 20 -6.77 -6.89 -0.46
N VAL A 21 -7.08 -8.11 -0.01
CA VAL A 21 -6.05 -9.05 0.40
C VAL A 21 -5.97 -10.23 -0.56
N THR A 22 -4.80 -10.42 -1.17
CA THR A 22 -4.59 -11.50 -2.11
C THR A 22 -3.47 -12.43 -1.66
N ARG A 23 -3.70 -13.73 -1.78
CA ARG A 23 -2.67 -14.71 -1.46
C ARG A 23 -2.33 -15.56 -2.68
N SER A 24 -1.04 -15.82 -2.87
CA SER A 24 -0.57 -16.60 -4.01
C SER A 24 0.66 -17.43 -3.64
N GLY A 25 0.50 -18.74 -3.58
CA GLY A 25 1.59 -19.61 -3.18
C GLY A 25 2.02 -19.38 -1.75
N ASP A 26 3.26 -18.94 -1.57
CA ASP A 26 3.80 -18.69 -0.23
C ASP A 26 3.75 -17.20 0.11
N ASN A 27 3.52 -16.37 -0.91
CA ASN A 27 3.60 -14.92 -0.76
C ASN A 27 2.21 -14.33 -0.51
N ILE A 28 2.19 -13.06 -0.14
CA ILE A 28 0.92 -12.36 0.10
C ILE A 28 0.99 -10.92 -0.40
N ILE A 29 -0.07 -10.48 -1.06
CA ILE A 29 -0.15 -9.12 -1.56
C ILE A 29 -1.25 -8.33 -0.85
N LEU A 30 -0.86 -7.23 -0.21
CA LEU A 30 -1.81 -6.39 0.50
C LEU A 30 -2.05 -5.08 -0.24
N ASN A 31 -3.27 -4.87 -0.70
CA ASN A 31 -3.62 -3.69 -1.48
C ASN A 31 -4.40 -2.69 -0.63
N MET A 32 -3.76 -1.57 -0.31
CA MET A 32 -4.35 -0.57 0.58
C MET A 32 -4.82 0.65 -0.21
N PRO A 33 -6.01 1.16 0.15
CA PRO A 33 -6.50 2.44 -0.37
C PRO A 33 -5.73 3.62 0.20
N ASN A 34 -5.31 4.52 -0.68
CA ASN A 34 -4.43 5.61 -0.29
C ASN A 34 -5.12 6.58 0.67
N ASN A 35 -6.43 6.74 0.48
CA ASN A 35 -7.15 7.85 1.09
C ASN A 35 -7.12 7.73 2.62
N VAL A 36 -6.94 6.51 3.11
CA VAL A 36 -6.99 6.26 4.54
C VAL A 36 -5.59 5.96 5.10
N THR A 37 -4.62 5.82 4.21
CA THR A 37 -3.27 5.44 4.60
C THR A 37 -2.32 6.62 4.49
N PHE A 38 -2.38 7.32 3.36
CA PHE A 38 -1.51 8.48 3.13
C PHE A 38 -2.33 9.76 3.00
N ASP A 39 -1.64 10.89 3.09
CA ASP A 39 -2.32 12.19 3.04
C ASP A 39 -2.64 12.59 1.61
N SER A 40 -3.51 13.58 1.45
CA SER A 40 -3.89 14.06 0.14
C SER A 40 -2.77 14.89 -0.48
N SER A 41 -1.94 15.48 0.36
CA SER A 41 -0.92 16.42 -0.10
C SER A 41 0.44 15.74 -0.19
N SER A 42 0.66 14.75 0.69
CA SER A 42 1.95 14.07 0.76
C SER A 42 1.78 12.65 1.27
N ALA A 43 2.79 11.81 1.03
CA ALA A 43 2.80 10.45 1.57
C ALA A 43 3.12 10.46 3.06
N THR A 44 2.17 10.93 3.86
CA THR A 44 2.32 10.90 5.31
C THR A 44 1.37 9.89 5.94
N LEU A 45 1.93 8.96 6.72
CA LEU A 45 1.18 7.81 7.20
C LEU A 45 0.10 8.25 8.19
N LYS A 46 -1.11 7.74 8.00
CA LYS A 46 -2.18 7.91 8.98
C LYS A 46 -2.22 6.73 9.94
N PRO A 47 -2.86 6.95 11.11
CA PRO A 47 -2.94 5.94 12.17
C PRO A 47 -3.43 4.60 11.64
N ALA A 48 -4.46 4.63 10.79
CA ALA A 48 -4.99 3.42 10.18
C ALA A 48 -3.94 2.72 9.31
N GLY A 49 -3.17 3.53 8.58
CA GLY A 49 -2.12 2.98 7.73
C GLY A 49 -0.96 2.42 8.55
N ALA A 50 -0.63 3.10 9.64
CA ALA A 50 0.47 2.66 10.49
C ALA A 50 0.16 1.32 11.14
N ASN A 51 -1.09 1.11 11.50
CA ASN A 51 -1.52 -0.14 12.12
C ASN A 51 -1.35 -1.31 11.17
N THR A 52 -1.70 -1.09 9.90
CA THR A 52 -1.51 -2.10 8.87
C THR A 52 -0.02 -2.38 8.64
N LEU A 53 0.77 -1.31 8.57
CA LEU A 53 2.19 -1.43 8.33
C LEU A 53 2.88 -2.12 9.50
N THR A 54 2.31 -1.96 10.69
CA THR A 54 2.77 -2.69 11.86
C THR A 54 2.56 -4.20 11.68
N GLY A 55 1.44 -4.57 11.09
CA GLY A 55 1.21 -5.96 10.72
C GLY A 55 2.20 -6.45 9.70
N VAL A 56 2.50 -5.63 8.71
CA VAL A 56 3.50 -5.96 7.71
C VAL A 56 4.88 -6.14 8.35
N ALA A 57 5.24 -5.21 9.23
CA ALA A 57 6.50 -5.29 9.95
C ALA A 57 6.53 -6.52 10.86
N MET A 58 5.38 -6.85 11.43
CA MET A 58 5.27 -8.01 12.32
C MET A 58 5.59 -9.30 11.58
N VAL A 59 5.27 -9.33 10.28
CA VAL A 59 5.51 -10.51 9.47
C VAL A 59 6.97 -10.59 9.03
N LEU A 60 7.49 -9.46 8.54
CA LEU A 60 8.87 -9.41 8.09
C LEU A 60 9.84 -9.64 9.24
N LYS A 61 9.54 -9.05 10.39
CA LYS A 61 10.44 -9.08 11.54
C LYS A 61 10.54 -10.49 12.12
N GLU A 62 9.39 -11.13 12.29
CA GLU A 62 9.34 -12.43 12.96
C GLU A 62 9.66 -13.56 11.98
N TYR A 63 9.43 -13.31 10.70
CA TYR A 63 9.73 -14.28 9.66
C TYR A 63 10.75 -13.75 8.67
N PRO A 64 12.04 -13.85 9.04
CA PRO A 64 13.14 -13.38 8.20
C PRO A 64 13.33 -14.24 6.96
N LYS A 65 14.33 -13.91 6.15
CA LYS A 65 14.48 -14.50 4.84
C LYS A 65 13.33 -14.10 3.92
N THR A 66 12.66 -13.01 4.26
CA THR A 66 11.48 -12.57 3.53
C THR A 66 11.66 -11.14 3.01
N ALA A 67 11.34 -10.94 1.74
CA ALA A 67 11.50 -9.63 1.12
C ALA A 67 10.14 -8.97 0.87
N VAL A 68 10.06 -7.67 1.15
CA VAL A 68 8.86 -6.90 0.84
C VAL A 68 9.13 -5.89 -0.27
N ASN A 69 8.24 -5.85 -1.25
CA ASN A 69 8.32 -4.86 -2.32
C ASN A 69 7.05 -4.01 -2.37
N VAL A 70 7.23 -2.70 -2.45
CA VAL A 70 6.11 -1.76 -2.43
C VAL A 70 5.98 -1.02 -3.75
N ILE A 71 4.80 -1.13 -4.36
CA ILE A 71 4.52 -0.40 -5.60
C ILE A 71 3.21 0.36 -5.48
N GLY A 72 3.27 1.68 -5.69
CA GLY A 72 2.07 2.48 -5.79
C GLY A 72 1.98 3.23 -7.11
N TYR A 73 0.77 3.56 -7.53
CA TYR A 73 0.56 4.28 -8.78
C TYR A 73 -0.55 5.32 -8.63
N THR A 74 -0.53 6.32 -9.50
CA THR A 74 -1.55 7.37 -9.48
C THR A 74 -1.49 8.21 -10.76
N ASP A 75 -2.63 8.75 -11.15
CA ASP A 75 -2.76 9.40 -12.45
C ASP A 75 -2.82 10.91 -12.30
N SER A 76 -3.81 11.39 -11.55
CA SER A 76 -4.25 12.77 -11.64
C SER A 76 -3.50 13.66 -10.66
N THR A 77 -2.52 13.06 -9.98
CA THR A 77 -1.68 13.81 -9.04
C THR A 77 -0.40 14.30 -9.70
N GLY A 78 -0.52 14.76 -10.95
CA GLY A 78 0.63 15.28 -11.66
C GLY A 78 0.94 14.49 -12.92
N GLY A 79 2.14 14.67 -13.44
CA GLY A 79 2.55 13.95 -14.63
C GLY A 79 3.14 12.59 -14.31
N HIS A 80 3.52 11.85 -15.35
CA HIS A 80 4.10 10.52 -15.16
C HIS A 80 5.30 10.57 -14.24
N ASP A 81 6.23 11.48 -14.53
CA ASP A 81 7.46 11.59 -13.76
C ASP A 81 7.17 12.01 -12.32
N LEU A 82 6.29 12.99 -12.17
CA LEU A 82 5.93 13.49 -10.84
C LEU A 82 5.21 12.42 -10.03
N ASN A 83 4.33 11.67 -10.69
CA ASN A 83 3.61 10.58 -10.04
C ASN A 83 4.56 9.48 -9.60
N MET A 84 5.56 9.20 -10.42
CA MET A 84 6.63 8.27 -10.05
C MET A 84 7.39 8.77 -8.83
N ARG A 85 7.63 10.08 -8.78
CA ARG A 85 8.33 10.69 -7.66
C ARG A 85 7.49 10.60 -6.39
N LEU A 86 6.19 10.81 -6.52
CA LEU A 86 5.26 10.63 -5.41
C LEU A 86 5.22 9.17 -4.97
N SER A 87 5.29 8.26 -5.93
CA SER A 87 5.33 6.84 -5.63
C SER A 87 6.62 6.47 -4.90
N GLN A 88 7.71 7.13 -5.26
CA GLN A 88 8.99 6.94 -4.59
C GLN A 88 8.90 7.37 -3.13
N GLN A 89 8.26 8.51 -2.90
CA GLN A 89 8.01 8.97 -1.54
C GLN A 89 7.08 8.03 -0.80
N ARG A 90 6.02 7.59 -1.48
CA ARG A 90 5.04 6.70 -0.87
C ARG A 90 5.68 5.37 -0.47
N ALA A 91 6.49 4.81 -1.36
CA ALA A 91 7.17 3.56 -1.10
C ALA A 91 8.16 3.70 0.05
N ASP A 92 8.89 4.81 0.05
CA ASP A 92 9.90 5.06 1.08
C ASP A 92 9.25 5.28 2.44
N SER A 93 8.05 5.85 2.44
CA SER A 93 7.30 6.05 3.67
C SER A 93 6.98 4.72 4.33
N VAL A 94 6.60 3.74 3.52
CA VAL A 94 6.36 2.39 4.00
C VAL A 94 7.65 1.75 4.54
N ALA A 95 8.72 1.89 3.78
CA ALA A 95 10.01 1.30 4.15
C ALA A 95 10.50 1.89 5.48
N SER A 96 10.36 3.19 5.63
CA SER A 96 10.81 3.87 6.85
C SER A 96 10.06 3.34 8.07
N ALA A 97 8.75 3.16 7.92
CA ALA A 97 7.92 2.67 9.01
C ALA A 97 8.33 1.26 9.42
N LEU A 98 8.54 0.40 8.43
CA LEU A 98 8.92 -0.99 8.69
C LEU A 98 10.28 -1.05 9.39
N ILE A 99 11.21 -0.22 8.94
CA ILE A 99 12.52 -0.13 9.57
C ILE A 99 12.41 0.38 11.00
N THR A 100 11.52 1.35 11.21
CA THR A 100 11.28 1.89 12.55
C THR A 100 10.73 0.81 13.48
N GLN A 101 9.95 -0.11 12.91
CA GLN A 101 9.33 -1.18 13.69
C GLN A 101 10.32 -2.31 13.94
N GLY A 102 11.52 -2.18 13.40
CA GLY A 102 12.61 -3.08 13.75
C GLY A 102 12.88 -4.10 12.66
N VAL A 103 12.30 -3.89 11.49
CA VAL A 103 12.57 -4.74 10.34
C VAL A 103 13.88 -4.35 9.66
N ASP A 104 14.73 -5.34 9.43
CA ASP A 104 16.03 -5.11 8.80
C ASP A 104 15.86 -4.55 7.38
N ALA A 105 16.63 -3.54 7.05
CA ALA A 105 16.56 -2.92 5.73
C ALA A 105 16.86 -3.94 4.63
N SER A 106 17.60 -4.99 4.99
CA SER A 106 17.94 -6.05 4.05
C SER A 106 16.70 -6.84 3.66
N ARG A 107 15.66 -6.74 4.48
CA ARG A 107 14.41 -7.45 4.22
C ARG A 107 13.43 -6.56 3.47
N ILE A 108 13.79 -5.28 3.31
CA ILE A 108 12.93 -4.32 2.65
C ILE A 108 13.59 -3.76 1.38
N ARG A 109 12.90 -3.87 0.26
CA ARG A 109 13.35 -3.26 -0.98
C ARG A 109 12.18 -2.65 -1.75
N THR A 110 12.16 -1.32 -1.83
CA THR A 110 11.02 -0.61 -2.39
C THR A 110 11.45 0.37 -3.47
N GLN A 111 10.57 0.59 -4.44
CA GLN A 111 10.86 1.52 -5.53
C GLN A 111 9.63 2.33 -5.89
N GLY A 112 9.84 3.59 -6.27
CA GLY A 112 8.75 4.42 -6.74
C GLY A 112 8.54 4.31 -8.24
N LEU A 113 7.36 3.86 -8.64
CA LEU A 113 7.03 3.72 -10.05
C LEU A 113 5.81 4.57 -10.41
N GLY A 114 5.78 5.06 -11.64
CA GLY A 114 4.64 5.84 -12.11
C GLY A 114 3.47 4.95 -12.52
N PRO A 115 2.47 5.57 -13.14
CA PRO A 115 1.27 4.86 -13.61
C PRO A 115 1.61 3.82 -14.69
N ALA A 116 1.08 2.61 -14.50
CA ALA A 116 1.42 1.50 -15.39
C ALA A 116 0.17 0.72 -15.78
N ASN A 117 -0.47 0.10 -14.80
CA ASN A 117 -1.66 -0.71 -15.05
C ASN A 117 -2.77 -0.36 -14.06
N PRO A 118 -3.49 0.73 -14.34
CA PRO A 118 -4.53 1.25 -13.44
C PRO A 118 -5.76 0.34 -13.40
N ILE A 119 -6.37 0.25 -12.22
CA ILE A 119 -7.55 -0.59 -12.04
C ILE A 119 -8.73 -0.07 -12.86
N ALA A 120 -9.01 1.22 -12.75
CA ALA A 120 -10.17 1.81 -13.41
C ALA A 120 -9.84 3.20 -13.93
N SER A 121 -10.68 3.70 -14.84
CA SER A 121 -10.44 4.99 -15.48
C SER A 121 -10.58 6.13 -14.46
N ASN A 122 -9.72 7.13 -14.61
CA ASN A 122 -9.79 8.32 -13.75
C ASN A 122 -10.96 9.20 -14.14
N SER A 123 -11.62 8.85 -15.25
CA SER A 123 -12.68 9.67 -15.79
C SER A 123 -13.96 9.52 -14.99
N THR A 124 -13.94 8.59 -14.04
CA THR A 124 -15.05 8.42 -13.10
C THR A 124 -14.59 8.64 -11.67
N ALA A 125 -15.53 9.02 -10.80
CA ALA A 125 -15.22 9.27 -9.39
C ALA A 125 -14.77 7.99 -8.71
N GLU A 126 -15.44 6.88 -9.03
CA GLU A 126 -15.05 5.57 -8.50
C GLU A 126 -13.70 5.15 -9.05
N GLY A 127 -13.45 5.45 -10.32
CA GLY A 127 -12.17 5.12 -10.94
C GLY A 127 -11.02 5.84 -10.28
N LYS A 128 -11.23 7.10 -9.92
CA LYS A 128 -10.21 7.87 -9.23
C LYS A 128 -9.84 7.21 -7.90
N ALA A 129 -10.85 6.72 -7.19
CA ALA A 129 -10.63 6.00 -5.94
C ALA A 129 -9.86 4.70 -6.18
N GLN A 130 -10.20 4.01 -7.26
CA GLN A 130 -9.52 2.77 -7.62
C GLN A 130 -8.09 3.05 -8.09
N ASN A 131 -7.87 4.27 -8.59
CA ASN A 131 -6.54 4.68 -9.00
C ASN A 131 -5.70 5.08 -7.80
N ARG A 132 -6.36 5.42 -6.70
CA ARG A 132 -5.68 5.71 -5.45
C ARG A 132 -5.42 4.44 -4.65
N ARG A 133 -4.63 3.53 -5.23
CA ARG A 133 -4.35 2.25 -4.59
C ARG A 133 -2.85 2.00 -4.54
N VAL A 134 -2.40 1.36 -3.47
CA VAL A 134 -0.99 0.97 -3.35
C VAL A 134 -0.87 -0.48 -2.90
N GLU A 135 0.10 -1.19 -3.49
CA GLU A 135 0.24 -2.62 -3.25
C GLU A 135 1.55 -2.92 -2.51
N ILE A 136 1.44 -3.67 -1.43
CA ILE A 136 2.62 -4.14 -0.70
C ILE A 136 2.72 -5.65 -0.74
N THR A 137 3.81 -6.16 -1.30
CA THR A 137 3.96 -7.58 -1.56
C THR A 137 5.04 -8.19 -0.67
N LEU A 138 4.67 -9.22 0.09
CA LEU A 138 5.64 -9.93 0.92
C LEU A 138 5.87 -11.34 0.38
N SER A 139 7.14 -11.68 0.16
CA SER A 139 7.50 -12.96 -0.43
C SER A 139 8.80 -13.49 0.15
N PRO A 140 8.76 -14.71 0.69
CA PRO A 140 9.96 -15.40 1.18
C PRO A 140 10.87 -15.84 0.05
N LEU A 141 12.15 -15.49 0.16
CA LEU A 141 13.11 -15.75 -0.91
C LEU A 141 14.23 -16.65 -0.42
N LEU A 142 14.46 -16.65 0.89
CA LEU A 142 15.56 -17.40 1.48
C LEU A 142 16.90 -16.99 0.89
N GLU A 143 16.99 -15.72 0.49
CA GLU A 143 18.21 -15.19 -0.11
C GLU A 143 18.17 -13.67 -0.20
N HIS A 144 19.32 -13.06 -0.43
CA HIS A 144 19.41 -11.61 -0.54
C HIS A 144 20.53 -11.20 -1.50
N HIS A 145 20.30 -10.14 -2.26
CA HIS A 145 21.28 -9.67 -3.24
C HIS A 145 21.68 -8.22 -2.95
N HIS A 146 20.69 -7.34 -2.87
CA HIS A 146 20.94 -5.93 -2.61
C HIS A 146 19.68 -5.23 -2.09
N HIS A 147 19.87 -4.06 -1.49
CA HIS A 147 18.73 -3.26 -1.04
C HIS A 147 19.11 -1.77 -1.03
N HIS A 148 18.12 -0.93 -0.74
CA HIS A 148 18.34 0.52 -0.73
C HIS A 148 17.26 1.22 0.09
N HIS A 149 17.46 2.51 0.33
CA HIS A 149 16.50 3.29 1.11
C HIS A 149 15.78 4.29 0.21
N TYR A 1 -34.69 4.35 11.10
CA TYR A 1 -33.81 4.42 9.92
C TYR A 1 -32.49 5.09 10.28
N TYR A 2 -32.53 6.00 11.24
CA TYR A 2 -31.33 6.74 11.65
C TYR A 2 -30.25 5.79 12.15
N MET A 3 -30.65 4.83 12.99
CA MET A 3 -29.72 3.86 13.55
C MET A 3 -29.27 2.87 12.49
N ASP A 4 -30.15 2.60 11.53
CA ASP A 4 -29.83 1.70 10.42
C ASP A 4 -28.72 2.29 9.54
N VAL A 5 -28.71 3.61 9.43
CA VAL A 5 -27.70 4.30 8.63
C VAL A 5 -26.39 4.41 9.40
N GLN A 6 -26.48 4.82 10.66
CA GLN A 6 -25.30 4.98 11.50
C GLN A 6 -24.61 3.63 11.73
N GLU A 7 -25.42 2.59 11.95
CA GLU A 7 -24.89 1.26 12.24
C GLU A 7 -24.05 0.75 11.08
N ALA A 8 -24.56 0.91 9.87
CA ALA A 8 -23.86 0.43 8.67
C ALA A 8 -22.49 1.10 8.53
N LYS A 9 -22.45 2.40 8.73
CA LYS A 9 -21.20 3.15 8.68
C LYS A 9 -20.26 2.71 9.78
N LEU A 10 -20.80 2.50 10.98
CA LEU A 10 -19.98 2.09 12.12
C LEU A 10 -19.39 0.70 11.89
N ARG A 11 -20.19 -0.20 11.32
CA ARG A 11 -19.73 -1.56 11.05
C ARG A 11 -18.62 -1.56 10.01
N ASP A 12 -18.75 -0.71 9.00
CA ASP A 12 -17.73 -0.57 7.97
C ASP A 12 -16.44 -0.01 8.57
N LYS A 13 -16.57 0.99 9.43
CA LYS A 13 -15.42 1.62 10.05
C LYS A 13 -14.75 0.68 11.05
N MET A 14 -15.54 -0.21 11.64
CA MET A 14 -15.04 -1.10 12.68
C MET A 14 -14.75 -2.49 12.11
N ARG A 15 -14.90 -2.63 10.80
CA ARG A 15 -14.53 -3.86 10.11
C ARG A 15 -13.58 -3.58 8.95
N GLY A 16 -12.29 -3.75 9.19
CA GLY A 16 -11.31 -3.62 8.13
C GLY A 16 -10.71 -2.22 8.06
N THR A 17 -9.48 -2.13 7.56
CA THR A 17 -8.84 -0.84 7.37
C THR A 17 -9.12 -0.28 5.99
N GLY A 18 -9.82 -1.07 5.17
CA GLY A 18 -10.02 -0.70 3.77
C GLY A 18 -9.01 -1.36 2.86
N VAL A 19 -8.07 -2.10 3.45
CA VAL A 19 -7.03 -2.76 2.67
C VAL A 19 -7.43 -4.18 2.30
N SER A 20 -7.22 -4.54 1.04
CA SER A 20 -7.57 -5.87 0.55
C SER A 20 -6.38 -6.83 0.65
N VAL A 21 -6.61 -7.98 1.28
CA VAL A 21 -5.56 -8.97 1.46
C VAL A 21 -5.76 -10.16 0.54
N THR A 22 -4.78 -10.40 -0.32
CA THR A 22 -4.86 -11.51 -1.27
C THR A 22 -3.70 -12.47 -1.11
N ARG A 23 -4.01 -13.77 -1.15
CA ARG A 23 -2.99 -14.80 -1.03
C ARG A 23 -2.81 -15.54 -2.36
N SER A 24 -1.57 -15.83 -2.71
CA SER A 24 -1.26 -16.55 -3.94
C SER A 24 -0.03 -17.43 -3.78
N GLY A 25 -0.22 -18.73 -3.89
CA GLY A 25 0.86 -19.67 -3.66
C GLY A 25 1.42 -19.56 -2.25
N ASP A 26 2.73 -19.35 -2.16
CA ASP A 26 3.39 -19.24 -0.85
C ASP A 26 3.67 -17.78 -0.52
N ASN A 27 3.10 -16.87 -1.31
CA ASN A 27 3.31 -15.44 -1.11
C ASN A 27 2.00 -14.73 -0.82
N ILE A 28 2.09 -13.47 -0.43
CA ILE A 28 0.90 -12.69 -0.06
C ILE A 28 1.01 -11.25 -0.55
N ILE A 29 -0.07 -10.74 -1.13
CA ILE A 29 -0.08 -9.39 -1.65
C ILE A 29 -1.17 -8.55 -0.96
N LEU A 30 -0.77 -7.39 -0.45
CA LEU A 30 -1.72 -6.47 0.19
C LEU A 30 -1.99 -5.27 -0.71
N ASN A 31 -3.25 -5.10 -1.10
CA ASN A 31 -3.63 -3.98 -1.96
C ASN A 31 -4.34 -2.90 -1.16
N MET A 32 -3.67 -1.76 -0.98
CA MET A 32 -4.18 -0.69 -0.14
C MET A 32 -4.36 0.60 -0.94
N PRO A 33 -5.55 1.20 -0.83
CA PRO A 33 -5.85 2.49 -1.46
C PRO A 33 -5.18 3.65 -0.74
N ASN A 34 -4.74 4.65 -1.51
CA ASN A 34 -4.05 5.80 -0.95
C ASN A 34 -4.90 6.48 0.11
N ASN A 35 -6.22 6.45 -0.08
CA ASN A 35 -7.13 7.30 0.68
C ASN A 35 -7.11 6.91 2.16
N VAL A 36 -6.81 5.65 2.43
CA VAL A 36 -6.95 5.11 3.79
C VAL A 36 -5.57 4.93 4.43
N THR A 37 -4.54 4.83 3.61
CA THR A 37 -3.19 4.57 4.10
C THR A 37 -2.40 5.86 4.27
N PHE A 38 -2.37 6.67 3.22
CA PHE A 38 -1.63 7.93 3.25
C PHE A 38 -2.58 9.12 3.12
N ASP A 39 -2.05 10.32 3.34
CA ASP A 39 -2.76 11.55 3.04
C ASP A 39 -3.04 11.66 1.54
N SER A 40 -4.18 12.22 1.19
CA SER A 40 -4.60 12.31 -0.21
C SER A 40 -3.67 13.21 -0.99
N SER A 41 -3.01 14.13 -0.29
CA SER A 41 -2.18 15.15 -0.93
C SER A 41 -0.70 14.87 -0.71
N SER A 42 -0.40 14.09 0.33
CA SER A 42 0.98 13.87 0.75
C SER A 42 1.22 12.41 1.11
N ALA A 43 2.42 11.93 0.82
CA ALA A 43 2.87 10.63 1.31
C ALA A 43 3.16 10.69 2.81
N THR A 44 2.15 11.07 3.58
CA THR A 44 2.25 11.02 5.04
C THR A 44 1.29 9.97 5.62
N LEU A 45 1.84 9.05 6.40
CA LEU A 45 1.11 7.87 6.82
C LEU A 45 -0.02 8.24 7.79
N LYS A 46 -1.20 7.71 7.54
CA LYS A 46 -2.33 7.85 8.46
C LYS A 46 -2.38 6.68 9.43
N PRO A 47 -3.06 6.88 10.57
CA PRO A 47 -3.16 5.87 11.63
C PRO A 47 -3.63 4.53 11.09
N ALA A 48 -4.66 4.55 10.23
CA ALA A 48 -5.18 3.34 9.63
C ALA A 48 -4.12 2.65 8.76
N GLY A 49 -3.30 3.45 8.09
CA GLY A 49 -2.21 2.90 7.31
C GLY A 49 -1.12 2.30 8.17
N ALA A 50 -0.86 2.93 9.32
CA ALA A 50 0.12 2.43 10.26
C ALA A 50 -0.30 1.08 10.83
N ASN A 51 -1.61 0.92 11.06
CA ASN A 51 -2.14 -0.33 11.58
C ASN A 51 -1.91 -1.48 10.59
N THR A 52 -2.16 -1.21 9.32
CA THR A 52 -1.92 -2.20 8.27
C THR A 52 -0.43 -2.49 8.12
N LEU A 53 0.37 -1.43 8.15
CA LEU A 53 1.82 -1.56 8.02
C LEU A 53 2.40 -2.33 9.20
N THR A 54 1.75 -2.22 10.35
CA THR A 54 2.10 -3.03 11.50
C THR A 54 1.83 -4.51 11.24
N GLY A 55 0.73 -4.79 10.53
CA GLY A 55 0.47 -6.15 10.08
C GLY A 55 1.54 -6.67 9.15
N VAL A 56 2.01 -5.82 8.25
CA VAL A 56 3.13 -6.15 7.38
C VAL A 56 4.41 -6.37 8.19
N ALA A 57 4.65 -5.50 9.16
CA ALA A 57 5.79 -5.64 10.05
C ALA A 57 5.72 -6.94 10.85
N MET A 58 4.50 -7.34 11.20
CA MET A 58 4.28 -8.59 11.91
C MET A 58 4.81 -9.77 11.10
N VAL A 59 4.88 -9.59 9.78
CA VAL A 59 5.25 -10.67 8.88
C VAL A 59 6.75 -10.66 8.61
N LEU A 60 7.28 -9.49 8.27
CA LEU A 60 8.69 -9.37 7.91
C LEU A 60 9.58 -9.53 9.13
N LYS A 61 9.13 -9.02 10.27
CA LYS A 61 9.93 -9.03 11.49
C LYS A 61 10.10 -10.45 12.01
N GLU A 62 9.03 -11.22 11.99
CA GLU A 62 9.05 -12.58 12.52
C GLU A 62 9.64 -13.55 11.50
N TYR A 63 9.47 -13.24 10.22
CA TYR A 63 9.91 -14.12 9.15
C TYR A 63 10.92 -13.42 8.26
N PRO A 64 12.20 -13.45 8.68
CA PRO A 64 13.30 -12.83 7.92
C PRO A 64 13.64 -13.63 6.66
N LYS A 65 14.41 -13.02 5.76
CA LYS A 65 14.72 -13.64 4.48
C LYS A 65 13.49 -13.64 3.57
N THR A 66 12.66 -12.61 3.70
CA THR A 66 11.50 -12.45 2.84
C THR A 66 11.65 -11.25 1.91
N ALA A 67 11.31 -11.43 0.64
CA ALA A 67 11.50 -10.38 -0.36
C ALA A 67 10.30 -9.44 -0.40
N VAL A 68 10.58 -8.14 -0.41
CA VAL A 68 9.52 -7.14 -0.38
C VAL A 68 9.52 -6.31 -1.66
N ASN A 69 8.37 -6.26 -2.33
CA ASN A 69 8.19 -5.37 -3.47
C ASN A 69 7.01 -4.43 -3.24
N VAL A 70 7.31 -3.15 -3.04
CA VAL A 70 6.27 -2.15 -2.84
C VAL A 70 6.12 -1.26 -4.07
N ILE A 71 4.96 -1.33 -4.72
CA ILE A 71 4.72 -0.59 -5.94
C ILE A 71 3.38 0.17 -5.87
N GLY A 72 3.45 1.48 -6.04
CA GLY A 72 2.24 2.27 -6.17
C GLY A 72 2.18 3.01 -7.50
N TYR A 73 0.98 3.44 -7.88
CA TYR A 73 0.80 4.19 -9.11
C TYR A 73 -0.32 5.22 -8.96
N THR A 74 -0.21 6.32 -9.70
CA THR A 74 -1.23 7.37 -9.68
C THR A 74 -0.97 8.40 -10.76
N ASP A 75 -2.04 9.00 -11.27
CA ASP A 75 -1.94 10.01 -12.31
C ASP A 75 -2.48 11.35 -11.82
N SER A 76 -3.59 11.31 -11.11
CA SER A 76 -4.33 12.52 -10.76
C SER A 76 -3.82 13.12 -9.46
N THR A 77 -2.51 13.00 -9.24
CA THR A 77 -1.90 13.52 -8.02
C THR A 77 -0.69 14.38 -8.36
N GLY A 78 -0.80 15.19 -9.40
CA GLY A 78 0.27 16.09 -9.79
C GLY A 78 0.77 15.83 -11.19
N GLY A 79 2.01 16.25 -11.46
CA GLY A 79 2.57 16.08 -12.79
C GLY A 79 3.28 14.75 -12.95
N HIS A 80 3.96 14.59 -14.07
CA HIS A 80 4.67 13.34 -14.36
C HIS A 80 5.73 13.06 -13.29
N ASP A 81 6.62 14.02 -13.09
CA ASP A 81 7.71 13.86 -12.14
C ASP A 81 7.17 13.72 -10.72
N LEU A 82 6.17 14.53 -10.39
CA LEU A 82 5.59 14.53 -9.05
C LEU A 82 4.89 13.21 -8.76
N ASN A 83 4.21 12.69 -9.77
CA ASN A 83 3.52 11.39 -9.64
C ASN A 83 4.53 10.28 -9.36
N MET A 84 5.69 10.35 -10.01
CA MET A 84 6.74 9.36 -9.81
C MET A 84 7.40 9.53 -8.45
N ARG A 85 7.60 10.78 -8.05
CA ARG A 85 8.22 11.09 -6.76
C ARG A 85 7.30 10.68 -5.62
N LEU A 86 6.00 10.88 -5.81
CA LEU A 86 5.01 10.47 -4.82
C LEU A 86 4.97 8.95 -4.69
N SER A 87 5.07 8.26 -5.82
CA SER A 87 5.11 6.81 -5.83
C SER A 87 6.33 6.29 -5.07
N GLN A 88 7.48 6.92 -5.30
CA GLN A 88 8.70 6.57 -4.59
C GLN A 88 8.58 6.89 -3.10
N GLN A 89 8.04 8.05 -2.79
CA GLN A 89 7.96 8.52 -1.41
C GLN A 89 6.95 7.70 -0.61
N ARG A 90 5.82 7.40 -1.22
CA ARG A 90 4.77 6.62 -0.57
C ARG A 90 5.26 5.21 -0.27
N ALA A 91 5.99 4.62 -1.22
CA ALA A 91 6.63 3.33 -1.01
C ALA A 91 7.67 3.41 0.11
N ASP A 92 8.46 4.48 0.09
CA ASP A 92 9.49 4.68 1.09
C ASP A 92 8.88 4.99 2.45
N SER A 93 7.73 5.65 2.43
CA SER A 93 7.00 5.97 3.66
C SER A 93 6.53 4.69 4.34
N VAL A 94 6.16 3.70 3.54
CA VAL A 94 5.89 2.36 4.06
C VAL A 94 7.14 1.77 4.71
N ALA A 95 8.26 1.89 4.04
CA ALA A 95 9.53 1.34 4.54
C ALA A 95 9.91 1.98 5.87
N SER A 96 9.75 3.30 5.94
CA SER A 96 10.10 4.05 7.15
C SER A 96 9.30 3.54 8.35
N ALA A 97 8.01 3.32 8.14
CA ALA A 97 7.14 2.82 9.20
C ALA A 97 7.56 1.43 9.64
N LEU A 98 7.84 0.56 8.68
CA LEU A 98 8.26 -0.80 8.97
C LEU A 98 9.57 -0.81 9.77
N ILE A 99 10.49 0.06 9.38
CA ILE A 99 11.75 0.22 10.11
C ILE A 99 11.51 0.67 11.54
N THR A 100 10.56 1.60 11.71
CA THR A 100 10.17 2.06 13.04
C THR A 100 9.58 0.92 13.86
N GLN A 101 8.90 0.01 13.19
CA GLN A 101 8.23 -1.10 13.85
C GLN A 101 9.22 -2.23 14.15
N GLY A 102 10.48 -2.03 13.76
CA GLY A 102 11.53 -2.94 14.16
C GLY A 102 11.93 -3.89 13.06
N VAL A 103 11.45 -3.63 11.85
CA VAL A 103 11.82 -4.43 10.69
C VAL A 103 13.11 -3.94 10.07
N ASP A 104 14.07 -4.84 9.89
CA ASP A 104 15.37 -4.49 9.33
C ASP A 104 15.22 -3.89 7.93
N ALA A 105 15.91 -2.77 7.70
CA ALA A 105 15.85 -2.11 6.41
C ALA A 105 16.33 -3.02 5.28
N SER A 106 17.18 -3.98 5.63
CA SER A 106 17.70 -4.93 4.66
C SER A 106 16.62 -5.91 4.21
N ARG A 107 15.54 -5.99 4.99
CA ARG A 107 14.44 -6.89 4.68
C ARG A 107 13.36 -6.18 3.86
N ILE A 108 13.55 -4.88 3.66
CA ILE A 108 12.57 -4.07 2.94
C ILE A 108 13.16 -3.51 1.65
N ARG A 109 12.43 -3.67 0.55
CA ARG A 109 12.79 -3.04 -0.71
C ARG A 109 11.58 -2.37 -1.35
N THR A 110 11.81 -1.20 -1.94
CA THR A 110 10.73 -0.40 -2.52
C THR A 110 11.11 0.11 -3.90
N GLN A 111 10.10 0.34 -4.73
CA GLN A 111 10.30 1.02 -6.01
C GLN A 111 9.16 1.99 -6.30
N GLY A 112 9.51 3.24 -6.56
CA GLY A 112 8.52 4.21 -7.02
C GLY A 112 8.30 4.16 -8.52
N LEU A 113 7.42 3.26 -8.95
CA LEU A 113 7.15 3.08 -10.37
C LEU A 113 5.85 3.77 -10.77
N GLY A 114 5.73 4.10 -12.05
CA GLY A 114 4.49 4.67 -12.56
C GLY A 114 3.44 3.62 -12.83
N PRO A 115 2.32 4.03 -13.44
CA PRO A 115 1.22 3.13 -13.79
C PRO A 115 1.71 1.92 -14.60
N ALA A 116 1.19 0.75 -14.26
CA ALA A 116 1.59 -0.48 -14.93
C ALA A 116 0.37 -1.28 -15.39
N ASN A 117 -0.48 -1.64 -14.42
CA ASN A 117 -1.76 -2.27 -14.74
C ASN A 117 -2.89 -1.61 -13.97
N PRO A 118 -3.34 -0.45 -14.46
CA PRO A 118 -4.40 0.33 -13.81
C PRO A 118 -5.74 -0.39 -13.83
N ILE A 119 -6.51 -0.23 -12.75
CA ILE A 119 -7.76 -0.97 -12.59
C ILE A 119 -8.85 -0.40 -13.49
N ALA A 120 -9.09 0.90 -13.37
CA ALA A 120 -10.18 1.54 -14.10
C ALA A 120 -9.75 2.88 -14.67
N SER A 121 -10.48 3.37 -15.66
CA SER A 121 -10.12 4.61 -16.35
C SER A 121 -10.27 5.81 -15.41
N ASN A 122 -9.33 6.74 -15.53
CA ASN A 122 -9.39 7.98 -14.75
C ASN A 122 -10.46 8.92 -15.29
N SER A 123 -11.12 8.49 -16.36
CA SER A 123 -12.18 9.29 -16.97
C SER A 123 -13.46 9.21 -16.16
N THR A 124 -13.47 8.33 -15.15
CA THR A 124 -14.57 8.26 -14.21
C THR A 124 -14.10 8.58 -12.79
N ALA A 125 -15.02 9.06 -11.96
CA ALA A 125 -14.71 9.39 -10.58
C ALA A 125 -14.26 8.14 -9.81
N GLU A 126 -14.91 7.02 -10.06
CA GLU A 126 -14.54 5.76 -9.45
C GLU A 126 -13.16 5.31 -9.94
N GLY A 127 -12.92 5.47 -11.23
CA GLY A 127 -11.64 5.07 -11.80
C GLY A 127 -10.48 5.83 -11.20
N LYS A 128 -10.68 7.12 -10.96
CA LYS A 128 -9.65 7.96 -10.37
C LYS A 128 -9.21 7.40 -9.01
N ALA A 129 -10.18 6.97 -8.21
CA ALA A 129 -9.89 6.34 -6.93
C ALA A 129 -9.16 5.02 -7.13
N GLN A 130 -9.63 4.22 -8.09
CA GLN A 130 -9.02 2.92 -8.36
C GLN A 130 -7.60 3.08 -8.89
N ASN A 131 -7.31 4.25 -9.45
CA ASN A 131 -5.98 4.52 -9.98
C ASN A 131 -5.02 4.93 -8.88
N ARG A 132 -5.58 5.39 -7.76
CA ARG A 132 -4.77 5.78 -6.61
C ARG A 132 -4.56 4.61 -5.66
N ARG A 133 -3.75 3.65 -6.09
CA ARG A 133 -3.59 2.40 -5.37
C ARG A 133 -2.12 2.06 -5.16
N VAL A 134 -1.81 1.46 -4.01
CA VAL A 134 -0.48 0.91 -3.77
C VAL A 134 -0.56 -0.54 -3.32
N GLU A 135 0.29 -1.38 -3.90
CA GLU A 135 0.28 -2.81 -3.61
C GLU A 135 1.62 -3.25 -3.02
N ILE A 136 1.57 -4.03 -1.96
CA ILE A 136 2.78 -4.59 -1.35
C ILE A 136 2.84 -6.10 -1.52
N THR A 137 3.91 -6.59 -2.13
CA THR A 137 4.06 -8.01 -2.41
C THR A 137 5.13 -8.62 -1.51
N LEU A 138 4.74 -9.64 -0.74
CA LEU A 138 5.67 -10.31 0.16
C LEU A 138 5.87 -11.77 -0.24
N SER A 139 7.11 -12.13 -0.52
CA SER A 139 7.43 -13.48 -0.98
C SER A 139 8.76 -13.95 -0.40
N PRO A 140 8.72 -15.04 0.37
CA PRO A 140 9.90 -15.60 1.03
C PRO A 140 10.86 -16.25 0.02
N LEU A 141 12.14 -15.96 0.15
CA LEU A 141 13.15 -16.50 -0.75
C LEU A 141 14.26 -17.21 0.02
N LEU A 142 14.30 -16.98 1.33
CA LEU A 142 15.32 -17.58 2.19
C LEU A 142 16.72 -17.14 1.75
N GLU A 143 16.81 -15.91 1.23
CA GLU A 143 18.09 -15.38 0.77
C GLU A 143 17.99 -13.88 0.52
N HIS A 144 19.14 -13.23 0.37
CA HIS A 144 19.19 -11.80 0.11
C HIS A 144 20.42 -11.43 -0.71
N HIS A 145 20.26 -10.46 -1.60
CA HIS A 145 21.33 -10.11 -2.54
C HIS A 145 21.74 -8.65 -2.35
N HIS A 146 20.77 -7.74 -2.44
CA HIS A 146 21.06 -6.31 -2.34
C HIS A 146 19.80 -5.54 -1.97
N HIS A 147 19.98 -4.30 -1.53
CA HIS A 147 18.85 -3.45 -1.14
C HIS A 147 19.27 -1.99 -1.11
N HIS A 148 18.34 -1.13 -0.69
CA HIS A 148 18.64 0.30 -0.54
C HIS A 148 17.94 0.87 0.69
N HIS A 149 18.28 2.11 1.04
CA HIS A 149 17.73 2.75 2.22
C HIS A 149 16.95 4.02 1.84
N TYR A 1 -36.93 2.16 9.22
CA TYR A 1 -36.10 2.11 8.01
C TYR A 1 -34.74 2.74 8.27
N TYR A 2 -34.69 3.70 9.18
CA TYR A 2 -33.46 4.40 9.49
C TYR A 2 -32.39 3.44 10.01
N MET A 3 -32.80 2.53 10.89
CA MET A 3 -31.87 1.55 11.46
C MET A 3 -31.49 0.49 10.42
N ASP A 4 -32.41 0.22 9.50
CA ASP A 4 -32.15 -0.73 8.43
C ASP A 4 -31.08 -0.20 7.47
N VAL A 5 -31.06 1.11 7.28
CA VAL A 5 -30.06 1.74 6.42
C VAL A 5 -28.71 1.83 7.11
N GLN A 6 -28.72 2.26 8.38
CA GLN A 6 -27.50 2.38 9.15
C GLN A 6 -26.87 1.01 9.38
N GLU A 7 -27.71 0.02 9.68
CA GLU A 7 -27.23 -1.33 9.96
C GLU A 7 -26.50 -1.92 8.76
N ALA A 8 -27.08 -1.74 7.58
CA ALA A 8 -26.50 -2.26 6.36
C ALA A 8 -25.11 -1.69 6.11
N LYS A 9 -24.97 -0.39 6.30
CA LYS A 9 -23.68 0.29 6.17
C LYS A 9 -22.69 -0.25 7.20
N LEU A 10 -23.18 -0.45 8.43
CA LEU A 10 -22.34 -0.96 9.51
C LEU A 10 -21.87 -2.39 9.21
N ARG A 11 -22.77 -3.18 8.64
CA ARG A 11 -22.45 -4.56 8.30
C ARG A 11 -21.30 -4.62 7.30
N ASP A 12 -21.32 -3.70 6.32
CA ASP A 12 -20.22 -3.56 5.39
C ASP A 12 -18.94 -3.11 6.09
N LYS A 13 -19.09 -2.19 7.04
CA LYS A 13 -17.96 -1.67 7.78
C LYS A 13 -17.36 -2.74 8.68
N MET A 14 -18.15 -3.75 9.01
CA MET A 14 -17.73 -4.79 9.94
C MET A 14 -17.15 -5.99 9.20
N ARG A 15 -16.99 -5.84 7.89
CA ARG A 15 -16.24 -6.82 7.09
C ARG A 15 -15.16 -6.13 6.27
N GLY A 16 -13.93 -6.18 6.76
CA GLY A 16 -12.81 -5.65 5.99
C GLY A 16 -12.35 -4.31 6.51
N THR A 17 -11.04 -4.08 6.46
CA THR A 17 -10.47 -2.80 6.85
C THR A 17 -10.38 -1.83 5.68
N GLY A 18 -10.65 -2.34 4.48
CA GLY A 18 -10.53 -1.54 3.28
C GLY A 18 -9.37 -1.99 2.41
N VAL A 19 -8.46 -2.77 2.99
CA VAL A 19 -7.32 -3.30 2.25
C VAL A 19 -7.69 -4.58 1.52
N SER A 20 -7.35 -4.64 0.23
CA SER A 20 -7.63 -5.83 -0.57
C SER A 20 -6.47 -6.81 -0.52
N VAL A 21 -6.78 -8.05 -0.16
CA VAL A 21 -5.75 -9.08 0.02
C VAL A 21 -5.76 -10.08 -1.13
N THR A 22 -4.63 -10.17 -1.83
CA THR A 22 -4.49 -11.13 -2.92
C THR A 22 -3.36 -12.10 -2.66
N ARG A 23 -3.62 -13.39 -2.87
CA ARG A 23 -2.61 -14.42 -2.68
C ARG A 23 -2.28 -15.10 -4.01
N SER A 24 -0.99 -15.37 -4.23
CA SER A 24 -0.54 -16.00 -5.47
C SER A 24 0.70 -16.84 -5.22
N GLY A 25 0.57 -18.15 -5.42
CA GLY A 25 1.67 -19.05 -5.16
C GLY A 25 2.13 -19.01 -3.71
N ASP A 26 3.41 -18.72 -3.50
CA ASP A 26 3.98 -18.71 -2.16
C ASP A 26 4.13 -17.28 -1.65
N ASN A 27 3.56 -16.33 -2.38
CA ASN A 27 3.68 -14.92 -2.04
C ASN A 27 2.32 -14.30 -1.76
N ILE A 28 2.31 -13.07 -1.26
CA ILE A 28 1.07 -12.37 -0.97
C ILE A 28 1.18 -10.89 -1.33
N ILE A 29 0.16 -10.36 -2.00
CA ILE A 29 0.14 -8.94 -2.36
C ILE A 29 -0.99 -8.21 -1.65
N LEU A 30 -0.65 -7.15 -0.94
CA LEU A 30 -1.63 -6.36 -0.22
C LEU A 30 -1.87 -5.01 -0.90
N ASN A 31 -3.11 -4.77 -1.30
CA ASN A 31 -3.46 -3.53 -2.00
C ASN A 31 -4.16 -2.56 -1.07
N MET A 32 -3.47 -1.49 -0.70
CA MET A 32 -3.95 -0.59 0.34
C MET A 32 -4.37 0.74 -0.26
N PRO A 33 -5.57 1.22 0.15
CA PRO A 33 -6.07 2.54 -0.24
C PRO A 33 -5.18 3.68 0.25
N ASN A 34 -4.88 4.62 -0.63
CA ASN A 34 -4.15 5.82 -0.25
C ASN A 34 -4.95 6.64 0.76
N ASN A 35 -6.27 6.58 0.65
CA ASN A 35 -7.14 7.48 1.40
C ASN A 35 -7.02 7.22 2.90
N VAL A 36 -6.61 6.01 3.26
CA VAL A 36 -6.56 5.59 4.65
C VAL A 36 -5.12 5.36 5.10
N THR A 37 -4.21 5.24 4.13
CA THR A 37 -2.83 4.92 4.43
C THR A 37 -1.96 6.17 4.38
N PHE A 38 -2.07 6.92 3.29
CA PHE A 38 -1.26 8.12 3.10
C PHE A 38 -2.14 9.37 3.17
N ASP A 39 -1.49 10.54 3.18
CA ASP A 39 -2.20 11.80 3.04
C ASP A 39 -2.55 12.09 1.59
N SER A 40 -3.59 12.88 1.38
CA SER A 40 -4.02 13.23 0.03
C SER A 40 -3.06 14.24 -0.60
N SER A 41 -2.35 14.98 0.25
CA SER A 41 -1.50 16.07 -0.22
C SER A 41 -0.02 15.69 -0.11
N SER A 42 0.26 14.68 0.70
CA SER A 42 1.64 14.32 1.01
C SER A 42 1.76 12.81 1.25
N ALA A 43 2.91 12.26 0.91
CA ALA A 43 3.26 10.90 1.30
C ALA A 43 3.54 10.82 2.80
N THR A 44 2.55 11.18 3.61
CA THR A 44 2.64 11.05 5.05
C THR A 44 1.61 10.09 5.59
N LEU A 45 2.05 9.13 6.40
CA LEU A 45 1.19 8.03 6.85
C LEU A 45 0.10 8.55 7.77
N LYS A 46 -1.12 8.05 7.57
CA LYS A 46 -2.21 8.26 8.52
C LYS A 46 -2.19 7.20 9.61
N PRO A 47 -2.83 7.50 10.75
CA PRO A 47 -2.91 6.59 11.89
C PRO A 47 -3.35 5.18 11.47
N ALA A 48 -4.39 5.12 10.66
CA ALA A 48 -4.90 3.84 10.17
C ALA A 48 -3.86 3.15 9.28
N GLY A 49 -3.14 3.95 8.49
CA GLY A 49 -2.16 3.39 7.58
C GLY A 49 -0.92 2.91 8.29
N ALA A 50 -0.49 3.65 9.31
CA ALA A 50 0.65 3.26 10.13
C ALA A 50 0.34 1.99 10.93
N ASN A 51 -0.90 1.87 11.39
CA ASN A 51 -1.34 0.69 12.11
C ASN A 51 -1.34 -0.53 11.21
N THR A 52 -1.80 -0.36 9.98
CA THR A 52 -1.78 -1.43 9.00
C THR A 52 -0.36 -1.82 8.62
N LEU A 53 0.48 -0.81 8.42
CA LEU A 53 1.90 -1.05 8.14
C LEU A 53 2.59 -1.73 9.31
N THR A 54 2.16 -1.38 10.52
CA THR A 54 2.64 -2.04 11.73
C THR A 54 2.21 -3.50 11.76
N GLY A 55 0.97 -3.77 11.34
CA GLY A 55 0.49 -5.13 11.23
C GLY A 55 1.33 -5.97 10.29
N VAL A 56 1.72 -5.37 9.16
CA VAL A 56 2.65 -6.01 8.24
C VAL A 56 4.01 -6.24 8.89
N ALA A 57 4.47 -5.25 9.66
CA ALA A 57 5.72 -5.37 10.37
C ALA A 57 5.67 -6.50 11.40
N MET A 58 4.51 -6.66 12.03
CA MET A 58 4.32 -7.73 13.00
C MET A 58 4.42 -9.10 12.34
N VAL A 59 4.21 -9.14 11.03
CA VAL A 59 4.28 -10.39 10.28
C VAL A 59 5.70 -10.67 9.81
N LEU A 60 6.36 -9.63 9.30
CA LEU A 60 7.76 -9.75 8.86
C LEU A 60 8.68 -9.97 10.06
N LYS A 61 8.33 -9.38 11.19
CA LYS A 61 9.19 -9.41 12.37
C LYS A 61 9.13 -10.78 13.04
N GLU A 62 7.93 -11.35 13.12
CA GLU A 62 7.74 -12.68 13.69
C GLU A 62 8.14 -13.76 12.69
N TYR A 63 7.98 -13.46 11.40
CA TYR A 63 8.38 -14.39 10.36
C TYR A 63 9.35 -13.73 9.39
N PRO A 64 10.62 -13.63 9.82
CA PRO A 64 11.68 -13.00 9.03
C PRO A 64 12.11 -13.86 7.84
N LYS A 65 13.09 -13.38 7.09
CA LYS A 65 13.55 -14.07 5.89
C LYS A 65 12.52 -13.96 4.78
N THR A 66 11.83 -12.82 4.71
CA THR A 66 10.92 -12.54 3.61
C THR A 66 11.26 -11.20 2.95
N ALA A 67 11.20 -11.18 1.63
CA ALA A 67 11.59 -9.99 0.87
C ALA A 67 10.38 -9.10 0.58
N VAL A 68 10.56 -7.80 0.74
CA VAL A 68 9.46 -6.86 0.59
C VAL A 68 9.65 -5.98 -0.64
N ASN A 69 8.65 -5.98 -1.52
CA ASN A 69 8.65 -5.09 -2.68
C ASN A 69 7.44 -4.16 -2.64
N VAL A 70 7.69 -2.86 -2.53
CA VAL A 70 6.63 -1.87 -2.43
C VAL A 70 6.50 -1.07 -3.71
N ILE A 71 5.35 -1.16 -4.35
CA ILE A 71 5.09 -0.42 -5.57
C ILE A 71 3.73 0.29 -5.50
N GLY A 72 3.74 1.59 -5.73
CA GLY A 72 2.50 2.34 -5.84
C GLY A 72 2.24 2.85 -7.24
N TYR A 73 0.96 3.00 -7.59
CA TYR A 73 0.58 3.47 -8.92
C TYR A 73 -0.53 4.50 -8.82
N THR A 74 -0.46 5.52 -9.68
CA THR A 74 -1.45 6.59 -9.69
C THR A 74 -1.25 7.50 -10.89
N ASP A 75 -2.35 8.07 -11.39
CA ASP A 75 -2.31 8.91 -12.57
C ASP A 75 -2.62 10.36 -12.22
N SER A 76 -3.70 10.57 -11.48
CA SER A 76 -4.27 11.90 -11.31
C SER A 76 -3.64 12.61 -10.12
N THR A 77 -2.43 12.18 -9.75
CA THR A 77 -1.66 12.85 -8.71
C THR A 77 -0.45 13.57 -9.30
N GLY A 78 -0.66 14.22 -10.44
CA GLY A 78 0.41 14.97 -11.07
C GLY A 78 0.79 14.42 -12.43
N GLY A 79 1.97 14.79 -12.91
CA GLY A 79 2.43 14.31 -14.20
C GLY A 79 3.16 12.98 -14.08
N HIS A 80 3.72 12.52 -15.20
CA HIS A 80 4.40 11.23 -15.23
C HIS A 80 5.53 11.18 -14.22
N ASP A 81 6.44 12.15 -14.30
CA ASP A 81 7.60 12.20 -13.42
C ASP A 81 7.17 12.41 -11.97
N LEU A 82 6.20 13.31 -11.76
CA LEU A 82 5.73 13.63 -10.42
C LEU A 82 5.03 12.43 -9.79
N ASN A 83 4.29 11.68 -10.61
CA ASN A 83 3.62 10.47 -10.14
C ASN A 83 4.62 9.43 -9.66
N MET A 84 5.69 9.26 -10.42
CA MET A 84 6.78 8.37 -10.01
C MET A 84 7.43 8.87 -8.73
N ARG A 85 7.62 10.17 -8.62
CA ARG A 85 8.27 10.76 -7.46
C ARG A 85 7.43 10.59 -6.20
N LEU A 86 6.13 10.81 -6.33
CA LEU A 86 5.19 10.58 -5.24
C LEU A 86 5.14 9.10 -4.88
N SER A 87 5.18 8.24 -5.90
CA SER A 87 5.22 6.80 -5.68
C SER A 87 6.48 6.40 -4.92
N GLN A 88 7.60 7.03 -5.26
CA GLN A 88 8.86 6.77 -4.57
C GLN A 88 8.76 7.16 -3.11
N GLN A 89 8.17 8.33 -2.84
CA GLN A 89 8.06 8.83 -1.48
C GLN A 89 7.09 7.98 -0.65
N ARG A 90 5.96 7.64 -1.26
CA ARG A 90 4.93 6.86 -0.58
C ARG A 90 5.44 5.45 -0.28
N ALA A 91 6.18 4.88 -1.22
CA ALA A 91 6.83 3.59 -1.01
C ALA A 91 7.86 3.66 0.10
N ASP A 92 8.62 4.75 0.12
CA ASP A 92 9.66 4.94 1.14
C ASP A 92 9.04 5.13 2.52
N SER A 93 7.87 5.76 2.55
CA SER A 93 7.14 5.95 3.79
C SER A 93 6.72 4.62 4.39
N VAL A 94 6.35 3.68 3.53
CA VAL A 94 6.07 2.32 3.96
C VAL A 94 7.30 1.66 4.57
N ALA A 95 8.43 1.78 3.88
CA ALA A 95 9.67 1.17 4.33
C ALA A 95 10.10 1.73 5.69
N SER A 96 9.97 3.04 5.84
CA SER A 96 10.33 3.69 7.09
C SER A 96 9.53 3.11 8.26
N ALA A 97 8.24 2.89 8.05
CA ALA A 97 7.38 2.33 9.08
C ALA A 97 7.83 0.93 9.47
N LEU A 98 8.08 0.09 8.48
CA LEU A 98 8.51 -1.28 8.73
C LEU A 98 9.85 -1.31 9.45
N ILE A 99 10.78 -0.47 9.00
CA ILE A 99 12.11 -0.42 9.60
C ILE A 99 12.05 0.07 11.04
N THR A 100 11.20 1.06 11.28
CA THR A 100 11.01 1.59 12.62
C THR A 100 10.43 0.53 13.56
N GLN A 101 9.57 -0.32 13.00
CA GLN A 101 8.87 -1.32 13.80
C GLN A 101 9.75 -2.55 14.02
N GLY A 102 10.96 -2.51 13.46
CA GLY A 102 11.96 -3.50 13.81
C GLY A 102 12.20 -4.50 12.71
N VAL A 103 11.67 -4.22 11.53
CA VAL A 103 11.92 -5.04 10.36
C VAL A 103 13.22 -4.65 9.67
N ASP A 104 14.08 -5.63 9.42
CA ASP A 104 15.40 -5.38 8.85
C ASP A 104 15.27 -4.68 7.49
N ALA A 105 15.92 -3.53 7.36
CA ALA A 105 15.85 -2.76 6.13
C ALA A 105 16.38 -3.57 4.95
N SER A 106 17.32 -4.46 5.21
CA SER A 106 18.03 -5.15 4.15
C SER A 106 17.10 -6.06 3.36
N ARG A 107 15.95 -6.37 3.95
CA ARG A 107 14.99 -7.27 3.33
C ARG A 107 13.92 -6.49 2.57
N ILE A 108 13.97 -5.17 2.69
CA ILE A 108 12.95 -4.32 2.08
C ILE A 108 13.52 -3.53 0.90
N ARG A 109 12.80 -3.56 -0.21
CA ARG A 109 13.17 -2.75 -1.37
C ARG A 109 11.95 -2.01 -1.91
N THR A 110 12.14 -0.72 -2.22
CA THR A 110 11.05 0.11 -2.70
C THR A 110 11.39 0.73 -4.06
N GLN A 111 10.36 0.94 -4.87
CA GLN A 111 10.52 1.63 -6.14
C GLN A 111 9.37 2.59 -6.41
N GLY A 112 9.72 3.83 -6.76
CA GLY A 112 8.71 4.79 -7.18
C GLY A 112 8.39 4.67 -8.66
N LEU A 113 7.38 3.86 -8.98
CA LEU A 113 6.97 3.66 -10.36
C LEU A 113 5.65 4.38 -10.65
N GLY A 114 5.42 4.69 -11.92
CA GLY A 114 4.17 5.32 -12.31
C GLY A 114 3.04 4.32 -12.44
N PRO A 115 1.94 4.74 -13.09
CA PRO A 115 0.78 3.88 -13.31
C PRO A 115 1.11 2.65 -14.16
N ALA A 116 0.60 1.49 -13.76
CA ALA A 116 0.96 0.24 -14.40
C ALA A 116 -0.27 -0.62 -14.64
N ASN A 117 -0.92 -1.05 -13.57
CA ASN A 117 -2.14 -1.85 -13.67
C ASN A 117 -3.23 -1.29 -12.77
N PRO A 118 -3.90 -0.23 -13.25
CA PRO A 118 -4.99 0.42 -12.51
C PRO A 118 -6.21 -0.49 -12.37
N ILE A 119 -6.84 -0.45 -11.21
CA ILE A 119 -8.00 -1.29 -10.94
C ILE A 119 -9.18 -0.90 -11.83
N ALA A 120 -9.44 0.40 -11.92
CA ALA A 120 -10.56 0.90 -12.71
C ALA A 120 -10.15 2.14 -13.51
N SER A 121 -10.93 2.45 -14.55
CA SER A 121 -10.60 3.54 -15.45
C SER A 121 -10.66 4.88 -14.73
N ASN A 122 -9.71 5.76 -15.05
CA ASN A 122 -9.66 7.08 -14.44
C ASN A 122 -10.73 8.00 -15.02
N SER A 123 -11.49 7.48 -15.98
CA SER A 123 -12.51 8.28 -16.66
C SER A 123 -13.74 8.43 -15.78
N THR A 124 -13.77 7.72 -14.66
CA THR A 124 -14.83 7.88 -13.67
C THR A 124 -14.26 8.29 -12.32
N ALA A 125 -15.10 8.92 -11.50
CA ALA A 125 -14.68 9.35 -10.17
C ALA A 125 -14.32 8.15 -9.29
N GLU A 126 -15.10 7.07 -9.42
CA GLU A 126 -14.79 5.83 -8.71
C GLU A 126 -13.50 5.22 -9.23
N GLY A 127 -13.29 5.31 -10.55
CA GLY A 127 -12.06 4.83 -11.13
C GLY A 127 -10.84 5.59 -10.67
N LYS A 128 -11.00 6.91 -10.51
CA LYS A 128 -9.93 7.75 -9.99
C LYS A 128 -9.57 7.35 -8.55
N ALA A 129 -10.61 7.04 -7.76
CA ALA A 129 -10.40 6.54 -6.41
C ALA A 129 -9.64 5.21 -6.42
N GLN A 130 -10.05 4.31 -7.29
CA GLN A 130 -9.40 3.01 -7.41
C GLN A 130 -8.03 3.15 -8.06
N ASN A 131 -7.85 4.21 -8.85
CA ASN A 131 -6.59 4.47 -9.52
C ASN A 131 -5.48 4.77 -8.51
N ARG A 132 -5.86 5.44 -7.42
CA ARG A 132 -4.89 5.87 -6.42
C ARG A 132 -4.67 4.79 -5.37
N ARG A 133 -3.84 3.80 -5.70
CA ARG A 133 -3.65 2.65 -4.84
C ARG A 133 -2.17 2.27 -4.77
N VAL A 134 -1.76 1.73 -3.63
CA VAL A 134 -0.39 1.23 -3.46
C VAL A 134 -0.39 -0.21 -2.98
N GLU A 135 0.49 -1.02 -3.56
CA GLU A 135 0.52 -2.45 -3.26
C GLU A 135 1.85 -2.84 -2.61
N ILE A 136 1.78 -3.66 -1.59
CA ILE A 136 2.97 -4.24 -0.98
C ILE A 136 3.06 -5.74 -1.23
N THR A 137 4.16 -6.18 -1.80
CA THR A 137 4.33 -7.58 -2.18
C THR A 137 5.34 -8.28 -1.28
N LEU A 138 4.90 -9.36 -0.65
CA LEU A 138 5.76 -10.12 0.25
C LEU A 138 6.12 -11.47 -0.34
N SER A 139 7.41 -11.71 -0.53
CA SER A 139 7.89 -12.95 -1.15
C SER A 139 9.32 -13.25 -0.72
N PRO A 140 9.50 -14.40 -0.04
CA PRO A 140 10.80 -14.82 0.47
C PRO A 140 11.77 -15.22 -0.64
N LEU A 141 12.91 -14.55 -0.69
CA LEU A 141 13.92 -14.83 -1.71
C LEU A 141 15.23 -15.27 -1.09
N LEU A 142 15.37 -15.02 0.22
CA LEU A 142 16.57 -15.40 0.95
C LEU A 142 17.81 -14.83 0.28
N GLU A 143 17.73 -13.57 -0.14
CA GLU A 143 18.85 -12.90 -0.77
C GLU A 143 18.68 -11.38 -0.72
N HIS A 144 19.76 -10.66 -0.98
CA HIS A 144 19.75 -9.21 -0.86
C HIS A 144 20.28 -8.55 -2.13
N HIS A 145 19.69 -7.42 -2.51
CA HIS A 145 20.09 -6.73 -3.73
C HIS A 145 20.23 -5.23 -3.49
N HIS A 146 19.27 -4.66 -2.76
CA HIS A 146 19.24 -3.22 -2.54
C HIS A 146 18.30 -2.87 -1.39
N HIS A 147 18.72 -1.90 -0.58
CA HIS A 147 17.88 -1.42 0.53
C HIS A 147 18.25 0.01 0.91
N HIS A 148 17.37 0.66 1.67
CA HIS A 148 17.64 2.02 2.14
C HIS A 148 16.58 2.45 3.15
N HIS A 149 16.87 3.53 3.88
CA HIS A 149 15.92 4.07 4.84
C HIS A 149 15.64 5.55 4.57
N TYR A 1 -35.26 3.02 10.76
CA TYR A 1 -34.48 2.89 9.52
C TYR A 1 -33.11 3.53 9.68
N TYR A 2 -33.02 4.54 10.54
CA TYR A 2 -31.77 5.27 10.74
C TYR A 2 -30.68 4.33 11.26
N MET A 3 -31.05 3.46 12.20
CA MET A 3 -30.10 2.52 12.78
C MET A 3 -29.75 1.42 11.78
N ASP A 4 -30.70 1.09 10.90
CA ASP A 4 -30.49 0.08 9.87
C ASP A 4 -29.47 0.58 8.84
N VAL A 5 -29.47 1.88 8.59
CA VAL A 5 -28.54 2.47 7.64
C VAL A 5 -27.14 2.60 8.25
N GLN A 6 -27.09 3.08 9.49
CA GLN A 6 -25.82 3.22 10.20
C GLN A 6 -25.19 1.86 10.46
N GLU A 7 -26.02 0.89 10.82
CA GLU A 7 -25.53 -0.45 11.14
C GLU A 7 -24.88 -1.10 9.93
N ALA A 8 -25.51 -0.92 8.77
CA ALA A 8 -24.99 -1.49 7.52
C ALA A 8 -23.60 -0.95 7.22
N LYS A 9 -23.44 0.36 7.36
CA LYS A 9 -22.14 1.00 7.17
C LYS A 9 -21.13 0.48 8.19
N LEU A 10 -21.57 0.31 9.42
CA LEU A 10 -20.71 -0.18 10.49
C LEU A 10 -20.26 -1.61 10.21
N ARG A 11 -21.17 -2.41 9.65
CA ARG A 11 -20.86 -3.79 9.31
C ARG A 11 -19.70 -3.86 8.32
N ASP A 12 -19.71 -2.97 7.33
CA ASP A 12 -18.60 -2.85 6.39
C ASP A 12 -17.34 -2.39 7.10
N LYS A 13 -17.49 -1.44 8.02
CA LYS A 13 -16.36 -0.88 8.75
C LYS A 13 -15.74 -1.92 9.67
N MET A 14 -16.54 -2.91 10.05
CA MET A 14 -16.10 -3.92 11.02
C MET A 14 -15.52 -5.14 10.31
N ARG A 15 -15.38 -5.05 8.99
CA ARG A 15 -14.63 -6.03 8.23
C ARG A 15 -13.59 -5.36 7.34
N GLY A 16 -12.34 -5.35 7.81
CA GLY A 16 -11.26 -4.82 7.00
C GLY A 16 -10.93 -3.38 7.33
N THR A 17 -9.67 -2.99 7.13
CA THR A 17 -9.25 -1.62 7.34
C THR A 17 -9.36 -0.80 6.06
N GLY A 18 -9.86 -1.42 5.01
CA GLY A 18 -9.88 -0.78 3.70
C GLY A 18 -8.86 -1.36 2.75
N VAL A 19 -7.94 -2.15 3.29
CA VAL A 19 -6.88 -2.75 2.49
C VAL A 19 -7.33 -4.08 1.88
N SER A 20 -7.03 -4.27 0.60
CA SER A 20 -7.37 -5.50 -0.09
C SER A 20 -6.22 -6.50 -0.04
N VAL A 21 -6.50 -7.71 0.44
CA VAL A 21 -5.48 -8.72 0.63
C VAL A 21 -5.60 -9.83 -0.42
N THR A 22 -4.55 -10.01 -1.20
CA THR A 22 -4.54 -11.04 -2.24
C THR A 22 -3.37 -12.01 -2.05
N ARG A 23 -3.65 -13.30 -2.17
CA ARG A 23 -2.61 -14.32 -2.06
C ARG A 23 -2.35 -14.98 -3.41
N SER A 24 -1.07 -15.23 -3.71
CA SER A 24 -0.70 -15.88 -4.95
C SER A 24 0.51 -16.79 -4.74
N GLY A 25 0.27 -18.10 -4.81
CA GLY A 25 1.34 -19.06 -4.57
C GLY A 25 1.88 -18.99 -3.16
N ASP A 26 3.19 -18.77 -3.04
CA ASP A 26 3.83 -18.70 -1.74
C ASP A 26 3.95 -17.27 -1.26
N ASN A 27 3.56 -16.32 -2.12
CA ASN A 27 3.71 -14.91 -1.82
C ASN A 27 2.35 -14.26 -1.57
N ILE A 28 2.37 -13.02 -1.06
CA ILE A 28 1.15 -12.30 -0.74
C ILE A 28 1.28 -10.83 -1.07
N ILE A 29 0.25 -10.27 -1.71
CA ILE A 29 0.26 -8.87 -2.11
C ILE A 29 -0.88 -8.11 -1.45
N LEU A 30 -0.55 -7.00 -0.80
CA LEU A 30 -1.56 -6.15 -0.18
C LEU A 30 -1.73 -4.85 -0.96
N ASN A 31 -2.98 -4.55 -1.32
CA ASN A 31 -3.29 -3.30 -2.01
C ASN A 31 -3.89 -2.28 -1.06
N MET A 32 -3.13 -1.25 -0.73
CA MET A 32 -3.52 -0.30 0.30
C MET A 32 -3.95 1.03 -0.30
N PRO A 33 -5.19 1.45 0.03
CA PRO A 33 -5.69 2.78 -0.36
C PRO A 33 -5.10 3.90 0.49
N ASN A 34 -4.65 4.95 -0.18
CA ASN A 34 -4.08 6.11 0.51
C ASN A 34 -5.12 6.73 1.45
N ASN A 35 -6.39 6.54 1.13
CA ASN A 35 -7.46 7.28 1.78
C ASN A 35 -7.45 7.03 3.29
N VAL A 36 -6.96 5.86 3.69
CA VAL A 36 -6.90 5.49 5.10
C VAL A 36 -5.47 5.24 5.54
N THR A 37 -4.57 5.08 4.58
CA THR A 37 -3.19 4.73 4.86
C THR A 37 -2.28 5.95 4.80
N PHE A 38 -2.36 6.67 3.69
CA PHE A 38 -1.53 7.87 3.50
C PHE A 38 -2.37 9.14 3.58
N ASP A 39 -1.72 10.28 3.38
CA ASP A 39 -2.43 11.53 3.17
C ASP A 39 -2.97 11.62 1.74
N SER A 40 -3.93 12.51 1.53
CA SER A 40 -4.44 12.78 0.20
C SER A 40 -3.45 13.59 -0.62
N SER A 41 -2.62 14.37 0.07
CA SER A 41 -1.70 15.29 -0.59
C SER A 41 -0.26 14.77 -0.49
N SER A 42 0.02 13.98 0.54
CA SER A 42 1.38 13.60 0.87
C SER A 42 1.43 12.16 1.39
N ALA A 43 2.61 11.56 1.32
CA ALA A 43 2.86 10.29 1.98
C ALA A 43 3.02 10.46 3.49
N THR A 44 1.98 10.98 4.13
CA THR A 44 1.93 11.02 5.59
C THR A 44 0.93 10.01 6.14
N LEU A 45 1.41 9.07 6.93
CA LEU A 45 0.61 7.92 7.34
C LEU A 45 -0.54 8.35 8.25
N LYS A 46 -1.72 7.80 8.01
CA LYS A 46 -2.84 7.93 8.94
C LYS A 46 -2.84 6.79 9.95
N PRO A 47 -3.54 7.00 11.08
CA PRO A 47 -3.61 6.01 12.15
C PRO A 47 -4.04 4.64 11.66
N ALA A 48 -5.09 4.61 10.84
CA ALA A 48 -5.62 3.36 10.32
C ALA A 48 -4.60 2.64 9.44
N GLY A 49 -3.88 3.41 8.63
CA GLY A 49 -2.90 2.84 7.73
C GLY A 49 -1.64 2.39 8.46
N ALA A 50 -1.22 3.17 9.45
CA ALA A 50 -0.07 2.82 10.26
C ALA A 50 -0.33 1.56 11.07
N ASN A 51 -1.57 1.38 11.51
CA ASN A 51 -1.97 0.19 12.25
C ASN A 51 -1.86 -1.05 11.38
N THR A 52 -2.29 -0.92 10.12
CA THR A 52 -2.15 -2.00 9.16
C THR A 52 -0.69 -2.29 8.85
N LEU A 53 0.10 -1.24 8.68
CA LEU A 53 1.53 -1.39 8.44
C LEU A 53 2.22 -2.04 9.64
N THR A 54 1.71 -1.75 10.83
CA THR A 54 2.18 -2.41 12.04
C THR A 54 1.87 -3.91 12.01
N GLY A 55 0.68 -4.24 11.51
CA GLY A 55 0.34 -5.63 11.29
C GLY A 55 1.26 -6.30 10.29
N VAL A 56 1.63 -5.59 9.24
CA VAL A 56 2.61 -6.07 8.28
C VAL A 56 3.97 -6.24 8.94
N ALA A 57 4.35 -5.30 9.79
CA ALA A 57 5.59 -5.38 10.55
C ALA A 57 5.59 -6.61 11.45
N MET A 58 4.42 -6.92 12.00
CA MET A 58 4.27 -8.12 12.83
C MET A 58 4.55 -9.38 12.03
N VAL A 59 4.46 -9.27 10.71
CA VAL A 59 4.67 -10.41 9.82
C VAL A 59 6.11 -10.47 9.33
N LEU A 60 6.62 -9.33 8.86
CA LEU A 60 7.97 -9.26 8.33
C LEU A 60 9.01 -9.47 9.42
N LYS A 61 8.73 -8.90 10.59
CA LYS A 61 9.67 -8.98 11.71
C LYS A 61 9.88 -10.42 12.16
N GLU A 62 8.80 -11.17 12.21
CA GLU A 62 8.84 -12.54 12.72
C GLU A 62 9.25 -13.52 11.62
N TYR A 63 8.93 -13.17 10.38
CA TYR A 63 9.19 -14.04 9.24
C TYR A 63 10.32 -13.49 8.38
N PRO A 64 11.56 -13.93 8.67
CA PRO A 64 12.75 -13.48 7.94
C PRO A 64 12.93 -14.20 6.61
N LYS A 65 13.94 -13.80 5.86
CA LYS A 65 14.29 -14.49 4.62
C LYS A 65 13.25 -14.23 3.54
N THR A 66 12.56 -13.11 3.65
CA THR A 66 11.60 -12.70 2.62
C THR A 66 11.94 -11.33 2.06
N ALA A 67 11.55 -11.10 0.81
CA ALA A 67 11.79 -9.82 0.15
C ALA A 67 10.50 -9.04 -0.01
N VAL A 68 10.53 -7.75 0.32
CA VAL A 68 9.38 -6.88 0.15
C VAL A 68 9.60 -5.88 -0.98
N ASN A 69 8.68 -5.86 -1.94
CA ASN A 69 8.69 -4.85 -2.98
C ASN A 69 7.47 -3.94 -2.88
N VAL A 70 7.72 -2.65 -2.68
CA VAL A 70 6.64 -1.68 -2.54
C VAL A 70 6.51 -0.81 -3.78
N ILE A 71 5.36 -0.89 -4.44
CA ILE A 71 5.12 -0.13 -5.67
C ILE A 71 3.77 0.57 -5.62
N GLY A 72 3.77 1.87 -5.90
CA GLY A 72 2.53 2.60 -6.04
C GLY A 72 2.26 3.02 -7.47
N TYR A 73 0.98 3.17 -7.80
CA TYR A 73 0.60 3.59 -9.14
C TYR A 73 -0.52 4.62 -9.10
N THR A 74 -0.47 5.59 -10.00
CA THR A 74 -1.48 6.65 -10.05
C THR A 74 -1.32 7.49 -11.31
N ASP A 75 -2.43 8.08 -11.76
CA ASP A 75 -2.48 8.69 -13.09
C ASP A 75 -2.43 10.22 -12.98
N SER A 76 -3.45 10.79 -12.35
CA SER A 76 -3.74 12.22 -12.52
C SER A 76 -3.01 13.05 -11.47
N THR A 77 -2.20 12.38 -10.65
CA THR A 77 -1.42 13.06 -9.63
C THR A 77 -0.06 13.50 -10.18
N GLY A 78 -0.07 14.01 -11.41
CA GLY A 78 1.15 14.53 -12.00
C GLY A 78 1.51 13.81 -13.29
N GLY A 79 2.59 14.26 -13.93
CA GLY A 79 3.09 13.56 -15.10
C GLY A 79 3.81 12.28 -14.74
N HIS A 80 4.39 11.63 -15.74
CA HIS A 80 5.07 10.36 -15.54
C HIS A 80 6.13 10.47 -14.45
N ASP A 81 6.99 11.48 -14.58
CA ASP A 81 8.08 11.68 -13.63
C ASP A 81 7.55 11.99 -12.24
N LEU A 82 6.55 12.87 -12.18
CA LEU A 82 6.00 13.32 -10.91
C LEU A 82 5.26 12.18 -10.22
N ASN A 83 4.61 11.33 -11.00
CA ASN A 83 3.92 10.17 -10.46
C ASN A 83 4.91 9.17 -9.87
N MET A 84 6.03 8.97 -10.55
CA MET A 84 7.12 8.18 -10.02
C MET A 84 7.63 8.75 -8.70
N ARG A 85 7.69 10.07 -8.62
CA ARG A 85 8.22 10.75 -7.44
C ARG A 85 7.29 10.56 -6.25
N LEU A 86 5.99 10.74 -6.49
CA LEU A 86 4.98 10.48 -5.47
C LEU A 86 4.98 9.02 -5.06
N SER A 87 5.11 8.13 -6.05
CA SER A 87 5.19 6.70 -5.78
C SER A 87 6.41 6.37 -4.94
N GLN A 88 7.52 7.04 -5.24
CA GLN A 88 8.75 6.86 -4.46
C GLN A 88 8.53 7.28 -3.01
N GLN A 89 7.85 8.39 -2.82
CA GLN A 89 7.62 8.93 -1.48
C GLN A 89 6.73 8.00 -0.66
N ARG A 90 5.61 7.59 -1.25
CA ARG A 90 4.64 6.75 -0.56
C ARG A 90 5.23 5.38 -0.25
N ALA A 91 6.05 4.86 -1.17
CA ALA A 91 6.75 3.60 -0.95
C ALA A 91 7.72 3.71 0.21
N ASP A 92 8.45 4.82 0.26
CA ASP A 92 9.45 5.03 1.30
C ASP A 92 8.81 5.18 2.67
N SER A 93 7.61 5.76 2.69
CA SER A 93 6.86 5.94 3.93
C SER A 93 6.50 4.58 4.54
N VAL A 94 6.18 3.62 3.66
CA VAL A 94 5.93 2.25 4.11
C VAL A 94 7.17 1.64 4.75
N ALA A 95 8.30 1.77 4.07
CA ALA A 95 9.56 1.20 4.55
C ALA A 95 9.98 1.83 5.87
N SER A 96 9.84 3.15 5.96
CA SER A 96 10.21 3.89 7.16
C SER A 96 9.44 3.36 8.37
N ALA A 97 8.14 3.18 8.20
CA ALA A 97 7.28 2.70 9.28
C ALA A 97 7.67 1.29 9.71
N LEU A 98 7.85 0.41 8.72
CA LEU A 98 8.16 -0.99 9.00
C LEU A 98 9.53 -1.12 9.68
N ILE A 99 10.49 -0.33 9.21
CA ILE A 99 11.81 -0.31 9.82
C ILE A 99 11.74 0.21 11.26
N THR A 100 10.91 1.23 11.48
CA THR A 100 10.70 1.77 12.82
C THR A 100 10.10 0.71 13.74
N GLN A 101 9.28 -0.16 13.17
CA GLN A 101 8.60 -1.19 13.96
C GLN A 101 9.51 -2.39 14.20
N GLY A 102 10.73 -2.32 13.67
CA GLY A 102 11.76 -3.28 14.03
C GLY A 102 12.02 -4.28 12.92
N VAL A 103 11.46 -4.02 11.74
CA VAL A 103 11.72 -4.85 10.57
C VAL A 103 13.04 -4.46 9.90
N ASP A 104 13.90 -5.43 9.68
CA ASP A 104 15.22 -5.18 9.09
C ASP A 104 15.08 -4.58 7.70
N ALA A 105 15.81 -3.49 7.46
CA ALA A 105 15.75 -2.80 6.18
C ALA A 105 16.18 -3.72 5.04
N SER A 106 16.98 -4.73 5.37
CA SER A 106 17.49 -5.66 4.37
C SER A 106 16.36 -6.53 3.81
N ARG A 107 15.22 -6.52 4.51
CA ARG A 107 14.08 -7.33 4.11
C ARG A 107 13.17 -6.56 3.16
N ILE A 108 13.31 -5.24 3.15
CA ILE A 108 12.41 -4.37 2.40
C ILE A 108 13.18 -3.51 1.40
N ARG A 109 12.67 -3.44 0.17
CA ARG A 109 13.16 -2.49 -0.81
C ARG A 109 12.01 -1.80 -1.54
N THR A 110 12.23 -0.56 -1.94
CA THR A 110 11.17 0.25 -2.52
C THR A 110 11.58 0.82 -3.87
N GLN A 111 10.60 1.02 -4.75
CA GLN A 111 10.83 1.72 -6.01
C GLN A 111 9.64 2.59 -6.37
N GLY A 112 9.91 3.87 -6.63
CA GLY A 112 8.86 4.77 -7.07
C GLY A 112 8.59 4.66 -8.56
N LEU A 113 7.40 4.19 -8.92
CA LEU A 113 7.04 3.98 -10.31
C LEU A 113 5.74 4.70 -10.66
N GLY A 114 5.57 5.02 -11.94
CA GLY A 114 4.31 5.60 -12.39
C GLY A 114 3.20 4.58 -12.46
N PRO A 115 2.12 4.93 -13.19
CA PRO A 115 0.97 4.05 -13.37
C PRO A 115 1.33 2.77 -14.11
N ALA A 116 0.80 1.64 -13.63
CA ALA A 116 1.16 0.33 -14.17
C ALA A 116 -0.08 -0.53 -14.39
N ASN A 117 -0.76 -0.87 -13.30
CA ASN A 117 -1.96 -1.69 -13.37
C ASN A 117 -3.12 -1.01 -12.66
N PRO A 118 -3.82 -0.12 -13.38
CA PRO A 118 -5.03 0.54 -12.87
C PRO A 118 -6.19 -0.44 -12.72
N ILE A 119 -7.17 -0.05 -11.92
CA ILE A 119 -8.33 -0.92 -11.65
C ILE A 119 -9.48 -0.59 -12.59
N ALA A 120 -9.76 0.69 -12.76
CA ALA A 120 -10.87 1.13 -13.60
C ALA A 120 -10.51 2.39 -14.38
N SER A 121 -11.29 2.69 -15.42
CA SER A 121 -10.97 3.79 -16.31
C SER A 121 -11.02 5.12 -15.56
N ASN A 122 -10.04 5.98 -15.84
CA ASN A 122 -9.96 7.29 -15.19
C ASN A 122 -10.96 8.26 -15.81
N SER A 123 -11.74 7.78 -16.76
CA SER A 123 -12.80 8.58 -17.37
C SER A 123 -14.01 8.67 -16.43
N THR A 124 -13.96 7.91 -15.34
CA THR A 124 -14.97 8.00 -14.30
C THR A 124 -14.37 8.44 -12.98
N ALA A 125 -15.19 9.01 -12.11
CA ALA A 125 -14.76 9.40 -10.78
C ALA A 125 -14.34 8.18 -9.95
N GLU A 126 -15.08 7.09 -10.11
CA GLU A 126 -14.76 5.85 -9.42
C GLU A 126 -13.44 5.28 -9.89
N GLY A 127 -13.21 5.33 -11.20
CA GLY A 127 -11.96 4.83 -11.76
C GLY A 127 -10.75 5.61 -11.28
N LYS A 128 -10.88 6.93 -11.26
CA LYS A 128 -9.79 7.79 -10.81
C LYS A 128 -9.44 7.49 -9.34
N ALA A 129 -10.47 7.33 -8.51
CA ALA A 129 -10.27 7.01 -7.11
C ALA A 129 -9.60 5.65 -6.93
N GLN A 130 -10.12 4.65 -7.62
CA GLN A 130 -9.66 3.28 -7.42
C GLN A 130 -8.24 3.09 -7.94
N ASN A 131 -7.89 3.87 -8.96
CA ASN A 131 -6.58 3.75 -9.58
C ASN A 131 -5.48 4.31 -8.66
N ARG A 132 -5.89 5.10 -7.68
CA ARG A 132 -4.95 5.71 -6.75
C ARG A 132 -4.66 4.78 -5.59
N ARG A 133 -3.70 3.87 -5.79
CA ARG A 133 -3.42 2.82 -4.83
C ARG A 133 -1.93 2.57 -4.70
N VAL A 134 -1.51 2.04 -3.55
CA VAL A 134 -0.15 1.56 -3.38
C VAL A 134 -0.12 0.11 -2.91
N GLU A 135 0.70 -0.70 -3.55
CA GLU A 135 0.70 -2.14 -3.31
C GLU A 135 2.03 -2.58 -2.69
N ILE A 136 1.93 -3.46 -1.69
CA ILE A 136 3.11 -4.05 -1.08
C ILE A 136 3.18 -5.55 -1.36
N THR A 137 4.29 -6.00 -1.93
CA THR A 137 4.44 -7.39 -2.33
C THR A 137 5.41 -8.12 -1.41
N LEU A 138 4.95 -9.20 -0.80
CA LEU A 138 5.77 -9.99 0.10
C LEU A 138 6.04 -11.37 -0.47
N SER A 139 7.30 -11.63 -0.80
CA SER A 139 7.67 -12.87 -1.48
C SER A 139 8.91 -13.49 -0.84
N PRO A 140 8.76 -14.73 -0.34
CA PRO A 140 9.88 -15.49 0.22
C PRO A 140 10.87 -15.94 -0.84
N LEU A 141 12.13 -15.55 -0.68
CA LEU A 141 13.16 -15.86 -1.66
C LEU A 141 14.38 -16.49 -0.99
N LEU A 142 14.44 -16.39 0.33
CA LEU A 142 15.55 -16.95 1.09
C LEU A 142 16.88 -16.39 0.61
N GLU A 143 16.88 -15.12 0.21
CA GLU A 143 18.08 -14.48 -0.30
C GLU A 143 17.89 -12.96 -0.39
N HIS A 144 18.99 -12.25 -0.59
CA HIS A 144 18.94 -10.79 -0.70
C HIS A 144 20.02 -10.28 -1.64
N HIS A 145 19.71 -9.20 -2.35
CA HIS A 145 20.62 -8.67 -3.37
C HIS A 145 21.07 -7.25 -3.02
N HIS A 146 20.09 -6.37 -2.82
CA HIS A 146 20.38 -4.97 -2.53
C HIS A 146 19.15 -4.27 -1.95
N HIS A 147 19.37 -3.13 -1.29
CA HIS A 147 18.28 -2.31 -0.79
C HIS A 147 18.75 -0.88 -0.54
N HIS A 148 17.83 -0.04 -0.08
CA HIS A 148 18.16 1.35 0.25
C HIS A 148 17.28 1.86 1.39
N HIS A 149 17.70 2.98 1.98
CA HIS A 149 16.98 3.54 3.11
C HIS A 149 16.29 4.85 2.74
N TYR A 1 -36.76 2.92 11.35
CA TYR A 1 -36.20 2.46 10.08
C TYR A 1 -34.79 3.03 9.88
N TYR A 2 -34.54 4.20 10.44
CA TYR A 2 -33.26 4.88 10.27
C TYR A 2 -32.15 4.09 10.96
N MET A 3 -32.51 3.30 11.96
CA MET A 3 -31.54 2.46 12.66
C MET A 3 -31.07 1.32 11.75
N ASP A 4 -31.96 0.82 10.92
CA ASP A 4 -31.61 -0.22 9.96
C ASP A 4 -30.72 0.30 8.86
N VAL A 5 -30.88 1.59 8.53
CA VAL A 5 -30.09 2.22 7.48
C VAL A 5 -28.66 2.44 7.94
N GLN A 6 -28.51 3.00 9.14
CA GLN A 6 -27.19 3.17 9.75
C GLN A 6 -26.56 1.82 10.04
N GLU A 7 -27.36 0.87 10.50
CA GLU A 7 -26.87 -0.45 10.84
C GLU A 7 -26.27 -1.14 9.61
N ALA A 8 -26.94 -0.98 8.47
CA ALA A 8 -26.47 -1.58 7.23
C ALA A 8 -25.08 -1.04 6.86
N LYS A 9 -24.91 0.27 6.98
CA LYS A 9 -23.61 0.88 6.76
C LYS A 9 -22.57 0.36 7.74
N LEU A 10 -22.97 0.22 9.00
CA LEU A 10 -22.08 -0.28 10.04
C LEU A 10 -21.66 -1.72 9.76
N ARG A 11 -22.58 -2.51 9.23
CA ARG A 11 -22.30 -3.89 8.89
C ARG A 11 -21.18 -3.99 7.86
N ASP A 12 -21.22 -3.10 6.87
CA ASP A 12 -20.14 -3.01 5.89
C ASP A 12 -18.84 -2.56 6.55
N LYS A 13 -18.94 -1.60 7.47
CA LYS A 13 -17.78 -1.07 8.16
C LYS A 13 -17.15 -2.12 9.07
N MET A 14 -17.94 -3.12 9.44
CA MET A 14 -17.48 -4.15 10.38
C MET A 14 -16.94 -5.37 9.63
N ARG A 15 -16.86 -5.25 8.30
CA ARG A 15 -16.16 -6.24 7.50
C ARG A 15 -15.10 -5.58 6.63
N GLY A 16 -13.84 -5.66 7.06
CA GLY A 16 -12.74 -5.17 6.26
C GLY A 16 -12.21 -3.83 6.74
N THR A 17 -10.89 -3.67 6.66
CA THR A 17 -10.26 -2.40 7.01
C THR A 17 -10.16 -1.49 5.79
N GLY A 18 -10.46 -2.04 4.62
CA GLY A 18 -10.30 -1.29 3.39
C GLY A 18 -9.17 -1.82 2.52
N VAL A 19 -8.35 -2.69 3.10
CA VAL A 19 -7.24 -3.29 2.37
C VAL A 19 -7.64 -4.64 1.77
N SER A 20 -7.34 -4.82 0.49
CA SER A 20 -7.64 -6.08 -0.19
C SER A 20 -6.45 -7.03 -0.12
N VAL A 21 -6.71 -8.26 0.33
CA VAL A 21 -5.65 -9.24 0.52
C VAL A 21 -5.67 -10.30 -0.60
N THR A 22 -4.56 -10.41 -1.31
CA THR A 22 -4.44 -11.38 -2.39
C THR A 22 -3.29 -12.34 -2.15
N ARG A 23 -3.52 -13.62 -2.40
CA ARG A 23 -2.47 -14.63 -2.28
C ARG A 23 -2.04 -15.14 -3.65
N SER A 24 -0.73 -15.21 -3.87
CA SER A 24 -0.20 -15.65 -5.16
C SER A 24 1.06 -16.49 -4.96
N GLY A 25 0.94 -17.78 -5.22
CA GLY A 25 2.05 -18.69 -5.00
C GLY A 25 2.46 -18.75 -3.53
N ASP A 26 3.73 -18.47 -3.27
CA ASP A 26 4.26 -18.54 -1.91
C ASP A 26 4.34 -17.14 -1.30
N ASN A 27 3.79 -16.16 -2.01
CA ASN A 27 3.89 -14.76 -1.59
C ASN A 27 2.50 -14.15 -1.38
N ILE A 28 2.47 -12.99 -0.75
CA ILE A 28 1.21 -12.30 -0.47
C ILE A 28 1.24 -10.87 -0.99
N ILE A 29 0.17 -10.46 -1.67
CA ILE A 29 0.06 -9.11 -2.18
C ILE A 29 -1.05 -8.34 -1.47
N LEU A 30 -0.70 -7.21 -0.87
CA LEU A 30 -1.67 -6.40 -0.16
C LEU A 30 -1.98 -5.12 -0.94
N ASN A 31 -3.23 -4.99 -1.37
CA ASN A 31 -3.65 -3.82 -2.13
C ASN A 31 -4.43 -2.85 -1.25
N MET A 32 -3.82 -1.72 -0.93
CA MET A 32 -4.42 -0.74 -0.02
C MET A 32 -4.55 0.62 -0.69
N PRO A 33 -5.76 1.20 -0.63
CA PRO A 33 -6.03 2.53 -1.14
C PRO A 33 -5.41 3.63 -0.28
N ASN A 34 -4.97 4.71 -0.92
CA ASN A 34 -4.40 5.84 -0.21
C ASN A 34 -5.36 6.36 0.85
N ASN A 35 -6.65 6.21 0.60
CA ASN A 35 -7.69 6.83 1.41
C ASN A 35 -7.59 6.36 2.87
N VAL A 36 -7.05 5.15 3.05
CA VAL A 36 -7.02 4.53 4.37
C VAL A 36 -5.60 4.43 4.90
N THR A 37 -4.62 4.52 3.99
CA THR A 37 -3.23 4.33 4.35
C THR A 37 -2.46 5.65 4.32
N PHE A 38 -2.60 6.37 3.21
CA PHE A 38 -1.84 7.60 3.00
C PHE A 38 -2.74 8.84 3.08
N ASP A 39 -2.15 10.01 2.93
CA ASP A 39 -2.91 11.23 2.70
C ASP A 39 -3.59 11.21 1.35
N SER A 40 -4.51 12.13 1.14
CA SER A 40 -5.36 12.12 -0.05
C SER A 40 -4.53 12.26 -1.32
N SER A 41 -3.39 12.95 -1.20
CA SER A 41 -2.56 13.27 -2.35
C SER A 41 -1.08 13.04 -2.04
N SER A 42 -0.77 12.84 -0.76
CA SER A 42 0.58 13.00 -0.27
C SER A 42 1.09 11.70 0.35
N ALA A 43 2.41 11.53 0.39
CA ALA A 43 3.01 10.36 1.00
C ALA A 43 3.16 10.54 2.51
N THR A 44 2.08 10.92 3.18
CA THR A 44 2.02 10.91 4.63
C THR A 44 1.04 9.86 5.13
N LEU A 45 1.51 8.97 6.00
CA LEU A 45 0.69 7.86 6.49
C LEU A 45 -0.40 8.38 7.43
N LYS A 46 -1.59 7.79 7.30
CA LYS A 46 -2.63 7.96 8.31
C LYS A 46 -2.44 6.96 9.46
N PRO A 47 -3.01 7.29 10.63
CA PRO A 47 -2.98 6.40 11.79
C PRO A 47 -3.42 4.98 11.46
N ALA A 48 -4.51 4.86 10.71
CA ALA A 48 -5.00 3.56 10.27
C ALA A 48 -4.01 2.88 9.34
N GLY A 49 -3.30 3.68 8.54
CA GLY A 49 -2.32 3.14 7.62
C GLY A 49 -1.08 2.64 8.33
N ALA A 50 -0.66 3.37 9.36
CA ALA A 50 0.47 2.95 10.18
C ALA A 50 0.16 1.66 10.93
N ASN A 51 -1.09 1.51 11.36
CA ASN A 51 -1.52 0.31 12.07
C ASN A 51 -1.47 -0.90 11.16
N THR A 52 -1.92 -0.72 9.91
CA THR A 52 -1.83 -1.78 8.92
C THR A 52 -0.38 -2.14 8.61
N LEU A 53 0.45 -1.12 8.43
CA LEU A 53 1.87 -1.32 8.15
C LEU A 53 2.57 -1.97 9.34
N THR A 54 2.05 -1.70 10.54
CA THR A 54 2.52 -2.37 11.74
C THR A 54 2.21 -3.86 11.69
N GLY A 55 1.02 -4.19 11.21
CA GLY A 55 0.66 -5.58 10.98
C GLY A 55 1.60 -6.25 9.99
N VAL A 56 1.96 -5.54 8.94
CA VAL A 56 2.97 -6.01 7.99
C VAL A 56 4.31 -6.21 8.67
N ALA A 57 4.68 -5.27 9.53
CA ALA A 57 5.93 -5.35 10.29
C ALA A 57 5.93 -6.58 11.19
N MET A 58 4.76 -6.91 11.74
CA MET A 58 4.62 -8.09 12.58
C MET A 58 4.92 -9.36 11.79
N VAL A 59 4.82 -9.26 10.47
CA VAL A 59 5.02 -10.41 9.59
C VAL A 59 6.48 -10.49 9.13
N LEU A 60 7.02 -9.36 8.70
CA LEU A 60 8.38 -9.31 8.21
C LEU A 60 9.38 -9.62 9.32
N LYS A 61 9.10 -9.09 10.51
CA LYS A 61 10.00 -9.26 11.66
C LYS A 61 10.05 -10.72 12.09
N GLU A 62 8.89 -11.35 12.19
CA GLU A 62 8.78 -12.70 12.73
C GLU A 62 9.20 -13.73 11.67
N TYR A 63 9.05 -13.36 10.41
CA TYR A 63 9.40 -14.25 9.31
C TYR A 63 10.50 -13.64 8.45
N PRO A 64 11.76 -13.85 8.86
CA PRO A 64 12.94 -13.36 8.12
C PRO A 64 13.17 -14.12 6.82
N LYS A 65 14.17 -13.71 6.06
CA LYS A 65 14.48 -14.33 4.78
C LYS A 65 13.40 -14.01 3.75
N THR A 66 12.60 -12.99 4.04
CA THR A 66 11.58 -12.53 3.11
C THR A 66 11.77 -11.06 2.75
N ALA A 67 11.40 -10.69 1.53
CA ALA A 67 11.54 -9.32 1.07
C ALA A 67 10.18 -8.67 0.86
N VAL A 68 10.05 -7.40 1.25
CA VAL A 68 8.85 -6.64 0.97
C VAL A 68 9.11 -5.56 -0.08
N ASN A 69 8.25 -5.51 -1.09
CA ASN A 69 8.39 -4.52 -2.15
C ASN A 69 7.14 -3.64 -2.23
N VAL A 70 7.35 -2.33 -2.26
CA VAL A 70 6.26 -1.37 -2.23
C VAL A 70 6.15 -0.63 -3.56
N ILE A 71 4.98 -0.75 -4.19
CA ILE A 71 4.72 -0.05 -5.44
C ILE A 71 3.42 0.74 -5.37
N GLY A 72 3.52 2.05 -5.60
CA GLY A 72 2.34 2.89 -5.67
C GLY A 72 2.01 3.31 -7.08
N TYR A 73 0.73 3.55 -7.34
CA TYR A 73 0.29 4.06 -8.64
C TYR A 73 -0.88 5.02 -8.48
N THR A 74 -0.98 5.99 -9.39
CA THR A 74 -1.97 7.04 -9.28
C THR A 74 -2.03 7.88 -10.56
N ASP A 75 -3.18 8.50 -10.80
CA ASP A 75 -3.43 9.16 -12.07
C ASP A 75 -3.47 10.67 -11.91
N SER A 76 -4.37 11.16 -11.07
CA SER A 76 -4.72 12.57 -11.04
C SER A 76 -3.82 13.33 -10.08
N THR A 77 -2.70 12.71 -9.70
CA THR A 77 -1.68 13.39 -8.92
C THR A 77 -0.43 13.66 -9.75
N GLY A 78 -0.63 13.94 -11.03
CA GLY A 78 0.49 14.27 -11.90
C GLY A 78 0.70 13.22 -12.98
N GLY A 79 1.81 13.35 -13.71
CA GLY A 79 2.09 12.42 -14.79
C GLY A 79 2.84 11.19 -14.31
N HIS A 80 3.17 10.31 -15.25
CA HIS A 80 3.83 9.05 -14.90
C HIS A 80 5.10 9.30 -14.10
N ASP A 81 5.93 10.22 -14.58
CA ASP A 81 7.23 10.48 -13.97
C ASP A 81 7.06 11.04 -12.56
N LEU A 82 6.20 12.04 -12.42
CA LEU A 82 5.94 12.65 -11.12
C LEU A 82 5.28 11.66 -10.17
N ASN A 83 4.35 10.87 -10.69
CA ASN A 83 3.65 9.87 -9.89
C ASN A 83 4.61 8.77 -9.44
N MET A 84 5.52 8.38 -10.33
CA MET A 84 6.61 7.48 -9.96
C MET A 84 7.39 8.04 -8.77
N ARG A 85 7.60 9.35 -8.77
CA ARG A 85 8.32 10.00 -7.69
C ARG A 85 7.53 9.92 -6.38
N LEU A 86 6.23 10.16 -6.46
CA LEU A 86 5.34 9.95 -5.33
C LEU A 86 5.36 8.49 -4.89
N SER A 87 5.40 7.58 -5.86
CA SER A 87 5.46 6.15 -5.57
C SER A 87 6.71 5.81 -4.78
N GLN A 88 7.83 6.44 -5.14
CA GLN A 88 9.07 6.27 -4.39
C GLN A 88 8.94 6.81 -2.97
N GLN A 89 8.31 7.97 -2.84
CA GLN A 89 8.16 8.62 -1.55
C GLN A 89 7.24 7.82 -0.64
N ARG A 90 6.14 7.33 -1.19
CA ARG A 90 5.22 6.47 -0.46
C ARG A 90 5.90 5.16 -0.08
N ALA A 91 6.72 4.64 -0.97
CA ALA A 91 7.56 3.48 -0.68
C ALA A 91 8.53 3.79 0.47
N ASP A 92 9.09 4.99 0.45
CA ASP A 92 10.01 5.42 1.50
C ASP A 92 9.29 5.53 2.84
N SER A 93 8.07 6.07 2.81
CA SER A 93 7.28 6.25 4.02
C SER A 93 6.94 4.89 4.65
N VAL A 94 6.58 3.94 3.80
CA VAL A 94 6.32 2.57 4.26
C VAL A 94 7.56 1.94 4.85
N ALA A 95 8.68 2.09 4.16
CA ALA A 95 9.95 1.53 4.62
C ALA A 95 10.34 2.10 5.98
N SER A 96 10.17 3.41 6.14
CA SER A 96 10.49 4.07 7.40
C SER A 96 9.63 3.52 8.54
N ALA A 97 8.34 3.33 8.27
CA ALA A 97 7.43 2.80 9.27
C ALA A 97 7.81 1.39 9.68
N LEU A 98 8.12 0.55 8.69
CA LEU A 98 8.50 -0.84 8.95
C LEU A 98 9.78 -0.91 9.77
N ILE A 99 10.75 -0.06 9.42
CA ILE A 99 12.00 0.00 10.15
C ILE A 99 11.79 0.44 11.59
N THR A 100 10.90 1.42 11.77
CA THR A 100 10.55 1.89 13.11
C THR A 100 9.89 0.77 13.92
N GLN A 101 9.12 -0.07 13.25
CA GLN A 101 8.37 -1.13 13.92
C GLN A 101 9.25 -2.36 14.12
N GLY A 102 10.52 -2.26 13.70
CA GLY A 102 11.52 -3.23 14.10
C GLY A 102 11.89 -4.17 12.98
N VAL A 103 11.43 -3.86 11.77
CA VAL A 103 11.80 -4.63 10.59
C VAL A 103 13.17 -4.21 10.06
N ASP A 104 14.05 -5.18 9.86
CA ASP A 104 15.38 -4.91 9.33
C ASP A 104 15.31 -4.30 7.93
N ALA A 105 16.06 -3.24 7.71
CA ALA A 105 16.06 -2.56 6.42
C ALA A 105 16.46 -3.50 5.29
N SER A 106 17.23 -4.53 5.64
CA SER A 106 17.71 -5.50 4.65
C SER A 106 16.57 -6.35 4.13
N ARG A 107 15.48 -6.40 4.89
CA ARG A 107 14.30 -7.17 4.50
C ARG A 107 13.33 -6.30 3.68
N ILE A 108 13.64 -5.02 3.57
CA ILE A 108 12.86 -4.11 2.75
C ILE A 108 13.60 -3.74 1.47
N ARG A 109 12.96 -3.96 0.34
CA ARG A 109 13.53 -3.56 -0.95
C ARG A 109 12.47 -2.89 -1.82
N THR A 110 12.67 -1.61 -2.11
CA THR A 110 11.68 -0.82 -2.82
C THR A 110 12.31 -0.09 -4.00
N GLN A 111 11.53 0.06 -5.08
CA GLN A 111 11.95 0.90 -6.20
C GLN A 111 10.79 1.77 -6.69
N GLY A 112 11.12 2.98 -7.14
CA GLY A 112 10.10 3.90 -7.60
C GLY A 112 9.50 3.48 -8.93
N LEU A 113 8.31 2.90 -8.90
CA LEU A 113 7.59 2.53 -10.12
C LEU A 113 6.29 3.30 -10.22
N GLY A 114 6.11 4.02 -11.33
CA GLY A 114 4.92 4.82 -11.52
C GLY A 114 3.71 3.99 -11.88
N PRO A 115 2.63 4.65 -12.32
CA PRO A 115 1.38 3.98 -12.69
C PRO A 115 1.58 2.94 -13.77
N ALA A 116 1.07 1.73 -13.54
CA ALA A 116 1.27 0.61 -14.46
C ALA A 116 -0.05 0.14 -15.02
N ASN A 117 -1.02 -0.08 -14.15
CA ASN A 117 -2.37 -0.47 -14.57
C ASN A 117 -3.43 0.32 -13.83
N PRO A 118 -3.92 1.39 -14.47
CA PRO A 118 -4.99 2.24 -13.91
C PRO A 118 -6.22 1.42 -13.53
N ILE A 119 -6.90 1.86 -12.48
CA ILE A 119 -8.04 1.11 -11.95
C ILE A 119 -9.33 1.48 -12.66
N ALA A 120 -9.58 2.78 -12.78
CA ALA A 120 -10.75 3.27 -13.53
C ALA A 120 -10.43 4.57 -14.24
N SER A 121 -11.32 4.98 -15.14
CA SER A 121 -11.13 6.22 -15.90
C SER A 121 -11.19 7.43 -14.97
N ASN A 122 -10.25 8.36 -15.15
CA ASN A 122 -10.20 9.58 -14.35
C ASN A 122 -11.26 10.57 -14.82
N SER A 123 -12.04 10.18 -15.82
CA SER A 123 -13.15 10.99 -16.31
C SER A 123 -14.32 10.96 -15.34
N THR A 124 -14.22 10.09 -14.32
CA THR A 124 -15.20 10.08 -13.25
C THR A 124 -14.55 10.38 -11.90
N ALA A 125 -15.33 10.93 -10.98
CA ALA A 125 -14.83 11.25 -9.66
C ALA A 125 -14.43 10.00 -8.89
N GLU A 126 -15.21 8.94 -9.05
CA GLU A 126 -14.92 7.68 -8.38
C GLU A 126 -13.67 7.03 -8.96
N GLY A 127 -13.54 7.08 -10.28
CA GLY A 127 -12.36 6.51 -10.93
C GLY A 127 -11.08 7.20 -10.51
N LYS A 128 -11.14 8.51 -10.36
CA LYS A 128 -9.99 9.29 -9.91
C LYS A 128 -9.51 8.82 -8.54
N ALA A 129 -10.46 8.60 -7.63
CA ALA A 129 -10.14 8.16 -6.29
C ALA A 129 -9.56 6.74 -6.29
N GLN A 130 -10.19 5.85 -7.04
CA GLN A 130 -9.81 4.44 -7.04
C GLN A 130 -8.42 4.26 -7.65
N ASN A 131 -8.02 5.21 -8.51
CA ASN A 131 -6.72 5.16 -9.16
C ASN A 131 -5.59 5.39 -8.16
N ARG A 132 -5.94 6.00 -7.03
CA ARG A 132 -4.94 6.36 -6.03
C ARG A 132 -4.75 5.23 -5.03
N ARG A 133 -3.97 4.22 -5.41
CA ARG A 133 -3.82 3.03 -4.60
C ARG A 133 -2.36 2.58 -4.54
N VAL A 134 -1.98 1.94 -3.46
CA VAL A 134 -0.63 1.41 -3.30
C VAL A 134 -0.65 -0.08 -2.95
N GLU A 135 0.25 -0.84 -3.56
CA GLU A 135 0.28 -2.28 -3.35
C GLU A 135 1.62 -2.71 -2.74
N ILE A 136 1.54 -3.50 -1.67
CA ILE A 136 2.75 -3.98 -1.01
C ILE A 136 2.84 -5.51 -1.07
N THR A 137 3.96 -6.01 -1.57
CA THR A 137 4.12 -7.43 -1.83
C THR A 137 5.17 -8.04 -0.92
N LEU A 138 4.79 -9.08 -0.20
CA LEU A 138 5.73 -9.81 0.65
C LEU A 138 6.04 -11.18 0.06
N SER A 139 7.33 -11.43 -0.18
CA SER A 139 7.75 -12.61 -0.92
C SER A 139 9.07 -13.16 -0.37
N PRO A 140 9.04 -14.43 0.09
CA PRO A 140 10.26 -15.15 0.48
C PRO A 140 11.26 -15.24 -0.66
N LEU A 141 12.52 -14.94 -0.36
CA LEU A 141 13.59 -15.06 -1.34
C LEU A 141 14.75 -15.88 -0.78
N LEU A 142 14.83 -15.94 0.55
CA LEU A 142 15.92 -16.66 1.20
C LEU A 142 17.28 -16.10 0.78
N GLU A 143 17.33 -14.80 0.55
CA GLU A 143 18.56 -14.15 0.12
C GLU A 143 18.42 -12.63 0.16
N HIS A 144 19.54 -11.94 0.01
CA HIS A 144 19.54 -10.48 0.00
C HIS A 144 20.46 -9.94 -1.09
N HIS A 145 20.08 -8.83 -1.70
CA HIS A 145 20.88 -8.22 -2.76
C HIS A 145 21.31 -6.80 -2.37
N HIS A 146 20.34 -5.97 -2.02
CA HIS A 146 20.62 -4.59 -1.64
C HIS A 146 19.39 -3.93 -1.04
N HIS A 147 19.61 -2.84 -0.30
CA HIS A 147 18.51 -2.11 0.32
C HIS A 147 18.86 -0.64 0.47
N HIS A 148 17.90 0.15 0.95
CA HIS A 148 18.10 1.58 1.12
C HIS A 148 17.13 2.15 2.16
N HIS A 149 17.38 3.37 2.62
CA HIS A 149 16.52 4.03 3.57
C HIS A 149 15.90 5.29 2.96
N TYR A 1 -32.07 -3.89 4.98
CA TYR A 1 -31.23 -2.76 4.58
C TYR A 1 -30.34 -2.32 5.73
N TYR A 2 -30.95 -1.77 6.78
CA TYR A 2 -30.21 -1.15 7.86
C TYR A 2 -29.36 -2.17 8.61
N MET A 3 -29.84 -3.42 8.64
CA MET A 3 -29.09 -4.50 9.26
C MET A 3 -27.84 -4.84 8.47
N ASP A 4 -27.94 -4.73 7.14
CA ASP A 4 -26.80 -4.96 6.26
C ASP A 4 -25.79 -3.82 6.39
N VAL A 5 -26.29 -2.63 6.67
CA VAL A 5 -25.43 -1.46 6.80
C VAL A 5 -24.58 -1.53 8.07
N GLN A 6 -25.23 -1.82 9.20
CA GLN A 6 -24.52 -2.05 10.45
C GLN A 6 -23.63 -3.29 10.35
N GLU A 7 -24.15 -4.35 9.74
CA GLU A 7 -23.40 -5.59 9.59
C GLU A 7 -22.08 -5.34 8.85
N ALA A 8 -22.15 -4.56 7.77
CA ALA A 8 -20.97 -4.27 6.97
C ALA A 8 -19.91 -3.55 7.80
N LYS A 9 -20.33 -2.55 8.55
CA LYS A 9 -19.42 -1.81 9.42
C LYS A 9 -18.85 -2.71 10.51
N LEU A 10 -19.71 -3.53 11.09
CA LEU A 10 -19.30 -4.40 12.19
C LEU A 10 -18.26 -5.42 11.71
N ARG A 11 -18.45 -5.93 10.50
CA ARG A 11 -17.51 -6.88 9.91
C ARG A 11 -16.14 -6.25 9.73
N ASP A 12 -16.12 -5.00 9.30
CA ASP A 12 -14.87 -4.24 9.18
C ASP A 12 -14.25 -4.00 10.55
N LYS A 13 -15.10 -3.70 11.53
CA LYS A 13 -14.64 -3.49 12.90
C LYS A 13 -14.07 -4.78 13.49
N MET A 14 -14.57 -5.92 13.01
CA MET A 14 -14.15 -7.21 13.52
C MET A 14 -13.13 -7.86 12.59
N ARG A 15 -12.87 -7.21 11.46
CA ARG A 15 -11.80 -7.63 10.56
C ARG A 15 -10.98 -6.44 10.09
N GLY A 16 -10.28 -5.80 11.03
CA GLY A 16 -9.61 -4.55 10.72
C GLY A 16 -8.15 -4.76 10.35
N THR A 17 -7.84 -4.54 9.08
CA THR A 17 -6.46 -4.51 8.62
C THR A 17 -6.13 -3.23 7.88
N GLY A 18 -7.13 -2.69 7.17
CA GLY A 18 -6.90 -1.55 6.31
C GLY A 18 -6.32 -1.95 4.97
N VAL A 19 -6.12 -3.24 4.77
CA VAL A 19 -5.50 -3.74 3.54
C VAL A 19 -6.19 -5.02 3.06
N SER A 20 -6.34 -5.14 1.75
CA SER A 20 -6.97 -6.32 1.15
C SER A 20 -5.93 -7.42 0.94
N VAL A 21 -6.19 -8.59 1.52
CA VAL A 21 -5.21 -9.66 1.55
C VAL A 21 -5.56 -10.77 0.56
N THR A 22 -4.62 -11.06 -0.33
CA THR A 22 -4.79 -12.14 -1.29
C THR A 22 -3.70 -13.19 -1.15
N ARG A 23 -4.08 -14.46 -1.22
CA ARG A 23 -3.11 -15.55 -1.18
C ARG A 23 -2.83 -16.08 -2.59
N SER A 24 -1.55 -16.15 -2.94
CA SER A 24 -1.14 -16.62 -4.26
C SER A 24 0.04 -17.58 -4.15
N GLY A 25 -0.24 -18.87 -4.24
CA GLY A 25 0.78 -19.87 -4.02
C GLY A 25 1.29 -19.85 -2.59
N ASP A 26 2.61 -19.71 -2.43
CA ASP A 26 3.21 -19.56 -1.12
C ASP A 26 3.50 -18.09 -0.81
N ASN A 27 2.97 -17.21 -1.66
CA ASN A 27 3.24 -15.78 -1.52
C ASN A 27 1.98 -15.05 -1.05
N ILE A 28 2.17 -13.85 -0.51
CA ILE A 28 1.05 -13.01 -0.09
C ILE A 28 1.01 -11.71 -0.89
N ILE A 29 -0.15 -11.40 -1.44
CA ILE A 29 -0.34 -10.15 -2.18
C ILE A 29 -1.26 -9.20 -1.44
N LEU A 30 -0.73 -8.03 -1.09
CA LEU A 30 -1.50 -7.04 -0.35
C LEU A 30 -1.88 -5.85 -1.23
N ASN A 31 -3.17 -5.55 -1.29
CA ASN A 31 -3.66 -4.38 -2.02
C ASN A 31 -4.11 -3.29 -1.05
N MET A 32 -3.38 -2.19 -1.03
CA MET A 32 -3.68 -1.09 -0.11
C MET A 32 -3.93 0.20 -0.88
N PRO A 33 -5.13 0.78 -0.69
CA PRO A 33 -5.53 2.03 -1.34
C PRO A 33 -4.78 3.24 -0.79
N ASN A 34 -4.32 4.11 -1.68
CA ASN A 34 -3.48 5.24 -1.28
C ASN A 34 -4.30 6.26 -0.49
N ASN A 35 -5.54 6.49 -0.93
CA ASN A 35 -6.34 7.59 -0.42
C ASN A 35 -6.84 7.30 0.99
N VAL A 36 -6.85 6.01 1.35
CA VAL A 36 -7.34 5.60 2.67
C VAL A 36 -6.23 5.61 3.70
N THR A 37 -5.00 5.39 3.24
CA THR A 37 -3.87 5.22 4.15
C THR A 37 -2.90 6.38 4.03
N PHE A 38 -2.97 7.11 2.92
CA PHE A 38 -2.22 8.34 2.76
C PHE A 38 -3.15 9.53 2.53
N ASP A 39 -2.64 10.73 2.79
CA ASP A 39 -3.40 11.95 2.54
C ASP A 39 -3.72 12.10 1.06
N SER A 40 -4.99 12.34 0.75
CA SER A 40 -5.44 12.44 -0.64
C SER A 40 -4.78 13.61 -1.34
N SER A 41 -4.29 14.57 -0.56
CA SER A 41 -3.71 15.78 -1.11
C SER A 41 -2.21 15.60 -1.38
N SER A 42 -1.54 14.90 -0.47
CA SER A 42 -0.09 14.76 -0.54
C SER A 42 0.35 13.40 0.00
N ALA A 43 1.56 12.98 -0.38
CA ALA A 43 2.13 11.73 0.10
C ALA A 43 2.55 11.86 1.57
N THR A 44 1.60 12.09 2.45
CA THR A 44 1.82 11.97 3.89
C THR A 44 1.00 10.82 4.47
N LEU A 45 1.68 9.92 5.17
CA LEU A 45 1.03 8.74 5.74
C LEU A 45 -0.02 9.16 6.77
N LYS A 46 -1.19 8.53 6.69
CA LYS A 46 -2.22 8.71 7.71
C LYS A 46 -1.96 7.79 8.90
N PRO A 47 -2.49 8.19 10.07
CA PRO A 47 -2.42 7.36 11.28
C PRO A 47 -2.97 5.96 11.05
N ALA A 48 -4.08 5.87 10.34
CA ALA A 48 -4.66 4.58 9.98
C ALA A 48 -3.73 3.80 9.05
N GLY A 49 -3.02 4.52 8.19
CA GLY A 49 -2.05 3.90 7.31
C GLY A 49 -0.85 3.34 8.08
N ALA A 50 -0.45 4.04 9.13
CA ALA A 50 0.63 3.57 10.00
C ALA A 50 0.22 2.29 10.71
N ASN A 51 -1.05 2.20 11.10
CA ASN A 51 -1.57 1.01 11.75
C ASN A 51 -1.55 -0.19 10.80
N THR A 52 -1.95 0.04 9.56
CA THR A 52 -1.88 -0.99 8.53
C THR A 52 -0.43 -1.42 8.30
N LEU A 53 0.46 -0.46 8.17
CA LEU A 53 1.88 -0.74 7.95
C LEU A 53 2.48 -1.47 9.14
N THR A 54 1.97 -1.16 10.34
CA THR A 54 2.36 -1.89 11.54
C THR A 54 1.93 -3.34 11.48
N GLY A 55 0.73 -3.57 10.95
CA GLY A 55 0.27 -4.93 10.71
C GLY A 55 1.15 -5.67 9.73
N VAL A 56 1.52 -5.01 8.65
CA VAL A 56 2.45 -5.57 7.68
C VAL A 56 3.77 -5.94 8.34
N ALA A 57 4.24 -5.08 9.25
CA ALA A 57 5.44 -5.36 10.02
C ALA A 57 5.26 -6.61 10.87
N MET A 58 4.10 -6.73 11.50
CA MET A 58 3.79 -7.88 12.35
C MET A 58 3.75 -9.17 11.52
N VAL A 59 3.41 -9.03 10.23
CA VAL A 59 3.33 -10.17 9.34
C VAL A 59 4.72 -10.57 8.83
N LEU A 60 5.51 -9.56 8.45
CA LEU A 60 6.90 -9.80 8.08
C LEU A 60 7.67 -10.45 9.22
N LYS A 61 7.30 -10.12 10.45
CA LYS A 61 7.90 -10.73 11.62
C LYS A 61 7.49 -12.20 11.75
N GLU A 62 6.24 -12.49 11.38
CA GLU A 62 5.73 -13.85 11.43
C GLU A 62 6.39 -14.70 10.33
N TYR A 63 6.76 -14.06 9.23
CA TYR A 63 7.48 -14.73 8.16
C TYR A 63 8.88 -14.16 8.01
N PRO A 64 9.80 -14.62 8.87
CA PRO A 64 11.21 -14.23 8.82
C PRO A 64 11.93 -14.82 7.61
N LYS A 65 13.01 -14.16 7.18
CA LYS A 65 13.80 -14.64 6.07
C LYS A 65 13.02 -14.54 4.76
N THR A 66 12.28 -13.45 4.60
CA THR A 66 11.49 -13.22 3.39
C THR A 66 11.79 -11.86 2.77
N ALA A 67 11.42 -11.69 1.51
CA ALA A 67 11.58 -10.41 0.84
C ALA A 67 10.23 -9.74 0.60
N VAL A 68 10.13 -8.47 0.93
CA VAL A 68 8.91 -7.70 0.70
C VAL A 68 9.14 -6.63 -0.36
N ASN A 69 8.28 -6.62 -1.38
CA ASN A 69 8.42 -5.68 -2.48
C ASN A 69 7.19 -4.77 -2.57
N VAL A 70 7.42 -3.46 -2.50
CA VAL A 70 6.33 -2.49 -2.53
C VAL A 70 6.36 -1.65 -3.79
N ILE A 71 5.27 -1.67 -4.54
CA ILE A 71 5.15 -0.86 -5.74
C ILE A 71 3.91 0.02 -5.69
N GLY A 72 4.12 1.34 -5.76
CA GLY A 72 3.00 2.27 -5.76
C GLY A 72 2.82 2.95 -7.10
N TYR A 73 1.56 3.17 -7.48
CA TYR A 73 1.25 3.77 -8.77
C TYR A 73 0.04 4.69 -8.67
N THR A 74 -0.04 5.66 -9.57
CA THR A 74 -1.14 6.61 -9.58
C THR A 74 -1.15 7.44 -10.86
N ASP A 75 -2.32 7.91 -11.25
CA ASP A 75 -2.47 8.70 -12.47
C ASP A 75 -2.75 10.16 -12.16
N SER A 76 -3.84 10.40 -11.42
CA SER A 76 -4.43 11.73 -11.35
C SER A 76 -3.74 12.59 -10.31
N THR A 77 -2.78 12.00 -9.59
CA THR A 77 -1.94 12.74 -8.67
C THR A 77 -1.45 14.04 -9.30
N GLY A 78 -0.78 13.92 -10.45
CA GLY A 78 -0.52 15.08 -11.28
C GLY A 78 0.35 14.76 -12.48
N GLY A 79 1.55 15.34 -12.50
CA GLY A 79 2.43 15.16 -13.64
C GLY A 79 3.30 13.91 -13.51
N HIS A 80 4.04 13.60 -14.56
CA HIS A 80 4.89 12.41 -14.57
C HIS A 80 5.89 12.46 -13.41
N ASP A 81 6.62 13.55 -13.31
CA ASP A 81 7.63 13.72 -12.27
C ASP A 81 6.98 13.74 -10.89
N LEU A 82 5.85 14.44 -10.78
CA LEU A 82 5.15 14.57 -9.51
C LEU A 82 4.63 13.22 -9.03
N ASN A 83 4.06 12.45 -9.95
CA ASN A 83 3.55 11.12 -9.63
C ASN A 83 4.66 10.20 -9.17
N MET A 84 5.79 10.24 -9.87
CA MET A 84 6.93 9.40 -9.54
C MET A 84 7.48 9.74 -8.17
N ARG A 85 7.60 11.04 -7.89
CA ARG A 85 8.22 11.50 -6.65
C ARG A 85 7.33 11.19 -5.45
N LEU A 86 6.03 11.48 -5.59
CA LEU A 86 5.08 11.25 -4.51
C LEU A 86 4.91 9.76 -4.25
N SER A 87 4.88 8.96 -5.32
CA SER A 87 4.80 7.52 -5.20
C SER A 87 6.02 6.95 -4.49
N GLN A 88 7.19 7.49 -4.81
CA GLN A 88 8.43 7.10 -4.15
C GLN A 88 8.43 7.55 -2.70
N GLN A 89 7.85 8.72 -2.44
CA GLN A 89 7.76 9.24 -1.08
C GLN A 89 6.85 8.38 -0.22
N ARG A 90 5.76 7.90 -0.81
CA ARG A 90 4.89 6.94 -0.15
C ARG A 90 5.62 5.62 0.11
N ALA A 91 6.40 5.18 -0.88
CA ALA A 91 7.20 3.98 -0.75
C ALA A 91 8.23 4.14 0.36
N ASP A 92 8.85 5.32 0.43
CA ASP A 92 9.80 5.63 1.49
C ASP A 92 9.13 5.61 2.86
N SER A 93 7.90 6.10 2.90
CA SER A 93 7.13 6.12 4.15
C SER A 93 6.81 4.70 4.61
N VAL A 94 6.51 3.83 3.66
CA VAL A 94 6.27 2.42 3.95
C VAL A 94 7.52 1.76 4.53
N ALA A 95 8.66 2.01 3.89
CA ALA A 95 9.92 1.47 4.36
C ALA A 95 10.28 2.01 5.74
N SER A 96 10.09 3.31 5.93
CA SER A 96 10.39 3.95 7.21
C SER A 96 9.57 3.34 8.34
N ALA A 97 8.29 3.10 8.07
CA ALA A 97 7.39 2.53 9.07
C ALA A 97 7.82 1.12 9.45
N LEU A 98 8.12 0.31 8.44
CA LEU A 98 8.55 -1.06 8.67
C LEU A 98 9.86 -1.11 9.45
N ILE A 99 10.79 -0.22 9.09
CA ILE A 99 12.06 -0.12 9.79
C ILE A 99 11.84 0.31 11.24
N THR A 100 10.94 1.26 11.45
CA THR A 100 10.61 1.73 12.80
C THR A 100 10.01 0.59 13.63
N GLN A 101 9.28 -0.29 12.97
CA GLN A 101 8.62 -1.40 13.65
C GLN A 101 9.57 -2.58 13.82
N GLY A 102 10.81 -2.40 13.36
CA GLY A 102 11.87 -3.33 13.71
C GLY A 102 12.16 -4.33 12.61
N VAL A 103 11.61 -4.08 11.42
CA VAL A 103 11.86 -4.93 10.26
C VAL A 103 13.14 -4.52 9.55
N ASP A 104 14.03 -5.49 9.34
CA ASP A 104 15.32 -5.22 8.73
C ASP A 104 15.15 -4.57 7.36
N ALA A 105 15.84 -3.44 7.16
CA ALA A 105 15.72 -2.70 5.90
C ALA A 105 16.21 -3.53 4.73
N SER A 106 17.12 -4.45 4.99
CA SER A 106 17.73 -5.25 3.93
C SER A 106 16.71 -6.21 3.32
N ARG A 107 15.62 -6.45 4.05
CA ARG A 107 14.57 -7.33 3.56
C ARG A 107 13.50 -6.55 2.82
N ILE A 108 13.60 -5.22 2.88
CA ILE A 108 12.57 -4.34 2.31
C ILE A 108 13.04 -3.70 1.01
N ARG A 109 12.23 -3.83 -0.03
CA ARG A 109 12.49 -3.14 -1.29
C ARG A 109 11.24 -2.39 -1.76
N THR A 110 11.38 -1.09 -1.99
CA THR A 110 10.26 -0.25 -2.36
C THR A 110 10.53 0.51 -3.65
N GLN A 111 9.47 0.78 -4.42
CA GLN A 111 9.58 1.61 -5.60
C GLN A 111 8.32 2.45 -5.79
N GLY A 112 8.49 3.76 -5.96
CA GLY A 112 7.41 4.60 -6.43
C GLY A 112 7.39 4.73 -7.94
N LEU A 113 6.20 4.56 -8.53
CA LEU A 113 6.03 4.72 -9.98
C LEU A 113 4.88 5.66 -10.29
N GLY A 114 4.98 6.36 -11.41
CA GLY A 114 3.83 7.04 -11.97
C GLY A 114 2.86 6.10 -12.65
N PRO A 115 2.04 6.63 -13.56
CA PRO A 115 1.10 5.83 -14.34
C PRO A 115 1.79 4.82 -15.25
N ALA A 116 1.44 3.55 -15.09
CA ALA A 116 2.05 2.49 -15.87
C ALA A 116 1.05 1.39 -16.19
N ASN A 117 0.27 0.99 -15.19
CA ASN A 117 -0.76 -0.03 -15.36
C ASN A 117 -2.01 0.32 -14.57
N PRO A 118 -2.85 1.20 -15.15
CA PRO A 118 -4.13 1.58 -14.55
C PRO A 118 -5.10 0.41 -14.49
N ILE A 119 -5.88 0.35 -13.40
CA ILE A 119 -6.76 -0.77 -13.17
C ILE A 119 -8.22 -0.41 -13.48
N ALA A 120 -8.50 0.90 -13.50
CA ALA A 120 -9.82 1.38 -13.87
C ALA A 120 -9.71 2.59 -14.79
N SER A 121 -10.84 2.97 -15.39
CA SER A 121 -10.87 4.10 -16.32
C SER A 121 -10.69 5.41 -15.58
N ASN A 122 -9.81 6.26 -16.11
CA ASN A 122 -9.59 7.59 -15.53
C ASN A 122 -10.77 8.50 -15.79
N SER A 123 -11.64 8.09 -16.73
CA SER A 123 -12.77 8.91 -17.13
C SER A 123 -13.91 8.78 -16.12
N THR A 124 -13.75 7.88 -15.16
CA THR A 124 -14.71 7.74 -14.07
C THR A 124 -14.08 8.12 -12.73
N ALA A 125 -14.84 8.82 -11.90
CA ALA A 125 -14.32 9.35 -10.65
C ALA A 125 -13.92 8.23 -9.70
N GLU A 126 -14.74 7.18 -9.66
CA GLU A 126 -14.43 6.01 -8.83
C GLU A 126 -13.20 5.29 -9.35
N GLY A 127 -13.08 5.19 -10.67
CA GLY A 127 -12.00 4.44 -11.27
C GLY A 127 -10.65 5.08 -11.01
N LYS A 128 -10.56 6.39 -11.21
CA LYS A 128 -9.31 7.12 -11.00
C LYS A 128 -8.91 7.09 -9.53
N ALA A 129 -9.90 7.06 -8.65
CA ALA A 129 -9.66 6.89 -7.22
C ALA A 129 -9.03 5.53 -6.93
N GLN A 130 -9.55 4.50 -7.58
CA GLN A 130 -9.04 3.14 -7.40
C GLN A 130 -7.64 3.01 -8.00
N ASN A 131 -7.36 3.84 -9.01
CA ASN A 131 -6.03 3.84 -9.64
C ASN A 131 -4.98 4.43 -8.69
N ARG A 132 -5.46 5.04 -7.60
CA ARG A 132 -4.57 5.47 -6.54
C ARG A 132 -4.34 4.35 -5.53
N ARG A 133 -3.42 3.44 -5.85
CA ARG A 133 -3.26 2.21 -5.09
C ARG A 133 -1.80 1.80 -5.01
N VAL A 134 -1.42 1.17 -3.90
CA VAL A 134 -0.09 0.61 -3.75
C VAL A 134 -0.15 -0.87 -3.39
N GLU A 135 0.74 -1.66 -4.00
CA GLU A 135 0.71 -3.11 -3.83
C GLU A 135 1.94 -3.60 -3.07
N ILE A 136 1.72 -4.44 -2.08
CA ILE A 136 2.80 -5.00 -1.29
C ILE A 136 2.87 -6.52 -1.44
N THR A 137 4.02 -7.01 -1.89
CA THR A 137 4.19 -8.43 -2.17
C THR A 137 5.15 -9.08 -1.17
N LEU A 138 4.70 -10.14 -0.51
CA LEU A 138 5.53 -10.87 0.43
C LEU A 138 5.93 -12.23 -0.14
N SER A 139 7.23 -12.40 -0.38
CA SER A 139 7.73 -13.62 -1.02
C SER A 139 8.98 -14.13 -0.32
N PRO A 140 8.90 -15.35 0.23
CA PRO A 140 10.03 -16.00 0.89
C PRO A 140 11.25 -16.09 -0.02
N LEU A 141 12.42 -15.76 0.53
CA LEU A 141 13.67 -15.79 -0.23
C LEU A 141 14.87 -15.82 0.70
N LEU A 142 15.74 -16.81 0.51
CA LEU A 142 16.97 -16.92 1.28
C LEU A 142 18.15 -16.31 0.53
N GLU A 143 17.99 -15.05 0.13
CA GLU A 143 19.04 -14.36 -0.62
C GLU A 143 18.71 -12.87 -0.75
N HIS A 144 19.69 -12.03 -0.41
CA HIS A 144 19.53 -10.58 -0.54
C HIS A 144 20.80 -9.95 -1.08
N HIS A 145 20.62 -8.90 -1.89
CA HIS A 145 21.76 -8.14 -2.40
C HIS A 145 21.34 -6.73 -2.80
N HIS A 146 22.20 -5.76 -2.55
CA HIS A 146 21.89 -4.36 -2.81
C HIS A 146 23.00 -3.69 -3.61
N HIS A 147 23.05 -3.96 -4.91
CA HIS A 147 24.00 -3.29 -5.79
C HIS A 147 23.49 -1.89 -6.17
N HIS A 148 22.32 -1.84 -6.80
CA HIS A 148 21.67 -0.57 -7.10
C HIS A 148 20.17 -0.74 -7.23
N HIS A 149 19.43 0.35 -7.09
CA HIS A 149 17.98 0.32 -7.20
C HIS A 149 17.46 1.51 -8.00
N TYR A 1 -36.04 7.71 10.88
CA TYR A 1 -35.65 7.18 9.58
C TYR A 1 -34.23 7.60 9.22
N TYR A 2 -33.81 8.76 9.74
CA TYR A 2 -32.49 9.29 9.44
C TYR A 2 -31.39 8.42 10.03
N MET A 3 -31.74 7.67 11.08
CA MET A 3 -30.80 6.75 11.70
C MET A 3 -30.53 5.55 10.78
N ASP A 4 -31.55 5.16 10.01
CA ASP A 4 -31.42 4.05 9.08
C ASP A 4 -30.50 4.42 7.92
N VAL A 5 -30.44 5.71 7.60
CA VAL A 5 -29.65 6.20 6.49
C VAL A 5 -28.18 6.31 6.88
N GLN A 6 -27.92 6.93 8.02
CA GLN A 6 -26.55 7.04 8.53
C GLN A 6 -25.99 5.67 8.88
N GLU A 7 -26.83 4.80 9.46
CA GLU A 7 -26.40 3.49 9.87
C GLU A 7 -25.94 2.66 8.68
N ALA A 8 -26.68 2.76 7.57
CA ALA A 8 -26.33 2.04 6.36
C ALA A 8 -24.97 2.46 5.82
N LYS A 9 -24.72 3.76 5.82
CA LYS A 9 -23.41 4.29 5.43
C LYS A 9 -22.32 3.78 6.38
N LEU A 10 -22.63 3.75 7.67
CA LEU A 10 -21.67 3.29 8.68
C LEU A 10 -21.36 1.81 8.47
N ARG A 11 -22.38 1.04 8.10
CA ARG A 11 -22.20 -0.39 7.84
C ARG A 11 -21.20 -0.63 6.72
N ASP A 12 -21.30 0.18 5.67
CA ASP A 12 -20.33 0.15 4.58
C ASP A 12 -18.94 0.56 5.08
N LYS A 13 -18.90 1.58 5.93
CA LYS A 13 -17.64 2.06 6.48
C LYS A 13 -17.03 1.02 7.41
N MET A 14 -17.86 0.13 7.93
CA MET A 14 -17.40 -0.89 8.87
C MET A 14 -17.09 -2.20 8.13
N ARG A 15 -17.23 -2.17 6.81
CA ARG A 15 -16.81 -3.29 5.98
C ARG A 15 -15.30 -3.26 5.75
N GLY A 16 -14.55 -3.92 6.65
CA GLY A 16 -13.11 -4.00 6.50
C GLY A 16 -12.41 -2.71 6.90
N THR A 17 -11.08 -2.70 6.78
CA THR A 17 -10.31 -1.50 7.04
C THR A 17 -10.20 -0.63 5.80
N GLY A 18 -10.53 -1.20 4.64
CA GLY A 18 -10.30 -0.53 3.39
C GLY A 18 -9.14 -1.13 2.62
N VAL A 19 -8.35 -1.94 3.29
CA VAL A 19 -7.21 -2.61 2.65
C VAL A 19 -7.64 -3.95 2.04
N SER A 20 -7.19 -4.20 0.82
CA SER A 20 -7.50 -5.45 0.13
C SER A 20 -6.36 -6.45 0.28
N VAL A 21 -6.68 -7.61 0.81
CA VAL A 21 -5.67 -8.65 1.05
C VAL A 21 -5.78 -9.77 0.02
N THR A 22 -4.68 -10.01 -0.69
CA THR A 22 -4.66 -11.04 -1.73
C THR A 22 -3.61 -12.10 -1.43
N ARG A 23 -3.99 -13.36 -1.61
CA ARG A 23 -3.03 -14.46 -1.54
C ARG A 23 -2.67 -14.96 -2.93
N SER A 24 -1.38 -15.14 -3.17
CA SER A 24 -0.89 -15.57 -4.48
C SER A 24 0.27 -16.55 -4.34
N GLY A 25 -0.03 -17.83 -4.54
CA GLY A 25 0.94 -18.86 -4.24
C GLY A 25 1.29 -18.94 -2.77
N ASP A 26 2.57 -18.82 -2.46
CA ASP A 26 3.04 -18.89 -1.08
C ASP A 26 3.28 -17.49 -0.52
N ASN A 27 3.02 -16.47 -1.34
CA ASN A 27 3.33 -15.10 -0.97
C ASN A 27 2.06 -14.30 -0.70
N ILE A 28 2.22 -13.13 -0.09
CA ILE A 28 1.08 -12.29 0.27
C ILE A 28 1.17 -10.92 -0.41
N ILE A 29 0.08 -10.50 -1.02
CA ILE A 29 0.03 -9.19 -1.66
C ILE A 29 -1.02 -8.30 -1.00
N LEU A 30 -0.58 -7.15 -0.50
CA LEU A 30 -1.48 -6.19 0.15
C LEU A 30 -1.69 -4.96 -0.71
N ASN A 31 -2.94 -4.69 -1.05
CA ASN A 31 -3.29 -3.52 -1.85
C ASN A 31 -4.02 -2.48 -1.01
N MET A 32 -3.39 -1.33 -0.81
CA MET A 32 -3.95 -0.28 0.04
C MET A 32 -4.32 0.95 -0.80
N PRO A 33 -5.56 1.44 -0.62
CA PRO A 33 -6.02 2.66 -1.28
C PRO A 33 -5.41 3.92 -0.67
N ASN A 34 -5.12 4.90 -1.52
CA ASN A 34 -4.51 6.15 -1.08
C ASN A 34 -5.33 6.77 0.06
N ASN A 35 -6.65 6.71 -0.07
CA ASN A 35 -7.54 7.44 0.83
C ASN A 35 -7.45 6.89 2.25
N VAL A 36 -6.95 5.67 2.37
CA VAL A 36 -6.89 5.00 3.67
C VAL A 36 -5.47 4.99 4.22
N THR A 37 -4.49 5.04 3.32
CA THR A 37 -3.10 4.86 3.70
C THR A 37 -2.45 6.20 4.06
N PHE A 38 -2.58 7.17 3.17
CA PHE A 38 -1.91 8.46 3.33
C PHE A 38 -2.93 9.59 3.49
N ASP A 39 -2.51 10.65 4.17
CA ASP A 39 -3.35 11.84 4.32
C ASP A 39 -3.59 12.50 2.97
N SER A 40 -4.77 13.08 2.81
CA SER A 40 -5.17 13.68 1.54
C SER A 40 -4.32 14.90 1.22
N SER A 41 -3.80 15.54 2.26
CA SER A 41 -3.07 16.79 2.11
C SER A 41 -1.59 16.53 1.87
N SER A 42 -1.15 15.31 2.17
CA SER A 42 0.26 14.96 2.07
C SER A 42 0.45 13.45 2.18
N ALA A 43 1.43 12.92 1.46
CA ALA A 43 1.85 11.54 1.62
C ALA A 43 2.52 11.33 2.97
N THR A 44 1.76 11.52 4.05
CA THR A 44 2.16 11.04 5.36
C THR A 44 1.24 9.91 5.83
N LEU A 45 1.84 8.84 6.35
CA LEU A 45 1.10 7.63 6.69
C LEU A 45 0.06 7.93 7.77
N LYS A 46 -1.15 7.41 7.58
CA LYS A 46 -2.17 7.46 8.62
C LYS A 46 -1.94 6.37 9.67
N PRO A 47 -2.43 6.60 10.89
CA PRO A 47 -2.35 5.63 11.97
C PRO A 47 -2.87 4.24 11.56
N ALA A 48 -3.96 4.24 10.79
CA ALA A 48 -4.52 3.00 10.28
C ALA A 48 -3.53 2.29 9.36
N GLY A 49 -2.70 3.08 8.67
CA GLY A 49 -1.69 2.51 7.81
C GLY A 49 -0.52 1.93 8.58
N ALA A 50 -0.15 2.59 9.67
CA ALA A 50 0.91 2.09 10.54
C ALA A 50 0.50 0.76 11.18
N ASN A 51 -0.78 0.62 11.50
CA ASN A 51 -1.30 -0.62 12.05
C ASN A 51 -1.17 -1.75 11.05
N THR A 52 -1.44 -1.45 9.77
CA THR A 52 -1.25 -2.41 8.70
C THR A 52 0.22 -2.80 8.57
N LEU A 53 1.11 -1.81 8.64
CA LEU A 53 2.54 -2.05 8.53
C LEU A 53 3.05 -2.82 9.75
N THR A 54 2.37 -2.65 10.87
CA THR A 54 2.63 -3.47 12.05
C THR A 54 2.29 -4.94 11.79
N GLY A 55 1.18 -5.17 11.09
CA GLY A 55 0.86 -6.50 10.63
C GLY A 55 1.90 -7.07 9.68
N VAL A 56 2.41 -6.21 8.80
CA VAL A 56 3.52 -6.59 7.93
C VAL A 56 4.74 -6.97 8.74
N ALA A 57 5.06 -6.17 9.76
CA ALA A 57 6.16 -6.48 10.65
C ALA A 57 5.93 -7.80 11.38
N MET A 58 4.68 -8.04 11.76
CA MET A 58 4.32 -9.28 12.46
C MET A 58 4.61 -10.50 11.59
N VAL A 59 4.66 -10.28 10.28
CA VAL A 59 4.84 -11.38 9.33
C VAL A 59 6.31 -11.56 8.97
N LEU A 60 6.98 -10.46 8.69
CA LEU A 60 8.39 -10.50 8.31
C LEU A 60 9.26 -11.01 9.46
N LYS A 61 8.86 -10.69 10.69
CA LYS A 61 9.61 -11.09 11.87
C LYS A 61 9.47 -12.59 12.12
N GLU A 62 8.29 -13.12 11.84
CA GLU A 62 8.04 -14.55 12.00
C GLU A 62 8.71 -15.35 10.89
N TYR A 63 8.82 -14.74 9.71
CA TYR A 63 9.48 -15.39 8.59
C TYR A 63 10.67 -14.57 8.11
N PRO A 64 11.82 -14.76 8.77
CA PRO A 64 13.03 -13.96 8.51
C PRO A 64 13.61 -14.24 7.12
N LYS A 65 13.17 -15.34 6.51
CA LYS A 65 13.68 -15.74 5.21
C LYS A 65 12.81 -15.17 4.08
N THR A 66 12.15 -14.06 4.37
CA THR A 66 11.27 -13.43 3.39
C THR A 66 11.66 -11.98 3.14
N ALA A 67 11.37 -11.49 1.94
CA ALA A 67 11.65 -10.10 1.59
C ALA A 67 10.36 -9.34 1.29
N VAL A 68 10.36 -8.05 1.60
CA VAL A 68 9.19 -7.21 1.38
C VAL A 68 9.47 -6.13 0.34
N ASN A 69 8.57 -6.01 -0.63
CA ASN A 69 8.68 -4.98 -1.65
C ASN A 69 7.50 -4.01 -1.58
N VAL A 70 7.80 -2.73 -1.35
CA VAL A 70 6.76 -1.71 -1.32
C VAL A 70 6.80 -0.84 -2.57
N ILE A 71 5.71 -0.87 -3.33
CA ILE A 71 5.65 -0.14 -4.60
C ILE A 71 4.41 0.75 -4.66
N GLY A 72 4.63 2.03 -4.96
CA GLY A 72 3.52 2.95 -5.10
C GLY A 72 3.28 3.34 -6.54
N TYR A 73 2.01 3.50 -6.91
CA TYR A 73 1.65 3.85 -8.28
C TYR A 73 0.39 4.71 -8.30
N THR A 74 0.29 5.58 -9.30
CA THR A 74 -0.96 6.25 -9.60
C THR A 74 -1.23 6.25 -11.11
N ASP A 75 -2.50 6.19 -11.48
CA ASP A 75 -2.89 5.99 -12.87
C ASP A 75 -4.06 6.87 -13.25
N SER A 76 -4.31 7.90 -12.45
CA SER A 76 -5.50 8.72 -12.60
C SER A 76 -5.25 9.88 -13.56
N THR A 77 -4.32 10.76 -13.20
CA THR A 77 -3.88 11.82 -14.10
C THR A 77 -2.55 12.40 -13.63
N GLY A 78 -2.07 13.43 -14.34
CA GLY A 78 -0.87 14.12 -13.94
C GLY A 78 0.35 13.65 -14.71
N GLY A 79 1.44 14.39 -14.59
CA GLY A 79 2.68 14.02 -15.27
C GLY A 79 3.22 12.68 -14.77
N HIS A 80 3.53 11.79 -15.70
CA HIS A 80 4.05 10.48 -15.35
C HIS A 80 5.29 10.60 -14.47
N ASP A 81 6.20 11.47 -14.85
CA ASP A 81 7.45 11.65 -14.11
C ASP A 81 7.18 12.13 -12.69
N LEU A 82 6.31 13.12 -12.57
CA LEU A 82 5.98 13.70 -11.26
C LEU A 82 5.29 12.68 -10.37
N ASN A 83 4.40 11.89 -10.95
CA ASN A 83 3.69 10.85 -10.22
C ASN A 83 4.68 9.81 -9.70
N MET A 84 5.52 9.29 -10.59
CA MET A 84 6.62 8.42 -10.18
C MET A 84 7.38 9.02 -9.01
N ARG A 85 7.68 10.31 -9.10
CA ARG A 85 8.51 10.98 -8.10
C ARG A 85 7.83 10.95 -6.72
N LEU A 86 6.54 11.28 -6.71
CA LEU A 86 5.75 11.17 -5.49
C LEU A 86 5.65 9.72 -5.03
N SER A 87 5.53 8.81 -5.99
CA SER A 87 5.39 7.39 -5.68
C SER A 87 6.63 6.87 -4.96
N GLN A 88 7.80 7.33 -5.39
CA GLN A 88 9.05 6.96 -4.73
C GLN A 88 9.08 7.43 -3.29
N GLN A 89 8.54 8.63 -3.05
CA GLN A 89 8.59 9.23 -1.73
C GLN A 89 7.68 8.48 -0.75
N ARG A 90 6.45 8.19 -1.18
CA ARG A 90 5.48 7.52 -0.34
C ARG A 90 5.93 6.08 -0.04
N ALA A 91 6.58 5.46 -1.03
CA ALA A 91 7.13 4.12 -0.84
C ALA A 91 8.25 4.13 0.20
N ASP A 92 9.10 5.16 0.14
CA ASP A 92 10.17 5.31 1.11
C ASP A 92 9.61 5.61 2.51
N SER A 93 8.51 6.33 2.55
CA SER A 93 7.85 6.64 3.82
C SER A 93 7.34 5.38 4.50
N VAL A 94 6.80 4.46 3.70
CA VAL A 94 6.41 3.15 4.20
C VAL A 94 7.61 2.37 4.71
N ALA A 95 8.70 2.42 3.97
CA ALA A 95 9.95 1.79 4.39
C ALA A 95 10.41 2.34 5.74
N SER A 96 10.33 3.66 5.89
CA SER A 96 10.72 4.30 7.13
C SER A 96 9.86 3.81 8.30
N ALA A 97 8.56 3.69 8.06
CA ALA A 97 7.63 3.22 9.07
C ALA A 97 7.92 1.78 9.45
N LEU A 98 8.19 0.95 8.45
CA LEU A 98 8.52 -0.46 8.68
C LEU A 98 9.77 -0.58 9.53
N ILE A 99 10.77 0.24 9.23
CA ILE A 99 11.99 0.28 10.04
C ILE A 99 11.69 0.66 11.48
N THR A 100 10.78 1.61 11.66
CA THR A 100 10.32 2.00 12.99
C THR A 100 9.59 0.86 13.67
N GLN A 101 8.92 0.04 12.87
CA GLN A 101 8.13 -1.07 13.41
C GLN A 101 9.00 -2.31 13.63
N GLY A 102 10.30 -2.14 13.45
CA GLY A 102 11.23 -3.20 13.83
C GLY A 102 11.61 -4.08 12.67
N VAL A 103 11.20 -3.69 11.47
CA VAL A 103 11.54 -4.43 10.26
C VAL A 103 12.92 -4.06 9.75
N ASP A 104 13.76 -5.07 9.52
CA ASP A 104 15.11 -4.84 9.00
C ASP A 104 15.07 -4.10 7.68
N ALA A 105 15.76 -2.97 7.61
CA ALA A 105 15.78 -2.14 6.42
C ALA A 105 16.33 -2.91 5.22
N SER A 106 17.23 -3.84 5.49
CA SER A 106 17.91 -4.56 4.43
C SER A 106 16.96 -5.52 3.71
N ARG A 107 15.85 -5.83 4.38
CA ARG A 107 14.86 -6.75 3.83
C ARG A 107 13.81 -5.99 3.03
N ILE A 108 13.90 -4.66 3.05
CA ILE A 108 12.91 -3.82 2.39
C ILE A 108 13.43 -3.28 1.07
N ARG A 109 12.58 -3.35 0.04
CA ARG A 109 12.87 -2.70 -1.24
C ARG A 109 11.70 -1.82 -1.65
N THR A 110 12.01 -0.59 -2.07
CA THR A 110 10.99 0.40 -2.40
C THR A 110 11.01 0.74 -3.88
N GLN A 111 9.83 0.89 -4.47
CA GLN A 111 9.71 1.31 -5.86
C GLN A 111 8.56 2.29 -6.04
N GLY A 112 8.66 3.13 -7.07
CA GLY A 112 7.56 4.01 -7.42
C GLY A 112 7.52 4.30 -8.91
N LEU A 113 6.31 4.42 -9.45
CA LEU A 113 6.13 4.76 -10.85
C LEU A 113 4.80 5.48 -11.09
N GLY A 114 4.69 6.17 -12.21
CA GLY A 114 3.44 6.81 -12.57
C GLY A 114 2.48 5.84 -13.24
N PRO A 115 1.54 6.39 -14.03
CA PRO A 115 0.55 5.58 -14.76
C PRO A 115 1.21 4.44 -15.54
N ALA A 116 0.74 3.23 -15.28
CA ALA A 116 1.31 2.04 -15.92
C ALA A 116 0.23 1.10 -16.43
N ASN A 117 -0.52 0.51 -15.50
CA ASN A 117 -1.69 -0.29 -15.85
C ASN A 117 -2.89 0.10 -15.00
N PRO A 118 -3.96 0.56 -15.65
CA PRO A 118 -5.17 1.02 -14.96
C PRO A 118 -5.98 -0.14 -14.38
N ILE A 119 -6.61 0.11 -13.24
CA ILE A 119 -7.46 -0.89 -12.60
C ILE A 119 -8.93 -0.63 -12.89
N ALA A 120 -9.35 0.62 -12.75
CA ALA A 120 -10.71 1.03 -13.12
C ALA A 120 -10.69 2.23 -14.06
N SER A 121 -11.84 2.53 -14.64
CA SER A 121 -11.93 3.58 -15.65
C SER A 121 -11.69 4.95 -15.03
N ASN A 122 -10.84 5.75 -15.68
CA ASN A 122 -10.61 7.12 -15.25
C ASN A 122 -11.79 8.02 -15.58
N SER A 123 -12.76 7.47 -16.30
CA SER A 123 -13.92 8.23 -16.75
C SER A 123 -14.88 8.48 -15.58
N THR A 124 -14.61 7.83 -14.45
CA THR A 124 -15.34 8.10 -13.22
C THR A 124 -14.40 8.54 -12.11
N ALA A 125 -14.92 9.32 -11.17
CA ALA A 125 -14.15 9.73 -9.99
C ALA A 125 -13.78 8.53 -9.13
N GLU A 126 -14.70 7.57 -9.05
CA GLU A 126 -14.48 6.37 -8.25
C GLU A 126 -13.35 5.52 -8.84
N GLY A 127 -13.34 5.39 -10.16
CA GLY A 127 -12.29 4.63 -10.82
C GLY A 127 -10.93 5.26 -10.65
N LYS A 128 -10.87 6.58 -10.74
CA LYS A 128 -9.62 7.30 -10.53
C LYS A 128 -9.09 7.07 -9.11
N ALA A 129 -10.00 7.08 -8.13
CA ALA A 129 -9.62 6.84 -6.75
C ALA A 129 -9.05 5.43 -6.58
N GLN A 130 -9.69 4.47 -7.22
CA GLN A 130 -9.25 3.07 -7.12
C GLN A 130 -7.91 2.87 -7.79
N ASN A 131 -7.60 3.71 -8.77
CA ASN A 131 -6.33 3.64 -9.48
C ASN A 131 -5.19 4.20 -8.64
N ARG A 132 -5.54 4.96 -7.61
CA ARG A 132 -4.55 5.49 -6.68
C ARG A 132 -4.33 4.53 -5.51
N ARG A 133 -3.45 3.55 -5.73
CA ARG A 133 -3.22 2.51 -4.73
C ARG A 133 -1.72 2.29 -4.52
N VAL A 134 -1.38 1.77 -3.35
CA VAL A 134 0.00 1.33 -3.08
C VAL A 134 0.03 -0.13 -2.66
N GLU A 135 0.98 -0.87 -3.21
CA GLU A 135 0.99 -2.33 -3.07
C GLU A 135 2.23 -2.80 -2.32
N ILE A 136 2.02 -3.64 -1.30
CA ILE A 136 3.12 -4.23 -0.56
C ILE A 136 3.12 -5.74 -0.70
N THR A 137 4.24 -6.28 -1.16
CA THR A 137 4.34 -7.71 -1.47
C THR A 137 5.33 -8.40 -0.54
N LEU A 138 4.88 -9.44 0.15
CA LEU A 138 5.76 -10.25 0.98
C LEU A 138 5.96 -11.62 0.37
N SER A 139 7.22 -11.97 0.10
CA SER A 139 7.54 -13.20 -0.62
C SER A 139 8.86 -13.78 -0.14
N PRO A 140 8.97 -15.12 -0.19
CA PRO A 140 10.20 -15.82 0.19
C PRO A 140 11.43 -15.29 -0.53
N LEU A 141 12.51 -15.09 0.21
CA LEU A 141 13.74 -14.54 -0.36
C LEU A 141 14.42 -15.55 -1.27
N LEU A 142 14.06 -15.52 -2.55
CA LEU A 142 14.65 -16.42 -3.54
C LEU A 142 15.30 -15.63 -4.68
N GLU A 143 15.19 -14.31 -4.61
CA GLU A 143 15.69 -13.45 -5.67
C GLU A 143 15.91 -12.03 -5.17
N HIS A 144 16.57 -11.21 -5.98
CA HIS A 144 16.82 -9.81 -5.63
C HIS A 144 16.86 -8.94 -6.86
N HIS A 145 16.32 -7.72 -6.74
CA HIS A 145 16.24 -6.80 -7.86
C HIS A 145 16.47 -5.36 -7.41
N HIS A 146 16.45 -4.44 -8.37
CA HIS A 146 16.70 -3.03 -8.07
C HIS A 146 16.26 -2.15 -9.22
N HIS A 147 15.23 -1.34 -8.99
CA HIS A 147 14.69 -0.46 -10.02
C HIS A 147 13.79 0.61 -9.40
N HIS A 148 14.20 1.87 -9.51
CA HIS A 148 13.45 2.98 -8.95
C HIS A 148 12.86 3.85 -10.05
N HIS A 149 13.56 3.95 -11.17
CA HIS A 149 13.17 4.83 -12.26
C HIS A 149 13.30 4.13 -13.61
N TYR A 1 -35.80 6.66 10.62
CA TYR A 1 -35.38 6.08 9.35
C TYR A 1 -33.96 6.47 9.00
N TYR A 2 -33.56 7.66 9.46
CA TYR A 2 -32.23 8.18 9.15
C TYR A 2 -31.15 7.35 9.81
N MET A 3 -31.50 6.66 10.88
CA MET A 3 -30.58 5.76 11.56
C MET A 3 -30.29 4.53 10.71
N ASP A 4 -31.29 4.10 9.95
CA ASP A 4 -31.14 2.95 9.07
C ASP A 4 -30.21 3.28 7.91
N VAL A 5 -30.16 4.55 7.53
CA VAL A 5 -29.34 4.98 6.40
C VAL A 5 -27.88 5.11 6.81
N GLN A 6 -27.64 5.79 7.92
CA GLN A 6 -26.28 5.92 8.45
C GLN A 6 -25.72 4.57 8.87
N GLU A 7 -26.57 3.75 9.48
CA GLU A 7 -26.13 2.44 9.96
C GLU A 7 -25.67 1.56 8.80
N ALA A 8 -26.39 1.63 7.69
CA ALA A 8 -26.04 0.85 6.51
C ALA A 8 -24.66 1.24 5.98
N LYS A 9 -24.40 2.54 5.92
CA LYS A 9 -23.10 3.05 5.52
C LYS A 9 -22.02 2.58 6.50
N LEU A 10 -22.35 2.61 7.79
CA LEU A 10 -21.41 2.18 8.82
C LEU A 10 -21.09 0.70 8.70
N ARG A 11 -22.09 -0.09 8.33
CA ARG A 11 -21.92 -1.52 8.15
C ARG A 11 -20.90 -1.81 7.05
N ASP A 12 -20.98 -1.05 5.97
CA ASP A 12 -19.99 -1.14 4.90
C ASP A 12 -18.61 -0.70 5.39
N LYS A 13 -18.59 0.36 6.19
CA LYS A 13 -17.34 0.87 6.74
C LYS A 13 -16.73 -0.13 7.72
N MET A 14 -17.56 -1.00 8.27
CA MET A 14 -17.11 -1.98 9.26
C MET A 14 -16.80 -3.31 8.59
N ARG A 15 -16.91 -3.35 7.27
CA ARG A 15 -16.48 -4.50 6.49
C ARG A 15 -14.96 -4.49 6.30
N GLY A 16 -14.24 -5.10 7.23
CA GLY A 16 -12.80 -5.19 7.10
C GLY A 16 -12.10 -3.91 7.50
N THR A 17 -10.77 -3.92 7.43
CA THR A 17 -10.00 -2.72 7.72
C THR A 17 -9.97 -1.78 6.52
N GLY A 18 -10.36 -2.31 5.35
CA GLY A 18 -10.23 -1.56 4.12
C GLY A 18 -9.10 -2.09 3.25
N VAL A 19 -8.24 -2.91 3.84
CA VAL A 19 -7.17 -3.55 3.08
C VAL A 19 -7.65 -4.83 2.40
N SER A 20 -7.32 -4.98 1.13
CA SER A 20 -7.70 -6.16 0.37
C SER A 20 -6.57 -7.18 0.33
N VAL A 21 -6.86 -8.41 0.75
CA VAL A 21 -5.83 -9.45 0.83
C VAL A 21 -5.96 -10.43 -0.33
N THR A 22 -4.90 -10.53 -1.12
CA THR A 22 -4.89 -11.42 -2.28
C THR A 22 -3.76 -12.43 -2.18
N ARG A 23 -4.04 -13.67 -2.56
CA ARG A 23 -3.01 -14.71 -2.65
C ARG A 23 -2.69 -15.02 -4.12
N SER A 24 -1.40 -15.04 -4.44
CA SER A 24 -0.96 -15.29 -5.81
C SER A 24 0.22 -16.26 -5.82
N GLY A 25 -0.06 -17.52 -6.11
CA GLY A 25 0.94 -18.56 -5.97
C GLY A 25 1.39 -18.75 -4.53
N ASP A 26 2.70 -18.70 -4.31
CA ASP A 26 3.25 -18.73 -2.95
C ASP A 26 3.38 -17.32 -2.39
N ASN A 27 2.99 -16.33 -3.18
CA ASN A 27 3.16 -14.94 -2.79
C ASN A 27 1.89 -14.38 -2.17
N ILE A 28 2.04 -13.39 -1.30
CA ILE A 28 0.89 -12.72 -0.69
C ILE A 28 0.93 -11.22 -0.96
N ILE A 29 -0.14 -10.70 -1.55
CA ILE A 29 -0.20 -9.29 -1.92
C ILE A 29 -1.36 -8.59 -1.24
N LEU A 30 -1.06 -7.51 -0.52
CA LEU A 30 -2.09 -6.68 0.10
C LEU A 30 -2.26 -5.37 -0.66
N ASN A 31 -3.51 -5.04 -0.99
CA ASN A 31 -3.81 -3.78 -1.66
C ASN A 31 -4.55 -2.83 -0.71
N MET A 32 -3.92 -1.71 -0.41
CA MET A 32 -4.52 -0.71 0.46
C MET A 32 -4.67 0.63 -0.27
N PRO A 33 -5.89 1.18 -0.25
CA PRO A 33 -6.20 2.43 -0.94
C PRO A 33 -5.27 3.57 -0.53
N ASN A 34 -4.83 4.37 -1.50
CA ASN A 34 -3.89 5.45 -1.24
C ASN A 34 -4.52 6.51 -0.34
N ASN A 35 -5.83 6.70 -0.47
CA ASN A 35 -6.50 7.81 0.19
C ASN A 35 -6.56 7.59 1.70
N VAL A 36 -6.30 6.35 2.12
CA VAL A 36 -6.35 6.00 3.53
C VAL A 36 -4.98 5.62 4.05
N THR A 37 -4.01 5.53 3.15
CA THR A 37 -2.63 5.22 3.51
C THR A 37 -1.80 6.49 3.68
N PHE A 38 -1.95 7.41 2.73
CA PHE A 38 -1.25 8.68 2.79
C PHE A 38 -2.23 9.85 2.80
N ASP A 39 -1.79 10.98 3.37
CA ASP A 39 -2.59 12.19 3.39
C ASP A 39 -2.75 12.75 1.97
N SER A 40 -3.91 13.34 1.70
CA SER A 40 -4.20 13.88 0.38
C SER A 40 -3.30 15.06 0.06
N SER A 41 -2.80 15.72 1.09
CA SER A 41 -2.02 16.94 0.93
C SER A 41 -0.53 16.63 0.86
N SER A 42 -0.16 15.43 1.31
CA SER A 42 1.24 15.04 1.39
C SER A 42 1.38 13.53 1.47
N ALA A 43 2.40 12.99 0.80
CA ALA A 43 2.79 11.60 0.99
C ALA A 43 3.40 11.39 2.37
N THR A 44 2.61 11.67 3.41
CA THR A 44 2.96 11.28 4.77
C THR A 44 2.03 10.20 5.29
N LEU A 45 2.61 9.14 5.85
CA LEU A 45 1.84 7.95 6.20
C LEU A 45 0.81 8.26 7.28
N LYS A 46 -0.42 7.79 7.06
CA LYS A 46 -1.46 7.89 8.08
C LYS A 46 -1.29 6.79 9.12
N PRO A 47 -1.85 7.03 10.32
CA PRO A 47 -1.85 6.04 11.41
C PRO A 47 -2.36 4.68 10.95
N ALA A 48 -3.41 4.69 10.13
CA ALA A 48 -3.96 3.46 9.59
C ALA A 48 -2.93 2.72 8.73
N GLY A 49 -2.08 3.48 8.05
CA GLY A 49 -1.05 2.89 7.23
C GLY A 49 0.09 2.32 8.05
N ALA A 50 0.45 3.01 9.13
CA ALA A 50 1.47 2.52 10.05
C ALA A 50 1.02 1.22 10.72
N ASN A 51 -0.26 1.15 11.06
CA ASN A 51 -0.83 -0.04 11.67
C ASN A 51 -0.77 -1.23 10.71
N THR A 52 -1.08 -0.99 9.46
CA THR A 52 -0.98 -2.01 8.43
C THR A 52 0.46 -2.47 8.26
N LEU A 53 1.38 -1.52 8.21
CA LEU A 53 2.80 -1.83 8.09
C LEU A 53 3.30 -2.57 9.32
N THR A 54 2.72 -2.26 10.47
CA THR A 54 3.00 -3.00 11.70
C THR A 54 2.50 -4.44 11.60
N GLY A 55 1.33 -4.61 11.00
CA GLY A 55 0.86 -5.95 10.70
C GLY A 55 1.81 -6.72 9.81
N VAL A 56 2.37 -6.04 8.82
CA VAL A 56 3.42 -6.62 7.99
C VAL A 56 4.65 -6.98 8.82
N ALA A 57 5.00 -6.10 9.76
CA ALA A 57 6.10 -6.36 10.67
C ALA A 57 5.89 -7.66 11.44
N MET A 58 4.64 -7.89 11.87
CA MET A 58 4.31 -9.09 12.62
C MET A 58 4.51 -10.34 11.77
N VAL A 59 4.48 -10.16 10.45
CA VAL A 59 4.52 -11.29 9.53
C VAL A 59 5.95 -11.61 9.11
N LEU A 60 6.70 -10.57 8.79
CA LEU A 60 8.12 -10.72 8.44
C LEU A 60 8.91 -11.25 9.63
N LYS A 61 8.51 -10.84 10.83
CA LYS A 61 9.15 -11.32 12.05
C LYS A 61 9.01 -12.83 12.19
N GLU A 62 7.84 -13.34 11.85
CA GLU A 62 7.57 -14.78 11.93
C GLU A 62 8.31 -15.52 10.81
N TYR A 63 8.39 -14.90 9.64
CA TYR A 63 9.05 -15.49 8.50
C TYR A 63 10.23 -14.63 8.03
N PRO A 64 11.36 -14.75 8.72
CA PRO A 64 12.55 -13.95 8.43
C PRO A 64 13.24 -14.39 7.15
N LYS A 65 12.75 -15.48 6.56
CA LYS A 65 13.30 -15.99 5.31
C LYS A 65 12.54 -15.41 4.12
N THR A 66 11.81 -14.33 4.35
CA THR A 66 11.01 -13.70 3.30
C THR A 66 11.40 -12.23 3.14
N ALA A 67 11.10 -11.67 1.97
CA ALA A 67 11.37 -10.26 1.70
C ALA A 67 10.08 -9.50 1.46
N VAL A 68 10.05 -8.24 1.91
CA VAL A 68 8.88 -7.40 1.72
C VAL A 68 9.15 -6.30 0.70
N ASN A 69 8.33 -6.25 -0.34
CA ASN A 69 8.40 -5.19 -1.33
C ASN A 69 7.13 -4.36 -1.35
N VAL A 70 7.25 -3.09 -0.98
CA VAL A 70 6.11 -2.17 -1.00
C VAL A 70 6.26 -1.13 -2.11
N ILE A 71 5.26 -1.05 -2.96
CA ILE A 71 5.29 -0.10 -4.08
C ILE A 71 4.05 0.80 -4.08
N GLY A 72 4.27 2.10 -4.22
CA GLY A 72 3.18 3.03 -4.39
C GLY A 72 3.06 3.51 -5.82
N TYR A 73 1.82 3.73 -6.27
CA TYR A 73 1.56 4.11 -7.65
C TYR A 73 0.31 4.98 -7.75
N THR A 74 0.21 5.72 -8.85
CA THR A 74 -1.03 6.42 -9.19
C THR A 74 -1.32 6.34 -10.67
N ASP A 75 -2.59 6.14 -11.01
CA ASP A 75 -2.97 5.82 -12.39
C ASP A 75 -4.23 6.58 -12.80
N SER A 76 -4.55 7.62 -12.04
CA SER A 76 -5.77 8.38 -12.29
C SER A 76 -5.52 9.52 -13.26
N THR A 77 -4.61 10.42 -12.89
CA THR A 77 -4.16 11.47 -13.80
C THR A 77 -2.85 12.07 -13.32
N GLY A 78 -2.34 13.05 -14.08
CA GLY A 78 -1.12 13.72 -13.70
C GLY A 78 0.08 13.24 -14.49
N GLY A 79 1.14 14.03 -14.50
CA GLY A 79 2.35 13.67 -15.23
C GLY A 79 3.00 12.42 -14.66
N HIS A 80 3.41 11.51 -15.56
CA HIS A 80 4.04 10.27 -15.15
C HIS A 80 5.24 10.53 -14.25
N ASP A 81 6.09 11.46 -14.67
CA ASP A 81 7.33 11.74 -13.94
C ASP A 81 7.04 12.24 -12.54
N LEU A 82 6.15 13.22 -12.43
CA LEU A 82 5.84 13.83 -11.15
C LEU A 82 5.15 12.82 -10.23
N ASN A 83 4.26 12.02 -10.79
CA ASN A 83 3.56 11.00 -10.02
C ASN A 83 4.54 9.95 -9.49
N MET A 84 5.38 9.43 -10.37
CA MET A 84 6.47 8.55 -9.96
C MET A 84 7.28 9.17 -8.83
N ARG A 85 7.52 10.47 -8.93
CA ARG A 85 8.33 11.18 -7.94
C ARG A 85 7.61 11.21 -6.59
N LEU A 86 6.32 11.52 -6.61
CA LEU A 86 5.49 11.43 -5.41
C LEU A 86 5.43 9.99 -4.91
N SER A 87 5.42 9.03 -5.83
CA SER A 87 5.40 7.62 -5.48
C SER A 87 6.69 7.22 -4.76
N GLN A 88 7.81 7.78 -5.23
CA GLN A 88 9.09 7.58 -4.55
C GLN A 88 9.04 8.13 -3.13
N GLN A 89 8.35 9.25 -2.95
CA GLN A 89 8.17 9.83 -1.62
C GLN A 89 7.29 8.95 -0.75
N ARG A 90 6.24 8.40 -1.35
CA ARG A 90 5.41 7.41 -0.67
C ARG A 90 6.24 6.21 -0.21
N ALA A 91 7.12 5.75 -1.08
CA ALA A 91 7.99 4.62 -0.75
C ALA A 91 8.88 4.94 0.43
N ASP A 92 9.47 6.13 0.42
CA ASP A 92 10.36 6.54 1.49
C ASP A 92 9.64 6.56 2.84
N SER A 93 8.40 7.04 2.84
CA SER A 93 7.61 7.13 4.05
C SER A 93 7.33 5.74 4.61
N VAL A 94 7.06 4.80 3.72
CA VAL A 94 6.82 3.41 4.12
C VAL A 94 8.06 2.82 4.78
N ALA A 95 9.22 2.98 4.13
CA ALA A 95 10.47 2.46 4.66
C ALA A 95 10.79 3.05 6.03
N SER A 96 10.56 4.35 6.18
CA SER A 96 10.78 5.02 7.45
C SER A 96 9.92 4.40 8.55
N ALA A 97 8.64 4.20 8.25
CA ALA A 97 7.71 3.66 9.23
C ALA A 97 8.10 2.23 9.62
N LEU A 98 8.39 1.41 8.63
CA LEU A 98 8.74 0.01 8.87
C LEU A 98 9.99 -0.10 9.74
N ILE A 99 11.02 0.66 9.40
CA ILE A 99 12.26 0.66 10.16
C ILE A 99 12.03 1.14 11.58
N THR A 100 11.20 2.17 11.73
CA THR A 100 10.82 2.67 13.04
C THR A 100 10.06 1.61 13.84
N GLN A 101 9.27 0.81 13.13
CA GLN A 101 8.45 -0.21 13.78
C GLN A 101 9.25 -1.50 14.00
N GLY A 102 10.55 -1.42 13.77
CA GLY A 102 11.44 -2.48 14.19
C GLY A 102 11.72 -3.48 13.07
N VAL A 103 11.26 -3.16 11.86
CA VAL A 103 11.45 -4.03 10.72
C VAL A 103 12.85 -3.88 10.14
N ASP A 104 13.53 -5.01 9.97
CA ASP A 104 14.87 -5.01 9.40
C ASP A 104 14.91 -4.25 8.07
N ALA A 105 15.70 -3.19 8.03
CA ALA A 105 15.80 -2.38 6.82
C ALA A 105 16.28 -3.22 5.63
N SER A 106 17.14 -4.19 5.91
CA SER A 106 17.77 -4.97 4.86
C SER A 106 16.76 -5.91 4.20
N ARG A 107 15.64 -6.14 4.89
CA ARG A 107 14.58 -6.99 4.38
C ARG A 107 13.52 -6.18 3.64
N ILE A 108 13.62 -4.86 3.75
CA ILE A 108 12.64 -3.96 3.13
C ILE A 108 13.10 -3.54 1.74
N ARG A 109 12.19 -3.61 0.78
CA ARG A 109 12.36 -2.94 -0.50
C ARG A 109 11.17 -2.05 -0.83
N THR A 110 11.44 -0.81 -1.19
CA THR A 110 10.38 0.15 -1.50
C THR A 110 10.54 0.70 -2.91
N GLN A 111 9.41 0.88 -3.59
CA GLN A 111 9.41 1.38 -4.95
C GLN A 111 8.30 2.41 -5.15
N GLY A 112 8.51 3.34 -6.08
CA GLY A 112 7.45 4.23 -6.50
C GLY A 112 7.42 4.43 -8.01
N LEU A 113 6.22 4.29 -8.59
CA LEU A 113 6.08 4.36 -10.03
C LEU A 113 4.78 5.07 -10.42
N GLY A 114 4.85 5.88 -11.47
CA GLY A 114 3.66 6.55 -11.97
C GLY A 114 2.69 5.60 -12.66
N PRO A 115 1.78 6.15 -13.46
CA PRO A 115 0.79 5.36 -14.20
C PRO A 115 1.44 4.23 -14.99
N ALA A 116 0.91 3.01 -14.78
CA ALA A 116 1.47 1.83 -15.44
C ALA A 116 0.37 0.95 -16.01
N ASN A 117 -0.43 0.36 -15.14
CA ASN A 117 -1.60 -0.40 -15.57
C ASN A 117 -2.83 -0.03 -14.75
N PRO A 118 -3.84 0.52 -15.43
CA PRO A 118 -5.08 0.98 -14.78
C PRO A 118 -5.92 -0.18 -14.26
N ILE A 119 -6.65 0.06 -13.18
CA ILE A 119 -7.52 -0.96 -12.61
C ILE A 119 -8.96 -0.76 -13.07
N ALA A 120 -9.46 0.47 -12.95
CA ALA A 120 -10.76 0.82 -13.51
C ALA A 120 -10.67 2.07 -14.38
N SER A 121 -11.73 2.35 -15.11
CA SER A 121 -11.71 3.39 -16.13
C SER A 121 -11.54 4.77 -15.48
N ASN A 122 -10.62 5.55 -16.03
CA ASN A 122 -10.41 6.92 -15.55
C ASN A 122 -11.53 7.84 -16.02
N SER A 123 -12.43 7.30 -16.84
CA SER A 123 -13.54 8.08 -17.38
C SER A 123 -14.61 8.32 -16.31
N THR A 124 -14.46 7.65 -15.18
CA THR A 124 -15.33 7.88 -14.03
C THR A 124 -14.52 8.32 -12.81
N ALA A 125 -15.17 9.03 -11.90
CA ALA A 125 -14.55 9.43 -10.65
C ALA A 125 -14.22 8.22 -9.80
N GLU A 126 -15.11 7.23 -9.82
CA GLU A 126 -14.92 6.01 -9.03
C GLU A 126 -13.71 5.22 -9.52
N GLY A 127 -13.57 5.12 -10.83
CA GLY A 127 -12.46 4.40 -11.42
C GLY A 127 -11.12 5.04 -11.09
N LYS A 128 -11.08 6.37 -11.15
CA LYS A 128 -9.87 7.11 -10.79
C LYS A 128 -9.51 6.88 -9.32
N ALA A 129 -10.52 6.90 -8.46
CA ALA A 129 -10.31 6.70 -7.03
C ALA A 129 -9.69 5.33 -6.76
N GLN A 130 -10.24 4.30 -7.42
CA GLN A 130 -9.81 2.93 -7.17
C GLN A 130 -8.43 2.68 -7.77
N ASN A 131 -8.04 3.51 -8.74
CA ASN A 131 -6.74 3.39 -9.36
C ASN A 131 -5.64 3.91 -8.44
N ARG A 132 -6.04 4.65 -7.41
CA ARG A 132 -5.10 5.16 -6.43
C ARG A 132 -4.93 4.16 -5.27
N ARG A 133 -4.07 3.18 -5.47
CA ARG A 133 -3.83 2.16 -4.46
C ARG A 133 -2.34 2.01 -4.16
N VAL A 134 -2.02 1.43 -3.01
CA VAL A 134 -0.65 1.05 -2.70
C VAL A 134 -0.54 -0.45 -2.43
N GLU A 135 0.54 -1.06 -2.93
CA GLU A 135 0.64 -2.51 -2.96
C GLU A 135 1.76 -3.01 -2.06
N ILE A 136 1.44 -3.98 -1.21
CA ILE A 136 2.45 -4.64 -0.40
C ILE A 136 2.63 -6.09 -0.80
N THR A 137 3.83 -6.46 -1.23
CA THR A 137 4.10 -7.80 -1.73
C THR A 137 5.03 -8.56 -0.82
N LEU A 138 4.60 -9.74 -0.38
CA LEU A 138 5.44 -10.61 0.44
C LEU A 138 5.82 -11.87 -0.33
N SER A 139 7.12 -12.10 -0.46
CA SER A 139 7.62 -13.26 -1.19
C SER A 139 8.92 -13.78 -0.57
N PRO A 140 9.15 -15.10 -0.70
CA PRO A 140 10.35 -15.74 -0.17
C PRO A 140 11.63 -15.08 -0.66
N LEU A 141 12.59 -14.89 0.24
CA LEU A 141 13.85 -14.26 -0.11
C LEU A 141 14.79 -15.25 -0.79
N LEU A 142 14.76 -15.28 -2.11
CA LEU A 142 15.60 -16.20 -2.88
C LEU A 142 16.59 -15.43 -3.74
N GLU A 143 16.39 -14.12 -3.86
CA GLU A 143 17.25 -13.28 -4.70
C GLU A 143 17.08 -11.81 -4.33
N HIS A 144 18.01 -10.98 -4.80
CA HIS A 144 17.96 -9.55 -4.55
C HIS A 144 17.88 -8.78 -5.86
N HIS A 145 16.88 -7.90 -5.97
CA HIS A 145 16.68 -7.11 -7.18
C HIS A 145 15.86 -5.86 -6.88
N HIS A 146 15.93 -4.89 -7.78
CA HIS A 146 15.20 -3.63 -7.61
C HIS A 146 15.14 -2.85 -8.91
N HIS A 147 13.92 -2.69 -9.44
CA HIS A 147 13.73 -1.93 -10.67
C HIS A 147 12.24 -1.59 -10.87
N HIS A 148 11.98 -0.38 -11.34
CA HIS A 148 10.61 0.05 -11.58
C HIS A 148 10.52 0.86 -12.88
N HIS A 149 11.57 1.64 -13.16
CA HIS A 149 11.58 2.49 -14.33
C HIS A 149 13.00 2.94 -14.66
N TYR A 1 -37.02 5.24 9.80
CA TYR A 1 -36.58 4.62 8.54
C TYR A 1 -35.19 5.10 8.16
N TYR A 2 -34.86 6.32 8.56
CA TYR A 2 -33.59 6.93 8.21
C TYR A 2 -32.43 6.18 8.85
N MET A 3 -32.72 5.50 9.96
CA MET A 3 -31.72 4.67 10.63
C MET A 3 -31.38 3.44 9.80
N ASP A 4 -32.38 2.91 9.11
CA ASP A 4 -32.18 1.76 8.24
C ASP A 4 -31.35 2.14 7.01
N VAL A 5 -31.47 3.38 6.59
CA VAL A 5 -30.76 3.88 5.42
C VAL A 5 -29.28 4.10 5.72
N GLN A 6 -29.02 4.77 6.84
CA GLN A 6 -27.65 4.96 7.30
C GLN A 6 -27.00 3.64 7.68
N GLU A 7 -27.78 2.77 8.31
CA GLU A 7 -27.28 1.46 8.75
C GLU A 7 -26.81 0.63 7.55
N ALA A 8 -27.58 0.67 6.48
CA ALA A 8 -27.23 -0.07 5.26
C ALA A 8 -25.89 0.40 4.70
N LYS A 9 -25.70 1.71 4.67
CA LYS A 9 -24.42 2.29 4.25
C LYS A 9 -23.29 1.86 5.18
N LEU A 10 -23.58 1.85 6.48
CA LEU A 10 -22.59 1.46 7.48
C LEU A 10 -22.20 0.00 7.33
N ARG A 11 -23.18 -0.84 6.97
CA ARG A 11 -22.93 -2.26 6.75
C ARG A 11 -21.92 -2.46 5.63
N ASP A 12 -22.06 -1.69 4.56
CA ASP A 12 -21.08 -1.71 3.47
C ASP A 12 -19.73 -1.20 3.94
N LYS A 13 -19.74 -0.17 4.77
CA LYS A 13 -18.52 0.41 5.30
C LYS A 13 -17.83 -0.55 6.27
N MET A 14 -18.61 -1.47 6.83
CA MET A 14 -18.08 -2.43 7.79
C MET A 14 -17.69 -3.73 7.09
N ARG A 15 -17.82 -3.75 5.77
CA ARG A 15 -17.34 -4.88 4.98
C ARG A 15 -15.83 -4.79 4.78
N GLY A 16 -15.08 -5.39 5.69
CA GLY A 16 -13.63 -5.38 5.60
C GLY A 16 -13.03 -4.05 5.99
N THR A 17 -11.71 -3.93 5.85
CA THR A 17 -11.03 -2.67 6.13
C THR A 17 -10.97 -1.79 4.88
N GLY A 18 -11.24 -2.40 3.73
CA GLY A 18 -11.04 -1.70 2.47
C GLY A 18 -9.79 -2.17 1.75
N VAL A 19 -8.95 -2.94 2.45
CA VAL A 19 -7.77 -3.53 1.85
C VAL A 19 -8.07 -4.90 1.24
N SER A 20 -7.61 -5.12 0.02
CA SER A 20 -7.84 -6.38 -0.68
C SER A 20 -6.63 -7.31 -0.53
N VAL A 21 -6.88 -8.50 -0.01
CA VAL A 21 -5.81 -9.47 0.24
C VAL A 21 -5.85 -10.61 -0.77
N THR A 22 -4.75 -10.80 -1.49
CA THR A 22 -4.67 -11.85 -2.49
C THR A 22 -3.56 -12.84 -2.18
N ARG A 23 -3.86 -14.13 -2.33
CA ARG A 23 -2.84 -15.17 -2.21
C ARG A 23 -2.42 -15.66 -3.59
N SER A 24 -1.10 -15.67 -3.82
CA SER A 24 -0.56 -16.05 -5.11
C SER A 24 0.66 -16.95 -4.95
N GLY A 25 0.46 -18.25 -5.18
CA GLY A 25 1.50 -19.23 -4.88
C GLY A 25 1.82 -19.31 -3.40
N ASP A 26 3.07 -19.08 -3.06
CA ASP A 26 3.50 -19.11 -1.66
C ASP A 26 3.51 -17.70 -1.06
N ASN A 27 3.33 -16.71 -1.92
CA ASN A 27 3.50 -15.32 -1.51
C ASN A 27 2.15 -14.64 -1.32
N ILE A 28 2.17 -13.46 -0.70
CA ILE A 28 0.94 -12.71 -0.45
C ILE A 28 1.00 -11.33 -1.09
N ILE A 29 -0.07 -10.94 -1.78
CA ILE A 29 -0.16 -9.62 -2.38
C ILE A 29 -1.23 -8.78 -1.70
N LEU A 30 -0.84 -7.64 -1.16
CA LEU A 30 -1.78 -6.75 -0.48
C LEU A 30 -2.05 -5.50 -1.33
N ASN A 31 -3.33 -5.27 -1.62
CA ASN A 31 -3.73 -4.08 -2.37
C ASN A 31 -4.43 -3.08 -1.47
N MET A 32 -3.76 -1.97 -1.19
CA MET A 32 -4.28 -0.97 -0.26
C MET A 32 -4.66 0.31 -1.01
N PRO A 33 -5.81 0.89 -0.63
CA PRO A 33 -6.22 2.22 -1.11
C PRO A 33 -5.39 3.34 -0.51
N ASN A 34 -4.92 4.25 -1.36
CA ASN A 34 -4.07 5.35 -0.92
C ASN A 34 -4.82 6.25 0.05
N ASN A 35 -6.14 6.29 -0.07
CA ASN A 35 -6.95 7.29 0.60
C ASN A 35 -6.75 7.24 2.11
N VAL A 36 -6.42 6.06 2.61
CA VAL A 36 -6.36 5.82 4.05
C VAL A 36 -4.92 5.63 4.51
N THR A 37 -4.00 5.53 3.55
CA THR A 37 -2.61 5.21 3.84
C THR A 37 -1.77 6.48 3.94
N PHE A 38 -1.86 7.32 2.93
CA PHE A 38 -1.11 8.57 2.90
C PHE A 38 -1.85 9.63 2.09
N ASP A 39 -1.35 10.86 2.13
CA ASP A 39 -1.96 11.97 1.39
C ASP A 39 -1.30 12.12 0.01
N SER A 40 -2.09 11.93 -1.04
CA SER A 40 -1.58 12.01 -2.40
C SER A 40 -0.81 13.31 -2.62
N SER A 41 -1.15 14.32 -1.83
CA SER A 41 -0.44 15.60 -1.88
C SER A 41 1.01 15.43 -1.44
N SER A 42 1.21 14.66 -0.38
CA SER A 42 2.56 14.26 0.02
C SER A 42 2.50 13.05 0.95
N ALA A 43 3.42 12.11 0.76
CA ALA A 43 3.34 10.81 1.41
C ALA A 43 3.70 10.91 2.88
N THR A 44 2.74 11.34 3.69
CA THR A 44 2.84 11.21 5.14
C THR A 44 1.95 10.10 5.66
N LEU A 45 2.55 9.14 6.35
CA LEU A 45 1.83 7.95 6.79
C LEU A 45 0.67 8.32 7.71
N LYS A 46 -0.51 7.83 7.39
CA LYS A 46 -1.69 8.00 8.25
C LYS A 46 -1.76 6.86 9.28
N PRO A 47 -2.47 7.12 10.38
CA PRO A 47 -2.62 6.15 11.47
C PRO A 47 -3.17 4.81 10.98
N ALA A 48 -4.19 4.87 10.13
CA ALA A 48 -4.78 3.67 9.56
C ALA A 48 -3.77 2.90 8.71
N GLY A 49 -2.92 3.65 8.00
CA GLY A 49 -1.86 3.02 7.22
C GLY A 49 -0.77 2.44 8.10
N ALA A 50 -0.47 3.12 9.19
CA ALA A 50 0.57 2.67 10.12
C ALA A 50 0.17 1.35 10.78
N ASN A 51 -1.12 1.21 11.09
CA ASN A 51 -1.62 0.01 11.76
C ASN A 51 -1.42 -1.22 10.88
N THR A 52 -1.80 -1.10 9.61
CA THR A 52 -1.66 -2.19 8.67
C THR A 52 -0.19 -2.47 8.36
N LEU A 53 0.57 -1.40 8.17
CA LEU A 53 2.01 -1.52 7.89
C LEU A 53 2.75 -2.14 9.05
N THR A 54 2.31 -1.83 10.26
CA THR A 54 2.80 -2.49 11.47
C THR A 54 2.45 -3.97 11.46
N GLY A 55 1.26 -4.29 10.97
CA GLY A 55 0.88 -5.68 10.76
C GLY A 55 1.82 -6.39 9.80
N VAL A 56 2.23 -5.70 8.75
CA VAL A 56 3.24 -6.21 7.84
C VAL A 56 4.58 -6.40 8.55
N ALA A 57 4.93 -5.45 9.40
CA ALA A 57 6.13 -5.57 10.23
C ALA A 57 6.03 -6.78 11.15
N MET A 58 4.84 -7.01 11.69
CA MET A 58 4.61 -8.16 12.56
C MET A 58 4.81 -9.47 11.80
N VAL A 59 4.71 -9.39 10.47
CA VAL A 59 4.86 -10.57 9.63
C VAL A 59 6.33 -10.79 9.26
N LEU A 60 7.00 -9.70 8.89
CA LEU A 60 8.40 -9.75 8.50
C LEU A 60 9.28 -10.15 9.68
N LYS A 61 8.90 -9.68 10.87
CA LYS A 61 9.66 -9.98 12.08
C LYS A 61 9.47 -11.44 12.50
N GLU A 62 8.26 -11.95 12.28
CA GLU A 62 7.98 -13.36 12.56
C GLU A 62 8.64 -14.27 11.52
N TYR A 63 8.69 -13.79 10.29
CA TYR A 63 9.32 -14.55 9.20
C TYR A 63 10.45 -13.76 8.56
N PRO A 64 11.62 -13.78 9.23
CA PRO A 64 12.81 -13.06 8.74
C PRO A 64 13.39 -13.70 7.48
N LYS A 65 12.86 -14.85 7.11
CA LYS A 65 13.28 -15.53 5.89
C LYS A 65 12.43 -15.10 4.71
N THR A 66 11.66 -14.03 4.89
CA THR A 66 10.83 -13.48 3.82
C THR A 66 11.20 -12.02 3.56
N ALA A 67 10.99 -11.58 2.32
CA ALA A 67 11.30 -10.21 1.93
C ALA A 67 10.03 -9.46 1.53
N VAL A 68 10.05 -8.14 1.72
CA VAL A 68 8.91 -7.30 1.37
C VAL A 68 9.25 -6.38 0.20
N ASN A 69 8.37 -6.36 -0.80
CA ASN A 69 8.49 -5.41 -1.90
C ASN A 69 7.27 -4.51 -1.99
N VAL A 70 7.46 -3.22 -1.76
CA VAL A 70 6.36 -2.26 -1.74
C VAL A 70 6.46 -1.28 -2.91
N ILE A 71 5.40 -1.22 -3.71
CA ILE A 71 5.36 -0.31 -4.85
C ILE A 71 4.14 0.61 -4.76
N GLY A 72 4.38 1.91 -4.81
CA GLY A 72 3.30 2.87 -4.79
C GLY A 72 3.14 3.59 -6.12
N TYR A 73 1.90 3.81 -6.54
CA TYR A 73 1.62 4.51 -7.79
C TYR A 73 0.19 5.06 -7.78
N THR A 74 -0.08 5.98 -8.72
CA THR A 74 -1.43 6.46 -8.95
C THR A 74 -1.79 6.41 -10.43
N ASP A 75 -3.07 6.24 -10.71
CA ASP A 75 -3.53 6.05 -12.08
C ASP A 75 -4.80 6.84 -12.35
N SER A 76 -5.03 7.87 -11.56
CA SER A 76 -6.23 8.68 -11.68
C SER A 76 -6.00 9.86 -12.63
N THR A 77 -5.05 10.72 -12.28
CA THR A 77 -4.57 11.75 -13.19
C THR A 77 -3.21 12.29 -12.75
N GLY A 78 -2.70 13.27 -13.48
CA GLY A 78 -1.47 13.93 -13.08
C GLY A 78 -0.29 13.50 -13.93
N GLY A 79 0.77 14.30 -13.91
CA GLY A 79 1.96 13.98 -14.68
C GLY A 79 2.64 12.72 -14.20
N HIS A 80 3.10 11.89 -15.14
CA HIS A 80 3.78 10.65 -14.80
C HIS A 80 4.96 10.91 -13.88
N ASP A 81 5.77 11.90 -14.24
CA ASP A 81 6.98 12.21 -13.48
C ASP A 81 6.64 12.67 -12.07
N LEU A 82 5.69 13.59 -11.97
CA LEU A 82 5.29 14.16 -10.68
C LEU A 82 4.70 13.09 -9.77
N ASN A 83 3.85 12.25 -10.35
CA ASN A 83 3.22 11.16 -9.59
C ASN A 83 4.26 10.17 -9.09
N MET A 84 5.18 9.80 -9.97
CA MET A 84 6.31 8.96 -9.58
C MET A 84 7.07 9.58 -8.41
N ARG A 85 7.27 10.89 -8.48
CA ARG A 85 8.02 11.60 -7.44
C ARG A 85 7.29 11.55 -6.10
N LEU A 86 5.97 11.75 -6.14
CA LEU A 86 5.13 11.55 -4.97
C LEU A 86 5.20 10.10 -4.48
N SER A 87 5.28 9.17 -5.42
CA SER A 87 5.36 7.76 -5.08
C SER A 87 6.71 7.44 -4.43
N GLN A 88 7.75 8.12 -4.87
CA GLN A 88 9.07 7.97 -4.27
C GLN A 88 9.05 8.36 -2.79
N GLN A 89 8.26 9.38 -2.46
CA GLN A 89 8.04 9.76 -1.07
C GLN A 89 7.38 8.62 -0.30
N ARG A 90 6.41 7.96 -0.95
CA ARG A 90 5.72 6.83 -0.34
C ARG A 90 6.68 5.69 -0.05
N ALA A 91 7.58 5.43 -1.00
CA ALA A 91 8.57 4.37 -0.84
C ALA A 91 9.45 4.61 0.39
N ASP A 92 9.94 5.84 0.51
CA ASP A 92 10.80 6.20 1.65
C ASP A 92 10.02 6.11 2.97
N SER A 93 8.77 6.56 2.94
CA SER A 93 7.96 6.60 4.15
C SER A 93 7.69 5.19 4.66
N VAL A 94 7.38 4.28 3.74
CA VAL A 94 7.11 2.89 4.10
C VAL A 94 8.35 2.21 4.67
N ALA A 95 9.47 2.38 3.98
CA ALA A 95 10.73 1.79 4.41
C ALA A 95 11.13 2.29 5.80
N SER A 96 10.99 3.60 6.01
CA SER A 96 11.34 4.21 7.29
C SER A 96 10.47 3.65 8.42
N ALA A 97 9.17 3.53 8.14
CA ALA A 97 8.23 3.05 9.14
C ALA A 97 8.52 1.61 9.54
N LEU A 98 8.77 0.76 8.54
CA LEU A 98 9.09 -0.64 8.78
C LEU A 98 10.36 -0.77 9.60
N ILE A 99 11.37 0.04 9.26
CA ILE A 99 12.61 0.07 10.02
C ILE A 99 12.35 0.50 11.46
N THR A 100 11.48 1.49 11.63
CA THR A 100 11.09 1.94 12.96
C THR A 100 10.39 0.83 13.75
N GLN A 101 9.66 -0.01 13.03
CA GLN A 101 8.92 -1.09 13.66
C GLN A 101 9.80 -2.33 13.84
N GLY A 102 11.09 -2.18 13.55
CA GLY A 102 12.06 -3.18 13.94
C GLY A 102 12.37 -4.15 12.82
N VAL A 103 11.90 -3.84 11.62
CA VAL A 103 12.18 -4.67 10.46
C VAL A 103 13.53 -4.31 9.85
N ASP A 104 14.34 -5.34 9.62
CA ASP A 104 15.66 -5.14 9.00
C ASP A 104 15.52 -4.47 7.64
N ALA A 105 16.23 -3.36 7.46
CA ALA A 105 16.18 -2.61 6.20
C ALA A 105 16.61 -3.48 5.03
N SER A 106 17.45 -4.47 5.32
CA SER A 106 17.99 -5.33 4.27
C SER A 106 16.89 -6.17 3.62
N ARG A 107 15.82 -6.41 4.37
CA ARG A 107 14.73 -7.25 3.89
C ARG A 107 13.68 -6.41 3.17
N ILE A 108 13.87 -5.09 3.20
CA ILE A 108 12.88 -4.17 2.64
C ILE A 108 13.31 -3.66 1.28
N ARG A 109 12.41 -3.73 0.31
CA ARG A 109 12.58 -3.02 -0.96
C ARG A 109 11.34 -2.18 -1.28
N THR A 110 11.57 -0.91 -1.60
CA THR A 110 10.48 -0.01 -1.94
C THR A 110 10.73 0.70 -3.26
N GLN A 111 9.66 0.98 -4.00
CA GLN A 111 9.77 1.71 -5.26
C GLN A 111 8.55 2.58 -5.49
N GLY A 112 8.77 3.77 -6.05
CA GLY A 112 7.66 4.64 -6.40
C GLY A 112 7.57 4.86 -7.89
N LEU A 113 6.38 4.63 -8.45
CA LEU A 113 6.18 4.73 -9.89
C LEU A 113 4.97 5.60 -10.22
N GLY A 114 4.95 6.15 -11.43
CA GLY A 114 3.74 6.78 -11.94
C GLY A 114 2.70 5.76 -12.34
N PRO A 115 1.68 6.23 -13.10
CA PRO A 115 0.60 5.37 -13.56
C PRO A 115 1.11 4.07 -14.19
N ALA A 116 0.59 2.94 -13.72
CA ALA A 116 1.03 1.64 -14.21
C ALA A 116 -0.17 0.73 -14.47
N ASN A 117 -0.83 0.32 -13.38
CA ASN A 117 -1.98 -0.57 -13.49
C ASN A 117 -3.17 0.01 -12.74
N PRO A 118 -4.12 0.61 -13.48
CA PRO A 118 -5.35 1.16 -12.92
C PRO A 118 -6.38 0.09 -12.61
N ILE A 119 -7.38 0.43 -11.79
CA ILE A 119 -8.46 -0.47 -11.47
C ILE A 119 -9.68 -0.22 -12.35
N ALA A 120 -10.05 1.05 -12.48
CA ALA A 120 -11.27 1.42 -13.18
C ALA A 120 -11.05 2.65 -14.05
N SER A 121 -12.02 2.96 -14.90
CA SER A 121 -11.88 4.04 -15.87
C SER A 121 -11.74 5.38 -15.18
N ASN A 122 -10.83 6.22 -15.68
CA ASN A 122 -10.65 7.56 -15.16
C ASN A 122 -11.78 8.48 -15.62
N SER A 123 -12.65 7.95 -16.47
CA SER A 123 -13.78 8.73 -16.99
C SER A 123 -14.87 8.86 -15.94
N THR A 124 -14.72 8.14 -14.83
CA THR A 124 -15.63 8.26 -13.70
C THR A 124 -14.90 8.72 -12.45
N ALA A 125 -15.62 9.39 -11.56
CA ALA A 125 -15.05 9.83 -10.29
C ALA A 125 -14.67 8.62 -9.42
N GLU A 126 -15.51 7.59 -9.46
CA GLU A 126 -15.25 6.38 -8.68
C GLU A 126 -14.00 5.67 -9.17
N GLY A 127 -13.84 5.60 -10.50
CA GLY A 127 -12.66 4.97 -11.07
C GLY A 127 -11.39 5.72 -10.73
N LYS A 128 -11.45 7.05 -10.77
CA LYS A 128 -10.31 7.88 -10.39
C LYS A 128 -9.91 7.63 -8.94
N ALA A 129 -10.90 7.54 -8.06
CA ALA A 129 -10.65 7.31 -6.65
C ALA A 129 -9.94 5.98 -6.42
N GLN A 130 -10.38 4.95 -7.12
CA GLN A 130 -9.88 3.61 -6.92
C GLN A 130 -8.45 3.48 -7.43
N ASN A 131 -8.11 4.26 -8.45
CA ASN A 131 -6.86 4.07 -9.18
C ASN A 131 -5.68 4.56 -8.36
N ARG A 132 -5.96 5.18 -7.21
CA ARG A 132 -4.93 5.55 -6.26
C ARG A 132 -4.60 4.39 -5.34
N ARG A 133 -3.71 3.51 -5.79
CA ARG A 133 -3.52 2.22 -5.14
C ARG A 133 -2.04 1.99 -4.82
N VAL A 134 -1.78 1.33 -3.69
CA VAL A 134 -0.42 0.94 -3.34
C VAL A 134 -0.33 -0.55 -3.05
N GLU A 135 0.74 -1.19 -3.51
CA GLU A 135 0.85 -2.64 -3.45
C GLU A 135 1.96 -3.08 -2.51
N ILE A 136 1.64 -4.02 -1.64
CA ILE A 136 2.64 -4.63 -0.76
C ILE A 136 2.76 -6.13 -1.03
N THR A 137 3.96 -6.56 -1.43
CA THR A 137 4.20 -7.95 -1.76
C THR A 137 5.11 -8.62 -0.72
N LEU A 138 4.62 -9.71 -0.13
CA LEU A 138 5.42 -10.48 0.81
C LEU A 138 5.73 -11.86 0.25
N SER A 139 7.02 -12.15 0.07
CA SER A 139 7.45 -13.38 -0.59
C SER A 139 8.70 -13.94 0.06
N PRO A 140 8.83 -15.28 0.05
CA PRO A 140 10.00 -15.97 0.59
C PRO A 140 11.30 -15.47 -0.03
N LEU A 141 12.33 -15.32 0.79
CA LEU A 141 13.62 -14.82 0.33
C LEU A 141 14.37 -15.90 -0.44
N LEU A 142 14.49 -15.70 -1.75
CA LEU A 142 15.21 -16.65 -2.61
C LEU A 142 16.56 -16.08 -3.03
N GLU A 143 16.70 -14.76 -2.93
CA GLU A 143 17.95 -14.10 -3.28
C GLU A 143 17.97 -12.67 -2.74
N HIS A 144 19.17 -12.10 -2.63
CA HIS A 144 19.34 -10.76 -2.08
C HIS A 144 20.57 -10.08 -2.68
N HIS A 145 20.43 -8.80 -2.99
CA HIS A 145 21.55 -8.02 -3.52
C HIS A 145 21.31 -6.53 -3.34
N HIS A 146 22.38 -5.74 -3.42
CA HIS A 146 22.28 -4.29 -3.25
C HIS A 146 23.55 -3.61 -3.75
N HIS A 147 23.41 -2.80 -4.79
CA HIS A 147 24.54 -2.08 -5.36
C HIS A 147 24.06 -0.95 -6.27
N HIS A 148 24.70 0.21 -6.15
CA HIS A 148 24.31 1.38 -6.94
C HIS A 148 25.53 2.01 -7.61
N HIS A 149 26.64 2.06 -6.89
CA HIS A 149 27.84 2.71 -7.40
C HIS A 149 29.06 1.82 -7.21
N TYR A 1 -35.53 6.59 12.05
CA TYR A 1 -35.17 5.98 10.77
C TYR A 1 -33.79 6.43 10.34
N TYR A 2 -33.42 7.65 10.70
CA TYR A 2 -32.14 8.22 10.29
C TYR A 2 -30.97 7.44 10.90
N MET A 3 -31.23 6.79 12.03
CA MET A 3 -30.23 5.95 12.68
C MET A 3 -29.94 4.71 11.85
N ASP A 4 -30.99 4.18 11.20
CA ASP A 4 -30.84 3.01 10.34
C ASP A 4 -30.06 3.36 9.08
N VAL A 5 -30.18 4.61 8.64
CA VAL A 5 -29.50 5.06 7.43
C VAL A 5 -28.01 5.25 7.66
N GLN A 6 -27.68 5.94 8.76
CA GLN A 6 -26.28 6.11 9.16
C GLN A 6 -25.66 4.77 9.53
N GLU A 7 -26.43 3.93 10.21
CA GLU A 7 -25.94 2.63 10.64
C GLU A 7 -25.57 1.76 9.45
N ALA A 8 -26.40 1.80 8.41
CA ALA A 8 -26.14 1.04 7.20
C ALA A 8 -24.81 1.45 6.56
N LYS A 9 -24.57 2.75 6.48
CA LYS A 9 -23.30 3.27 5.98
C LYS A 9 -22.15 2.83 6.87
N LEU A 10 -22.36 2.85 8.18
CA LEU A 10 -21.33 2.45 9.13
C LEU A 10 -21.00 0.97 8.98
N ARG A 11 -22.02 0.17 8.70
CA ARG A 11 -21.84 -1.26 8.50
C ARG A 11 -20.90 -1.54 7.32
N ASP A 12 -21.08 -0.77 6.25
CA ASP A 12 -20.17 -0.84 5.10
C ASP A 12 -18.78 -0.38 5.49
N LYS A 13 -18.71 0.67 6.29
CA LYS A 13 -17.43 1.22 6.73
C LYS A 13 -16.71 0.24 7.66
N MET A 14 -17.49 -0.64 8.29
CA MET A 14 -16.94 -1.60 9.23
C MET A 14 -16.65 -2.94 8.54
N ARG A 15 -16.86 -2.97 7.23
CA ARG A 15 -16.49 -4.14 6.44
C ARG A 15 -14.98 -4.16 6.17
N GLY A 16 -14.24 -4.80 7.07
CA GLY A 16 -12.80 -4.90 6.90
C GLY A 16 -12.08 -3.62 7.27
N THR A 17 -10.76 -3.62 7.11
CA THR A 17 -9.96 -2.43 7.36
C THR A 17 -9.98 -1.50 6.15
N GLY A 18 -10.36 -2.03 5.00
CA GLY A 18 -10.22 -1.30 3.75
C GLY A 18 -9.06 -1.79 2.91
N VAL A 19 -8.19 -2.58 3.52
CA VAL A 19 -7.06 -3.18 2.81
C VAL A 19 -7.43 -4.55 2.24
N SER A 20 -7.05 -4.77 0.99
CA SER A 20 -7.36 -6.04 0.32
C SER A 20 -6.15 -6.98 0.40
N VAL A 21 -6.35 -8.11 1.09
CA VAL A 21 -5.27 -9.08 1.28
C VAL A 21 -5.46 -10.30 0.38
N THR A 22 -4.48 -10.56 -0.47
CA THR A 22 -4.58 -11.63 -1.46
C THR A 22 -3.45 -12.64 -1.30
N ARG A 23 -3.80 -13.92 -1.41
CA ARG A 23 -2.80 -14.98 -1.43
C ARG A 23 -2.52 -15.43 -2.86
N SER A 24 -1.24 -15.42 -3.24
CA SER A 24 -0.85 -15.74 -4.61
C SER A 24 0.36 -16.67 -4.62
N GLY A 25 0.12 -17.95 -4.88
CA GLY A 25 1.15 -18.95 -4.73
C GLY A 25 1.62 -19.11 -3.30
N ASP A 26 2.92 -18.96 -3.07
CA ASP A 26 3.48 -19.07 -1.74
C ASP A 26 3.61 -17.71 -1.07
N ASN A 27 3.30 -16.66 -1.83
CA ASN A 27 3.51 -15.29 -1.35
C ASN A 27 2.18 -14.61 -1.05
N ILE A 28 2.25 -13.48 -0.35
CA ILE A 28 1.05 -12.74 0.00
C ILE A 28 1.16 -11.27 -0.41
N ILE A 29 0.12 -10.76 -1.06
CA ILE A 29 0.12 -9.38 -1.52
C ILE A 29 -1.00 -8.58 -0.85
N LEU A 30 -0.64 -7.46 -0.24
CA LEU A 30 -1.62 -6.58 0.38
C LEU A 30 -1.77 -5.29 -0.41
N ASN A 31 -2.95 -5.09 -0.99
CA ASN A 31 -3.20 -3.90 -1.81
C ASN A 31 -4.19 -2.97 -1.12
N MET A 32 -3.75 -1.75 -0.84
CA MET A 32 -4.55 -0.81 -0.06
C MET A 32 -4.81 0.47 -0.86
N PRO A 33 -6.00 1.06 -0.66
CA PRO A 33 -6.38 2.31 -1.31
C PRO A 33 -5.66 3.52 -0.72
N ASN A 34 -5.35 4.49 -1.58
CA ASN A 34 -4.65 5.70 -1.14
C ASN A 34 -5.44 6.41 -0.04
N ASN A 35 -6.76 6.35 -0.13
CA ASN A 35 -7.62 7.25 0.63
C ASN A 35 -7.43 7.05 2.13
N VAL A 36 -7.01 5.86 2.51
CA VAL A 36 -6.92 5.48 3.92
C VAL A 36 -5.47 5.41 4.37
N THR A 37 -4.55 5.37 3.42
CA THR A 37 -3.16 5.05 3.70
C THR A 37 -2.30 6.31 3.73
N PHE A 38 -2.44 7.15 2.71
CA PHE A 38 -1.68 8.38 2.63
C PHE A 38 -2.61 9.59 2.51
N ASP A 39 -2.15 10.74 3.00
CA ASP A 39 -2.93 11.97 2.93
C ASP A 39 -3.15 12.39 1.48
N SER A 40 -4.38 12.76 1.16
CA SER A 40 -4.74 13.18 -0.19
C SER A 40 -4.04 14.48 -0.55
N SER A 41 -3.62 15.23 0.48
CA SER A 41 -3.01 16.53 0.27
C SER A 41 -1.51 16.39 0.02
N SER A 42 -0.93 15.31 0.53
CA SER A 42 0.51 15.09 0.42
C SER A 42 0.85 13.63 0.72
N ALA A 43 1.93 13.16 0.10
CA ALA A 43 2.40 11.80 0.34
C ALA A 43 3.02 11.67 1.72
N THR A 44 2.20 11.81 2.75
CA THR A 44 2.61 11.45 4.10
C THR A 44 1.71 10.36 4.67
N LEU A 45 2.31 9.36 5.30
CA LEU A 45 1.57 8.19 5.76
C LEU A 45 0.59 8.56 6.86
N LYS A 46 -0.64 8.09 6.73
CA LYS A 46 -1.63 8.20 7.80
C LYS A 46 -1.37 7.15 8.89
N PRO A 47 -1.83 7.45 10.11
CA PRO A 47 -1.76 6.50 11.23
C PRO A 47 -2.33 5.15 10.87
N ALA A 48 -3.44 5.14 10.13
CA ALA A 48 -4.06 3.91 9.68
C ALA A 48 -3.13 3.13 8.76
N GLY A 49 -2.33 3.85 7.98
CA GLY A 49 -1.36 3.21 7.11
C GLY A 49 -0.21 2.60 7.88
N ALA A 50 0.24 3.28 8.93
CA ALA A 50 1.29 2.75 9.80
C ALA A 50 0.82 1.50 10.53
N ASN A 51 -0.46 1.49 10.91
CA ASN A 51 -1.05 0.35 11.60
C ASN A 51 -1.04 -0.89 10.70
N THR A 52 -1.38 -0.70 9.43
CA THR A 52 -1.33 -1.77 8.46
C THR A 52 0.10 -2.27 8.25
N LEU A 53 1.03 -1.33 8.16
CA LEU A 53 2.45 -1.67 8.03
C LEU A 53 2.94 -2.44 9.25
N THR A 54 2.39 -2.11 10.41
CA THR A 54 2.71 -2.83 11.63
C THR A 54 2.23 -4.28 11.56
N GLY A 55 1.03 -4.46 11.01
CA GLY A 55 0.53 -5.82 10.77
C GLY A 55 1.41 -6.58 9.80
N VAL A 56 1.87 -5.91 8.75
CA VAL A 56 2.83 -6.50 7.83
C VAL A 56 4.14 -6.85 8.53
N ALA A 57 4.57 -5.97 9.42
CA ALA A 57 5.76 -6.22 10.23
C ALA A 57 5.60 -7.48 11.08
N MET A 58 4.41 -7.65 11.64
CA MET A 58 4.12 -8.82 12.45
C MET A 58 4.17 -10.09 11.60
N VAL A 59 3.95 -9.94 10.30
CA VAL A 59 3.89 -11.08 9.39
C VAL A 59 5.29 -11.43 8.88
N LEU A 60 6.02 -10.41 8.46
CA LEU A 60 7.37 -10.60 7.95
C LEU A 60 8.29 -11.13 9.06
N LYS A 61 8.05 -10.67 10.28
CA LYS A 61 8.89 -11.06 11.42
C LYS A 61 8.93 -12.57 11.58
N GLU A 62 7.80 -13.22 11.28
CA GLU A 62 7.68 -14.66 11.46
C GLU A 62 8.51 -15.40 10.43
N TYR A 63 8.75 -14.76 9.28
CA TYR A 63 9.47 -15.39 8.19
C TYR A 63 10.70 -14.58 7.81
N PRO A 64 11.81 -14.81 8.53
CA PRO A 64 13.08 -14.13 8.28
C PRO A 64 13.72 -14.55 6.96
N LYS A 65 13.17 -15.59 6.36
CA LYS A 65 13.66 -16.07 5.07
C LYS A 65 12.91 -15.39 3.93
N THR A 66 12.06 -14.44 4.26
CA THR A 66 11.26 -13.74 3.26
C THR A 66 11.55 -12.24 3.28
N ALA A 67 11.29 -11.58 2.16
CA ALA A 67 11.50 -10.14 2.06
C ALA A 67 10.20 -9.41 1.74
N VAL A 68 10.16 -8.12 2.06
CA VAL A 68 8.99 -7.31 1.77
C VAL A 68 9.28 -6.27 0.69
N ASN A 69 8.45 -6.24 -0.35
CA ASN A 69 8.63 -5.30 -1.45
C ASN A 69 7.38 -4.45 -1.64
N VAL A 70 7.51 -3.15 -1.39
CA VAL A 70 6.38 -2.25 -1.41
C VAL A 70 6.46 -1.30 -2.60
N ILE A 71 5.41 -1.28 -3.41
CA ILE A 71 5.36 -0.41 -4.58
C ILE A 71 4.13 0.51 -4.54
N GLY A 72 4.37 1.80 -4.66
CA GLY A 72 3.28 2.75 -4.75
C GLY A 72 3.07 3.26 -6.17
N TYR A 73 1.82 3.39 -6.58
CA TYR A 73 1.50 3.79 -7.94
C TYR A 73 0.16 4.52 -7.99
N THR A 74 0.02 5.43 -8.95
CA THR A 74 -1.27 6.04 -9.25
C THR A 74 -1.51 6.10 -10.76
N ASP A 75 -2.79 6.02 -11.15
CA ASP A 75 -3.15 5.92 -12.56
C ASP A 75 -4.37 6.78 -12.86
N SER A 76 -4.64 7.75 -11.99
CA SER A 76 -5.86 8.54 -12.09
C SER A 76 -5.64 9.76 -12.99
N THR A 77 -4.71 10.61 -12.60
CA THR A 77 -4.26 11.70 -13.46
C THR A 77 -2.92 12.27 -12.98
N GLY A 78 -2.44 13.29 -13.69
CA GLY A 78 -1.22 13.97 -13.26
C GLY A 78 -0.02 13.56 -14.10
N GLY A 79 1.03 14.36 -14.04
CA GLY A 79 2.24 14.05 -14.78
C GLY A 79 2.91 12.78 -14.30
N HIS A 80 3.34 11.95 -15.24
CA HIS A 80 3.99 10.68 -14.90
C HIS A 80 5.19 10.91 -13.98
N ASP A 81 6.02 11.88 -14.34
CA ASP A 81 7.25 12.14 -13.59
C ASP A 81 6.94 12.56 -12.16
N LEU A 82 6.00 13.49 -12.01
CA LEU A 82 5.64 14.01 -10.70
C LEU A 82 5.01 12.91 -9.83
N ASN A 83 4.13 12.12 -10.44
CA ASN A 83 3.47 11.03 -9.72
C ASN A 83 4.49 10.00 -9.25
N MET A 84 5.39 9.61 -10.15
CA MET A 84 6.49 8.73 -9.79
C MET A 84 7.30 9.31 -8.63
N ARG A 85 7.54 10.61 -8.69
CA ARG A 85 8.34 11.28 -7.66
C ARG A 85 7.64 11.22 -6.30
N LEU A 86 6.35 11.50 -6.31
CA LEU A 86 5.52 11.33 -5.11
C LEU A 86 5.50 9.87 -4.67
N SER A 87 5.47 8.96 -5.64
CA SER A 87 5.46 7.54 -5.35
C SER A 87 6.75 7.12 -4.65
N GLN A 88 7.87 7.68 -5.10
CA GLN A 88 9.16 7.41 -4.47
C GLN A 88 9.19 7.94 -3.04
N GLN A 89 8.57 9.10 -2.82
CA GLN A 89 8.53 9.70 -1.50
C GLN A 89 7.76 8.82 -0.52
N ARG A 90 6.56 8.42 -0.92
CA ARG A 90 5.71 7.59 -0.07
C ARG A 90 6.34 6.22 0.15
N ALA A 91 7.09 5.74 -0.83
CA ALA A 91 7.82 4.50 -0.71
C ALA A 91 8.85 4.57 0.42
N ASP A 92 9.58 5.69 0.46
CA ASP A 92 10.58 5.90 1.50
C ASP A 92 9.93 5.99 2.88
N SER A 93 8.73 6.58 2.93
CA SER A 93 7.99 6.72 4.17
C SER A 93 7.60 5.35 4.72
N VAL A 94 7.20 4.46 3.83
CA VAL A 94 6.88 3.08 4.21
C VAL A 94 8.11 2.37 4.77
N ALA A 95 9.24 2.53 4.10
CA ALA A 95 10.49 1.92 4.55
C ALA A 95 10.85 2.41 5.94
N SER A 96 10.69 3.71 6.17
CA SER A 96 10.98 4.31 7.48
C SER A 96 10.10 3.69 8.55
N ALA A 97 8.81 3.57 8.27
CA ALA A 97 7.85 3.04 9.23
C ALA A 97 8.17 1.59 9.57
N LEU A 98 8.44 0.79 8.54
CA LEU A 98 8.75 -0.63 8.74
C LEU A 98 10.00 -0.80 9.60
N ILE A 99 11.01 0.02 9.33
CA ILE A 99 12.22 0.02 10.13
C ILE A 99 11.92 0.38 11.59
N THR A 100 11.05 1.36 11.78
CA THR A 100 10.61 1.76 13.11
C THR A 100 9.87 0.63 13.81
N GLN A 101 9.16 -0.18 13.02
CA GLN A 101 8.38 -1.28 13.57
C GLN A 101 9.25 -2.54 13.73
N GLY A 102 10.55 -2.36 13.53
CA GLY A 102 11.50 -3.40 13.92
C GLY A 102 11.85 -4.33 12.77
N VAL A 103 11.44 -3.96 11.57
CA VAL A 103 11.76 -4.75 10.38
C VAL A 103 13.15 -4.42 9.87
N ASP A 104 13.95 -5.46 9.65
CA ASP A 104 15.30 -5.29 9.12
C ASP A 104 15.28 -4.48 7.83
N ALA A 105 16.02 -3.37 7.81
CA ALA A 105 16.10 -2.53 6.62
C ALA A 105 16.62 -3.30 5.43
N SER A 106 17.43 -4.32 5.69
CA SER A 106 18.00 -5.14 4.61
C SER A 106 16.91 -5.96 3.94
N ARG A 107 15.83 -6.23 4.67
CA ARG A 107 14.75 -7.06 4.17
C ARG A 107 13.68 -6.21 3.49
N ILE A 108 13.81 -4.89 3.63
CA ILE A 108 12.83 -3.97 3.07
C ILE A 108 13.26 -3.46 1.70
N ARG A 109 12.36 -3.56 0.73
CA ARG A 109 12.52 -2.86 -0.55
C ARG A 109 11.28 -2.04 -0.87
N THR A 110 11.49 -0.77 -1.22
CA THR A 110 10.40 0.12 -1.56
C THR A 110 10.65 0.81 -2.91
N GLN A 111 9.60 0.95 -3.70
CA GLN A 111 9.70 1.58 -5.01
C GLN A 111 8.50 2.48 -5.29
N GLY A 112 8.71 3.53 -6.06
CA GLY A 112 7.61 4.38 -6.49
C GLY A 112 7.61 4.60 -7.99
N LEU A 113 6.43 4.49 -8.60
CA LEU A 113 6.29 4.72 -10.03
C LEU A 113 4.96 5.41 -10.34
N GLY A 114 4.90 6.06 -11.50
CA GLY A 114 3.68 6.73 -11.90
C GLY A 114 2.71 5.81 -12.59
N PRO A 115 1.79 6.38 -13.38
CA PRO A 115 0.78 5.61 -14.13
C PRO A 115 1.41 4.46 -14.92
N ALA A 116 0.89 3.26 -14.72
CA ALA A 116 1.37 2.09 -15.44
C ALA A 116 0.21 1.25 -15.96
N ASN A 117 -0.56 0.68 -15.04
CA ASN A 117 -1.75 -0.07 -15.41
C ASN A 117 -2.94 0.34 -14.56
N PRO A 118 -3.96 0.91 -15.20
CA PRO A 118 -5.18 1.38 -14.53
C PRO A 118 -6.10 0.23 -14.14
N ILE A 119 -6.92 0.46 -13.12
CA ILE A 119 -7.87 -0.55 -12.68
C ILE A 119 -9.28 -0.26 -13.21
N ALA A 120 -9.73 0.97 -13.03
CA ALA A 120 -11.04 1.39 -13.52
C ALA A 120 -10.93 2.63 -14.40
N SER A 121 -12.01 2.96 -15.09
CA SER A 121 -12.01 4.07 -16.04
C SER A 121 -11.82 5.40 -15.33
N ASN A 122 -10.92 6.22 -15.85
CA ASN A 122 -10.71 7.57 -15.32
C ASN A 122 -11.85 8.50 -15.72
N SER A 123 -12.77 7.99 -16.54
CA SER A 123 -13.90 8.78 -17.01
C SER A 123 -14.93 8.97 -15.91
N THR A 124 -14.75 8.25 -14.79
CA THR A 124 -15.58 8.42 -13.61
C THR A 124 -14.74 8.84 -12.41
N ALA A 125 -15.36 9.54 -11.47
CA ALA A 125 -14.69 9.93 -10.23
C ALA A 125 -14.32 8.71 -9.41
N GLU A 126 -15.18 7.71 -9.41
CA GLU A 126 -14.94 6.49 -8.65
C GLU A 126 -13.74 5.72 -9.23
N GLY A 127 -13.68 5.64 -10.55
CA GLY A 127 -12.58 4.96 -11.21
C GLY A 127 -11.24 5.63 -10.95
N LYS A 128 -11.25 6.96 -10.96
CA LYS A 128 -10.05 7.73 -10.67
C LYS A 128 -9.53 7.43 -9.26
N ALA A 129 -10.44 7.39 -8.29
CA ALA A 129 -10.08 7.13 -6.92
C ALA A 129 -9.48 5.73 -6.75
N GLN A 130 -10.08 4.76 -7.42
CA GLN A 130 -9.66 3.37 -7.27
C GLN A 130 -8.28 3.14 -7.86
N ASN A 131 -7.88 4.03 -8.77
CA ASN A 131 -6.63 3.86 -9.51
C ASN A 131 -5.45 4.35 -8.67
N ARG A 132 -5.74 4.92 -7.51
CA ARG A 132 -4.70 5.30 -6.57
C ARG A 132 -4.51 4.23 -5.50
N ARG A 133 -3.49 3.39 -5.67
CA ARG A 133 -3.34 2.20 -4.85
C ARG A 133 -1.88 2.04 -4.40
N VAL A 134 -1.70 1.35 -3.28
CA VAL A 134 -0.36 0.94 -2.84
C VAL A 134 -0.29 -0.56 -2.61
N GLU A 135 0.77 -1.18 -3.10
CA GLU A 135 0.86 -2.63 -3.11
C GLU A 135 2.03 -3.11 -2.26
N ILE A 136 1.76 -4.06 -1.36
CA ILE A 136 2.81 -4.69 -0.58
C ILE A 136 2.93 -6.17 -0.92
N THR A 137 4.12 -6.57 -1.39
CA THR A 137 4.36 -7.95 -1.77
C THR A 137 5.35 -8.62 -0.82
N LEU A 138 4.89 -9.69 -0.16
CA LEU A 138 5.72 -10.41 0.79
C LEU A 138 6.02 -11.82 0.28
N SER A 139 7.29 -12.09 0.02
CA SER A 139 7.69 -13.32 -0.68
C SER A 139 9.10 -13.75 -0.26
N PRO A 140 9.36 -15.06 -0.37
CA PRO A 140 10.68 -15.62 -0.05
C PRO A 140 11.81 -14.90 -0.79
N LEU A 141 12.87 -14.57 -0.06
CA LEU A 141 14.00 -13.85 -0.64
C LEU A 141 14.83 -14.77 -1.53
N LEU A 142 14.48 -14.83 -2.81
CA LEU A 142 15.16 -15.71 -3.76
C LEU A 142 15.77 -14.91 -4.91
N GLU A 143 15.51 -13.61 -4.92
CA GLU A 143 15.96 -12.75 -6.00
C GLU A 143 16.08 -11.30 -5.54
N HIS A 144 16.70 -10.47 -6.37
CA HIS A 144 16.93 -9.07 -6.02
C HIS A 144 17.08 -8.22 -7.29
N HIS A 145 16.46 -7.04 -7.27
CA HIS A 145 16.54 -6.13 -8.41
C HIS A 145 16.53 -4.68 -7.94
N HIS A 146 16.59 -3.76 -8.90
CA HIS A 146 16.55 -2.33 -8.59
C HIS A 146 16.04 -1.53 -9.78
N HIS A 147 14.95 -0.80 -9.57
CA HIS A 147 14.40 0.08 -10.59
C HIS A 147 13.39 1.05 -10.00
N HIS A 148 13.72 2.34 -10.04
CA HIS A 148 12.87 3.37 -9.46
C HIS A 148 12.50 4.41 -10.50
N HIS A 149 13.13 4.34 -11.67
CA HIS A 149 12.91 5.32 -12.73
C HIS A 149 13.32 4.75 -14.09
N TYR A 1 -36.92 6.60 8.71
CA TYR A 1 -36.17 5.89 7.68
C TYR A 1 -34.77 6.47 7.54
N TYR A 2 -34.55 7.63 8.14
CA TYR A 2 -33.25 8.31 8.05
C TYR A 2 -32.15 7.47 8.69
N MET A 3 -32.52 6.73 9.73
CA MET A 3 -31.57 5.86 10.41
C MET A 3 -31.25 4.64 9.56
N ASP A 4 -32.23 4.20 8.77
CA ASP A 4 -32.03 3.09 7.85
C ASP A 4 -31.09 3.48 6.72
N VAL A 5 -31.12 4.76 6.35
CA VAL A 5 -30.28 5.27 5.27
C VAL A 5 -28.83 5.41 5.72
N GLN A 6 -28.64 6.00 6.90
CA GLN A 6 -27.30 6.11 7.50
C GLN A 6 -26.75 4.73 7.84
N GLU A 7 -27.62 3.85 8.34
CA GLU A 7 -27.22 2.51 8.72
C GLU A 7 -26.64 1.75 7.54
N ALA A 8 -27.30 1.85 6.40
CA ALA A 8 -26.86 1.16 5.19
C ALA A 8 -25.48 1.64 4.76
N LYS A 9 -25.29 2.96 4.76
CA LYS A 9 -24.01 3.55 4.41
C LYS A 9 -22.93 3.10 5.39
N LEU A 10 -23.26 3.10 6.67
CA LEU A 10 -22.30 2.73 7.70
C LEU A 10 -21.90 1.26 7.58
N ARG A 11 -22.87 0.42 7.23
CA ARG A 11 -22.62 -1.00 7.07
C ARG A 11 -21.64 -1.26 5.92
N ASP A 12 -21.79 -0.51 4.84
CA ASP A 12 -20.84 -0.55 3.74
C ASP A 12 -19.47 -0.05 4.18
N LYS A 13 -19.46 1.01 4.99
CA LYS A 13 -18.22 1.57 5.50
C LYS A 13 -17.55 0.59 6.46
N MET A 14 -18.33 -0.29 7.06
CA MET A 14 -17.82 -1.25 8.03
C MET A 14 -17.49 -2.58 7.35
N ARG A 15 -17.64 -2.62 6.03
CA ARG A 15 -17.21 -3.77 5.25
C ARG A 15 -15.70 -3.76 5.06
N GLY A 16 -14.98 -4.40 5.98
CA GLY A 16 -13.54 -4.46 5.90
C GLY A 16 -12.87 -3.17 6.30
N THR A 17 -11.54 -3.14 6.21
CA THR A 17 -10.78 -1.92 6.49
C THR A 17 -10.65 -1.06 5.24
N GLY A 18 -10.94 -1.64 4.09
CA GLY A 18 -10.69 -0.97 2.83
C GLY A 18 -9.48 -1.54 2.11
N VAL A 19 -8.69 -2.33 2.82
CA VAL A 19 -7.53 -3.00 2.22
C VAL A 19 -7.89 -4.38 1.70
N SER A 20 -7.44 -4.68 0.48
CA SER A 20 -7.72 -5.97 -0.13
C SER A 20 -6.55 -6.94 0.07
N VAL A 21 -6.84 -8.12 0.61
CA VAL A 21 -5.81 -9.11 0.90
C VAL A 21 -5.86 -10.25 -0.10
N THR A 22 -4.74 -10.48 -0.78
CA THR A 22 -4.66 -11.52 -1.81
C THR A 22 -3.60 -12.54 -1.46
N ARG A 23 -3.93 -13.82 -1.61
CA ARG A 23 -2.95 -14.89 -1.50
C ARG A 23 -2.57 -15.43 -2.88
N SER A 24 -1.27 -15.49 -3.14
CA SER A 24 -0.79 -15.92 -4.45
C SER A 24 0.41 -16.86 -4.30
N GLY A 25 0.16 -18.15 -4.45
CA GLY A 25 1.18 -19.15 -4.18
C GLY A 25 1.56 -19.18 -2.71
N ASP A 26 2.85 -18.99 -2.43
CA ASP A 26 3.34 -18.99 -1.06
C ASP A 26 3.46 -17.57 -0.52
N ASN A 27 3.31 -16.60 -1.40
CA ASN A 27 3.57 -15.20 -1.05
C ASN A 27 2.27 -14.47 -0.74
N ILE A 28 2.39 -13.28 -0.16
CA ILE A 28 1.22 -12.49 0.21
C ILE A 28 1.22 -11.14 -0.51
N ILE A 29 0.09 -10.82 -1.12
CA ILE A 29 -0.08 -9.54 -1.81
C ILE A 29 -1.17 -8.69 -1.17
N LEU A 30 -0.78 -7.52 -0.70
CA LEU A 30 -1.74 -6.58 -0.11
C LEU A 30 -1.97 -5.39 -1.02
N ASN A 31 -3.23 -5.12 -1.34
CA ASN A 31 -3.59 -3.96 -2.14
C ASN A 31 -4.26 -2.88 -1.29
N MET A 32 -3.57 -1.76 -1.13
CA MET A 32 -4.06 -0.69 -0.27
C MET A 32 -4.44 0.54 -1.09
N PRO A 33 -5.60 1.12 -0.78
CA PRO A 33 -6.06 2.37 -1.42
C PRO A 33 -5.32 3.59 -0.89
N ASN A 34 -5.09 4.56 -1.76
CA ASN A 34 -4.43 5.81 -1.38
C ASN A 34 -5.13 6.42 -0.16
N ASN A 35 -6.44 6.27 -0.10
CA ASN A 35 -7.26 7.05 0.82
C ASN A 35 -6.89 6.76 2.27
N VAL A 36 -6.33 5.57 2.51
CA VAL A 36 -6.12 5.08 3.86
C VAL A 36 -4.64 5.08 4.22
N THR A 37 -3.79 5.17 3.20
CA THR A 37 -2.35 5.05 3.41
C THR A 37 -1.71 6.40 3.67
N PHE A 38 -1.86 7.32 2.73
CA PHE A 38 -1.19 8.61 2.80
C PHE A 38 -2.16 9.75 2.50
N ASP A 39 -1.79 10.96 2.89
CA ASP A 39 -2.67 12.11 2.78
C ASP A 39 -2.52 12.78 1.42
N SER A 40 -3.61 13.34 0.91
CA SER A 40 -3.60 14.03 -0.38
C SER A 40 -2.68 15.24 -0.34
N SER A 41 -2.47 15.78 0.86
CA SER A 41 -1.70 17.00 1.03
C SER A 41 -0.22 16.69 1.21
N SER A 42 0.08 15.50 1.75
CA SER A 42 1.45 15.08 1.97
C SER A 42 1.54 13.57 2.13
N ALA A 43 2.59 12.98 1.56
CA ALA A 43 2.89 11.57 1.80
C ALA A 43 3.36 11.35 3.24
N THR A 44 2.47 11.55 4.19
CA THR A 44 2.70 11.14 5.56
C THR A 44 1.76 10.02 5.99
N LEU A 45 2.33 8.94 6.51
CA LEU A 45 1.57 7.71 6.73
C LEU A 45 0.44 7.94 7.72
N LYS A 46 -0.75 7.46 7.39
CA LYS A 46 -1.88 7.51 8.31
C LYS A 46 -1.85 6.31 9.26
N PRO A 47 -2.50 6.46 10.42
CA PRO A 47 -2.58 5.41 11.44
C PRO A 47 -3.06 4.09 10.85
N ALA A 48 -4.06 4.15 9.97
CA ALA A 48 -4.57 2.96 9.31
C ALA A 48 -3.50 2.28 8.48
N GLY A 49 -2.63 3.08 7.87
CA GLY A 49 -1.53 2.52 7.10
C GLY A 49 -0.45 1.91 7.98
N ALA A 50 -0.20 2.54 9.11
CA ALA A 50 0.79 2.03 10.06
C ALA A 50 0.36 0.68 10.62
N ASN A 51 -0.94 0.53 10.86
CA ASN A 51 -1.46 -0.70 11.42
C ASN A 51 -1.25 -1.88 10.48
N THR A 52 -1.49 -1.66 9.19
CA THR A 52 -1.28 -2.68 8.19
C THR A 52 0.21 -3.01 8.04
N LEU A 53 1.04 -1.97 8.04
CA LEU A 53 2.48 -2.15 7.94
C LEU A 53 3.04 -2.84 9.18
N THR A 54 2.38 -2.61 10.31
CA THR A 54 2.68 -3.35 11.53
C THR A 54 2.36 -4.83 11.37
N GLY A 55 1.24 -5.12 10.71
CA GLY A 55 0.92 -6.49 10.35
C GLY A 55 1.96 -7.12 9.45
N VAL A 56 2.48 -6.32 8.52
CA VAL A 56 3.60 -6.75 7.69
C VAL A 56 4.83 -7.06 8.53
N ALA A 57 5.10 -6.20 9.51
CA ALA A 57 6.19 -6.42 10.45
C ALA A 57 5.99 -7.72 11.22
N MET A 58 4.74 -7.98 11.61
CA MET A 58 4.41 -9.20 12.34
C MET A 58 4.72 -10.43 11.49
N VAL A 59 4.71 -10.26 10.18
CA VAL A 59 4.92 -11.37 9.25
C VAL A 59 6.39 -11.57 8.95
N LEU A 60 7.09 -10.46 8.69
CA LEU A 60 8.51 -10.51 8.36
C LEU A 60 9.32 -11.00 9.56
N LYS A 61 8.89 -10.63 10.76
CA LYS A 61 9.60 -11.00 11.97
C LYS A 61 9.45 -12.49 12.25
N GLU A 62 8.29 -13.04 11.92
CA GLU A 62 8.06 -14.48 12.05
C GLU A 62 8.76 -15.25 10.94
N TYR A 63 8.87 -14.63 9.77
CA TYR A 63 9.53 -15.25 8.64
C TYR A 63 10.70 -14.38 8.14
N PRO A 64 11.84 -14.48 8.84
CA PRO A 64 13.03 -13.70 8.50
C PRO A 64 13.69 -14.17 7.20
N LYS A 65 13.16 -15.24 6.63
CA LYS A 65 13.64 -15.75 5.35
C LYS A 65 12.86 -15.13 4.20
N THR A 66 12.03 -14.15 4.51
CA THR A 66 11.21 -13.50 3.50
C THR A 66 11.51 -12.00 3.43
N ALA A 67 11.33 -11.42 2.26
CA ALA A 67 11.55 -9.99 2.07
C ALA A 67 10.28 -9.29 1.60
N VAL A 68 10.20 -7.99 1.86
CA VAL A 68 9.03 -7.21 1.49
C VAL A 68 9.38 -6.16 0.42
N ASN A 69 8.58 -6.13 -0.64
CA ASN A 69 8.71 -5.07 -1.64
C ASN A 69 7.41 -4.28 -1.76
N VAL A 70 7.50 -2.98 -1.50
CA VAL A 70 6.32 -2.11 -1.56
C VAL A 70 6.41 -1.14 -2.72
N ILE A 71 5.40 -1.17 -3.59
CA ILE A 71 5.39 -0.30 -4.76
C ILE A 71 4.17 0.61 -4.74
N GLY A 72 4.40 1.92 -4.83
CA GLY A 72 3.31 2.88 -4.87
C GLY A 72 3.18 3.53 -6.24
N TYR A 73 1.94 3.72 -6.68
CA TYR A 73 1.68 4.39 -7.96
C TYR A 73 0.26 4.93 -8.01
N THR A 74 0.00 5.83 -8.96
CA THR A 74 -1.35 6.32 -9.20
C THR A 74 -1.69 6.25 -10.68
N ASP A 75 -2.99 6.14 -10.98
CA ASP A 75 -3.44 5.94 -12.35
C ASP A 75 -4.68 6.79 -12.65
N SER A 76 -4.83 7.87 -11.89
CA SER A 76 -5.98 8.75 -12.05
C SER A 76 -5.69 9.86 -13.05
N THR A 77 -4.68 10.68 -12.75
CA THR A 77 -4.16 11.66 -13.70
C THR A 77 -2.78 12.14 -13.30
N GLY A 78 -2.22 13.06 -14.08
CA GLY A 78 -0.95 13.67 -13.74
C GLY A 78 0.19 13.14 -14.59
N GLY A 79 1.27 13.90 -14.65
CA GLY A 79 2.43 13.46 -15.41
C GLY A 79 3.06 12.20 -14.86
N HIS A 80 3.43 11.30 -15.76
CA HIS A 80 4.02 10.02 -15.34
C HIS A 80 5.22 10.24 -14.45
N ASP A 81 6.13 11.11 -14.87
CA ASP A 81 7.37 11.34 -14.14
C ASP A 81 7.08 11.95 -12.77
N LEU A 82 6.21 12.96 -12.74
CA LEU A 82 5.92 13.69 -11.51
C LEU A 82 5.20 12.79 -10.51
N ASN A 83 4.32 11.94 -11.01
CA ASN A 83 3.62 10.96 -10.18
C ASN A 83 4.61 9.95 -9.59
N MET A 84 5.50 9.44 -10.43
CA MET A 84 6.58 8.58 -9.97
C MET A 84 7.38 9.25 -8.85
N ARG A 85 7.59 10.54 -8.98
CA ARG A 85 8.38 11.29 -8.00
C ARG A 85 7.68 11.32 -6.65
N LEU A 86 6.39 11.60 -6.66
CA LEU A 86 5.56 11.49 -5.46
C LEU A 86 5.55 10.05 -4.95
N SER A 87 5.48 9.10 -5.86
CA SER A 87 5.42 7.69 -5.51
C SER A 87 6.69 7.27 -4.77
N GLN A 88 7.82 7.83 -5.20
CA GLN A 88 9.10 7.57 -4.54
C GLN A 88 9.07 8.07 -3.09
N GLN A 89 8.46 9.23 -2.88
CA GLN A 89 8.43 9.84 -1.56
C GLN A 89 7.56 9.03 -0.61
N ARG A 90 6.39 8.63 -1.06
CA ARG A 90 5.49 7.83 -0.25
C ARG A 90 6.07 6.44 -0.02
N ALA A 91 6.80 5.93 -1.00
CA ALA A 91 7.53 4.68 -0.85
C ALA A 91 8.58 4.77 0.25
N ASP A 92 9.31 5.88 0.27
CA ASP A 92 10.30 6.13 1.31
C ASP A 92 9.64 6.24 2.68
N SER A 93 8.44 6.80 2.71
CA SER A 93 7.69 6.93 3.95
C SER A 93 7.31 5.56 4.50
N VAL A 94 6.96 4.65 3.61
CA VAL A 94 6.68 3.27 3.99
C VAL A 94 7.92 2.60 4.61
N ALA A 95 9.06 2.75 3.95
CA ALA A 95 10.30 2.16 4.42
C ALA A 95 10.66 2.69 5.80
N SER A 96 10.50 4.00 6.00
CA SER A 96 10.78 4.62 7.28
C SER A 96 9.91 4.04 8.38
N ALA A 97 8.62 3.86 8.08
CA ALA A 97 7.67 3.33 9.04
C ALA A 97 8.02 1.90 9.42
N LEU A 98 8.29 1.08 8.41
CA LEU A 98 8.61 -0.33 8.63
C LEU A 98 9.85 -0.48 9.50
N ILE A 99 10.87 0.34 9.22
CA ILE A 99 12.08 0.36 10.03
C ILE A 99 11.76 0.74 11.48
N THR A 100 10.87 1.73 11.64
CA THR A 100 10.41 2.13 12.96
C THR A 100 9.65 1.01 13.64
N GLN A 101 8.96 0.19 12.84
CA GLN A 101 8.16 -0.90 13.38
C GLN A 101 9.02 -2.14 13.62
N GLY A 102 10.33 -1.99 13.41
CA GLY A 102 11.26 -3.03 13.84
C GLY A 102 11.63 -3.97 12.71
N VAL A 103 11.23 -3.63 11.49
CA VAL A 103 11.57 -4.42 10.33
C VAL A 103 12.98 -4.11 9.83
N ASP A 104 13.77 -5.17 9.62
CA ASP A 104 15.12 -5.01 9.11
C ASP A 104 15.13 -4.22 7.81
N ALA A 105 15.87 -3.12 7.80
CA ALA A 105 15.94 -2.25 6.62
C ALA A 105 16.45 -3.03 5.41
N SER A 106 17.32 -4.00 5.66
CA SER A 106 17.92 -4.78 4.58
C SER A 106 16.89 -5.71 3.94
N ARG A 107 15.78 -5.94 4.65
CA ARG A 107 14.71 -6.79 4.15
C ARG A 107 13.63 -5.95 3.46
N ILE A 108 13.75 -4.64 3.58
CA ILE A 108 12.77 -3.73 2.99
C ILE A 108 13.23 -3.21 1.64
N ARG A 109 12.37 -3.33 0.63
CA ARG A 109 12.58 -2.66 -0.63
C ARG A 109 11.33 -1.87 -1.04
N THR A 110 11.52 -0.61 -1.41
CA THR A 110 10.41 0.25 -1.81
C THR A 110 10.66 0.88 -3.18
N GLN A 111 9.61 0.98 -3.98
CA GLN A 111 9.72 1.58 -5.31
C GLN A 111 8.55 2.50 -5.59
N GLY A 112 8.81 3.58 -6.32
CA GLY A 112 7.74 4.45 -6.78
C GLY A 112 7.62 4.46 -8.29
N LEU A 113 6.39 4.29 -8.78
CA LEU A 113 6.14 4.30 -10.22
C LEU A 113 4.98 5.24 -10.55
N GLY A 114 4.97 5.74 -11.78
CA GLY A 114 3.78 6.41 -12.30
C GLY A 114 2.69 5.42 -12.68
N PRO A 115 1.70 5.91 -13.43
CA PRO A 115 0.57 5.08 -13.88
C PRO A 115 1.03 3.77 -14.52
N ALA A 116 0.48 2.66 -14.05
CA ALA A 116 0.84 1.35 -14.55
C ALA A 116 -0.40 0.49 -14.80
N ASN A 117 -1.05 0.08 -13.73
CA ASN A 117 -2.27 -0.72 -13.84
C ASN A 117 -3.40 -0.09 -13.02
N PRO A 118 -4.36 0.54 -13.71
CA PRO A 118 -5.54 1.14 -13.08
C PRO A 118 -6.59 0.10 -12.71
N ILE A 119 -7.55 0.50 -11.89
CA ILE A 119 -8.66 -0.36 -11.52
C ILE A 119 -9.90 -0.04 -12.34
N ALA A 120 -10.25 1.23 -12.41
CA ALA A 120 -11.48 1.65 -13.08
C ALA A 120 -11.21 2.83 -14.00
N SER A 121 -12.20 3.15 -14.84
CA SER A 121 -12.05 4.19 -15.84
C SER A 121 -11.85 5.55 -15.19
N ASN A 122 -10.92 6.34 -15.73
CA ASN A 122 -10.67 7.69 -15.25
C ASN A 122 -11.78 8.64 -15.69
N SER A 123 -12.71 8.11 -16.48
CA SER A 123 -13.84 8.90 -16.96
C SER A 123 -14.87 9.11 -15.85
N THR A 124 -14.66 8.44 -14.73
CA THR A 124 -15.50 8.63 -13.55
C THR A 124 -14.67 9.11 -12.37
N ALA A 125 -15.31 9.83 -11.45
CA ALA A 125 -14.67 10.26 -10.21
C ALA A 125 -14.28 9.06 -9.34
N GLU A 126 -15.13 8.04 -9.35
CA GLU A 126 -14.88 6.84 -8.57
C GLU A 126 -13.64 6.10 -9.11
N GLY A 127 -13.52 6.07 -10.44
CA GLY A 127 -12.35 5.46 -11.04
C GLY A 127 -11.06 6.16 -10.68
N LYS A 128 -11.10 7.49 -10.68
CA LYS A 128 -9.94 8.29 -10.30
C LYS A 128 -9.49 7.96 -8.88
N ALA A 129 -10.46 7.87 -7.97
CA ALA A 129 -10.18 7.58 -6.57
C ALA A 129 -9.50 6.23 -6.41
N GLN A 130 -10.03 5.23 -7.10
CA GLN A 130 -9.57 3.85 -6.92
C GLN A 130 -8.20 3.64 -7.54
N ASN A 131 -7.91 4.39 -8.60
CA ASN A 131 -6.74 4.14 -9.42
C ASN A 131 -5.47 4.56 -8.69
N ARG A 132 -5.64 5.24 -7.55
CA ARG A 132 -4.52 5.57 -6.68
C ARG A 132 -4.29 4.45 -5.66
N ARG A 133 -3.21 3.71 -5.84
CA ARG A 133 -3.09 2.38 -5.23
C ARG A 133 -1.65 2.12 -4.81
N VAL A 134 -1.48 1.42 -3.69
CA VAL A 134 -0.17 0.94 -3.27
C VAL A 134 -0.19 -0.58 -3.07
N GLU A 135 0.87 -1.24 -3.55
CA GLU A 135 0.92 -2.69 -3.52
C GLU A 135 2.06 -3.18 -2.62
N ILE A 136 1.74 -4.12 -1.73
CA ILE A 136 2.75 -4.71 -0.87
C ILE A 136 2.93 -6.20 -1.16
N THR A 137 4.16 -6.57 -1.53
CA THR A 137 4.46 -7.95 -1.86
C THR A 137 5.42 -8.57 -0.85
N LEU A 138 4.98 -9.62 -0.18
CA LEU A 138 5.82 -10.33 0.78
C LEU A 138 6.11 -11.75 0.32
N SER A 139 7.38 -12.04 0.08
CA SER A 139 7.78 -13.30 -0.55
C SER A 139 9.17 -13.73 -0.08
N PRO A 140 9.43 -15.04 -0.15
CA PRO A 140 10.73 -15.61 0.23
C PRO A 140 11.89 -14.92 -0.48
N LEU A 141 12.94 -14.63 0.26
CA LEU A 141 14.12 -13.96 -0.30
C LEU A 141 14.88 -14.89 -1.24
N LEU A 142 14.53 -14.83 -2.52
CA LEU A 142 15.17 -15.67 -3.53
C LEU A 142 15.87 -14.81 -4.58
N GLU A 143 15.64 -13.50 -4.52
CA GLU A 143 16.22 -12.58 -5.50
C GLU A 143 16.33 -11.18 -4.91
N HIS A 144 17.03 -10.30 -5.63
CA HIS A 144 17.24 -8.94 -5.18
C HIS A 144 17.23 -7.96 -6.35
N HIS A 145 16.39 -6.94 -6.26
CA HIS A 145 16.33 -5.90 -7.28
C HIS A 145 15.75 -4.61 -6.71
N HIS A 146 16.14 -3.48 -7.31
CA HIS A 146 15.65 -2.18 -6.87
C HIS A 146 15.93 -1.11 -7.93
N HIS A 147 14.87 -0.56 -8.49
CA HIS A 147 15.00 0.48 -9.52
C HIS A 147 13.74 1.34 -9.58
N HIS A 148 13.92 2.64 -9.73
CA HIS A 148 12.80 3.58 -9.73
C HIS A 148 12.58 4.17 -11.11
N HIS A 149 13.60 4.84 -11.64
CA HIS A 149 13.48 5.54 -12.91
C HIS A 149 14.70 5.26 -13.80
N TYR A 1 -36.65 6.38 10.86
CA TYR A 1 -36.29 5.78 9.58
C TYR A 1 -34.89 6.21 9.16
N TYR A 2 -34.50 7.41 9.57
CA TYR A 2 -33.22 7.97 9.18
C TYR A 2 -32.07 7.17 9.77
N MET A 3 -32.34 6.48 10.87
CA MET A 3 -31.35 5.62 11.50
C MET A 3 -31.07 4.38 10.63
N ASP A 4 -32.12 3.90 9.95
CA ASP A 4 -31.98 2.76 9.06
C ASP A 4 -31.18 3.14 7.81
N VAL A 5 -31.27 4.41 7.42
CA VAL A 5 -30.58 4.88 6.23
C VAL A 5 -29.09 5.06 6.49
N GLN A 6 -28.77 5.70 7.60
CA GLN A 6 -27.38 5.85 8.03
C GLN A 6 -26.76 4.49 8.36
N GLU A 7 -27.54 3.64 9.01
CA GLU A 7 -27.07 2.32 9.40
C GLU A 7 -26.65 1.50 8.18
N ALA A 8 -27.45 1.59 7.12
CA ALA A 8 -27.16 0.86 5.89
C ALA A 8 -25.81 1.29 5.31
N LYS A 9 -25.58 2.60 5.29
CA LYS A 9 -24.30 3.14 4.84
C LYS A 9 -23.17 2.66 5.74
N LEU A 10 -23.42 2.64 7.04
CA LEU A 10 -22.41 2.21 8.01
C LEU A 10 -22.07 0.74 7.82
N ARG A 11 -23.07 -0.06 7.48
CA ARG A 11 -22.86 -1.48 7.23
C ARG A 11 -21.88 -1.70 6.08
N ASP A 12 -22.03 -0.90 5.02
CA ASP A 12 -21.08 -0.93 3.91
C ASP A 12 -19.70 -0.46 4.36
N LYS A 13 -19.67 0.56 5.21
CA LYS A 13 -18.42 1.10 5.72
C LYS A 13 -17.74 0.11 6.65
N MET A 14 -18.51 -0.80 7.22
CA MET A 14 -17.99 -1.79 8.14
C MET A 14 -17.66 -3.10 7.42
N ARG A 15 -17.81 -3.09 6.11
CA ARG A 15 -17.38 -4.21 5.27
C ARG A 15 -15.87 -4.17 5.05
N GLY A 16 -15.13 -4.81 5.94
CA GLY A 16 -13.67 -4.85 5.81
C GLY A 16 -13.02 -3.55 6.22
N THR A 17 -11.70 -3.49 6.09
CA THR A 17 -10.96 -2.27 6.38
C THR A 17 -10.90 -1.35 5.16
N GLY A 18 -11.23 -1.91 4.00
CA GLY A 18 -11.05 -1.18 2.75
C GLY A 18 -9.82 -1.62 1.99
N VAL A 19 -8.97 -2.42 2.66
CA VAL A 19 -7.78 -2.96 2.01
C VAL A 19 -8.10 -4.28 1.29
N SER A 20 -7.62 -4.39 0.06
CA SER A 20 -7.84 -5.60 -0.73
C SER A 20 -6.69 -6.58 -0.55
N VAL A 21 -7.03 -7.82 -0.19
CA VAL A 21 -6.02 -8.86 0.02
C VAL A 21 -6.07 -9.91 -1.07
N THR A 22 -4.94 -10.08 -1.77
CA THR A 22 -4.86 -11.05 -2.85
C THR A 22 -3.80 -12.10 -2.57
N ARG A 23 -4.14 -13.36 -2.83
CA ARG A 23 -3.15 -14.44 -2.78
C ARG A 23 -2.77 -14.89 -4.19
N SER A 24 -1.47 -14.94 -4.46
CA SER A 24 -0.99 -15.30 -5.79
C SER A 24 0.19 -16.26 -5.70
N GLY A 25 -0.07 -17.53 -5.97
CA GLY A 25 0.93 -18.57 -5.74
C GLY A 25 1.25 -18.74 -4.26
N ASP A 26 2.52 -18.57 -3.91
CA ASP A 26 2.95 -18.70 -2.53
C ASP A 26 3.05 -17.32 -1.86
N ASN A 27 2.99 -16.27 -2.68
CA ASN A 27 3.23 -14.92 -2.20
C ASN A 27 1.93 -14.21 -1.89
N ILE A 28 2.02 -13.08 -1.20
CA ILE A 28 0.83 -12.32 -0.82
C ILE A 28 0.90 -10.88 -1.33
N ILE A 29 -0.18 -10.43 -1.95
CA ILE A 29 -0.25 -9.07 -2.46
C ILE A 29 -1.34 -8.26 -1.76
N LEU A 30 -0.94 -7.15 -1.17
CA LEU A 30 -1.89 -6.27 -0.49
C LEU A 30 -2.06 -4.96 -1.26
N ASN A 31 -3.30 -4.58 -1.51
CA ASN A 31 -3.60 -3.30 -2.14
C ASN A 31 -4.38 -2.39 -1.19
N MET A 32 -3.75 -1.30 -0.77
CA MET A 32 -4.36 -0.36 0.16
C MET A 32 -4.76 0.93 -0.56
N PRO A 33 -5.98 1.42 -0.27
CA PRO A 33 -6.46 2.68 -0.81
C PRO A 33 -5.76 3.89 -0.20
N ASN A 34 -5.50 4.90 -1.03
CA ASN A 34 -4.85 6.12 -0.56
C ASN A 34 -5.64 6.75 0.59
N ASN A 35 -6.95 6.61 0.54
CA ASN A 35 -7.84 7.43 1.37
C ASN A 35 -7.50 7.25 2.85
N VAL A 36 -6.94 6.09 3.20
CA VAL A 36 -6.68 5.76 4.59
C VAL A 36 -5.19 5.64 4.85
N THR A 37 -4.40 5.65 3.79
CA THR A 37 -2.96 5.44 3.90
C THR A 37 -2.19 6.75 3.65
N PHE A 38 -2.42 7.35 2.48
CA PHE A 38 -1.62 8.48 2.03
C PHE A 38 -2.51 9.61 1.51
N ASP A 39 -1.88 10.66 1.02
CA ASP A 39 -2.61 11.74 0.35
C ASP A 39 -1.92 12.12 -0.96
N SER A 40 -2.68 12.10 -2.05
CA SER A 40 -2.15 12.49 -3.36
C SER A 40 -1.58 13.89 -3.32
N SER A 41 -2.10 14.71 -2.42
CA SER A 41 -1.63 16.09 -2.27
C SER A 41 -0.25 16.12 -1.60
N SER A 42 -0.04 15.20 -0.67
CA SER A 42 1.26 15.06 -0.02
C SER A 42 1.48 13.64 0.48
N ALA A 43 2.61 13.06 0.12
CA ALA A 43 2.95 11.70 0.55
C ALA A 43 3.34 11.67 2.01
N THR A 44 2.37 11.89 2.90
CA THR A 44 2.55 11.66 4.32
C THR A 44 1.70 10.50 4.80
N LEU A 45 2.34 9.51 5.43
CA LEU A 45 1.64 8.33 5.91
C LEU A 45 0.66 8.70 7.03
N LYS A 46 -0.56 8.19 6.91
CA LYS A 46 -1.56 8.35 7.97
C LYS A 46 -1.41 7.26 9.02
N PRO A 47 -1.87 7.56 10.24
CA PRO A 47 -1.81 6.62 11.37
C PRO A 47 -2.39 5.25 11.02
N ALA A 48 -3.52 5.27 10.31
CA ALA A 48 -4.16 4.03 9.89
C ALA A 48 -3.26 3.22 8.97
N GLY A 49 -2.46 3.92 8.16
CA GLY A 49 -1.52 3.26 7.28
C GLY A 49 -0.34 2.66 8.04
N ALA A 50 0.12 3.38 9.05
CA ALA A 50 1.23 2.91 9.87
C ALA A 50 0.85 1.65 10.64
N ASN A 51 -0.41 1.60 11.09
CA ASN A 51 -0.89 0.45 11.84
C ASN A 51 -0.89 -0.81 10.99
N THR A 52 -1.35 -0.67 9.74
CA THR A 52 -1.33 -1.78 8.80
C THR A 52 0.10 -2.19 8.46
N LEU A 53 0.96 -1.20 8.27
CA LEU A 53 2.36 -1.46 7.98
C LEU A 53 3.05 -2.14 9.17
N THR A 54 2.60 -1.81 10.37
CA THR A 54 3.06 -2.50 11.57
C THR A 54 2.64 -3.97 11.56
N GLY A 55 1.42 -4.23 11.11
CA GLY A 55 0.98 -5.60 10.91
C GLY A 55 1.83 -6.35 9.90
N VAL A 56 2.21 -5.66 8.83
CA VAL A 56 3.15 -6.21 7.86
C VAL A 56 4.51 -6.47 8.49
N ALA A 57 4.97 -5.54 9.32
CA ALA A 57 6.20 -5.70 10.07
C ALA A 57 6.12 -6.94 10.97
N MET A 58 4.97 -7.15 11.59
CA MET A 58 4.76 -8.29 12.47
C MET A 58 4.87 -9.59 11.69
N VAL A 59 4.65 -9.51 10.37
CA VAL A 59 4.63 -10.70 9.53
C VAL A 59 6.03 -11.04 9.02
N LEU A 60 6.72 -10.02 8.51
CA LEU A 60 8.06 -10.21 7.96
C LEU A 60 9.03 -10.72 9.02
N LYS A 61 8.90 -10.19 10.23
CA LYS A 61 9.79 -10.55 11.33
C LYS A 61 9.65 -12.03 11.68
N GLU A 62 8.46 -12.57 11.47
CA GLU A 62 8.21 -13.99 11.74
C GLU A 62 8.81 -14.86 10.64
N TYR A 63 8.92 -14.29 9.44
CA TYR A 63 9.45 -15.03 8.30
C TYR A 63 10.70 -14.35 7.75
N PRO A 64 11.85 -14.61 8.41
CA PRO A 64 13.13 -13.99 8.04
C PRO A 64 13.66 -14.54 6.71
N LYS A 65 13.02 -15.59 6.20
CA LYS A 65 13.40 -16.17 4.92
C LYS A 65 12.64 -15.51 3.77
N THR A 66 11.85 -14.49 4.10
CA THR A 66 11.05 -13.80 3.11
C THR A 66 11.39 -12.30 3.07
N ALA A 67 11.06 -11.65 1.97
CA ALA A 67 11.29 -10.22 1.82
C ALA A 67 9.98 -9.49 1.54
N VAL A 68 9.91 -8.23 1.97
CA VAL A 68 8.77 -7.38 1.68
C VAL A 68 9.14 -6.26 0.71
N ASN A 69 8.43 -6.19 -0.41
CA ASN A 69 8.61 -5.08 -1.35
C ASN A 69 7.35 -4.23 -1.43
N VAL A 70 7.47 -2.96 -1.05
CA VAL A 70 6.33 -2.05 -1.06
C VAL A 70 6.43 -1.06 -2.22
N ILE A 71 5.41 -1.07 -3.07
CA ILE A 71 5.42 -0.23 -4.27
C ILE A 71 4.26 0.76 -4.25
N GLY A 72 4.57 2.05 -4.29
CA GLY A 72 3.56 3.07 -4.45
C GLY A 72 3.25 3.37 -5.91
N TYR A 73 1.96 3.45 -6.23
CA TYR A 73 1.54 3.71 -7.60
C TYR A 73 0.22 4.48 -7.63
N THR A 74 -0.08 5.07 -8.78
CA THR A 74 -1.42 5.59 -9.04
C THR A 74 -1.74 5.55 -10.53
N ASP A 75 -2.99 5.22 -10.85
CA ASP A 75 -3.39 5.01 -12.24
C ASP A 75 -4.50 5.98 -12.64
N SER A 76 -4.77 6.95 -11.76
CA SER A 76 -5.97 7.77 -11.89
C SER A 76 -5.70 8.98 -12.79
N THR A 77 -4.77 9.83 -12.36
CA THR A 77 -4.30 10.93 -13.19
C THR A 77 -2.96 11.46 -12.70
N GLY A 78 -2.49 12.53 -13.33
CA GLY A 78 -1.29 13.20 -12.85
C GLY A 78 -0.08 12.92 -13.71
N GLY A 79 0.91 13.82 -13.65
CA GLY A 79 2.13 13.62 -14.41
C GLY A 79 2.91 12.42 -13.96
N HIS A 80 3.35 11.60 -14.91
CA HIS A 80 4.07 10.37 -14.58
C HIS A 80 5.29 10.66 -13.70
N ASP A 81 6.05 11.69 -14.08
CA ASP A 81 7.26 12.04 -13.37
C ASP A 81 6.95 12.42 -11.92
N LEU A 82 5.97 13.30 -11.75
CA LEU A 82 5.59 13.76 -10.42
C LEU A 82 5.03 12.61 -9.58
N ASN A 83 4.24 11.75 -10.22
CA ASN A 83 3.60 10.63 -9.52
C ASN A 83 4.66 9.65 -9.00
N MET A 84 5.65 9.36 -9.83
CA MET A 84 6.81 8.58 -9.40
C MET A 84 7.46 9.22 -8.18
N ARG A 85 7.58 10.55 -8.20
CA ARG A 85 8.28 11.26 -7.14
C ARG A 85 7.54 11.16 -5.82
N LEU A 86 6.23 11.39 -5.87
CA LEU A 86 5.37 11.19 -4.71
C LEU A 86 5.41 9.75 -4.24
N SER A 87 5.40 8.83 -5.20
CA SER A 87 5.44 7.40 -4.89
C SER A 87 6.74 7.03 -4.18
N GLN A 88 7.85 7.63 -4.64
CA GLN A 88 9.14 7.41 -4.02
C GLN A 88 9.18 7.96 -2.59
N GLN A 89 8.56 9.13 -2.41
CA GLN A 89 8.55 9.79 -1.11
C GLN A 89 7.80 8.95 -0.08
N ARG A 90 6.62 8.49 -0.45
CA ARG A 90 5.82 7.64 0.43
C ARG A 90 6.52 6.30 0.67
N ALA A 91 7.25 5.84 -0.33
CA ALA A 91 8.03 4.61 -0.21
C ALA A 91 9.07 4.74 0.90
N ASP A 92 9.74 5.88 0.95
CA ASP A 92 10.73 6.15 1.98
C ASP A 92 10.08 6.17 3.37
N SER A 93 8.86 6.71 3.44
CA SER A 93 8.14 6.79 4.70
C SER A 93 7.78 5.40 5.20
N VAL A 94 7.40 4.51 4.28
CA VAL A 94 7.08 3.14 4.63
C VAL A 94 8.31 2.41 5.18
N ALA A 95 9.44 2.57 4.49
CA ALA A 95 10.68 1.94 4.92
C ALA A 95 11.07 2.42 6.33
N SER A 96 10.92 3.72 6.57
CA SER A 96 11.25 4.29 7.86
C SER A 96 10.39 3.67 8.97
N ALA A 97 9.10 3.53 8.68
CA ALA A 97 8.17 2.97 9.66
C ALA A 97 8.52 1.53 10.01
N LEU A 98 8.80 0.73 8.98
CA LEU A 98 9.14 -0.67 9.17
C LEU A 98 10.40 -0.82 9.99
N ILE A 99 11.40 0.01 9.70
CA ILE A 99 12.64 0.02 10.46
C ILE A 99 12.37 0.39 11.92
N THR A 100 11.48 1.35 12.14
CA THR A 100 11.08 1.73 13.49
C THR A 100 10.40 0.58 14.21
N GLN A 101 9.68 -0.26 13.45
CA GLN A 101 8.93 -1.36 14.03
C GLN A 101 9.82 -2.58 14.21
N GLY A 102 11.11 -2.42 13.95
CA GLY A 102 12.08 -3.43 14.34
C GLY A 102 12.45 -4.33 13.18
N VAL A 103 12.03 -3.95 11.97
CA VAL A 103 12.35 -4.71 10.77
C VAL A 103 13.75 -4.35 10.25
N ASP A 104 14.55 -5.37 9.96
CA ASP A 104 15.86 -5.16 9.36
C ASP A 104 15.74 -4.44 8.02
N ALA A 105 16.45 -3.34 7.87
CA ALA A 105 16.37 -2.53 6.66
C ALA A 105 16.77 -3.34 5.43
N SER A 106 17.61 -4.35 5.63
CA SER A 106 18.11 -5.16 4.53
C SER A 106 17.00 -6.02 3.95
N ARG A 107 15.96 -6.26 4.73
CA ARG A 107 14.83 -7.07 4.28
C ARG A 107 13.74 -6.20 3.67
N ILE A 108 13.89 -4.88 3.82
CA ILE A 108 12.90 -3.94 3.30
C ILE A 108 13.31 -3.44 1.92
N ARG A 109 12.39 -3.53 0.96
CA ARG A 109 12.56 -2.88 -0.33
C ARG A 109 11.32 -2.05 -0.68
N THR A 110 11.56 -0.81 -1.10
CA THR A 110 10.47 0.09 -1.49
C THR A 110 10.73 0.70 -2.86
N GLN A 111 9.67 0.84 -3.65
CA GLN A 111 9.77 1.46 -4.96
C GLN A 111 8.61 2.43 -5.20
N GLY A 112 8.89 3.48 -5.98
CA GLY A 112 7.83 4.39 -6.39
C GLY A 112 7.66 4.42 -7.90
N LEU A 113 6.42 4.23 -8.35
CA LEU A 113 6.12 4.25 -9.78
C LEU A 113 4.88 5.10 -10.06
N GLY A 114 4.79 5.59 -11.29
CA GLY A 114 3.54 6.20 -11.75
C GLY A 114 2.57 5.19 -12.30
N PRO A 115 1.61 5.67 -13.11
CA PRO A 115 0.60 4.82 -13.74
C PRO A 115 1.23 3.65 -14.51
N ALA A 116 0.72 2.46 -14.28
CA ALA A 116 1.22 1.26 -14.96
C ALA A 116 0.07 0.40 -15.47
N ASN A 117 -0.67 -0.19 -14.54
CA ASN A 117 -1.85 -0.99 -14.88
C ASN A 117 -3.04 -0.59 -14.03
N PRO A 118 -4.02 0.08 -14.65
CA PRO A 118 -5.22 0.56 -13.96
C PRO A 118 -6.14 -0.59 -13.55
N ILE A 119 -6.92 -0.36 -12.49
CA ILE A 119 -7.84 -1.37 -11.99
C ILE A 119 -9.25 -1.14 -12.54
N ALA A 120 -9.70 0.11 -12.47
CA ALA A 120 -11.02 0.47 -12.98
C ALA A 120 -10.93 1.64 -13.95
N SER A 121 -12.05 1.95 -14.60
CA SER A 121 -12.08 3.03 -15.59
C SER A 121 -11.88 4.38 -14.91
N ASN A 122 -11.04 5.22 -15.50
CA ASN A 122 -10.83 6.57 -15.02
C ASN A 122 -12.00 7.47 -15.38
N SER A 123 -12.94 6.94 -16.16
CA SER A 123 -14.08 7.70 -16.62
C SER A 123 -15.11 7.88 -15.51
N THR A 124 -14.89 7.18 -14.40
CA THR A 124 -15.73 7.34 -13.21
C THR A 124 -14.90 7.80 -12.02
N ALA A 125 -15.55 8.51 -11.10
CA ALA A 125 -14.90 8.93 -9.86
C ALA A 125 -14.55 7.73 -8.99
N GLU A 126 -15.42 6.73 -8.99
CA GLU A 126 -15.21 5.52 -8.20
C GLU A 126 -14.01 4.74 -8.72
N GLY A 127 -13.90 4.65 -10.05
CA GLY A 127 -12.78 3.95 -10.66
C GLY A 127 -11.45 4.63 -10.37
N LYS A 128 -11.44 5.95 -10.42
CA LYS A 128 -10.24 6.73 -10.10
C LYS A 128 -9.83 6.50 -8.65
N ALA A 129 -10.82 6.46 -7.76
CA ALA A 129 -10.56 6.20 -6.34
C ALA A 129 -9.92 4.83 -6.14
N GLN A 130 -10.42 3.84 -6.87
CA GLN A 130 -9.86 2.49 -6.79
C GLN A 130 -8.48 2.43 -7.43
N ASN A 131 -8.23 3.33 -8.37
CA ASN A 131 -6.94 3.40 -9.04
C ASN A 131 -5.91 4.14 -8.19
N ARG A 132 -6.39 4.74 -7.11
CA ARG A 132 -5.50 5.31 -6.10
C ARG A 132 -5.19 4.29 -5.00
N ARG A 133 -4.27 3.38 -5.29
CA ARG A 133 -3.92 2.33 -4.34
C ARG A 133 -2.41 2.14 -4.28
N VAL A 134 -1.93 1.55 -3.18
CA VAL A 134 -0.54 1.15 -3.07
C VAL A 134 -0.42 -0.35 -2.81
N GLU A 135 0.72 -0.93 -3.20
CA GLU A 135 0.88 -2.36 -3.20
C GLU A 135 1.97 -2.81 -2.23
N ILE A 136 1.65 -3.81 -1.42
CA ILE A 136 2.66 -4.48 -0.59
C ILE A 136 2.80 -5.95 -0.98
N THR A 137 4.00 -6.34 -1.37
CA THR A 137 4.27 -7.70 -1.81
C THR A 137 5.14 -8.45 -0.81
N LEU A 138 4.66 -9.59 -0.34
CA LEU A 138 5.44 -10.47 0.52
C LEU A 138 5.76 -11.78 -0.19
N SER A 139 7.06 -12.06 -0.35
CA SER A 139 7.50 -13.24 -1.07
C SER A 139 8.88 -13.68 -0.60
N PRO A 140 9.16 -14.99 -0.73
CA PRO A 140 10.48 -15.56 -0.39
C PRO A 140 11.61 -14.81 -1.09
N LEU A 141 12.66 -14.51 -0.32
CA LEU A 141 13.81 -13.78 -0.84
C LEU A 141 14.65 -14.68 -1.76
N LEU A 142 14.33 -14.67 -3.04
CA LEU A 142 14.99 -15.55 -4.00
C LEU A 142 15.62 -14.72 -5.13
N GLU A 143 15.44 -13.41 -5.07
CA GLU A 143 15.92 -12.53 -6.12
C GLU A 143 16.09 -11.10 -5.59
N HIS A 144 16.71 -10.25 -6.41
CA HIS A 144 16.96 -8.87 -6.02
C HIS A 144 17.06 -7.96 -7.25
N HIS A 145 16.44 -6.79 -7.16
CA HIS A 145 16.38 -5.87 -8.29
C HIS A 145 16.45 -4.42 -7.83
N HIS A 146 16.40 -3.49 -8.77
CA HIS A 146 16.48 -2.07 -8.45
C HIS A 146 16.04 -1.22 -9.65
N HIS A 147 14.93 -0.51 -9.48
CA HIS A 147 14.41 0.34 -10.55
C HIS A 147 13.38 1.33 -9.99
N HIS A 148 13.68 2.62 -10.10
CA HIS A 148 12.78 3.66 -9.61
C HIS A 148 12.48 4.68 -10.70
N HIS A 149 13.48 4.99 -11.51
CA HIS A 149 13.30 5.94 -12.61
C HIS A 149 14.01 5.45 -13.87
N TYR A 1 -37.95 4.06 6.94
CA TYR A 1 -37.51 3.78 5.58
C TYR A 1 -36.06 4.21 5.38
N TYR A 2 -35.65 5.25 6.10
CA TYR A 2 -34.31 5.80 5.95
C TYR A 2 -33.27 4.81 6.44
N MET A 3 -33.68 3.91 7.32
CA MET A 3 -32.79 2.88 7.84
C MET A 3 -32.40 1.89 6.76
N ASP A 4 -33.27 1.72 5.78
CA ASP A 4 -33.01 0.81 4.67
C ASP A 4 -31.85 1.29 3.82
N VAL A 5 -31.64 2.61 3.81
CA VAL A 5 -30.58 3.21 3.00
C VAL A 5 -29.27 3.27 3.77
N GLN A 6 -29.35 3.73 5.02
CA GLN A 6 -28.16 3.84 5.85
C GLN A 6 -27.55 2.46 6.14
N GLU A 7 -28.42 1.49 6.42
CA GLU A 7 -27.98 0.15 6.75
C GLU A 7 -27.14 -0.44 5.61
N ALA A 8 -27.59 -0.20 4.38
CA ALA A 8 -26.87 -0.70 3.20
C ALA A 8 -25.48 -0.11 3.12
N LYS A 9 -25.36 1.19 3.38
CA LYS A 9 -24.06 1.85 3.43
C LYS A 9 -23.22 1.31 4.58
N LEU A 10 -23.86 1.06 5.71
CA LEU A 10 -23.16 0.54 6.89
C LEU A 10 -22.62 -0.85 6.63
N ARG A 11 -23.36 -1.65 5.86
CA ARG A 11 -22.92 -2.98 5.49
C ARG A 11 -21.64 -2.93 4.67
N ASP A 12 -21.56 -1.98 3.75
CA ASP A 12 -20.35 -1.75 2.97
C ASP A 12 -19.20 -1.31 3.87
N LYS A 13 -19.51 -0.47 4.85
CA LYS A 13 -18.51 -0.01 5.81
C LYS A 13 -18.05 -1.14 6.70
N MET A 14 -18.90 -2.14 6.87
CA MET A 14 -18.58 -3.30 7.71
C MET A 14 -18.19 -4.50 6.86
N ARG A 15 -18.25 -4.34 5.55
CA ARG A 15 -17.77 -5.37 4.63
C ARG A 15 -16.26 -5.30 4.47
N GLY A 16 -15.55 -6.02 5.35
CA GLY A 16 -14.10 -6.04 5.27
C GLY A 16 -13.47 -4.76 5.78
N THR A 17 -12.15 -4.71 5.75
CA THR A 17 -11.43 -3.48 6.10
C THR A 17 -11.29 -2.56 4.89
N GLY A 18 -11.63 -3.07 3.72
CA GLY A 18 -11.41 -2.33 2.49
C GLY A 18 -10.18 -2.81 1.74
N VAL A 19 -9.36 -3.61 2.40
CA VAL A 19 -8.18 -4.18 1.77
C VAL A 19 -8.51 -5.44 0.98
N SER A 20 -8.02 -5.52 -0.25
CA SER A 20 -8.24 -6.69 -1.09
C SER A 20 -7.06 -7.63 -1.03
N VAL A 21 -7.33 -8.88 -0.65
CA VAL A 21 -6.26 -9.86 -0.44
C VAL A 21 -6.15 -10.82 -1.63
N THR A 22 -4.97 -10.88 -2.23
CA THR A 22 -4.73 -11.71 -3.40
C THR A 22 -3.65 -12.75 -3.12
N ARG A 23 -3.91 -13.98 -3.58
CA ARG A 23 -2.88 -15.02 -3.54
C ARG A 23 -2.32 -15.27 -4.94
N SER A 24 -1.00 -15.36 -5.03
CA SER A 24 -0.33 -15.57 -6.31
C SER A 24 0.84 -16.54 -6.17
N GLY A 25 0.60 -17.80 -6.54
CA GLY A 25 1.57 -18.83 -6.31
C GLY A 25 1.81 -19.10 -4.84
N ASP A 26 3.07 -18.98 -4.41
CA ASP A 26 3.40 -19.05 -3.00
C ASP A 26 3.54 -17.66 -2.40
N ASN A 27 3.14 -16.64 -3.16
CA ASN A 27 3.29 -15.25 -2.74
C ASN A 27 1.97 -14.69 -2.23
N ILE A 28 2.05 -13.70 -1.35
CA ILE A 28 0.87 -13.01 -0.87
C ILE A 28 0.88 -11.53 -1.26
N ILE A 29 -0.17 -11.09 -1.94
CA ILE A 29 -0.27 -9.71 -2.38
C ILE A 29 -1.43 -8.99 -1.71
N LEU A 30 -1.11 -7.91 -0.99
CA LEU A 30 -2.14 -7.11 -0.34
C LEU A 30 -2.39 -5.82 -1.12
N ASN A 31 -3.64 -5.62 -1.53
CA ASN A 31 -4.01 -4.45 -2.32
C ASN A 31 -4.75 -3.43 -1.46
N MET A 32 -4.10 -2.31 -1.18
CA MET A 32 -4.64 -1.32 -0.26
C MET A 32 -4.84 0.02 -0.96
N PRO A 33 -5.97 0.69 -0.67
CA PRO A 33 -6.26 2.02 -1.19
C PRO A 33 -5.42 3.11 -0.54
N ASN A 34 -4.91 4.03 -1.36
CA ASN A 34 -4.08 5.11 -0.85
C ASN A 34 -4.90 6.10 -0.02
N ASN A 35 -6.21 6.12 -0.27
CA ASN A 35 -7.07 7.14 0.31
C ASN A 35 -7.06 7.05 1.84
N VAL A 36 -6.73 5.88 2.36
CA VAL A 36 -6.73 5.66 3.81
C VAL A 36 -5.30 5.45 4.31
N THR A 37 -4.35 5.36 3.39
CA THR A 37 -2.98 5.04 3.73
C THR A 37 -2.10 6.28 3.73
N PHE A 38 -2.20 7.08 2.67
CA PHE A 38 -1.41 8.29 2.55
C PHE A 38 -2.32 9.53 2.53
N ASP A 39 -1.79 10.64 3.01
CA ASP A 39 -2.55 11.88 3.07
C ASP A 39 -2.77 12.46 1.67
N SER A 40 -4.00 12.87 1.38
CA SER A 40 -4.35 13.38 0.07
C SER A 40 -3.72 14.75 -0.17
N SER A 41 -3.39 15.44 0.92
CA SER A 41 -2.88 16.81 0.83
C SER A 41 -1.37 16.81 0.77
N SER A 42 -0.76 15.64 0.93
CA SER A 42 0.70 15.53 0.95
C SER A 42 1.12 14.05 1.02
N ALA A 43 2.21 13.72 0.32
CA ALA A 43 2.80 12.39 0.42
C ALA A 43 3.44 12.18 1.78
N THR A 44 2.63 12.27 2.83
CA THR A 44 3.00 11.72 4.13
C THR A 44 2.08 10.60 4.55
N LEU A 45 2.65 9.54 5.12
CA LEU A 45 1.87 8.39 5.56
C LEU A 45 0.90 8.78 6.68
N LYS A 46 -0.34 8.30 6.58
CA LYS A 46 -1.31 8.48 7.65
C LYS A 46 -0.99 7.56 8.83
N PRO A 47 -1.41 7.96 10.04
CA PRO A 47 -1.27 7.15 11.24
C PRO A 47 -1.86 5.76 11.07
N ALA A 48 -3.01 5.68 10.40
CA ALA A 48 -3.63 4.40 10.09
C ALA A 48 -2.74 3.56 9.17
N GLY A 49 -1.92 4.24 8.39
CA GLY A 49 -0.99 3.54 7.51
C GLY A 49 0.22 3.01 8.26
N ALA A 50 0.71 3.78 9.23
CA ALA A 50 1.81 3.35 10.07
C ALA A 50 1.42 2.14 10.92
N ASN A 51 0.17 2.14 11.39
CA ASN A 51 -0.35 1.01 12.16
C ASN A 51 -0.41 -0.25 11.29
N THR A 52 -0.82 -0.08 10.04
CA THR A 52 -0.78 -1.18 9.07
C THR A 52 0.64 -1.69 8.88
N LEU A 53 1.58 -0.77 8.73
CA LEU A 53 2.98 -1.13 8.55
C LEU A 53 3.54 -1.81 9.80
N THR A 54 2.98 -1.46 10.95
CA THR A 54 3.29 -2.16 12.19
C THR A 54 2.82 -3.60 12.14
N GLY A 55 1.64 -3.82 11.57
CA GLY A 55 1.19 -5.17 11.29
C GLY A 55 2.10 -5.90 10.33
N VAL A 56 2.60 -5.19 9.33
CA VAL A 56 3.60 -5.73 8.42
C VAL A 56 4.90 -6.06 9.17
N ALA A 57 5.27 -5.17 10.10
CA ALA A 57 6.42 -5.41 10.96
C ALA A 57 6.27 -6.71 11.73
N MET A 58 5.05 -6.98 12.20
CA MET A 58 4.76 -8.21 12.92
C MET A 58 4.94 -9.43 12.02
N VAL A 59 4.91 -9.20 10.72
CA VAL A 59 4.92 -10.29 9.75
C VAL A 59 6.33 -10.61 9.30
N LEU A 60 7.05 -9.59 8.81
CA LEU A 60 8.39 -9.78 8.31
C LEU A 60 9.36 -10.12 9.44
N LYS A 61 9.10 -9.55 10.62
CA LYS A 61 9.98 -9.78 11.78
C LYS A 61 9.89 -11.23 12.24
N GLU A 62 8.69 -11.79 12.21
CA GLU A 62 8.48 -13.17 12.64
C GLU A 62 8.93 -14.14 11.55
N TYR A 63 8.87 -13.70 10.31
CA TYR A 63 9.30 -14.52 9.19
C TYR A 63 10.43 -13.83 8.42
N PRO A 64 11.64 -13.89 8.98
CA PRO A 64 12.84 -13.28 8.38
C PRO A 64 13.31 -14.04 7.14
N LYS A 65 12.70 -15.19 6.88
CA LYS A 65 13.00 -15.98 5.69
C LYS A 65 12.15 -15.53 4.52
N THR A 66 11.43 -14.42 4.69
CA THR A 66 10.64 -13.85 3.61
C THR A 66 11.02 -12.40 3.36
N ALA A 67 10.68 -11.90 2.18
CA ALA A 67 10.93 -10.50 1.84
C ALA A 67 9.61 -9.75 1.65
N VAL A 68 9.59 -8.50 2.08
CA VAL A 68 8.44 -7.63 1.85
C VAL A 68 8.77 -6.52 0.85
N ASN A 69 8.03 -6.48 -0.25
CA ASN A 69 8.21 -5.45 -1.26
C ASN A 69 6.97 -4.58 -1.40
N VAL A 70 7.10 -3.31 -1.06
CA VAL A 70 5.96 -2.38 -1.07
C VAL A 70 6.07 -1.41 -2.24
N ILE A 71 5.06 -1.41 -3.11
CA ILE A 71 5.05 -0.55 -4.27
C ILE A 71 3.81 0.33 -4.28
N GLY A 72 4.02 1.64 -4.35
CA GLY A 72 2.91 2.58 -4.40
C GLY A 72 2.86 3.34 -5.72
N TYR A 73 1.65 3.47 -6.26
CA TYR A 73 1.47 4.10 -7.57
C TYR A 73 0.05 4.65 -7.70
N THR A 74 -0.12 5.60 -8.62
CA THR A 74 -1.43 6.15 -8.93
C THR A 74 -1.65 6.22 -10.44
N ASP A 75 -2.92 6.18 -10.85
CA ASP A 75 -3.26 6.03 -12.25
C ASP A 75 -4.45 6.93 -12.62
N SER A 76 -4.69 7.94 -11.80
CA SER A 76 -5.90 8.74 -11.93
C SER A 76 -5.65 9.95 -12.85
N THR A 77 -4.71 10.81 -12.44
CA THR A 77 -4.22 11.86 -13.33
C THR A 77 -2.87 12.38 -12.85
N GLY A 78 -2.32 13.33 -13.59
CA GLY A 78 -1.06 13.95 -13.19
C GLY A 78 0.12 13.43 -13.99
N GLY A 79 1.20 14.19 -14.02
CA GLY A 79 2.38 13.79 -14.75
C GLY A 79 2.98 12.50 -14.22
N HIS A 80 3.25 11.56 -15.12
CA HIS A 80 3.82 10.27 -14.74
C HIS A 80 5.08 10.47 -13.90
N ASP A 81 5.96 11.34 -14.36
CA ASP A 81 7.23 11.56 -13.70
C ASP A 81 7.03 12.10 -12.28
N LEU A 82 6.20 13.13 -12.16
CA LEU A 82 5.96 13.77 -10.87
C LEU A 82 5.29 12.82 -9.90
N ASN A 83 4.33 12.05 -10.40
CA ASN A 83 3.62 11.07 -9.56
C ASN A 83 4.58 10.00 -9.07
N MET A 84 5.31 9.39 -9.99
CA MET A 84 6.41 8.49 -9.63
C MET A 84 7.27 9.10 -8.53
N ARG A 85 7.60 10.37 -8.69
CA ARG A 85 8.51 11.05 -7.77
C ARG A 85 7.90 11.12 -6.36
N LEU A 86 6.63 11.50 -6.30
CA LEU A 86 5.88 11.45 -5.04
C LEU A 86 5.82 10.03 -4.50
N SER A 87 5.67 9.06 -5.41
CA SER A 87 5.59 7.66 -5.02
C SER A 87 6.90 7.19 -4.40
N GLN A 88 8.00 7.65 -4.97
CA GLN A 88 9.32 7.39 -4.41
C GLN A 88 9.40 7.87 -2.96
N GLN A 89 8.83 9.04 -2.71
CA GLN A 89 8.80 9.61 -1.37
C GLN A 89 7.93 8.78 -0.44
N ARG A 90 6.77 8.37 -0.94
CA ARG A 90 5.85 7.54 -0.17
C ARG A 90 6.47 6.18 0.14
N ALA A 91 7.22 5.65 -0.81
CA ALA A 91 7.94 4.39 -0.61
C ALA A 91 8.98 4.52 0.48
N ASP A 92 9.73 5.62 0.46
CA ASP A 92 10.73 5.87 1.49
C ASP A 92 10.10 6.00 2.87
N SER A 93 8.91 6.59 2.92
CA SER A 93 8.19 6.75 4.17
C SER A 93 7.79 5.40 4.74
N VAL A 94 7.38 4.49 3.86
CA VAL A 94 7.04 3.13 4.26
C VAL A 94 8.25 2.41 4.85
N ALA A 95 9.38 2.49 4.15
CA ALA A 95 10.61 1.87 4.61
C ALA A 95 11.06 2.46 5.95
N SER A 96 10.96 3.77 6.06
CA SER A 96 11.35 4.47 7.29
C SER A 96 10.55 3.95 8.48
N ALA A 97 9.24 3.84 8.30
CA ALA A 97 8.35 3.40 9.37
C ALA A 97 8.68 1.97 9.80
N LEU A 98 8.85 1.09 8.82
CA LEU A 98 9.15 -0.31 9.09
C LEU A 98 10.46 -0.45 9.86
N ILE A 99 11.48 0.29 9.43
CA ILE A 99 12.77 0.30 10.11
C ILE A 99 12.63 0.78 11.54
N THR A 100 11.82 1.82 11.74
CA THR A 100 11.54 2.34 13.07
C THR A 100 10.84 1.29 13.94
N GLN A 101 10.01 0.47 13.30
CA GLN A 101 9.26 -0.56 14.00
C GLN A 101 10.07 -1.84 14.14
N GLY A 102 11.38 -1.72 13.97
CA GLY A 102 12.28 -2.79 14.37
C GLY A 102 12.57 -3.77 13.25
N VAL A 103 12.07 -3.46 12.06
CA VAL A 103 12.25 -4.33 10.91
C VAL A 103 13.61 -4.10 10.26
N ASP A 104 14.32 -5.20 10.00
CA ASP A 104 15.62 -5.13 9.35
C ASP A 104 15.51 -4.44 7.98
N ALA A 105 16.24 -3.35 7.80
CA ALA A 105 16.17 -2.58 6.57
C ALA A 105 16.56 -3.43 5.36
N SER A 106 17.43 -4.41 5.59
CA SER A 106 17.98 -5.21 4.50
C SER A 106 16.91 -6.14 3.93
N ARG A 107 15.86 -6.37 4.70
CA ARG A 107 14.78 -7.26 4.27
C ARG A 107 13.64 -6.47 3.64
N ILE A 108 13.72 -5.15 3.72
CA ILE A 108 12.69 -4.28 3.17
C ILE A 108 13.03 -3.85 1.74
N ARG A 109 12.03 -3.92 0.87
CA ARG A 109 12.14 -3.28 -0.44
C ARG A 109 10.93 -2.37 -0.71
N THR A 110 11.21 -1.14 -1.12
CA THR A 110 10.15 -0.20 -1.48
C THR A 110 10.41 0.45 -2.83
N GLN A 111 9.34 0.70 -3.56
CA GLN A 111 9.45 1.37 -4.87
C GLN A 111 8.23 2.24 -5.13
N GLY A 112 8.46 3.39 -5.77
CA GLY A 112 7.37 4.25 -6.15
C GLY A 112 7.25 4.41 -7.65
N LEU A 113 6.05 4.22 -8.19
CA LEU A 113 5.81 4.34 -9.62
C LEU A 113 4.65 5.28 -9.91
N GLY A 114 4.63 5.86 -11.10
CA GLY A 114 3.46 6.54 -11.59
C GLY A 114 2.44 5.60 -12.19
N PRO A 115 1.52 6.15 -13.00
CA PRO A 115 0.49 5.35 -13.68
C PRO A 115 1.08 4.15 -14.40
N ALA A 116 0.52 2.97 -14.14
CA ALA A 116 0.97 1.74 -14.76
C ALA A 116 -0.19 0.91 -15.26
N ASN A 117 -0.96 0.34 -14.33
CA ASN A 117 -2.17 -0.38 -14.66
C ASN A 117 -3.35 0.08 -13.79
N PRO A 118 -4.30 0.78 -14.42
CA PRO A 118 -5.47 1.31 -13.72
C PRO A 118 -6.49 0.24 -13.38
N ILE A 119 -7.34 0.51 -12.40
CA ILE A 119 -8.37 -0.44 -11.99
C ILE A 119 -9.70 -0.16 -12.67
N ALA A 120 -10.08 1.11 -12.70
CA ALA A 120 -11.34 1.51 -13.32
C ALA A 120 -11.16 2.77 -14.17
N SER A 121 -12.18 3.09 -14.96
CA SER A 121 -12.08 4.18 -15.93
C SER A 121 -11.88 5.51 -15.22
N ASN A 122 -10.94 6.31 -15.71
CA ASN A 122 -10.72 7.65 -15.18
C ASN A 122 -11.84 8.59 -15.60
N SER A 123 -12.77 8.08 -16.41
CA SER A 123 -13.89 8.88 -16.90
C SER A 123 -14.92 9.08 -15.80
N THR A 124 -14.74 8.38 -14.68
CA THR A 124 -15.57 8.60 -13.51
C THR A 124 -14.73 9.00 -12.31
N ALA A 125 -15.33 9.73 -11.38
CA ALA A 125 -14.66 10.12 -10.15
C ALA A 125 -14.33 8.90 -9.29
N GLU A 126 -15.23 7.93 -9.28
CA GLU A 126 -15.05 6.74 -8.47
C GLU A 126 -13.88 5.90 -8.98
N GLY A 127 -13.77 5.77 -10.29
CA GLY A 127 -12.67 5.04 -10.88
C GLY A 127 -11.33 5.68 -10.60
N LYS A 128 -11.27 7.01 -10.67
CA LYS A 128 -10.05 7.74 -10.40
C LYS A 128 -9.58 7.51 -8.96
N ALA A 129 -10.52 7.56 -8.02
CA ALA A 129 -10.21 7.37 -6.61
C ALA A 129 -9.60 5.99 -6.37
N GLN A 130 -10.19 4.97 -6.98
CA GLN A 130 -9.75 3.59 -6.78
C GLN A 130 -8.37 3.37 -7.38
N ASN A 131 -8.06 4.12 -8.43
CA ASN A 131 -6.84 3.89 -9.20
C ASN A 131 -5.61 4.29 -8.41
N ARG A 132 -5.82 4.99 -7.30
CA ARG A 132 -4.73 5.36 -6.41
C ARG A 132 -4.48 4.27 -5.37
N ARG A 133 -3.56 3.37 -5.68
CA ARG A 133 -3.45 2.11 -4.95
C ARG A 133 -2.01 1.86 -4.52
N VAL A 134 -1.84 1.20 -3.38
CA VAL A 134 -0.53 0.72 -2.95
C VAL A 134 -0.56 -0.78 -2.67
N GLU A 135 0.49 -1.47 -3.10
CA GLU A 135 0.52 -2.93 -3.02
C GLU A 135 1.65 -3.41 -2.12
N ILE A 136 1.36 -4.40 -1.29
CA ILE A 136 2.38 -5.05 -0.48
C ILE A 136 2.57 -6.51 -0.89
N THR A 137 3.78 -6.86 -1.30
CA THR A 137 4.07 -8.19 -1.78
C THR A 137 4.96 -8.96 -0.80
N LEU A 138 4.49 -10.12 -0.37
CA LEU A 138 5.26 -10.98 0.52
C LEU A 138 5.70 -12.25 -0.20
N SER A 139 7.01 -12.47 -0.25
CA SER A 139 7.57 -13.57 -1.03
C SER A 139 8.78 -14.17 -0.32
N PRO A 140 8.78 -15.51 -0.20
CA PRO A 140 9.90 -16.24 0.41
C PRO A 140 11.24 -15.88 -0.22
N LEU A 141 12.28 -15.87 0.59
CA LEU A 141 13.62 -15.52 0.13
C LEU A 141 14.21 -16.65 -0.71
N LEU A 142 13.77 -16.75 -1.96
CA LEU A 142 14.28 -17.77 -2.87
C LEU A 142 15.37 -17.18 -3.77
N GLU A 143 15.45 -15.85 -3.82
CA GLU A 143 16.45 -15.18 -4.62
C GLU A 143 16.62 -13.72 -4.17
N HIS A 144 17.75 -13.12 -4.54
CA HIS A 144 18.03 -11.73 -4.19
C HIS A 144 18.48 -10.94 -5.40
N HIS A 145 18.18 -9.65 -5.41
CA HIS A 145 18.57 -8.77 -6.51
C HIS A 145 18.58 -7.32 -6.06
N HIS A 146 19.25 -6.47 -6.84
CA HIS A 146 19.31 -5.04 -6.54
C HIS A 146 19.01 -4.22 -7.79
N HIS A 147 17.73 -4.10 -8.12
CA HIS A 147 17.31 -3.40 -9.33
C HIS A 147 15.82 -3.08 -9.28
N HIS A 148 15.50 -1.79 -9.25
CA HIS A 148 14.11 -1.34 -9.22
C HIS A 148 13.76 -0.57 -10.48
N HIS A 149 14.72 0.20 -10.98
CA HIS A 149 14.50 1.03 -12.17
C HIS A 149 15.52 0.72 -13.25
N TYR A 1 -33.22 -0.69 0.65
CA TYR A 1 -32.38 0.47 0.48
C TYR A 1 -31.64 0.82 1.77
N TYR A 2 -32.40 1.22 2.79
CA TYR A 2 -31.82 1.73 4.02
C TYR A 2 -31.05 0.64 4.75
N MET A 3 -31.48 -0.61 4.58
CA MET A 3 -30.78 -1.74 5.16
C MET A 3 -29.43 -1.96 4.49
N ASP A 4 -29.38 -1.69 3.19
CA ASP A 4 -28.13 -1.80 2.44
C ASP A 4 -27.18 -0.65 2.82
N VAL A 5 -27.76 0.50 3.16
CA VAL A 5 -26.97 1.67 3.53
C VAL A 5 -26.27 1.47 4.87
N GLN A 6 -27.03 1.04 5.87
CA GLN A 6 -26.47 0.67 7.15
C GLN A 6 -25.51 -0.50 7.01
N GLU A 7 -25.93 -1.50 6.25
CA GLU A 7 -25.10 -2.70 6.04
C GLU A 7 -23.74 -2.32 5.48
N ALA A 8 -23.74 -1.40 4.51
CA ALA A 8 -22.50 -0.95 3.89
C ALA A 8 -21.54 -0.35 4.92
N LYS A 9 -22.08 0.49 5.79
CA LYS A 9 -21.30 1.07 6.87
C LYS A 9 -20.81 0.00 7.84
N LEU A 10 -21.68 -0.96 8.13
CA LEU A 10 -21.35 -2.04 9.05
C LEU A 10 -20.21 -2.89 8.50
N ARG A 11 -20.21 -3.11 7.19
CA ARG A 11 -19.15 -3.85 6.54
C ARG A 11 -17.79 -3.19 6.79
N ASP A 12 -17.75 -1.87 6.68
CA ASP A 12 -16.54 -1.11 6.96
C ASP A 12 -16.18 -1.17 8.44
N LYS A 13 -17.19 -1.04 9.29
CA LYS A 13 -16.98 -1.04 10.73
C LYS A 13 -16.41 -2.37 11.21
N MET A 14 -16.77 -3.44 10.50
CA MET A 14 -16.36 -4.78 10.89
C MET A 14 -15.10 -5.20 10.14
N ARG A 15 -14.59 -4.30 9.29
CA ARG A 15 -13.33 -4.53 8.62
C ARG A 15 -12.31 -3.45 8.98
N GLY A 16 -11.70 -3.61 10.15
CA GLY A 16 -10.79 -2.58 10.64
C GLY A 16 -9.41 -2.68 10.03
N THR A 17 -9.34 -2.57 8.70
CA THR A 17 -8.07 -2.60 8.00
C THR A 17 -8.00 -1.51 6.94
N GLY A 18 -9.11 -1.31 6.24
CA GLY A 18 -9.14 -0.34 5.15
C GLY A 18 -8.38 -0.82 3.92
N VAL A 19 -7.93 -2.07 3.97
CA VAL A 19 -7.06 -2.60 2.92
C VAL A 19 -7.51 -4.00 2.49
N SER A 20 -7.15 -4.38 1.28
CA SER A 20 -7.49 -5.69 0.75
C SER A 20 -6.30 -6.66 0.87
N VAL A 21 -6.52 -7.75 1.60
CA VAL A 21 -5.46 -8.72 1.84
C VAL A 21 -5.64 -9.95 0.94
N THR A 22 -4.63 -10.23 0.13
CA THR A 22 -4.68 -11.35 -0.80
C THR A 22 -3.55 -12.34 -0.54
N ARG A 23 -3.86 -13.62 -0.63
CA ARG A 23 -2.85 -14.66 -0.50
C ARG A 23 -2.74 -15.47 -1.78
N SER A 24 -1.50 -15.73 -2.22
CA SER A 24 -1.26 -16.45 -3.46
C SER A 24 -0.03 -17.35 -3.34
N GLY A 25 -0.26 -18.66 -3.44
CA GLY A 25 0.79 -19.62 -3.18
C GLY A 25 1.29 -19.55 -1.75
N ASP A 26 2.59 -19.34 -1.59
CA ASP A 26 3.20 -19.25 -0.26
C ASP A 26 3.41 -17.80 0.14
N ASN A 27 3.12 -16.88 -0.79
CA ASN A 27 3.45 -15.47 -0.60
C ASN A 27 2.21 -14.66 -0.26
N ILE A 28 2.41 -13.42 0.16
CA ILE A 28 1.30 -12.55 0.54
C ILE A 28 1.31 -11.26 -0.27
N ILE A 29 0.14 -10.89 -0.79
CA ILE A 29 0.00 -9.65 -1.54
C ILE A 29 -1.02 -8.73 -0.86
N LEU A 30 -0.56 -7.54 -0.47
CA LEU A 30 -1.42 -6.57 0.18
C LEU A 30 -1.72 -5.40 -0.73
N ASN A 31 -3.01 -5.13 -0.93
CA ASN A 31 -3.44 -4.00 -1.75
C ASN A 31 -3.97 -2.87 -0.88
N MET A 32 -3.22 -1.77 -0.82
CA MET A 32 -3.57 -0.66 0.04
C MET A 32 -4.07 0.53 -0.78
N PRO A 33 -5.36 0.86 -0.62
CA PRO A 33 -5.96 2.05 -1.23
C PRO A 33 -5.32 3.34 -0.72
N ASN A 34 -4.97 4.22 -1.66
CA ASN A 34 -4.21 5.41 -1.33
C ASN A 34 -5.01 6.35 -0.43
N ASN A 35 -6.31 6.44 -0.69
CA ASN A 35 -7.13 7.50 -0.11
C ASN A 35 -7.22 7.34 1.40
N VAL A 36 -7.14 6.10 1.87
CA VAL A 36 -7.42 5.78 3.26
C VAL A 36 -6.15 5.43 4.02
N THR A 37 -5.03 5.38 3.29
CA THR A 37 -3.75 5.02 3.90
C THR A 37 -2.77 6.19 3.84
N PHE A 38 -2.91 7.03 2.82
CA PHE A 38 -2.10 8.24 2.72
C PHE A 38 -2.99 9.48 2.61
N ASP A 39 -2.45 10.62 2.99
CA ASP A 39 -3.20 11.88 2.95
C ASP A 39 -3.53 12.26 1.51
N SER A 40 -4.68 12.88 1.32
CA SER A 40 -5.16 13.21 -0.02
C SER A 40 -4.33 14.33 -0.63
N SER A 41 -3.73 15.15 0.23
CA SER A 41 -3.02 16.35 -0.22
C SER A 41 -1.54 16.04 -0.45
N SER A 42 -1.06 14.95 0.14
CA SER A 42 0.35 14.60 0.07
C SER A 42 0.56 13.14 0.41
N ALA A 43 1.59 12.53 -0.19
CA ALA A 43 1.99 11.18 0.18
C ALA A 43 2.62 11.15 1.56
N THR A 44 1.81 11.43 2.58
CA THR A 44 2.20 11.19 3.97
C THR A 44 1.33 10.12 4.61
N LEU A 45 1.97 9.16 5.27
CA LEU A 45 1.28 7.99 5.80
C LEU A 45 0.28 8.41 6.89
N LYS A 46 -0.94 7.90 6.78
CA LYS A 46 -1.94 8.06 7.83
C LYS A 46 -1.71 7.05 8.95
N PRO A 47 -2.17 7.40 10.17
CA PRO A 47 -2.10 6.50 11.32
C PRO A 47 -2.70 5.13 11.03
N ALA A 48 -3.81 5.11 10.31
CA ALA A 48 -4.45 3.86 9.91
C ALA A 48 -3.55 3.05 8.99
N GLY A 49 -2.77 3.75 8.16
CA GLY A 49 -1.82 3.08 7.28
C GLY A 49 -0.65 2.50 8.05
N ALA A 50 -0.20 3.20 9.08
CA ALA A 50 0.86 2.71 9.93
C ALA A 50 0.43 1.46 10.69
N ASN A 51 -0.84 1.43 11.08
CA ASN A 51 -1.40 0.27 11.77
C ASN A 51 -1.40 -0.96 10.86
N THR A 52 -1.77 -0.76 9.61
CA THR A 52 -1.68 -1.82 8.60
C THR A 52 -0.25 -2.24 8.37
N LEU A 53 0.64 -1.26 8.27
CA LEU A 53 2.07 -1.53 8.08
C LEU A 53 2.64 -2.29 9.27
N THR A 54 2.09 -2.04 10.44
CA THR A 54 2.43 -2.82 11.64
C THR A 54 1.97 -4.26 11.49
N GLY A 55 0.78 -4.44 10.92
CA GLY A 55 0.31 -5.77 10.58
C GLY A 55 1.24 -6.49 9.62
N VAL A 56 1.68 -5.77 8.59
CA VAL A 56 2.66 -6.30 7.64
C VAL A 56 3.93 -6.74 8.36
N ALA A 57 4.37 -5.92 9.32
CA ALA A 57 5.52 -6.26 10.14
C ALA A 57 5.28 -7.55 10.92
N MET A 58 4.07 -7.70 11.44
CA MET A 58 3.71 -8.88 12.23
C MET A 58 3.71 -10.13 11.36
N VAL A 59 3.39 -9.95 10.07
CA VAL A 59 3.24 -11.07 9.16
C VAL A 59 4.59 -11.54 8.64
N LEU A 60 5.38 -10.61 8.12
CA LEU A 60 6.73 -10.92 7.64
C LEU A 60 7.63 -11.38 8.79
N LYS A 61 7.28 -10.97 10.00
CA LYS A 61 8.04 -11.36 11.19
C LYS A 61 8.05 -12.88 11.34
N GLU A 62 6.95 -13.52 10.95
CA GLU A 62 6.83 -14.97 11.08
C GLU A 62 7.80 -15.69 10.15
N TYR A 63 8.22 -15.00 9.09
CA TYR A 63 9.18 -15.55 8.15
C TYR A 63 10.50 -14.79 8.22
N PRO A 64 11.46 -15.35 8.99
CA PRO A 64 12.77 -14.71 9.19
C PRO A 64 13.55 -14.56 7.90
N LYS A 65 13.36 -15.49 6.98
CA LYS A 65 13.91 -15.37 5.64
C LYS A 65 12.83 -14.96 4.65
N THR A 66 12.63 -13.66 4.51
CA THR A 66 11.68 -13.12 3.54
C THR A 66 12.11 -11.75 3.03
N ALA A 67 11.57 -11.35 1.89
CA ALA A 67 11.83 -10.03 1.35
C ALA A 67 10.55 -9.21 1.23
N VAL A 68 10.67 -7.90 1.42
CA VAL A 68 9.52 -7.01 1.28
C VAL A 68 9.65 -6.13 0.04
N ASN A 69 8.64 -6.20 -0.82
CA ASN A 69 8.64 -5.43 -2.06
C ASN A 69 7.46 -4.48 -2.12
N VAL A 70 7.75 -3.18 -2.10
CA VAL A 70 6.71 -2.16 -2.11
C VAL A 70 6.72 -1.36 -3.40
N ILE A 71 5.61 -1.41 -4.14
CA ILE A 71 5.49 -0.69 -5.40
C ILE A 71 4.24 0.18 -5.42
N GLY A 72 4.41 1.45 -5.78
CA GLY A 72 3.28 2.34 -5.94
C GLY A 72 3.29 3.07 -7.26
N TYR A 73 2.11 3.38 -7.78
CA TYR A 73 1.99 4.18 -8.99
C TYR A 73 0.57 4.71 -9.16
N THR A 74 0.42 5.70 -10.03
CA THR A 74 -0.89 6.31 -10.28
C THR A 74 -0.85 7.23 -11.49
N ASP A 75 -1.99 7.42 -12.13
CA ASP A 75 -2.10 8.32 -13.27
C ASP A 75 -2.98 9.53 -12.91
N SER A 76 -4.16 9.26 -12.37
CA SER A 76 -5.10 10.32 -12.01
C SER A 76 -4.71 10.97 -10.69
N THR A 77 -3.49 11.49 -10.62
CA THR A 77 -3.05 12.25 -9.46
C THR A 77 -2.27 13.49 -9.89
N GLY A 78 -1.31 13.31 -10.79
CA GLY A 78 -0.68 14.46 -11.43
C GLY A 78 0.17 14.04 -12.61
N GLY A 79 1.13 14.89 -12.99
CA GLY A 79 2.04 14.57 -14.06
C GLY A 79 2.92 13.38 -13.73
N HIS A 80 3.51 12.78 -14.76
CA HIS A 80 4.30 11.57 -14.58
C HIS A 80 5.38 11.76 -13.53
N ASP A 81 6.14 12.84 -13.66
CA ASP A 81 7.25 13.11 -12.75
C ASP A 81 6.75 13.26 -11.31
N LEU A 82 5.65 14.00 -11.15
CA LEU A 82 5.08 14.23 -9.83
C LEU A 82 4.57 12.93 -9.22
N ASN A 83 3.90 12.12 -10.03
CA ASN A 83 3.33 10.86 -9.56
C ASN A 83 4.43 9.91 -9.10
N MET A 84 5.46 9.76 -9.92
CA MET A 84 6.58 8.88 -9.60
C MET A 84 7.29 9.34 -8.33
N ARG A 85 7.47 10.64 -8.21
CA ARG A 85 8.13 11.21 -7.03
C ARG A 85 7.31 10.95 -5.77
N LEU A 86 6.01 11.16 -5.86
CA LEU A 86 5.10 10.83 -4.76
C LEU A 86 5.05 9.32 -4.52
N SER A 87 5.13 8.56 -5.60
CA SER A 87 5.03 7.11 -5.51
C SER A 87 6.18 6.53 -4.70
N GLN A 88 7.38 7.04 -4.94
CA GLN A 88 8.56 6.63 -4.17
C GLN A 88 8.46 7.08 -2.72
N GLN A 89 7.90 8.27 -2.51
CA GLN A 89 7.79 8.84 -1.18
C GLN A 89 6.84 8.02 -0.32
N ARG A 90 5.67 7.70 -0.87
CA ARG A 90 4.69 6.88 -0.17
C ARG A 90 5.22 5.47 0.06
N ALA A 91 5.98 4.97 -0.91
CA ALA A 91 6.66 3.69 -0.76
C ALA A 91 7.70 3.74 0.35
N ASP A 92 8.45 4.86 0.40
CA ASP A 92 9.44 5.06 1.45
C ASP A 92 8.78 5.18 2.82
N SER A 93 7.58 5.78 2.83
CA SER A 93 6.82 5.91 4.07
C SER A 93 6.43 4.55 4.62
N VAL A 94 6.09 3.63 3.72
CA VAL A 94 5.86 2.24 4.11
C VAL A 94 7.10 1.61 4.73
N ALA A 95 8.25 1.84 4.09
CA ALA A 95 9.52 1.36 4.61
C ALA A 95 9.81 1.96 5.99
N SER A 96 9.55 3.25 6.13
CA SER A 96 9.81 3.95 7.38
C SER A 96 9.02 3.31 8.53
N ALA A 97 7.75 3.00 8.27
CA ALA A 97 6.90 2.35 9.26
C ALA A 97 7.43 0.96 9.60
N LEU A 98 7.84 0.21 8.58
CA LEU A 98 8.32 -1.15 8.76
C LEU A 98 9.57 -1.18 9.62
N ILE A 99 10.52 -0.32 9.31
CA ILE A 99 11.79 -0.27 10.04
C ILE A 99 11.60 0.28 11.44
N THR A 100 10.56 1.10 11.62
CA THR A 100 10.13 1.52 12.94
C THR A 100 9.58 0.35 13.75
N GLN A 101 8.89 -0.55 13.06
CA GLN A 101 8.27 -1.69 13.73
C GLN A 101 9.23 -2.88 13.78
N GLY A 102 10.49 -2.63 13.47
CA GLY A 102 11.54 -3.59 13.78
C GLY A 102 11.89 -4.46 12.58
N VAL A 103 11.38 -4.09 11.42
CA VAL A 103 11.67 -4.81 10.18
C VAL A 103 13.00 -4.37 9.58
N ASP A 104 13.87 -5.35 9.31
CA ASP A 104 15.18 -5.06 8.73
C ASP A 104 15.04 -4.28 7.42
N ALA A 105 15.66 -3.11 7.37
CA ALA A 105 15.59 -2.26 6.18
C ALA A 105 16.23 -2.95 4.98
N SER A 106 17.21 -3.80 5.24
CA SER A 106 17.98 -4.42 4.17
C SER A 106 17.14 -5.45 3.43
N ARG A 107 16.01 -5.83 4.01
CA ARG A 107 15.11 -6.79 3.39
C ARG A 107 14.01 -6.08 2.60
N ILE A 108 13.96 -4.76 2.73
CA ILE A 108 12.90 -3.98 2.11
C ILE A 108 13.38 -3.31 0.83
N ARG A 109 12.55 -3.37 -0.20
CA ARG A 109 12.79 -2.61 -1.43
C ARG A 109 11.55 -1.80 -1.81
N THR A 110 11.77 -0.51 -2.08
CA THR A 110 10.66 0.40 -2.37
C THR A 110 10.84 1.06 -3.74
N GLN A 111 9.78 1.05 -4.53
CA GLN A 111 9.83 1.61 -5.88
C GLN A 111 8.61 2.48 -6.15
N GLY A 112 8.85 3.75 -6.47
CA GLY A 112 7.79 4.59 -7.01
C GLY A 112 7.80 4.61 -8.54
N LEU A 113 6.62 4.51 -9.13
CA LEU A 113 6.47 4.61 -10.57
C LEU A 113 5.36 5.57 -10.95
N GLY A 114 5.49 6.18 -12.13
CA GLY A 114 4.34 6.82 -12.75
C GLY A 114 3.38 5.82 -13.36
N PRO A 115 2.48 6.31 -14.23
CA PRO A 115 1.51 5.47 -14.94
C PRO A 115 2.16 4.25 -15.57
N ALA A 116 1.66 3.07 -15.24
CA ALA A 116 2.21 1.82 -15.78
C ALA A 116 1.08 0.88 -16.20
N ASN A 117 0.30 0.43 -15.23
CA ASN A 117 -0.89 -0.37 -15.52
C ASN A 117 -2.09 0.14 -14.75
N PRO A 118 -2.85 1.07 -15.36
CA PRO A 118 -4.02 1.68 -14.74
C PRO A 118 -5.01 0.65 -14.21
N ILE A 119 -5.62 0.94 -13.08
CA ILE A 119 -6.50 -0.02 -12.40
C ILE A 119 -7.94 0.13 -12.90
N ALA A 120 -8.41 1.36 -12.99
CA ALA A 120 -9.78 1.62 -13.42
C ALA A 120 -9.85 2.87 -14.29
N SER A 121 -10.99 3.06 -14.95
CA SER A 121 -11.12 4.11 -15.95
C SER A 121 -11.02 5.49 -15.30
N ASN A 122 -10.28 6.38 -15.95
CA ASN A 122 -10.19 7.77 -15.50
C ASN A 122 -11.51 8.50 -15.71
N SER A 123 -12.39 7.90 -16.51
CA SER A 123 -13.59 8.59 -16.98
C SER A 123 -14.62 8.69 -15.87
N THR A 124 -14.39 7.97 -14.78
CA THR A 124 -15.24 8.06 -13.60
C THR A 124 -14.45 8.48 -12.36
N ALA A 125 -15.12 9.13 -11.43
CA ALA A 125 -14.50 9.52 -10.17
C ALA A 125 -14.11 8.29 -9.35
N GLU A 126 -14.95 7.26 -9.42
CA GLU A 126 -14.66 6.01 -8.73
C GLU A 126 -13.44 5.32 -9.31
N GLY A 127 -13.32 5.37 -10.63
CA GLY A 127 -12.16 4.80 -11.29
C GLY A 127 -10.87 5.51 -10.92
N LYS A 128 -10.93 6.82 -10.79
CA LYS A 128 -9.79 7.61 -10.34
C LYS A 128 -9.35 7.18 -8.95
N ALA A 129 -10.32 6.95 -8.06
CA ALA A 129 -10.03 6.48 -6.71
C ALA A 129 -9.35 5.12 -6.73
N GLN A 130 -9.86 4.22 -7.56
CA GLN A 130 -9.31 2.88 -7.67
C GLN A 130 -7.94 2.91 -8.36
N ASN A 131 -7.71 3.93 -9.17
CA ASN A 131 -6.42 4.15 -9.80
C ASN A 131 -5.34 4.42 -8.75
N ARG A 132 -5.75 5.00 -7.64
CA ARG A 132 -4.81 5.36 -6.57
C ARG A 132 -4.66 4.22 -5.58
N ARG A 133 -3.84 3.23 -5.94
CA ARG A 133 -3.58 2.10 -5.07
C ARG A 133 -2.10 1.75 -5.05
N VAL A 134 -1.63 1.22 -3.93
CA VAL A 134 -0.25 0.74 -3.82
C VAL A 134 -0.21 -0.72 -3.37
N GLU A 135 0.86 -1.42 -3.73
CA GLU A 135 0.95 -2.85 -3.50
C GLU A 135 2.16 -3.18 -2.62
N ILE A 136 1.92 -3.99 -1.59
CA ILE A 136 3.02 -4.53 -0.78
C ILE A 136 3.08 -6.04 -0.88
N THR A 137 4.22 -6.55 -1.32
CA THR A 137 4.38 -7.99 -1.55
C THR A 137 5.37 -8.59 -0.57
N LEU A 138 4.94 -9.64 0.12
CA LEU A 138 5.83 -10.37 1.02
C LEU A 138 6.26 -11.70 0.41
N SER A 139 7.54 -11.82 0.09
CA SER A 139 8.06 -13.00 -0.60
C SER A 139 9.58 -13.02 -0.55
N PRO A 140 10.14 -14.19 -0.20
CA PRO A 140 11.60 -14.38 -0.11
C PRO A 140 12.29 -14.24 -1.46
N LEU A 141 13.40 -13.52 -1.47
CA LEU A 141 14.14 -13.27 -2.71
C LEU A 141 15.62 -13.53 -2.52
N LEU A 142 16.31 -13.84 -3.63
CA LEU A 142 17.76 -14.03 -3.60
C LEU A 142 18.47 -12.87 -4.28
N GLU A 143 18.81 -11.85 -3.50
CA GLU A 143 19.46 -10.66 -4.04
C GLU A 143 20.00 -9.78 -2.92
N HIS A 144 20.88 -8.84 -3.28
CA HIS A 144 21.43 -7.91 -2.32
C HIS A 144 21.89 -6.62 -3.01
N HIS A 145 21.94 -5.53 -2.25
CA HIS A 145 22.34 -4.24 -2.80
C HIS A 145 23.29 -3.51 -1.84
N HIS A 146 22.96 -3.56 -0.55
CA HIS A 146 23.80 -2.95 0.47
C HIS A 146 23.86 -1.43 0.30
N HIS A 147 22.71 -0.82 0.06
CA HIS A 147 22.61 0.63 -0.02
C HIS A 147 21.56 1.16 0.94
N HIS A 148 21.62 2.46 1.21
CA HIS A 148 20.70 3.09 2.15
C HIS A 148 19.50 3.69 1.43
N HIS A 149 19.76 4.55 0.45
CA HIS A 149 18.71 5.21 -0.30
C HIS A 149 19.25 5.83 -1.58
N TYR A 1 -32.97 0.38 1.90
CA TYR A 1 -32.13 1.55 1.65
C TYR A 1 -31.34 1.93 2.90
N TYR A 2 -32.06 2.42 3.92
CA TYR A 2 -31.43 2.98 5.10
C TYR A 2 -30.65 1.92 5.86
N MET A 3 -31.10 0.68 5.75
CA MET A 3 -30.41 -0.45 6.39
C MET A 3 -29.07 -0.71 5.71
N ASP A 4 -29.03 -0.51 4.40
CA ASP A 4 -27.79 -0.65 3.64
C ASP A 4 -26.85 0.52 3.92
N VAL A 5 -27.42 1.68 4.22
CA VAL A 5 -26.64 2.88 4.48
C VAL A 5 -25.87 2.76 5.78
N GLN A 6 -26.58 2.43 6.86
CA GLN A 6 -25.93 2.15 8.14
C GLN A 6 -25.01 0.95 8.03
N GLU A 7 -25.50 -0.11 7.39
CA GLU A 7 -24.71 -1.34 7.25
C GLU A 7 -23.39 -1.04 6.55
N ALA A 8 -23.42 -0.22 5.52
CA ALA A 8 -22.22 0.12 4.77
C ALA A 8 -21.18 0.77 5.67
N LYS A 9 -21.62 1.72 6.50
CA LYS A 9 -20.75 2.37 7.46
C LYS A 9 -20.23 1.36 8.48
N LEU A 10 -21.12 0.48 8.93
CA LEU A 10 -20.76 -0.52 9.93
C LEU A 10 -19.68 -1.47 9.40
N ARG A 11 -19.79 -1.81 8.12
CA ARG A 11 -18.79 -2.65 7.47
C ARG A 11 -17.41 -2.01 7.56
N ASP A 12 -17.34 -0.70 7.31
CA ASP A 12 -16.09 0.04 7.42
C ASP A 12 -15.62 0.11 8.87
N LYS A 13 -16.56 0.38 9.78
CA LYS A 13 -16.23 0.51 11.20
C LYS A 13 -15.67 -0.81 11.74
N MET A 14 -16.13 -1.92 11.19
CA MET A 14 -15.71 -3.24 11.65
C MET A 14 -14.58 -3.78 10.79
N ARG A 15 -14.15 -2.98 9.82
CA ARG A 15 -13.00 -3.34 8.98
C ARG A 15 -11.80 -2.47 9.32
N GLY A 16 -11.09 -2.83 10.38
CA GLY A 16 -10.03 -1.99 10.90
C GLY A 16 -8.69 -2.26 10.23
N THR A 17 -8.68 -2.22 8.91
CA THR A 17 -7.44 -2.38 8.15
C THR A 17 -7.37 -1.38 7.00
N GLY A 18 -8.50 -1.17 6.33
CA GLY A 18 -8.54 -0.26 5.21
C GLY A 18 -7.87 -0.83 3.97
N VAL A 19 -7.49 -2.09 4.05
CA VAL A 19 -6.68 -2.72 3.00
C VAL A 19 -7.26 -4.06 2.59
N SER A 20 -6.98 -4.45 1.34
CA SER A 20 -7.40 -5.76 0.85
C SER A 20 -6.22 -6.74 0.85
N VAL A 21 -6.41 -7.88 1.49
CA VAL A 21 -5.34 -8.87 1.62
C VAL A 21 -5.55 -10.03 0.65
N THR A 22 -4.57 -10.26 -0.22
CA THR A 22 -4.66 -11.32 -1.20
C THR A 22 -3.52 -12.33 -1.04
N ARG A 23 -3.83 -13.60 -1.21
CA ARG A 23 -2.82 -14.65 -1.13
C ARG A 23 -2.68 -15.39 -2.46
N SER A 24 -1.45 -15.58 -2.90
CA SER A 24 -1.17 -16.19 -4.20
C SER A 24 0.01 -17.15 -4.12
N GLY A 25 -0.26 -18.43 -4.22
CA GLY A 25 0.76 -19.44 -3.96
C GLY A 25 1.21 -19.44 -2.52
N ASP A 26 2.52 -19.30 -2.30
CA ASP A 26 3.06 -19.17 -0.96
C ASP A 26 3.32 -17.70 -0.63
N ASN A 27 2.98 -16.81 -1.56
CA ASN A 27 3.31 -15.41 -1.44
C ASN A 27 2.09 -14.61 -0.97
N ILE A 28 2.34 -13.42 -0.43
CA ILE A 28 1.27 -12.56 0.05
C ILE A 28 1.27 -11.21 -0.66
N ILE A 29 0.12 -10.83 -1.20
CA ILE A 29 -0.01 -9.55 -1.89
C ILE A 29 -1.00 -8.64 -1.17
N LEU A 30 -0.53 -7.48 -0.73
CA LEU A 30 -1.37 -6.54 -0.01
C LEU A 30 -1.73 -5.34 -0.89
N ASN A 31 -3.02 -5.07 -1.02
CA ASN A 31 -3.49 -3.95 -1.82
C ASN A 31 -3.95 -2.80 -0.94
N MET A 32 -3.18 -1.72 -0.91
CA MET A 32 -3.45 -0.60 -0.04
C MET A 32 -3.91 0.62 -0.83
N PRO A 33 -5.19 0.99 -0.66
CA PRO A 33 -5.74 2.23 -1.23
C PRO A 33 -5.09 3.48 -0.67
N ASN A 34 -4.70 4.38 -1.55
CA ASN A 34 -4.05 5.63 -1.15
C ASN A 34 -5.01 6.50 -0.35
N ASN A 35 -6.29 6.44 -0.69
CA ASN A 35 -7.30 7.28 -0.05
C ASN A 35 -7.47 6.87 1.41
N VAL A 36 -7.14 5.63 1.73
CA VAL A 36 -7.36 5.09 3.07
C VAL A 36 -6.05 4.94 3.82
N THR A 37 -4.93 4.95 3.08
CA THR A 37 -3.62 4.75 3.66
C THR A 37 -2.90 6.08 3.87
N PHE A 38 -3.00 6.96 2.88
CA PHE A 38 -2.32 8.25 2.94
C PHE A 38 -3.33 9.39 3.02
N ASP A 39 -2.88 10.54 3.52
CA ASP A 39 -3.74 11.71 3.64
C ASP A 39 -4.21 12.17 2.26
N SER A 40 -5.43 12.70 2.21
CA SER A 40 -6.03 13.13 0.95
C SER A 40 -5.29 14.35 0.39
N SER A 41 -4.69 15.13 1.29
CA SER A 41 -4.04 16.38 0.90
C SER A 41 -2.57 16.15 0.58
N SER A 42 -2.04 15.01 1.02
CA SER A 42 -0.62 14.72 0.85
C SER A 42 -0.36 13.22 1.01
N ALA A 43 0.56 12.70 0.21
CA ALA A 43 1.07 11.34 0.40
C ALA A 43 1.90 11.24 1.67
N THR A 44 1.28 11.52 2.81
CA THR A 44 1.87 11.18 4.10
C THR A 44 1.04 10.11 4.81
N LEU A 45 1.73 9.10 5.34
CA LEU A 45 1.06 7.94 5.92
C LEU A 45 0.14 8.37 7.06
N LYS A 46 -1.09 7.88 7.03
CA LYS A 46 -2.04 8.11 8.12
C LYS A 46 -1.90 7.04 9.20
N PRO A 47 -2.32 7.38 10.42
CA PRO A 47 -2.23 6.47 11.57
C PRO A 47 -2.83 5.10 11.28
N ALA A 48 -3.98 5.09 10.60
CA ALA A 48 -4.63 3.85 10.22
C ALA A 48 -3.74 3.01 9.30
N GLY A 49 -2.97 3.69 8.45
CA GLY A 49 -2.05 3.00 7.58
C GLY A 49 -0.84 2.45 8.33
N ALA A 50 -0.37 3.22 9.31
CA ALA A 50 0.75 2.80 10.13
C ALA A 50 0.39 1.56 10.96
N ASN A 51 -0.84 1.53 11.45
CA ASN A 51 -1.31 0.42 12.26
C ASN A 51 -1.39 -0.86 11.43
N THR A 52 -1.89 -0.74 10.21
CA THR A 52 -1.95 -1.87 9.29
C THR A 52 -0.54 -2.32 8.90
N LEU A 53 0.32 -1.36 8.60
CA LEU A 53 1.70 -1.66 8.25
C LEU A 53 2.44 -2.29 9.44
N THR A 54 2.02 -1.93 10.65
CA THR A 54 2.49 -2.60 11.85
C THR A 54 2.03 -4.05 11.89
N GLY A 55 0.80 -4.28 11.44
CA GLY A 55 0.32 -5.64 11.27
C GLY A 55 1.16 -6.43 10.29
N VAL A 56 1.55 -5.79 9.20
CA VAL A 56 2.48 -6.40 8.25
C VAL A 56 3.81 -6.74 8.91
N ALA A 57 4.29 -5.83 9.76
CA ALA A 57 5.50 -6.07 10.52
C ALA A 57 5.35 -7.26 11.46
N MET A 58 4.16 -7.40 12.03
CA MET A 58 3.86 -8.54 12.89
C MET A 58 3.89 -9.84 12.10
N VAL A 59 3.73 -9.74 10.79
CA VAL A 59 3.74 -10.91 9.91
C VAL A 59 5.16 -11.22 9.44
N LEU A 60 5.89 -10.19 9.06
CA LEU A 60 7.30 -10.33 8.71
C LEU A 60 8.11 -10.83 9.89
N LYS A 61 7.65 -10.51 11.09
CA LYS A 61 8.33 -10.93 12.31
C LYS A 61 8.25 -12.45 12.48
N GLU A 62 7.10 -13.02 12.13
CA GLU A 62 6.89 -14.46 12.25
C GLU A 62 7.66 -15.22 11.17
N TYR A 63 7.79 -14.60 10.00
CA TYR A 63 8.54 -15.19 8.91
C TYR A 63 9.70 -14.29 8.50
N PRO A 64 10.79 -14.34 9.28
CA PRO A 64 11.94 -13.46 9.08
C PRO A 64 12.63 -13.69 7.74
N LYS A 65 12.44 -14.88 7.18
CA LYS A 65 12.95 -15.20 5.86
C LYS A 65 11.97 -14.77 4.77
N THR A 66 11.70 -13.47 4.72
CA THR A 66 10.81 -12.91 3.71
C THR A 66 11.35 -11.60 3.14
N ALA A 67 11.23 -11.44 1.83
CA ALA A 67 11.61 -10.19 1.18
C ALA A 67 10.38 -9.34 0.87
N VAL A 68 10.51 -8.03 1.05
CA VAL A 68 9.40 -7.12 0.84
C VAL A 68 9.61 -6.27 -0.41
N ASN A 69 8.61 -6.29 -1.30
CA ASN A 69 8.65 -5.46 -2.50
C ASN A 69 7.47 -4.50 -2.52
N VAL A 70 7.76 -3.21 -2.43
CA VAL A 70 6.72 -2.18 -2.37
C VAL A 70 6.67 -1.37 -3.66
N ILE A 71 5.53 -1.39 -4.31
CA ILE A 71 5.35 -0.64 -5.56
C ILE A 71 4.16 0.31 -5.47
N GLY A 72 4.42 1.58 -5.70
CA GLY A 72 3.33 2.55 -5.80
C GLY A 72 3.19 3.11 -7.20
N TYR A 73 1.94 3.32 -7.63
CA TYR A 73 1.66 3.76 -8.98
C TYR A 73 0.38 4.59 -9.04
N THR A 74 0.33 5.52 -9.98
CA THR A 74 -0.89 6.29 -10.23
C THR A 74 -0.76 7.12 -11.50
N ASP A 75 -1.89 7.46 -12.10
CA ASP A 75 -1.92 8.39 -13.21
C ASP A 75 -2.68 9.66 -12.83
N SER A 76 -3.88 9.49 -12.28
CA SER A 76 -4.72 10.62 -11.92
C SER A 76 -4.27 11.22 -10.57
N THR A 77 -3.04 11.70 -10.54
CA THR A 77 -2.55 12.43 -9.38
C THR A 77 -1.85 13.72 -9.79
N GLY A 78 -0.89 13.60 -10.70
CA GLY A 78 -0.31 14.79 -11.32
C GLY A 78 0.49 14.46 -12.55
N GLY A 79 1.42 15.34 -12.92
CA GLY A 79 2.32 15.07 -14.01
C GLY A 79 3.18 13.85 -13.77
N HIS A 80 3.83 13.36 -14.82
CA HIS A 80 4.56 12.10 -14.76
C HIS A 80 5.61 12.13 -13.65
N ASP A 81 6.43 13.18 -13.65
CA ASP A 81 7.49 13.32 -12.66
C ASP A 81 6.92 13.36 -11.24
N LEU A 82 5.81 14.08 -11.08
CA LEU A 82 5.14 14.17 -9.78
C LEU A 82 4.56 12.81 -9.39
N ASN A 83 4.04 12.08 -10.36
CA ASN A 83 3.46 10.78 -10.11
C ASN A 83 4.51 9.81 -9.56
N MET A 84 5.70 9.87 -10.13
CA MET A 84 6.79 8.99 -9.70
C MET A 84 7.31 9.39 -8.33
N ARG A 85 7.46 10.69 -8.12
CA ARG A 85 8.06 11.21 -6.89
C ARG A 85 7.15 10.92 -5.70
N LEU A 86 5.86 11.17 -5.86
CA LEU A 86 4.87 10.90 -4.82
C LEU A 86 4.80 9.41 -4.54
N SER A 87 4.82 8.60 -5.59
CA SER A 87 4.82 7.14 -5.45
C SER A 87 6.07 6.67 -4.72
N GLN A 88 7.21 7.29 -5.03
CA GLN A 88 8.46 6.97 -4.35
C GLN A 88 8.37 7.28 -2.87
N GLN A 89 7.72 8.39 -2.54
CA GLN A 89 7.53 8.78 -1.15
C GLN A 89 6.57 7.81 -0.45
N ARG A 90 5.52 7.41 -1.16
CA ARG A 90 4.57 6.45 -0.63
C ARG A 90 5.24 5.12 -0.31
N ALA A 91 6.03 4.63 -1.25
CA ALA A 91 6.74 3.36 -1.08
C ALA A 91 7.74 3.45 0.07
N ASP A 92 8.48 4.55 0.12
CA ASP A 92 9.48 4.75 1.16
C ASP A 92 8.83 4.95 2.52
N SER A 93 7.65 5.55 2.52
CA SER A 93 6.88 5.72 3.74
C SER A 93 6.46 4.37 4.32
N VAL A 94 6.09 3.45 3.43
CA VAL A 94 5.82 2.07 3.83
C VAL A 94 7.06 1.43 4.43
N ALA A 95 8.20 1.61 3.77
CA ALA A 95 9.47 1.10 4.27
C ALA A 95 9.82 1.72 5.62
N SER A 96 9.61 3.02 5.73
CA SER A 96 9.91 3.73 6.98
C SER A 96 9.13 3.14 8.15
N ALA A 97 7.85 2.86 7.92
CA ALA A 97 7.00 2.26 8.94
C ALA A 97 7.52 0.87 9.34
N LEU A 98 7.88 0.08 8.33
CA LEU A 98 8.35 -1.28 8.56
C LEU A 98 9.63 -1.29 9.39
N ILE A 99 10.58 -0.46 9.00
CA ILE A 99 11.87 -0.41 9.68
C ILE A 99 11.74 0.23 11.06
N THR A 100 10.74 1.07 11.23
CA THR A 100 10.38 1.58 12.54
C THR A 100 9.83 0.48 13.43
N GLN A 101 9.08 -0.44 12.83
CA GLN A 101 8.45 -1.52 13.58
C GLN A 101 9.37 -2.74 13.65
N GLY A 102 10.63 -2.55 13.29
CA GLY A 102 11.66 -3.51 13.63
C GLY A 102 11.99 -4.44 12.48
N VAL A 103 11.47 -4.12 11.30
CA VAL A 103 11.77 -4.90 10.10
C VAL A 103 13.08 -4.45 9.47
N ASP A 104 13.99 -5.40 9.26
CA ASP A 104 15.29 -5.10 8.68
C ASP A 104 15.14 -4.40 7.34
N ALA A 105 15.76 -3.23 7.22
CA ALA A 105 15.68 -2.44 5.99
C ALA A 105 16.27 -3.18 4.81
N SER A 106 17.24 -4.04 5.08
CA SER A 106 17.96 -4.75 4.02
C SER A 106 17.07 -5.80 3.37
N ARG A 107 15.96 -6.11 4.03
CA ARG A 107 15.02 -7.10 3.51
C ARG A 107 13.95 -6.43 2.65
N ILE A 108 13.98 -5.10 2.60
CA ILE A 108 12.92 -4.34 1.95
C ILE A 108 13.43 -3.70 0.66
N ARG A 109 12.61 -3.74 -0.39
CA ARG A 109 12.88 -2.99 -1.60
C ARG A 109 11.68 -2.15 -2.01
N THR A 110 11.93 -0.89 -2.36
CA THR A 110 10.85 0.04 -2.67
C THR A 110 11.05 0.66 -4.05
N GLN A 111 9.94 0.96 -4.72
CA GLN A 111 9.98 1.71 -5.97
C GLN A 111 8.73 2.57 -6.13
N GLY A 112 8.94 3.85 -6.43
CA GLY A 112 7.85 4.69 -6.90
C GLY A 112 7.74 4.72 -8.41
N LEU A 113 6.53 4.53 -8.91
CA LEU A 113 6.28 4.54 -10.36
C LEU A 113 5.14 5.47 -10.71
N GLY A 114 5.19 6.04 -11.91
CA GLY A 114 4.00 6.63 -12.51
C GLY A 114 3.09 5.60 -13.14
N PRO A 115 2.30 6.04 -14.13
CA PRO A 115 1.43 5.14 -14.91
C PRO A 115 2.20 3.95 -15.47
N ALA A 116 1.73 2.74 -15.15
CA ALA A 116 2.35 1.52 -15.64
C ALA A 116 1.28 0.53 -16.12
N ASN A 117 0.48 0.04 -15.19
CA ASN A 117 -0.68 -0.78 -15.52
C ASN A 117 -1.93 -0.26 -14.81
N PRO A 118 -2.78 0.46 -15.56
CA PRO A 118 -4.02 1.03 -15.02
C PRO A 118 -4.91 -0.03 -14.38
N ILE A 119 -5.55 0.35 -13.28
CA ILE A 119 -6.45 -0.57 -12.58
C ILE A 119 -7.89 -0.36 -13.04
N ALA A 120 -8.33 0.89 -13.05
CA ALA A 120 -9.70 1.22 -13.43
C ALA A 120 -9.74 2.46 -14.30
N SER A 121 -10.89 2.69 -14.94
CA SER A 121 -10.99 3.71 -15.98
C SER A 121 -10.83 5.10 -15.38
N ASN A 122 -10.03 5.93 -16.05
CA ASN A 122 -9.88 7.33 -15.66
C ASN A 122 -11.18 8.10 -15.90
N SER A 123 -12.07 7.52 -16.69
CA SER A 123 -13.25 8.23 -17.17
C SER A 123 -14.30 8.37 -16.07
N THR A 124 -14.07 7.67 -14.96
CA THR A 124 -14.95 7.77 -13.81
C THR A 124 -14.17 8.20 -12.56
N ALA A 125 -14.86 8.87 -11.64
CA ALA A 125 -14.26 9.27 -10.37
C ALA A 125 -13.88 8.05 -9.54
N GLU A 126 -14.70 7.00 -9.62
CA GLU A 126 -14.42 5.77 -8.89
C GLU A 126 -13.18 5.08 -9.43
N GLY A 127 -13.01 5.12 -10.76
CA GLY A 127 -11.83 4.57 -11.37
C GLY A 127 -10.57 5.30 -10.99
N LYS A 128 -10.66 6.63 -10.87
CA LYS A 128 -9.55 7.43 -10.40
C LYS A 128 -9.16 7.05 -8.98
N ALA A 129 -10.16 6.80 -8.14
CA ALA A 129 -9.91 6.36 -6.78
C ALA A 129 -9.15 5.03 -6.75
N GLN A 130 -9.59 4.09 -7.58
CA GLN A 130 -8.92 2.80 -7.70
C GLN A 130 -7.56 2.94 -8.36
N ASN A 131 -7.41 3.98 -9.18
CA ASN A 131 -6.14 4.26 -9.84
C ASN A 131 -5.05 4.56 -8.81
N ARG A 132 -5.45 5.12 -7.68
CA ARG A 132 -4.51 5.49 -6.64
C ARG A 132 -4.29 4.33 -5.66
N ARG A 133 -3.39 3.42 -6.03
CA ARG A 133 -3.20 2.19 -5.28
C ARG A 133 -1.72 1.90 -5.08
N VAL A 134 -1.37 1.39 -3.90
CA VAL A 134 -0.02 0.89 -3.66
C VAL A 134 -0.05 -0.57 -3.22
N GLU A 135 0.85 -1.37 -3.79
CA GLU A 135 0.85 -2.81 -3.57
C GLU A 135 2.11 -3.25 -2.85
N ILE A 136 1.95 -4.11 -1.84
CA ILE A 136 3.09 -4.67 -1.13
C ILE A 136 3.15 -6.19 -1.29
N THR A 137 4.27 -6.67 -1.82
CA THR A 137 4.43 -8.09 -2.11
C THR A 137 5.42 -8.74 -1.15
N LEU A 138 4.99 -9.80 -0.48
CA LEU A 138 5.87 -10.55 0.42
C LEU A 138 6.30 -11.85 -0.23
N SER A 139 7.60 -11.97 -0.51
CA SER A 139 8.14 -13.15 -1.18
C SER A 139 9.65 -13.24 -0.98
N PRO A 140 10.11 -14.38 -0.44
CA PRO A 140 11.53 -14.63 -0.21
C PRO A 140 12.36 -14.46 -1.48
N LEU A 141 13.49 -13.76 -1.35
CA LEU A 141 14.38 -13.53 -2.48
C LEU A 141 15.82 -13.84 -2.11
N LEU A 142 16.61 -14.24 -3.10
CA LEU A 142 18.04 -14.48 -2.90
C LEU A 142 18.87 -13.45 -3.67
N GLU A 143 19.15 -12.32 -3.03
CA GLU A 143 19.90 -11.25 -3.66
C GLU A 143 20.39 -10.24 -2.63
N HIS A 144 21.40 -9.46 -3.00
CA HIS A 144 21.96 -8.46 -2.10
C HIS A 144 22.25 -7.16 -2.84
N HIS A 145 22.18 -6.04 -2.14
CA HIS A 145 22.50 -4.74 -2.71
C HIS A 145 23.36 -3.93 -1.76
N HIS A 146 22.99 -3.91 -0.49
CA HIS A 146 23.77 -3.22 0.54
C HIS A 146 23.78 -1.72 0.27
N HIS A 147 22.61 -1.17 -0.07
CA HIS A 147 22.46 0.27 -0.24
C HIS A 147 21.35 0.82 0.64
N HIS A 148 21.33 2.14 0.80
CA HIS A 148 20.29 2.79 1.59
C HIS A 148 19.15 3.28 0.70
N HIS A 149 19.49 4.07 -0.31
CA HIS A 149 18.49 4.58 -1.25
C HIS A 149 19.17 5.16 -2.49
#